data_4WZB
#
_entry.id   4WZB
#
_cell.length_a   110.533
_cell.length_b   120.894
_cell.length_c   264.834
_cell.angle_alpha   90.000
_cell.angle_beta   90.000
_cell.angle_gamma   90.000
#
_symmetry.space_group_name_H-M   'P 21 21 21'
#
loop_
_entity.id
_entity.type
_entity.pdbx_description
1 polymer 'Nitrogenase molybdenum-iron protein alpha chain'
2 polymer 'Nitrogenase molybdenum-iron protein beta chain'
3 polymer 'Nitrogenase iron protein 1'
4 non-polymer '3-HYDROXY-3-CARBOXY-ADIPIC ACID'
5 non-polymer 'iron-sulfur-molybdenum cluster with interstitial carbon'
6 non-polymer 'FE(8)-S(7) CLUSTER'
7 non-polymer 'FE (II) ION'
8 non-polymer 'MAGNESIUM ION'
9 non-polymer 'PHOSPHOMETHYLPHOSPHONIC ACID ADENYLATE ESTER'
10 non-polymer 'IRON/SULFUR CLUSTER'
11 water water
#
loop_
_entity_poly.entity_id
_entity_poly.type
_entity_poly.pdbx_seq_one_letter_code
_entity_poly.pdbx_strand_id
1 'polypeptide(L)'
;MSREEVESLIQEVLEVYPEKARKDRNKHLAVNDPAVTQSKKCIISNKKSQPGLMTIRGCAYAGSKGVVWGPIKDMIHISH
GPVGCGQYSRAGRRNYYIGTTGVNAFVTMNFTSDFQEKDIVFGGDKKLAKLIDEVETLFPLNKGISVQSECPIGLIGDDI
ESVSKVKGAELSKTIVPVRCEGFRGVSQSLGHHIANDAVRDWVLGKRDEDTTFASTPYDVAIIGDYNIGGDAWSSRILLE
EMGLRCVAQWSGDGSISEIELTPKVKLNLVHCYRSMNYISRHMEEKYGIPWMEYNFFGPTKTIESLRAIAAKFDESIQKK
CEEVIAKYKPEWEAVVAKYRPRLEGKRVMLYIGGLRPRHVIGAYEDLGMEVVGTGYEFAHNDDYDRTMKEMGDSTLLYDD
VTGYEFEEFVKRIKPDLIGSGIKEKFIFQKMGIPFRQMHSWDYSGPYHGFDGFAIFARDMDMTLNNPCWKKLQAPWE
;
A,C
2 'polypeptide(L)'
;SQQVDKIKASYPLFLDQDYKDMLAKKRDGFEEKYPQDKIDEVFQWTTTKEYQELNFQREALTVNPAKACQPLGAVLCALG
FEKTMPYVHGSQGCVAYFRSYFNRHFREPVSCVSDSMTEDAAVFGGQQNMKDGLQNCKATYKPDMIAVSTTCMAEVIGDD
LNAFINNSKKEGFIPDEFPVPFAHTPSFVGSHVTGWDNMFEGIARYFTLKSMDDKVVGSNKKINIVPGFETYLGNFRVIK
RMLSEMGVGYSLLSDPEEVLDTPADGQFRMYAGGTTQEEMKDAPNALNTVLLQPWHLEKTKKFVEGTWKHEVPKLNIPMG
LDWTDEFLMKVSEISGQPIPASLTKERGRLVDMMTDSHTWLHGKRFALWGDPDFVMGLVKFLLELGCEPVHILCHNGNKR
WKKAVDAILAASPYGKNATVYIGKDLWHLRSLVFTDKPDFMIGNSYGKFIQRDTLHKGKEFEVPLIRIGFPIFDRHHLHR
STTLGYEGAMQILTTLVNSILERLDEETRGMQATDYNHDLVR
;
B,D
3 'polypeptide(L)'
;AMRQCAIYGKGGIGKSTTTQNLVAALAEMGKKVMIVGCDPKADSTRLILHSKAQNTIMEMAAEAGTVEDLELEDVLKAGY
GGVKCVESGGPEPGVGCAGRGVITAINFLEEEGAYEDDLDFVFYDVLGDVVCGGFAMPIRENKAQEIYIVCSGEMMAMYA
ANNISKGIVKYANSGSVRLGGLICNSRNTDREDELIIALANKLGTQMIHFVPRDNVVQRAEIRRMTVIEYDPKAKQADEY
RALARKVVDNKLLVIPNPITMDELEELLMEFG
;
E,F,G,H
#
loop_
_chem_comp.id
_chem_comp.type
_chem_comp.name
_chem_comp.formula
ACP non-polymer 'PHOSPHOMETHYLPHOSPHONIC ACID ADENYLATE ESTER' 'C11 H18 N5 O12 P3'
CLF non-polymer 'FE(8)-S(7) CLUSTER' 'Fe8 S7'
FE2 non-polymer 'FE (II) ION' 'Fe 2'
HCA non-polymer '3-HYDROXY-3-CARBOXY-ADIPIC ACID' 'C7 H10 O7'
ICS non-polymer 'iron-sulfur-molybdenum cluster with interstitial carbon' 'C Fe7 Mo S9'
MG non-polymer 'MAGNESIUM ION' 'Mg 2'
SF4 non-polymer 'IRON/SULFUR CLUSTER' 'Fe4 S4'
#
# COMPACT_ATOMS: atom_id res chain seq x y z
N MET A 1 27.93 33.65 21.06
CA MET A 1 28.57 33.10 22.25
C MET A 1 30.04 33.58 22.32
N SER A 2 30.60 33.63 23.53
CA SER A 2 31.92 34.22 23.77
C SER A 2 33.10 33.31 23.45
N ARG A 3 34.19 33.91 22.97
CA ARG A 3 35.41 33.18 22.70
C ARG A 3 35.85 32.35 23.92
N GLU A 4 35.66 32.90 25.11
CA GLU A 4 36.02 32.19 26.34
C GLU A 4 34.97 31.14 26.65
N GLU A 5 33.70 31.44 26.41
CA GLU A 5 32.64 30.46 26.62
C GLU A 5 32.84 29.25 25.69
N VAL A 6 33.19 29.51 24.45
CA VAL A 6 33.40 28.44 23.48
C VAL A 6 34.58 27.58 23.90
N GLU A 7 35.68 28.21 24.28
CA GLU A 7 36.84 27.47 24.75
C GLU A 7 36.47 26.57 25.92
N SER A 8 35.58 27.05 26.79
CA SER A 8 35.14 26.31 27.96
C SER A 8 34.25 25.13 27.60
N LEU A 9 33.37 25.34 26.62
CA LEU A 9 32.50 24.27 26.14
C LEU A 9 33.35 23.10 25.64
N ILE A 10 34.44 23.41 24.95
CA ILE A 10 35.34 22.40 24.42
C ILE A 10 35.90 21.52 25.53
N GLN A 11 36.40 22.14 26.59
CA GLN A 11 37.04 21.37 27.64
C GLN A 11 36.03 20.54 28.45
N GLU A 12 34.81 21.04 28.59
CA GLU A 12 33.77 20.34 29.33
C GLU A 12 33.39 19.06 28.62
N VAL A 13 33.28 19.15 27.30
CA VAL A 13 32.96 18.01 26.45
C VAL A 13 34.06 16.94 26.53
N LEU A 14 35.31 17.42 26.46
CA LEU A 14 36.53 16.58 26.44
C LEU A 14 36.90 15.92 27.77
N GLU A 15 36.21 16.28 28.85
CA GLU A 15 36.50 15.73 30.18
C GLU A 15 36.16 14.24 30.30
N VAL A 16 35.34 13.76 29.36
CA VAL A 16 34.81 12.39 29.38
C VAL A 16 35.81 11.35 28.82
N TYR A 17 36.76 11.77 27.98
CA TYR A 17 37.67 10.82 27.31
C TYR A 17 38.75 10.27 28.23
N PRO A 18 39.20 9.03 27.97
CA PRO A 18 40.47 8.56 28.51
C PRO A 18 41.60 9.52 28.14
N GLU A 19 42.68 9.55 28.91
CA GLU A 19 43.72 10.57 28.75
C GLU A 19 44.34 10.63 27.34
N LYS A 20 44.61 9.47 26.76
CA LYS A 20 45.19 9.39 25.41
C LYS A 20 44.30 10.06 24.35
N ALA A 21 43.03 9.69 24.32
CA ALA A 21 42.07 10.24 23.37
C ALA A 21 41.79 11.74 23.64
N ARG A 22 41.93 12.12 24.91
CA ARG A 22 41.72 13.51 25.34
C ARG A 22 42.78 14.46 24.80
N LYS A 23 44.05 14.09 24.97
CA LYS A 23 45.14 14.95 24.50
C LYS A 23 45.09 15.10 22.98
N ASP A 24 44.61 14.05 22.29
CA ASP A 24 44.51 14.12 20.82
C ASP A 24 43.28 14.90 20.33
N ARG A 25 42.08 14.58 20.80
CA ARG A 25 40.88 15.29 20.34
C ARG A 25 40.95 16.79 20.65
N ASN A 26 41.74 17.17 21.65
CA ASN A 26 41.90 18.59 21.95
C ASN A 26 42.57 19.32 20.78
N LYS A 27 43.39 18.59 20.03
CA LYS A 27 44.14 19.16 18.92
C LYS A 27 43.23 19.43 17.70
N HIS A 28 42.04 18.85 17.69
CA HIS A 28 41.21 18.92 16.49
C HIS A 28 39.98 19.82 16.66
N LEU A 29 39.92 20.57 17.76
CA LEU A 29 38.78 21.43 18.02
C LEU A 29 39.25 22.85 18.34
N ALA A 30 38.75 23.83 17.61
CA ALA A 30 39.23 25.17 17.82
C ALA A 30 38.13 26.23 17.78
N VAL A 31 38.45 27.39 18.31
CA VAL A 31 37.59 28.57 18.27
C VAL A 31 38.14 29.47 17.19
N ASN A 32 37.32 29.87 16.22
CA ASN A 32 37.89 30.52 15.04
C ASN A 32 38.41 31.94 15.24
N ASP A 33 39.48 32.26 14.54
CA ASP A 33 39.95 33.63 14.38
C ASP A 33 40.17 33.86 12.89
N PRO A 34 39.40 34.77 12.29
CA PRO A 34 39.51 35.10 10.86
C PRO A 34 40.85 35.75 10.55
N ALA A 35 41.49 36.29 11.58
CA ALA A 35 42.82 36.90 11.47
C ALA A 35 43.93 35.88 11.20
N VAL A 36 43.78 34.67 11.74
CA VAL A 36 44.79 33.63 11.57
C VAL A 36 44.84 33.16 10.13
N THR A 37 46.04 33.05 9.57
CA THR A 37 46.18 32.57 8.19
C THR A 37 47.00 31.29 8.12
N GLN A 38 47.50 30.84 9.27
CA GLN A 38 48.17 29.55 9.35
C GLN A 38 47.39 28.65 10.29
N SER A 39 46.53 27.82 9.70
CA SER A 39 45.64 26.98 10.49
C SER A 39 46.39 25.95 11.30
N LYS A 40 47.66 25.69 10.94
CA LYS A 40 48.56 24.79 11.70
C LYS A 40 48.64 25.22 13.14
N LYS A 41 48.61 26.54 13.33
CA LYS A 41 48.68 27.15 14.64
C LYS A 41 47.47 26.82 15.52
N CYS A 42 46.30 26.72 14.89
CA CYS A 42 45.05 26.62 15.64
C CYS A 42 44.38 25.26 15.63
N ILE A 43 44.70 24.40 14.65
CA ILE A 43 44.05 23.10 14.57
C ILE A 43 44.90 22.11 13.77
N ILE A 44 44.77 20.83 14.06
CA ILE A 44 45.44 19.87 13.20
C ILE A 44 44.41 18.87 12.66
N SER A 45 44.65 18.41 11.43
CA SER A 45 43.69 17.60 10.67
C SER A 45 44.45 16.53 9.92
N ASN A 46 43.72 15.70 9.19
CA ASN A 46 44.28 14.62 8.37
C ASN A 46 45.20 13.77 9.24
N LYS A 47 44.68 13.35 10.40
CA LYS A 47 45.37 12.37 11.26
C LYS A 47 44.45 11.18 11.49
N LYS A 48 44.97 10.10 12.07
CA LYS A 48 44.15 8.90 12.17
C LYS A 48 43.05 9.05 13.23
N SER A 49 41.90 8.42 12.96
CA SER A 49 40.78 8.44 13.90
C SER A 49 41.11 7.67 15.18
N GLN A 50 40.76 8.24 16.33
CA GLN A 50 40.91 7.52 17.61
C GLN A 50 39.96 6.36 17.64
N PRO A 51 40.45 5.16 18.02
CA PRO A 51 39.61 3.96 18.03
C PRO A 51 38.40 4.06 18.96
N GLY A 52 37.29 3.48 18.53
CA GLY A 52 36.11 3.38 19.37
C GLY A 52 35.35 4.66 19.70
N LEU A 53 35.56 5.76 18.95
CA LEU A 53 34.84 7.00 19.26
C LEU A 53 33.75 7.41 18.24
N MET A 54 33.36 6.49 17.36
CA MET A 54 32.33 6.76 16.35
C MET A 54 32.64 7.97 15.47
N THR A 55 33.74 7.83 14.73
CA THR A 55 34.09 8.71 13.65
C THR A 55 33.00 8.62 12.59
N ILE A 56 32.92 9.65 11.74
CA ILE A 56 31.98 9.61 10.65
C ILE A 56 32.73 9.29 9.35
N ARG A 57 34.07 9.27 9.43
CA ARG A 57 34.92 9.02 8.27
C ARG A 57 34.70 7.69 7.54
N GLY A 58 34.96 7.69 6.24
CA GLY A 58 34.98 6.48 5.45
C GLY A 58 36.40 5.99 5.16
N CYS A 59 36.56 5.23 4.08
CA CYS A 59 37.87 4.67 3.74
C CYS A 59 38.39 5.07 2.36
N ALA A 60 39.54 4.50 2.00
CA ALA A 60 40.25 4.89 0.80
C ALA A 60 39.44 4.47 -0.40
N TYR A 61 38.77 3.33 -0.23
CA TYR A 61 37.97 2.74 -1.29
C TYR A 61 36.78 3.61 -1.58
N ALA A 62 36.18 4.15 -0.52
CA ALA A 62 35.07 5.07 -0.73
C ALA A 62 35.56 6.29 -1.54
N GLY A 63 36.74 6.80 -1.18
CA GLY A 63 37.36 7.92 -1.86
C GLY A 63 37.69 7.69 -3.33
N SER A 64 38.09 6.46 -3.68
CA SER A 64 38.48 6.16 -5.06
C SER A 64 37.32 5.67 -5.93
N LYS A 65 36.69 4.60 -5.47
CA LYS A 65 35.58 3.99 -6.18
C LYS A 65 34.26 4.79 -6.06
N GLY A 66 33.84 5.07 -4.83
CA GLY A 66 32.62 5.79 -4.54
C GLY A 66 32.62 7.18 -5.14
N VAL A 67 33.80 7.82 -5.09
CA VAL A 67 33.88 9.24 -5.37
C VAL A 67 34.42 9.65 -6.73
N VAL A 68 35.66 9.24 -7.02
CA VAL A 68 36.38 9.72 -8.19
C VAL A 68 36.11 8.88 -9.43
N TRP A 69 36.23 7.58 -9.28
CA TRP A 69 36.11 6.70 -10.42
C TRP A 69 34.66 6.29 -10.72
N GLY A 70 33.91 5.97 -9.67
CA GLY A 70 32.55 5.49 -9.81
C GLY A 70 31.62 6.22 -10.77
N PRO A 71 31.62 7.58 -10.75
CA PRO A 71 30.82 8.39 -11.68
C PRO A 71 31.18 8.28 -13.17
N ILE A 72 32.39 7.89 -13.52
CA ILE A 72 32.73 7.78 -14.93
C ILE A 72 31.84 6.77 -15.62
N LYS A 73 30.96 7.23 -16.51
CA LYS A 73 29.78 6.43 -16.94
C LYS A 73 29.99 5.32 -17.98
N ASP A 74 30.93 5.45 -18.93
CA ASP A 74 31.10 4.35 -19.91
C ASP A 74 32.28 3.42 -19.62
N MET A 75 32.71 3.39 -18.37
CA MET A 75 33.59 2.33 -17.89
C MET A 75 32.86 1.44 -16.93
N ILE A 76 33.44 0.28 -16.71
CA ILE A 76 32.90 -0.67 -15.77
C ILE A 76 33.93 -0.72 -14.66
N HIS A 77 33.49 -0.46 -13.43
CA HIS A 77 34.36 -0.40 -12.27
C HIS A 77 34.15 -1.64 -11.40
N ILE A 78 35.15 -2.51 -11.35
CA ILE A 78 35.09 -3.73 -10.56
C ILE A 78 35.40 -3.49 -9.07
N SER A 79 34.42 -3.73 -8.18
CA SER A 79 34.72 -3.85 -6.75
C SER A 79 35.36 -5.24 -6.47
N HIS A 80 36.70 -5.20 -6.32
CA HIS A 80 37.54 -6.38 -6.28
C HIS A 80 37.82 -6.82 -4.84
N GLY A 81 37.22 -7.94 -4.45
CA GLY A 81 37.31 -8.46 -3.11
C GLY A 81 35.94 -8.99 -2.71
N PRO A 82 35.70 -9.12 -1.39
CA PRO A 82 34.44 -9.66 -0.85
C PRO A 82 33.22 -8.78 -1.20
N VAL A 83 32.04 -9.32 -0.94
CA VAL A 83 30.85 -8.78 -1.56
C VAL A 83 30.36 -7.47 -0.90
N GLY A 84 30.77 -7.21 0.34
CA GLY A 84 30.22 -6.06 1.07
C GLY A 84 30.35 -4.67 0.45
N CYS A 85 31.59 -4.25 0.21
CA CYS A 85 31.91 -2.88 -0.15
C CYS A 85 31.08 -2.31 -1.33
N GLY A 86 31.04 -3.03 -2.44
CA GLY A 86 30.39 -2.55 -3.65
C GLY A 86 28.92 -2.46 -3.43
N GLN A 87 28.45 -3.33 -2.53
CA GLN A 87 27.02 -3.44 -2.26
C GLN A 87 26.50 -2.25 -1.41
N TYR A 88 27.23 -1.84 -0.37
CA TYR A 88 26.79 -0.69 0.43
C TYR A 88 26.98 0.63 -0.34
N SER A 89 27.79 0.61 -1.38
CA SER A 89 28.01 1.86 -2.09
C SER A 89 27.26 1.83 -3.41
N ARG A 90 26.63 0.72 -3.75
CA ARG A 90 25.89 0.69 -4.99
C ARG A 90 24.77 1.74 -5.02
N ALA A 91 24.99 2.82 -5.77
CA ALA A 91 24.00 3.89 -6.02
C ALA A 91 23.59 4.69 -4.80
N GLY A 92 24.49 4.80 -3.83
CA GLY A 92 24.31 5.64 -2.66
C GLY A 92 24.60 7.09 -2.96
N ARG A 93 25.52 7.33 -3.88
CA ARG A 93 25.85 8.69 -4.23
C ARG A 93 25.16 9.09 -5.54
N ARG A 94 24.49 10.24 -5.54
CA ARG A 94 23.61 10.59 -6.67
C ARG A 94 24.39 11.34 -7.72
N ASN A 95 25.46 10.75 -8.20
CA ASN A 95 26.29 11.41 -9.17
C ASN A 95 25.70 11.20 -10.56
N TYR A 96 24.91 12.17 -11.02
CA TYR A 96 24.00 12.02 -12.16
C TYR A 96 24.65 11.89 -13.55
N TYR A 97 23.98 11.16 -14.44
CA TYR A 97 24.50 10.87 -15.78
C TYR A 97 23.40 10.60 -16.80
N ILE A 98 23.74 10.75 -18.08
CA ILE A 98 22.84 10.42 -19.18
C ILE A 98 23.34 9.16 -19.88
N GLY A 99 22.49 8.15 -19.99
CA GLY A 99 22.92 6.93 -20.65
C GLY A 99 21.97 5.76 -20.55
N THR A 100 22.37 4.68 -21.21
CA THR A 100 21.57 3.48 -21.26
C THR A 100 22.21 2.43 -20.39
N THR A 101 21.73 2.32 -19.16
CA THR A 101 22.41 1.54 -18.14
C THR A 101 22.46 0.06 -18.45
N GLY A 102 23.66 -0.50 -18.35
CA GLY A 102 23.81 -1.89 -18.73
C GLY A 102 24.11 -2.07 -20.20
N VAL A 103 24.00 -1.02 -21.01
CA VAL A 103 24.36 -1.17 -22.41
C VAL A 103 25.67 -0.45 -22.72
N ASN A 104 25.64 0.88 -22.56
CA ASN A 104 26.80 1.76 -22.73
C ASN A 104 27.15 2.59 -21.48
N ALA A 105 26.29 2.54 -20.45
CA ALA A 105 26.57 3.20 -19.17
C ALA A 105 26.30 2.20 -18.04
N PHE A 106 27.05 2.31 -16.94
CA PHE A 106 27.07 1.26 -15.92
C PHE A 106 27.12 1.80 -14.47
N VAL A 107 26.88 3.11 -14.31
CA VAL A 107 27.10 3.79 -13.03
C VAL A 107 26.30 3.21 -11.84
N THR A 108 25.02 2.91 -12.05
CA THR A 108 24.21 2.39 -10.93
C THR A 108 24.40 0.89 -10.74
N MET A 109 25.39 0.31 -11.42
CA MET A 109 25.61 -1.12 -11.36
C MET A 109 26.71 -1.45 -10.35
N ASN A 110 26.64 -2.66 -9.78
CA ASN A 110 27.66 -3.17 -8.88
C ASN A 110 28.33 -4.41 -9.53
N PHE A 111 29.52 -4.20 -10.08
CA PHE A 111 30.33 -5.30 -10.60
C PHE A 111 31.29 -5.74 -9.51
N THR A 112 31.30 -7.03 -9.19
CA THR A 112 32.23 -7.44 -8.14
C THR A 112 32.88 -8.81 -8.42
N SER A 113 34.03 -9.07 -7.80
CA SER A 113 34.68 -10.37 -7.93
C SER A 113 34.21 -11.33 -6.84
N ASP A 114 33.46 -10.78 -5.87
CA ASP A 114 32.75 -11.56 -4.84
C ASP A 114 33.61 -12.66 -4.22
N PHE A 115 34.73 -12.28 -3.62
CA PHE A 115 35.63 -13.25 -3.02
C PHE A 115 34.98 -14.15 -2.01
N GLN A 116 35.23 -15.44 -2.23
CA GLN A 116 34.93 -16.48 -1.27
C GLN A 116 36.26 -16.82 -0.59
N GLU A 117 36.24 -17.78 0.33
CA GLU A 117 37.43 -18.13 1.09
C GLU A 117 38.54 -18.72 0.20
N LYS A 118 38.19 -19.44 -0.84
CA LYS A 118 39.25 -20.04 -1.66
C LYS A 118 40.05 -18.99 -2.42
N ASP A 119 39.41 -17.89 -2.80
CA ASP A 119 40.05 -16.79 -3.49
C ASP A 119 40.99 -16.00 -2.55
N ILE A 120 40.65 -15.88 -1.27
CA ILE A 120 41.61 -15.34 -0.30
C ILE A 120 42.86 -16.26 -0.19
N VAL A 121 42.64 -17.56 0.01
CA VAL A 121 43.73 -18.50 0.26
C VAL A 121 44.64 -18.74 -0.96
N PHE A 122 44.03 -18.89 -2.13
CA PHE A 122 44.74 -19.22 -3.35
C PHE A 122 45.03 -17.96 -4.20
N GLY A 123 44.52 -16.82 -3.75
CA GLY A 123 44.77 -15.58 -4.44
C GLY A 123 43.79 -15.45 -5.59
N GLY A 124 43.60 -14.23 -6.08
CA GLY A 124 42.58 -13.98 -7.07
C GLY A 124 43.01 -13.38 -8.40
N ASP A 125 44.26 -13.52 -8.81
CA ASP A 125 44.69 -12.96 -10.09
C ASP A 125 44.07 -13.74 -11.25
N LYS A 126 43.98 -15.05 -11.13
CA LYS A 126 43.34 -15.84 -12.18
C LYS A 126 41.84 -15.55 -12.28
N LYS A 127 41.17 -15.31 -11.15
CA LYS A 127 39.73 -15.03 -11.15
C LYS A 127 39.50 -13.71 -11.85
N LEU A 128 40.33 -12.73 -11.53
CA LEU A 128 40.29 -11.40 -12.13
C LEU A 128 40.36 -11.45 -13.66
N ALA A 129 41.27 -12.25 -14.19
CA ALA A 129 41.41 -12.37 -15.65
C ALA A 129 40.13 -12.96 -16.26
N LYS A 130 39.61 -14.04 -15.67
CA LYS A 130 38.37 -14.65 -16.15
C LYS A 130 37.23 -13.61 -16.06
N LEU A 131 37.26 -12.80 -15.00
CA LEU A 131 36.23 -11.80 -14.77
C LEU A 131 36.23 -10.75 -15.88
N ILE A 132 37.42 -10.31 -16.27
CA ILE A 132 37.57 -9.37 -17.35
C ILE A 132 37.09 -9.95 -18.71
N ASP A 133 37.34 -11.24 -18.96
CA ASP A 133 36.82 -11.90 -20.18
C ASP A 133 35.29 -11.92 -20.18
N GLU A 134 34.71 -12.24 -19.02
CA GLU A 134 33.27 -12.29 -18.91
C GLU A 134 32.68 -10.90 -19.11
N VAL A 135 33.32 -9.87 -18.58
CA VAL A 135 32.84 -8.52 -18.79
C VAL A 135 32.81 -8.17 -20.28
N GLU A 136 33.92 -8.41 -20.98
CA GLU A 136 34.00 -8.02 -22.38
C GLU A 136 32.95 -8.75 -23.21
N THR A 137 32.55 -9.94 -22.79
CA THR A 137 31.49 -10.68 -23.46
C THR A 137 30.08 -10.11 -23.30
N LEU A 138 29.79 -9.68 -22.07
CA LEU A 138 28.45 -9.33 -21.68
C LEU A 138 28.19 -7.83 -21.77
N PHE A 139 29.23 -7.04 -21.88
CA PHE A 139 29.08 -5.60 -21.99
C PHE A 139 30.06 -5.04 -23.05
N PRO A 140 29.85 -5.38 -24.34
CA PRO A 140 30.87 -5.01 -25.35
C PRO A 140 31.02 -3.49 -25.61
N LEU A 141 30.03 -2.70 -25.23
CA LEU A 141 30.17 -1.25 -25.41
C LEU A 141 30.84 -0.52 -24.25
N ASN A 142 31.45 -1.25 -23.29
CA ASN A 142 32.18 -0.56 -22.23
C ASN A 142 33.42 0.00 -22.88
N LYS A 143 33.81 1.21 -22.48
CA LYS A 143 34.97 1.84 -23.10
C LYS A 143 36.16 1.83 -22.13
N GLY A 144 36.13 0.87 -21.20
CA GLY A 144 37.21 0.74 -20.21
C GLY A 144 36.80 0.07 -18.92
N ILE A 145 37.77 -0.40 -18.15
CA ILE A 145 37.51 -1.15 -16.93
C ILE A 145 38.47 -0.66 -15.88
N SER A 146 37.95 -0.36 -14.68
CA SER A 146 38.80 -0.13 -13.51
C SER A 146 38.62 -1.27 -12.50
N VAL A 147 39.68 -1.54 -11.77
CA VAL A 147 39.71 -2.59 -10.75
C VAL A 147 39.96 -1.87 -9.42
N GLN A 148 38.92 -1.86 -8.60
CA GLN A 148 38.95 -1.13 -7.34
C GLN A 148 39.17 -2.08 -6.19
N SER A 149 40.40 -2.12 -5.69
CA SER A 149 40.73 -3.08 -4.64
C SER A 149 40.11 -2.76 -3.29
N GLU A 150 39.56 -3.78 -2.71
CA GLU A 150 39.08 -3.69 -1.37
C GLU A 150 40.16 -4.20 -0.43
N CYS A 151 39.92 -4.06 0.87
CA CYS A 151 40.87 -4.47 1.90
C CYS A 151 41.76 -5.71 1.59
N PRO A 152 41.20 -6.91 1.31
CA PRO A 152 42.13 -8.04 1.29
C PRO A 152 43.09 -8.08 0.09
N ILE A 153 42.75 -7.43 -1.02
CA ILE A 153 43.60 -7.46 -2.20
C ILE A 153 44.96 -6.86 -1.87
N GLY A 154 44.98 -5.87 -0.99
CA GLY A 154 46.23 -5.24 -0.62
C GLY A 154 47.03 -6.05 0.39
N LEU A 155 46.34 -6.86 1.19
CA LEU A 155 47.03 -7.65 2.19
C LEU A 155 47.78 -8.80 1.57
N ILE A 156 47.08 -9.60 0.75
CA ILE A 156 47.63 -10.81 0.24
C ILE A 156 48.63 -10.59 -0.92
N GLY A 157 48.62 -9.41 -1.52
CA GLY A 157 49.60 -9.11 -2.54
C GLY A 157 49.29 -9.67 -3.91
N ASP A 158 48.01 -9.70 -4.26
CA ASP A 158 47.64 -9.98 -5.64
C ASP A 158 48.28 -8.92 -6.56
N ASP A 159 48.64 -9.32 -7.77
CA ASP A 159 49.37 -8.47 -8.71
C ASP A 159 48.43 -7.92 -9.77
N ILE A 160 47.51 -7.07 -9.36
CA ILE A 160 46.48 -6.61 -10.28
C ILE A 160 47.05 -5.71 -11.40
N GLU A 161 48.24 -5.13 -11.20
CA GLU A 161 48.89 -4.35 -12.26
C GLU A 161 49.25 -5.25 -13.43
N SER A 162 49.81 -6.42 -13.11
CA SER A 162 50.24 -7.38 -14.10
C SER A 162 49.04 -7.86 -14.92
N VAL A 163 47.95 -8.21 -14.22
CA VAL A 163 46.74 -8.69 -14.89
C VAL A 163 46.18 -7.62 -15.83
N SER A 164 46.40 -6.38 -15.45
CA SER A 164 45.89 -5.23 -16.18
C SER A 164 46.59 -5.01 -17.50
N LYS A 165 47.89 -5.21 -17.47
CA LYS A 165 48.73 -5.10 -18.66
C LYS A 165 48.54 -6.31 -19.60
N VAL A 166 48.56 -7.52 -19.05
CA VAL A 166 48.35 -8.69 -19.90
C VAL A 166 46.97 -8.63 -20.54
N LYS A 167 45.93 -8.45 -19.73
CA LYS A 167 44.58 -8.47 -20.29
C LYS A 167 44.28 -7.25 -21.15
N GLY A 168 44.72 -6.06 -20.74
CA GLY A 168 44.54 -4.84 -21.52
C GLY A 168 45.16 -4.88 -22.92
N ALA A 169 46.33 -5.51 -23.04
CA ALA A 169 47.00 -5.69 -24.33
C ALA A 169 46.25 -6.75 -25.14
N GLU A 170 45.94 -7.86 -24.50
CA GLU A 170 45.24 -8.94 -25.17
C GLU A 170 43.86 -8.54 -25.73
N LEU A 171 43.23 -7.52 -25.14
CA LEU A 171 41.87 -7.15 -25.53
C LEU A 171 41.75 -5.75 -26.08
N SER A 172 42.90 -5.06 -26.15
CA SER A 172 42.98 -3.67 -26.59
C SER A 172 42.01 -2.81 -25.80
N LYS A 173 42.04 -2.96 -24.48
CA LYS A 173 41.12 -2.25 -23.61
C LYS A 173 41.92 -1.54 -22.52
N THR A 174 41.63 -0.27 -22.28
CA THR A 174 42.21 0.39 -21.12
C THR A 174 41.68 -0.32 -19.84
N ILE A 175 42.60 -0.87 -19.06
CA ILE A 175 42.27 -1.47 -17.77
C ILE A 175 43.12 -0.84 -16.67
N VAL A 176 42.47 -0.19 -15.71
CA VAL A 176 43.17 0.60 -14.68
C VAL A 176 43.18 -0.11 -13.32
N PRO A 177 44.34 -0.59 -12.90
CA PRO A 177 44.36 -1.15 -11.55
C PRO A 177 44.45 -0.07 -10.46
N VAL A 178 43.56 -0.11 -9.46
CA VAL A 178 43.63 0.91 -8.40
C VAL A 178 43.84 0.30 -7.01
N ARG A 179 44.95 0.63 -6.38
CA ARG A 179 45.25 0.05 -5.08
C ARG A 179 44.59 0.88 -3.99
N CYS A 180 43.27 0.86 -3.96
CA CYS A 180 42.58 1.69 -2.97
C CYS A 180 42.11 0.87 -1.79
N GLU A 181 42.94 -0.09 -1.38
CA GLU A 181 42.72 -0.82 -0.13
C GLU A 181 42.17 0.07 0.94
N GLY A 182 41.09 -0.36 1.55
CA GLY A 182 40.38 0.41 2.55
C GLY A 182 41.20 0.75 3.78
N PHE A 183 42.20 -0.06 4.14
CA PHE A 183 43.00 0.28 5.31
C PHE A 183 44.09 1.32 5.04
N ARG A 184 44.36 1.61 3.77
CA ARG A 184 45.33 2.65 3.44
C ARG A 184 44.81 4.03 3.85
N GLY A 185 45.71 4.87 4.36
CA GLY A 185 45.39 6.23 4.79
C GLY A 185 44.59 6.30 6.09
N VAL A 186 43.83 7.37 6.27
CA VAL A 186 43.05 7.55 7.50
C VAL A 186 41.59 7.88 7.19
N SER A 187 41.23 7.93 5.90
CA SER A 187 39.90 8.39 5.47
C SER A 187 39.70 8.35 3.97
N GLN A 188 38.68 9.04 3.48
CA GLN A 188 38.42 9.07 2.07
C GLN A 188 39.58 9.77 1.36
N SER A 189 40.19 10.74 2.03
CA SER A 189 41.16 11.62 1.41
C SER A 189 42.26 10.93 0.61
N LEU A 190 42.94 9.97 1.22
CA LEU A 190 44.02 9.28 0.51
C LEU A 190 43.48 8.50 -0.70
N GLY A 191 42.24 8.04 -0.62
CA GLY A 191 41.59 7.36 -1.73
C GLY A 191 41.48 8.29 -2.95
N HIS A 192 41.25 9.58 -2.70
CA HIS A 192 41.21 10.60 -3.77
C HIS A 192 42.53 10.65 -4.49
N HIS A 193 43.57 10.72 -3.68
CA HIS A 193 44.92 10.86 -4.16
C HIS A 193 45.29 9.63 -5.00
N ILE A 194 45.05 8.43 -4.46
CA ILE A 194 45.34 7.21 -5.20
C ILE A 194 44.54 7.17 -6.51
N ALA A 195 43.30 7.66 -6.48
CA ALA A 195 42.49 7.72 -7.70
C ALA A 195 43.04 8.72 -8.73
N ASN A 196 43.52 9.88 -8.26
CA ASN A 196 44.11 10.88 -9.16
C ASN A 196 45.40 10.37 -9.80
N ASP A 197 46.19 9.61 -9.04
CA ASP A 197 47.44 9.07 -9.59
C ASP A 197 47.19 7.96 -10.61
N ALA A 198 46.11 7.20 -10.40
CA ALA A 198 45.81 6.11 -11.32
C ALA A 198 45.36 6.71 -12.66
N VAL A 199 44.68 7.86 -12.59
CA VAL A 199 44.26 8.58 -13.78
C VAL A 199 45.50 9.06 -14.53
N ARG A 200 46.41 9.69 -13.79
CA ARG A 200 47.69 10.13 -14.34
C ARG A 200 48.48 9.00 -15.01
N ASP A 201 48.59 7.86 -14.34
CA ASP A 201 49.43 6.78 -14.83
C ASP A 201 48.86 5.94 -16.00
N TRP A 202 47.54 5.73 -16.01
CA TRP A 202 46.96 4.78 -16.95
C TRP A 202 46.00 5.38 -17.99
N VAL A 203 45.55 6.62 -17.80
CA VAL A 203 44.58 7.17 -18.76
C VAL A 203 44.99 8.55 -19.33
N LEU A 204 45.38 9.49 -18.48
CA LEU A 204 45.45 10.90 -18.88
C LEU A 204 46.33 11.19 -20.11
N GLY A 205 47.20 10.24 -20.44
CA GLY A 205 48.16 10.45 -21.51
C GLY A 205 47.86 9.79 -22.84
N LYS A 206 46.73 9.10 -22.96
CA LYS A 206 46.46 8.26 -24.13
C LYS A 206 46.55 9.04 -25.46
N ARG A 207 46.39 10.36 -25.39
CA ARG A 207 46.38 11.20 -26.59
C ARG A 207 47.50 12.25 -26.61
N ASP A 208 48.59 11.99 -25.90
CA ASP A 208 49.75 12.90 -25.89
C ASP A 208 50.36 13.19 -27.27
N GLU A 209 50.36 12.20 -28.17
CA GLU A 209 50.94 12.38 -29.50
C GLU A 209 49.89 12.89 -30.48
N ASP A 210 48.62 12.69 -30.12
CA ASP A 210 47.48 13.00 -30.98
C ASP A 210 47.08 14.49 -30.99
N THR A 211 46.85 15.01 -32.19
CA THR A 211 46.44 16.38 -32.38
C THR A 211 45.21 16.52 -33.31
N THR A 212 44.45 15.43 -33.50
CA THR A 212 43.27 15.47 -34.35
C THR A 212 42.17 16.33 -33.74
N PHE A 213 42.04 16.28 -32.41
CA PHE A 213 41.05 17.12 -31.75
C PHE A 213 41.38 18.61 -31.95
N ALA A 214 40.42 19.35 -32.48
CA ALA A 214 40.60 20.78 -32.73
C ALA A 214 40.20 21.62 -31.52
N SER A 215 41.17 22.36 -30.97
CA SER A 215 40.99 23.17 -29.76
C SER A 215 40.78 24.64 -30.05
N THR A 216 40.06 25.33 -29.16
CA THR A 216 39.79 26.77 -29.28
C THR A 216 40.39 27.48 -28.05
N PRO A 217 40.51 28.82 -28.12
CA PRO A 217 40.97 29.55 -26.93
C PRO A 217 39.98 29.54 -25.76
N TYR A 218 38.80 28.96 -26.00
CA TYR A 218 37.75 28.93 -25.00
C TYR A 218 37.52 27.55 -24.37
N ASP A 219 38.39 26.60 -24.66
CA ASP A 219 38.29 25.27 -24.05
C ASP A 219 38.58 25.34 -22.55
N VAL A 220 37.67 24.83 -21.73
CA VAL A 220 37.93 24.72 -20.30
C VAL A 220 37.53 23.32 -19.83
N ALA A 221 38.00 22.96 -18.65
CA ALA A 221 37.46 21.78 -17.98
C ALA A 221 36.91 22.12 -16.61
N ILE A 222 35.80 21.50 -16.24
CA ILE A 222 35.31 21.50 -14.87
C ILE A 222 35.95 20.34 -14.10
N ILE A 223 36.87 20.64 -13.19
CA ILE A 223 37.51 19.57 -12.44
C ILE A 223 37.01 19.53 -10.99
N GLY A 224 36.47 18.37 -10.62
CA GLY A 224 36.04 18.15 -9.25
C GLY A 224 34.59 18.55 -9.03
N ASP A 225 33.70 18.18 -9.93
CA ASP A 225 32.25 18.31 -9.72
C ASP A 225 31.64 16.97 -10.11
N TYR A 226 30.92 16.36 -9.19
CA TYR A 226 30.51 15.00 -9.38
C TYR A 226 29.03 14.95 -9.65
N ASN A 227 28.51 16.11 -10.05
CA ASN A 227 27.16 16.28 -10.56
C ASN A 227 26.09 15.75 -9.62
N ILE A 228 26.29 15.95 -8.32
CA ILE A 228 25.31 15.50 -7.35
C ILE A 228 23.94 16.15 -7.64
N GLY A 229 22.95 15.34 -8.01
CA GLY A 229 21.65 15.84 -8.38
C GLY A 229 21.65 16.74 -9.62
N GLY A 230 22.74 16.73 -10.40
CA GLY A 230 22.85 17.59 -11.57
C GLY A 230 23.55 18.94 -11.36
N ASP A 231 24.23 19.08 -10.25
CA ASP A 231 25.04 20.26 -9.95
C ASP A 231 25.96 20.65 -11.12
N ALA A 232 26.65 19.69 -11.72
CA ALA A 232 27.57 20.01 -12.80
C ALA A 232 26.83 20.53 -14.02
N TRP A 233 25.66 19.96 -14.29
CA TRP A 233 24.86 20.31 -15.47
C TRP A 233 24.38 21.75 -15.36
N SER A 234 24.04 22.11 -14.13
CA SER A 234 23.64 23.47 -13.75
C SER A 234 24.81 24.45 -13.70
N SER A 235 26.03 23.92 -13.59
CA SER A 235 27.22 24.76 -13.65
C SER A 235 27.65 24.95 -15.09
N ARG A 236 27.68 23.85 -15.84
CA ARG A 236 28.17 23.84 -17.19
C ARG A 236 27.42 24.85 -18.06
N ILE A 237 26.13 24.99 -17.80
CA ILE A 237 25.28 25.85 -18.59
C ILE A 237 25.66 27.32 -18.40
N LEU A 238 26.09 27.70 -17.20
CA LEU A 238 26.48 29.08 -16.98
C LEU A 238 27.77 29.43 -17.75
N LEU A 239 28.78 28.59 -17.64
CA LEU A 239 30.04 28.76 -18.35
C LEU A 239 29.85 28.82 -19.87
N GLU A 240 28.96 27.99 -20.42
CA GLU A 240 28.81 27.91 -21.87
C GLU A 240 27.96 29.06 -22.39
N GLU A 241 27.01 29.53 -21.58
CA GLU A 241 26.28 30.76 -21.90
C GLU A 241 27.23 31.95 -21.83
N MET A 242 28.33 31.79 -21.11
CA MET A 242 29.31 32.85 -21.01
C MET A 242 30.28 32.80 -22.21
N GLY A 243 30.07 31.83 -23.09
CA GLY A 243 30.87 31.71 -24.29
C GLY A 243 32.07 30.78 -24.17
N LEU A 244 32.21 30.12 -23.03
CA LEU A 244 33.29 29.15 -22.84
C LEU A 244 32.90 27.78 -23.42
N ARG A 245 33.86 26.92 -23.74
CA ARG A 245 33.51 25.57 -24.19
C ARG A 245 34.05 24.52 -23.23
N CYS A 246 33.16 23.76 -22.60
CA CYS A 246 33.56 22.83 -21.55
C CYS A 246 33.80 21.43 -22.13
N VAL A 247 35.07 21.13 -22.37
CA VAL A 247 35.47 19.87 -22.98
C VAL A 247 35.37 18.68 -22.03
N ALA A 248 35.62 18.88 -20.74
CA ALA A 248 35.63 17.80 -19.77
C ALA A 248 34.91 18.17 -18.48
N GLN A 249 34.36 17.15 -17.83
CA GLN A 249 33.79 17.27 -16.48
C GLN A 249 34.28 16.09 -15.65
N TRP A 250 34.99 16.36 -14.57
CA TRP A 250 35.53 15.28 -13.76
C TRP A 250 34.92 15.23 -12.37
N SER A 251 34.16 14.19 -12.09
CA SER A 251 33.94 13.11 -13.04
C SER A 251 32.46 12.82 -13.19
N GLY A 252 31.61 13.68 -12.60
CA GLY A 252 30.18 13.52 -12.70
C GLY A 252 29.65 13.68 -14.12
N ASP A 253 28.86 12.69 -14.56
CA ASP A 253 28.46 12.51 -15.96
C ASP A 253 29.71 12.46 -16.86
N GLY A 254 30.82 11.97 -16.32
CA GLY A 254 32.07 12.00 -17.06
C GLY A 254 32.25 10.78 -17.91
N SER A 255 32.84 10.94 -19.10
CA SER A 255 33.17 9.81 -19.98
C SER A 255 34.69 9.65 -20.09
N ILE A 256 35.11 8.50 -20.57
CA ILE A 256 36.55 8.26 -20.63
C ILE A 256 37.23 9.17 -21.67
N SER A 257 36.56 9.43 -22.79
CA SER A 257 37.16 10.31 -23.77
C SER A 257 37.29 11.76 -23.28
N GLU A 258 36.36 12.23 -22.46
CA GLU A 258 36.48 13.55 -21.88
C GLU A 258 37.74 13.66 -21.05
N ILE A 259 38.03 12.64 -20.26
CA ILE A 259 39.26 12.64 -19.47
C ILE A 259 40.50 12.74 -20.39
N GLU A 260 40.50 11.97 -21.48
CA GLU A 260 41.61 11.95 -22.44
C GLU A 260 41.76 13.27 -23.19
N LEU A 261 40.68 14.04 -23.33
CA LEU A 261 40.78 15.29 -24.05
C LEU A 261 41.06 16.47 -23.14
N THR A 262 41.06 16.24 -21.83
CA THR A 262 41.27 17.36 -20.91
C THR A 262 42.64 18.08 -21.06
N PRO A 263 43.75 17.35 -21.33
CA PRO A 263 45.02 18.06 -21.54
C PRO A 263 45.04 19.07 -22.68
N LYS A 264 44.00 19.14 -23.50
CA LYS A 264 43.97 20.10 -24.61
C LYS A 264 43.36 21.43 -24.20
N VAL A 265 43.00 21.60 -22.93
CA VAL A 265 42.30 22.82 -22.53
C VAL A 265 43.22 23.96 -22.22
N LYS A 266 42.65 25.15 -22.24
CA LYS A 266 43.33 26.38 -21.89
C LYS A 266 43.28 26.65 -20.39
N LEU A 267 42.27 26.13 -19.70
CA LEU A 267 42.14 26.41 -18.27
C LEU A 267 41.41 25.32 -17.49
N ASN A 268 41.95 24.95 -16.33
CA ASN A 268 41.26 23.98 -15.48
C ASN A 268 40.45 24.66 -14.37
N LEU A 269 39.15 24.43 -14.39
CA LEU A 269 38.24 25.02 -13.42
C LEU A 269 37.98 24.04 -12.27
N VAL A 270 38.49 24.37 -11.09
CA VAL A 270 38.46 23.43 -9.98
C VAL A 270 37.43 23.81 -8.91
N HIS A 271 36.40 22.98 -8.79
CA HIS A 271 35.40 23.21 -7.78
C HIS A 271 35.90 22.58 -6.47
N CYS A 272 36.03 21.26 -6.47
CA CYS A 272 36.53 20.58 -5.29
C CYS A 272 38.04 20.44 -5.29
N TYR A 273 38.67 21.32 -4.54
CA TYR A 273 40.09 21.33 -4.39
C TYR A 273 40.62 20.06 -3.78
N ARG A 274 40.02 19.64 -2.67
CA ARG A 274 40.51 18.52 -1.88
C ARG A 274 40.69 17.24 -2.70
N SER A 275 39.68 16.88 -3.48
CA SER A 275 39.71 15.59 -4.16
C SER A 275 40.44 15.57 -5.49
N MET A 276 40.71 16.75 -6.07
CA MET A 276 41.34 16.79 -7.39
C MET A 276 42.38 17.88 -7.63
N ASN A 277 42.90 18.46 -6.57
CA ASN A 277 44.03 19.36 -6.72
C ASN A 277 45.26 18.60 -7.23
N TYR A 278 45.25 17.27 -7.06
CA TYR A 278 46.39 16.41 -7.43
C TYR A 278 46.64 16.39 -8.93
N ILE A 279 45.62 16.02 -9.67
CA ILE A 279 45.70 15.96 -11.13
C ILE A 279 45.84 17.39 -11.71
N SER A 280 45.37 18.40 -10.97
CA SER A 280 45.45 19.78 -11.46
C SER A 280 46.89 20.33 -11.45
N ARG A 281 47.61 20.08 -10.36
CA ARG A 281 49.02 20.39 -10.32
C ARG A 281 49.76 19.64 -11.43
N HIS A 282 49.45 18.36 -11.57
CA HIS A 282 50.11 17.52 -12.57
C HIS A 282 49.88 18.06 -13.99
N MET A 283 48.69 18.55 -14.29
CA MET A 283 48.44 19.01 -15.65
C MET A 283 49.13 20.33 -15.97
N GLU A 284 49.34 21.14 -14.94
CA GLU A 284 50.09 22.37 -15.11
C GLU A 284 51.58 22.07 -15.34
N GLU A 285 52.09 21.14 -14.55
CA GLU A 285 53.49 20.76 -14.62
C GLU A 285 53.80 20.05 -15.93
N LYS A 286 52.95 19.11 -16.34
CA LYS A 286 53.18 18.38 -17.59
C LYS A 286 52.75 19.14 -18.84
N TYR A 287 51.56 19.73 -18.82
CA TYR A 287 51.00 20.33 -20.03
C TYR A 287 50.94 21.86 -20.03
N GLY A 288 51.40 22.48 -18.95
CA GLY A 288 51.39 23.93 -18.85
C GLY A 288 50.04 24.58 -18.56
N ILE A 289 49.00 23.78 -18.40
CA ILE A 289 47.63 24.29 -18.16
C ILE A 289 47.43 24.82 -16.76
N PRO A 290 47.04 26.10 -16.63
CA PRO A 290 46.77 26.73 -15.33
C PRO A 290 45.45 26.25 -14.72
N TRP A 291 45.28 26.38 -13.41
CA TRP A 291 44.00 26.03 -12.83
C TRP A 291 43.54 27.00 -11.78
N MET A 292 42.23 27.10 -11.59
CA MET A 292 41.71 28.01 -10.58
C MET A 292 40.51 27.44 -9.84
N GLU A 293 40.45 27.75 -8.56
CA GLU A 293 39.34 27.31 -7.74
C GLU A 293 38.18 28.27 -7.92
N TYR A 294 36.97 27.72 -8.04
CA TYR A 294 35.76 28.56 -8.07
C TYR A 294 34.61 27.96 -7.25
N ASN A 295 33.63 28.80 -6.99
CA ASN A 295 32.53 28.50 -6.08
C ASN A 295 31.25 28.92 -6.73
N PHE A 296 30.36 27.96 -6.97
CA PHE A 296 29.06 28.20 -7.57
C PHE A 296 27.89 28.02 -6.61
N PHE A 297 28.13 28.29 -5.34
CA PHE A 297 27.08 28.19 -4.35
C PHE A 297 26.47 29.54 -4.02
N GLY A 298 25.29 29.82 -4.55
CA GLY A 298 24.63 31.07 -4.23
C GLY A 298 25.12 32.15 -5.17
N PRO A 299 24.39 33.27 -5.25
CA PRO A 299 24.65 34.32 -6.24
C PRO A 299 25.93 35.12 -6.03
N THR A 300 26.29 35.46 -4.80
CA THR A 300 27.51 36.21 -4.53
C THR A 300 28.74 35.49 -5.06
N LYS A 301 28.84 34.22 -4.71
CA LYS A 301 29.98 33.41 -5.10
C LYS A 301 29.96 33.12 -6.59
N THR A 302 28.77 32.87 -7.15
CA THR A 302 28.69 32.54 -8.56
C THR A 302 29.09 33.72 -9.44
N ILE A 303 28.52 34.88 -9.13
CA ILE A 303 28.82 36.10 -9.86
C ILE A 303 30.31 36.38 -9.83
N GLU A 304 30.85 36.26 -8.62
CA GLU A 304 32.23 36.56 -8.32
C GLU A 304 33.19 35.60 -9.03
N SER A 305 32.79 34.33 -9.11
CA SER A 305 33.55 33.28 -9.81
C SER A 305 33.48 33.48 -11.32
N LEU A 306 32.30 33.85 -11.79
CA LEU A 306 32.11 34.13 -13.21
C LEU A 306 33.01 35.29 -13.69
N ARG A 307 33.07 36.37 -12.91
CA ARG A 307 33.93 37.52 -13.24
C ARG A 307 35.41 37.17 -13.20
N ALA A 308 35.80 36.40 -12.18
CA ALA A 308 37.19 35.99 -12.05
C ALA A 308 37.58 35.10 -13.21
N ILE A 309 36.68 34.20 -13.58
CA ILE A 309 36.96 33.28 -14.69
C ILE A 309 37.01 34.02 -16.03
N ALA A 310 36.01 34.87 -16.29
CA ALA A 310 35.94 35.57 -17.58
C ALA A 310 37.15 36.49 -17.76
N ALA A 311 37.70 36.95 -16.65
CA ALA A 311 38.90 37.78 -16.64
C ALA A 311 40.15 37.07 -17.18
N LYS A 312 40.12 35.75 -17.28
CA LYS A 312 41.28 34.99 -17.77
C LYS A 312 41.32 34.95 -19.29
N PHE A 313 40.29 35.51 -19.91
CA PHE A 313 40.15 35.51 -21.37
C PHE A 313 40.03 36.95 -21.90
N ASP A 314 39.71 37.09 -23.18
CA ASP A 314 39.55 38.41 -23.79
C ASP A 314 38.25 39.09 -23.32
N GLU A 315 38.03 40.33 -23.79
CA GLU A 315 36.88 41.16 -23.36
C GLU A 315 35.55 40.68 -23.90
N SER A 316 35.60 39.92 -24.99
CA SER A 316 34.42 39.31 -25.57
C SER A 316 33.78 38.35 -24.55
N ILE A 317 34.60 37.56 -23.86
CA ILE A 317 34.09 36.69 -22.81
C ILE A 317 33.62 37.52 -21.62
N GLN A 318 34.36 38.59 -21.28
CA GLN A 318 33.93 39.47 -20.19
C GLN A 318 32.56 40.14 -20.47
N LYS A 319 32.32 40.49 -21.73
CA LYS A 319 31.04 41.06 -22.12
C LYS A 319 29.89 40.08 -21.91
N LYS A 320 30.08 38.85 -22.41
CA LYS A 320 29.09 37.78 -22.27
C LYS A 320 28.84 37.45 -20.81
N CYS A 321 29.87 37.64 -19.98
CA CYS A 321 29.76 37.46 -18.53
C CYS A 321 28.76 38.46 -17.91
N GLU A 322 28.82 39.72 -18.31
CA GLU A 322 27.89 40.71 -17.74
C GLU A 322 26.48 40.47 -18.27
N GLU A 323 26.37 39.90 -19.47
CA GLU A 323 25.08 39.49 -20.02
C GLU A 323 24.44 38.38 -19.18
N VAL A 324 25.17 37.28 -18.98
CA VAL A 324 24.66 36.16 -18.18
C VAL A 324 24.25 36.60 -16.78
N ILE A 325 25.07 37.44 -16.17
CA ILE A 325 24.73 37.95 -14.85
C ILE A 325 23.39 38.74 -14.89
N ALA A 326 23.23 39.62 -15.87
CA ALA A 326 22.01 40.43 -15.98
C ALA A 326 20.78 39.56 -16.28
N LYS A 327 20.97 38.48 -17.04
CA LYS A 327 19.87 37.56 -17.33
C LYS A 327 19.28 36.96 -16.04
N TYR A 328 20.14 36.41 -15.19
CA TYR A 328 19.66 35.71 -13.99
C TYR A 328 19.52 36.62 -12.79
N LYS A 329 19.92 37.88 -12.92
CA LYS A 329 19.80 38.81 -11.80
C LYS A 329 18.37 38.89 -11.25
N PRO A 330 17.34 39.13 -12.09
CA PRO A 330 16.00 39.15 -11.49
C PRO A 330 15.53 37.81 -10.90
N GLU A 331 16.01 36.68 -11.44
CA GLU A 331 15.56 35.38 -10.91
C GLU A 331 16.05 35.10 -9.49
N TRP A 332 17.30 35.44 -9.16
CA TRP A 332 17.78 35.19 -7.80
C TRP A 332 17.38 36.29 -6.83
N GLU A 333 17.13 37.50 -7.32
CA GLU A 333 16.65 38.58 -6.46
C GLU A 333 15.26 38.26 -5.93
N ALA A 334 14.43 37.59 -6.74
CA ALA A 334 13.10 37.16 -6.33
C ALA A 334 13.20 35.98 -5.34
N VAL A 335 14.18 35.09 -5.57
CA VAL A 335 14.49 34.02 -4.62
C VAL A 335 14.91 34.62 -3.25
N VAL A 336 15.77 35.64 -3.25
CA VAL A 336 16.11 36.30 -1.97
C VAL A 336 14.86 36.99 -1.36
N ALA A 337 14.11 37.72 -2.18
CA ALA A 337 12.94 38.48 -1.72
C ALA A 337 11.90 37.62 -1.02
N LYS A 338 11.67 36.44 -1.58
CA LYS A 338 10.71 35.45 -1.05
C LYS A 338 11.20 34.64 0.15
N TYR A 339 12.42 34.12 0.09
CA TYR A 339 12.88 33.17 1.10
C TYR A 339 13.72 33.78 2.21
N ARG A 340 14.49 34.84 1.92
CA ARG A 340 15.29 35.41 3.00
C ARG A 340 14.44 35.96 4.15
N PRO A 341 13.29 36.60 3.86
CA PRO A 341 12.53 37.05 5.04
C PRO A 341 12.18 35.92 5.98
N ARG A 342 12.09 34.68 5.47
CA ARG A 342 11.77 33.47 6.24
C ARG A 342 12.99 32.83 6.94
N LEU A 343 14.20 33.22 6.52
CA LEU A 343 15.39 32.56 7.06
C LEU A 343 16.30 33.50 7.80
N GLU A 344 16.10 34.79 7.59
CA GLU A 344 16.97 35.82 8.19
C GLU A 344 17.22 35.59 9.68
N GLY A 345 18.49 35.65 10.05
CA GLY A 345 18.87 35.51 11.45
C GLY A 345 19.05 34.08 11.95
N LYS A 346 18.70 33.07 11.15
CA LYS A 346 18.85 31.67 11.61
C LYS A 346 20.29 31.18 11.63
N ARG A 347 20.61 30.37 12.64
CA ARG A 347 21.96 29.88 12.84
C ARG A 347 22.11 28.40 12.45
N VAL A 348 23.14 28.10 11.67
CA VAL A 348 23.33 26.75 11.19
C VAL A 348 24.73 26.22 11.54
N MET A 349 24.79 24.96 11.95
CA MET A 349 26.05 24.22 12.12
C MET A 349 26.12 23.19 11.02
N LEU A 350 27.30 23.06 10.44
CA LEU A 350 27.55 22.16 9.34
C LEU A 350 28.59 21.08 9.70
N TYR A 351 28.46 19.91 9.09
CA TYR A 351 29.51 18.88 9.14
C TYR A 351 29.49 18.06 7.88
N ILE A 352 30.50 18.23 7.03
CA ILE A 352 30.57 17.51 5.75
C ILE A 352 32.04 17.09 5.48
N GLY A 353 32.36 16.69 4.24
CA GLY A 353 33.60 16.04 3.88
C GLY A 353 34.93 16.79 3.79
N GLY A 354 35.17 17.49 2.67
CA GLY A 354 36.44 18.14 2.42
C GLY A 354 36.33 19.46 1.65
N LEU A 355 35.12 19.80 1.21
CA LEU A 355 34.90 21.02 0.42
C LEU A 355 33.70 21.84 0.88
N ARG A 356 32.54 21.21 0.90
CA ARG A 356 31.28 21.90 1.24
C ARG A 356 31.19 22.63 2.60
N PRO A 357 31.92 22.19 3.63
CA PRO A 357 31.79 22.93 4.90
C PRO A 357 32.18 24.41 4.87
N ARG A 358 33.01 24.82 3.92
CA ARG A 358 33.35 26.23 3.77
C ARG A 358 32.63 26.78 2.53
N HIS A 359 32.47 25.88 1.57
CA HIS A 359 32.02 26.21 0.22
C HIS A 359 30.60 26.78 0.22
N VAL A 360 29.80 26.32 1.19
CA VAL A 360 28.39 26.65 1.20
C VAL A 360 28.07 27.80 2.15
N ILE A 361 29.05 28.33 2.87
CA ILE A 361 28.80 29.41 3.82
C ILE A 361 28.16 30.64 3.10
N GLY A 362 28.61 30.88 1.87
CA GLY A 362 28.16 31.99 1.04
C GLY A 362 26.68 32.00 0.71
N ALA A 363 26.17 30.83 0.34
CA ALA A 363 24.77 30.69 -0.06
C ALA A 363 23.87 30.95 1.15
N TYR A 364 24.28 30.41 2.30
CA TYR A 364 23.56 30.65 3.54
C TYR A 364 23.47 32.14 3.88
N GLU A 365 24.58 32.87 3.74
CA GLU A 365 24.61 34.31 4.03
C GLU A 365 23.78 35.07 2.99
N ASP A 366 23.72 34.56 1.77
CA ASP A 366 22.87 35.14 0.72
C ASP A 366 21.41 35.08 1.11
N LEU A 367 21.08 34.24 2.09
CA LEU A 367 19.73 34.17 2.62
C LEU A 367 19.64 34.78 4.03
N GLY A 368 20.71 35.43 4.45
CA GLY A 368 20.71 36.10 5.76
C GLY A 368 20.92 35.16 6.94
N MET A 369 21.46 33.98 6.68
CA MET A 369 21.68 33.01 7.75
C MET A 369 23.12 33.10 8.26
N GLU A 370 23.37 32.66 9.50
CA GLU A 370 24.71 32.71 10.04
C GLU A 370 25.22 31.27 10.28
N VAL A 371 26.48 31.02 9.90
CA VAL A 371 27.18 29.76 10.15
C VAL A 371 27.94 29.79 11.47
N VAL A 372 27.41 29.15 12.50
CA VAL A 372 28.01 29.28 13.84
C VAL A 372 29.02 28.19 14.13
N GLY A 373 28.92 27.08 13.40
CA GLY A 373 29.82 25.97 13.53
C GLY A 373 30.01 25.32 12.17
N THR A 374 31.20 24.80 11.92
CA THR A 374 31.47 24.05 10.70
C THR A 374 32.67 23.15 10.94
N GLY A 375 32.79 22.10 10.16
CA GLY A 375 33.92 21.21 10.29
C GLY A 375 33.92 20.19 9.19
N TYR A 376 35.02 19.45 9.09
CA TYR A 376 35.18 18.47 8.03
C TYR A 376 35.44 17.06 8.53
N GLU A 377 35.04 16.07 7.74
CA GLU A 377 35.48 14.72 8.00
C GLU A 377 37.00 14.49 7.78
N PHE A 378 37.57 15.12 6.77
CA PHE A 378 38.92 14.72 6.39
C PHE A 378 39.75 15.75 5.65
N ALA A 379 39.44 17.02 5.87
CA ALA A 379 40.20 18.08 5.24
C ALA A 379 41.64 18.08 5.69
N HIS A 380 42.50 18.70 4.89
CA HIS A 380 43.88 18.95 5.28
C HIS A 380 43.98 20.38 5.72
N ASN A 381 45.13 20.75 6.28
CA ASN A 381 45.27 22.09 6.84
C ASN A 381 45.13 23.20 5.79
N ASP A 382 45.46 22.91 4.52
CA ASP A 382 45.26 23.94 3.50
C ASP A 382 43.75 24.15 3.21
N ASP A 383 42.92 23.17 3.54
CA ASP A 383 41.47 23.44 3.49
C ASP A 383 41.08 24.37 4.64
N TYR A 384 41.62 24.14 5.84
CA TYR A 384 41.30 24.99 6.98
C TYR A 384 41.87 26.39 6.84
N ASP A 385 42.87 26.55 5.99
CA ASP A 385 43.41 27.87 5.68
C ASP A 385 42.36 28.74 4.97
N ARG A 386 41.68 28.12 4.00
CA ARG A 386 40.62 28.73 3.21
C ARG A 386 39.32 28.88 4.01
N THR A 387 39.16 28.07 5.04
CA THR A 387 37.96 27.99 5.85
C THR A 387 37.82 29.12 6.85
N MET A 388 38.92 29.46 7.52
CA MET A 388 38.90 30.38 8.67
C MET A 388 38.57 31.84 8.34
N LYS A 389 38.93 32.31 7.14
CA LYS A 389 38.51 33.63 6.72
C LYS A 389 37.01 33.66 6.37
N GLU A 390 36.44 32.51 6.02
CA GLU A 390 35.01 32.44 5.68
C GLU A 390 34.15 32.37 6.93
N MET A 391 34.74 31.95 8.03
CA MET A 391 34.00 31.88 9.29
C MET A 391 34.10 33.16 10.13
N GLY A 392 33.10 33.42 10.96
CA GLY A 392 33.10 34.60 11.82
C GLY A 392 33.91 34.37 13.09
N ASP A 393 34.27 35.44 13.80
CA ASP A 393 35.06 35.29 15.03
C ASP A 393 34.23 34.63 16.13
N SER A 394 34.89 33.76 16.90
CA SER A 394 34.28 32.93 17.96
C SER A 394 33.27 31.91 17.42
N THR A 395 33.45 31.53 16.17
CA THR A 395 32.72 30.40 15.62
C THR A 395 33.50 29.11 15.93
N LEU A 396 32.79 27.99 15.95
CA LEU A 396 33.41 26.74 16.32
C LEU A 396 33.90 25.97 15.10
N LEU A 397 35.13 25.45 15.21
CA LEU A 397 35.73 24.61 14.17
C LEU A 397 36.11 23.26 14.75
N TYR A 398 35.72 22.20 14.06
CA TYR A 398 35.99 20.85 14.53
C TYR A 398 36.44 19.96 13.35
N ASP A 399 37.31 19.00 13.63
CA ASP A 399 37.84 18.11 12.59
C ASP A 399 37.70 16.66 13.01
N ASP A 400 37.19 15.81 12.11
CA ASP A 400 36.91 14.41 12.40
C ASP A 400 36.14 14.31 13.72
N VAL A 401 35.14 15.16 13.85
CA VAL A 401 34.32 15.23 15.07
C VAL A 401 33.70 13.85 15.39
N THR A 402 33.58 13.54 16.67
CA THR A 402 32.99 12.26 17.13
C THR A 402 31.45 12.35 17.30
N GLY A 403 30.77 11.22 17.41
CA GLY A 403 29.32 11.21 17.61
C GLY A 403 28.91 11.96 18.87
N TYR A 404 29.65 11.69 19.93
CA TYR A 404 29.45 12.32 21.23
C TYR A 404 29.68 13.82 21.19
N GLU A 405 30.79 14.24 20.59
CA GLU A 405 31.15 15.65 20.52
C GLU A 405 30.09 16.46 19.78
N PHE A 406 29.69 15.99 18.60
CA PHE A 406 28.75 16.75 17.79
C PHE A 406 27.41 16.94 18.50
N GLU A 407 26.99 15.91 19.22
CA GLU A 407 25.76 15.93 19.98
C GLU A 407 25.80 17.01 21.08
N GLU A 408 26.90 17.04 21.84
CA GLU A 408 27.08 18.00 22.93
C GLU A 408 27.28 19.46 22.45
N PHE A 409 28.00 19.67 21.36
CA PHE A 409 28.18 21.04 20.83
C PHE A 409 26.82 21.60 20.42
N VAL A 410 26.04 20.78 19.75
CA VAL A 410 24.69 21.17 19.30
C VAL A 410 23.80 21.51 20.51
N LYS A 411 23.89 20.72 21.57
CA LYS A 411 23.12 20.95 22.79
C LYS A 411 23.37 22.34 23.40
N ARG A 412 24.61 22.82 23.36
CA ARG A 412 24.91 24.15 23.93
C ARG A 412 24.66 25.28 22.95
N ILE A 413 25.25 25.18 21.77
CA ILE A 413 25.17 26.24 20.79
C ILE A 413 23.72 26.42 20.29
N LYS A 414 22.94 25.33 20.28
CA LYS A 414 21.52 25.35 19.86
C LYS A 414 21.20 26.07 18.56
N PRO A 415 21.64 25.52 17.43
CA PRO A 415 21.31 26.09 16.12
C PRO A 415 19.86 25.81 15.65
N ASP A 416 19.40 26.57 14.65
CA ASP A 416 18.06 26.36 14.09
C ASP A 416 18.12 25.24 13.07
N LEU A 417 19.29 25.04 12.51
CA LEU A 417 19.45 24.09 11.41
C LEU A 417 20.79 23.39 11.43
N ILE A 418 20.77 22.10 11.09
CA ILE A 418 21.99 21.35 10.91
C ILE A 418 22.04 20.83 9.48
N GLY A 419 23.22 20.81 8.90
CA GLY A 419 23.41 20.26 7.58
C GLY A 419 24.55 19.29 7.64
N SER A 420 24.27 18.00 7.49
CA SER A 420 25.31 16.98 7.59
C SER A 420 24.93 15.75 6.74
N GLY A 421 25.39 14.55 7.15
CA GLY A 421 25.15 13.33 6.39
C GLY A 421 24.05 12.40 6.91
N ILE A 422 23.82 11.27 6.22
CA ILE A 422 22.75 10.32 6.56
C ILE A 422 22.92 9.69 7.94
N LYS A 423 24.16 9.63 8.41
CA LYS A 423 24.41 8.94 9.67
C LYS A 423 24.01 9.85 10.82
N GLU A 424 24.06 11.15 10.54
CA GLU A 424 23.77 12.20 11.52
C GLU A 424 22.29 12.58 11.55
N LYS A 425 21.63 12.38 10.41
CA LYS A 425 20.29 12.90 10.16
C LYS A 425 19.28 12.67 11.26
N PHE A 426 19.11 11.40 11.59
CA PHE A 426 18.00 11.03 12.41
C PHE A 426 18.25 11.30 13.87
N ILE A 427 19.51 11.45 14.23
CA ILE A 427 19.83 11.81 15.61
C ILE A 427 19.23 13.17 15.91
N PHE A 428 19.52 14.15 15.06
CA PHE A 428 19.15 15.53 15.37
C PHE A 428 17.69 15.87 15.11
N GLN A 429 17.03 15.15 14.20
CA GLN A 429 15.59 15.33 14.05
C GLN A 429 14.86 14.93 15.32
N LYS A 430 15.30 13.84 15.95
CA LYS A 430 14.63 13.37 17.15
C LYS A 430 14.79 14.36 18.30
N MET A 431 15.86 15.15 18.25
CA MET A 431 16.08 16.24 19.20
C MET A 431 15.28 17.47 18.84
N GLY A 432 14.61 17.45 17.69
CA GLY A 432 13.77 18.56 17.30
C GLY A 432 14.51 19.65 16.55
N ILE A 433 15.64 19.27 15.96
CA ILE A 433 16.41 20.21 15.19
C ILE A 433 16.27 19.88 13.71
N PRO A 434 15.71 20.83 12.92
CA PRO A 434 15.62 20.73 11.47
C PRO A 434 16.95 20.35 10.87
N PHE A 435 16.93 19.42 9.92
CA PHE A 435 18.14 18.84 9.40
C PHE A 435 18.03 18.63 7.89
N ARG A 436 19.06 19.06 7.17
CA ARG A 436 19.14 18.84 5.73
C ARG A 436 20.38 18.07 5.40
N GLN A 437 20.27 17.07 4.53
CA GLN A 437 21.43 16.32 4.12
C GLN A 437 22.27 17.20 3.20
N MET A 438 23.55 17.38 3.53
CA MET A 438 24.47 18.14 2.68
C MET A 438 25.47 17.27 1.86
N HIS A 439 25.29 15.96 1.84
CA HIS A 439 25.99 15.15 0.83
C HIS A 439 25.05 14.87 -0.34
N SER A 440 23.91 14.25 -0.02
CA SER A 440 22.93 13.83 -1.02
C SER A 440 21.91 14.91 -1.37
N TRP A 441 21.97 16.04 -0.69
CA TRP A 441 20.95 17.09 -0.87
C TRP A 441 19.50 16.60 -0.53
N ASP A 442 19.40 15.59 0.35
CA ASP A 442 18.12 15.03 0.74
C ASP A 442 17.32 14.71 -0.50
N TYR A 443 18.02 14.19 -1.51
CA TYR A 443 17.42 13.66 -2.70
C TYR A 443 16.79 14.75 -3.56
N SER A 444 17.28 15.98 -3.38
CA SER A 444 16.83 17.16 -4.11
C SER A 444 18.00 17.75 -4.91
N GLY A 445 18.06 19.06 -5.07
CA GLY A 445 19.12 19.69 -5.85
C GLY A 445 18.75 19.78 -7.33
N PRO A 446 19.63 20.36 -8.17
CA PRO A 446 20.99 20.85 -7.89
C PRO A 446 21.04 22.06 -6.93
N TYR A 447 22.20 22.29 -6.30
CA TYR A 447 22.44 23.50 -5.51
C TYR A 447 23.46 24.43 -6.18
N HIS A 448 24.16 23.95 -7.20
CA HIS A 448 25.12 24.78 -7.94
C HIS A 448 24.48 25.79 -8.92
N GLY A 449 25.02 26.99 -8.98
CA GLY A 449 24.64 27.95 -10.01
C GLY A 449 23.39 28.71 -9.61
N PHE A 450 22.82 29.47 -10.54
CA PHE A 450 21.65 30.28 -10.23
C PHE A 450 20.38 29.43 -10.06
N ASP A 451 20.26 28.41 -10.91
CA ASP A 451 19.12 27.52 -10.89
C ASP A 451 19.14 26.64 -9.64
N GLY A 452 20.34 26.29 -9.18
CA GLY A 452 20.49 25.51 -7.97
C GLY A 452 20.12 26.30 -6.72
N PHE A 453 20.43 27.60 -6.71
CA PHE A 453 20.16 28.44 -5.54
C PHE A 453 18.68 28.49 -5.25
N ALA A 454 17.86 28.52 -6.29
CA ALA A 454 16.41 28.50 -6.13
C ALA A 454 15.93 27.24 -5.37
N ILE A 455 16.42 26.08 -5.76
CA ILE A 455 16.03 24.84 -5.07
C ILE A 455 16.57 24.83 -3.62
N PHE A 456 17.80 25.34 -3.46
CA PHE A 456 18.47 25.48 -2.16
C PHE A 456 17.72 26.31 -1.15
N ALA A 457 17.26 27.48 -1.60
CA ALA A 457 16.51 28.37 -0.75
C ALA A 457 15.20 27.72 -0.31
N ARG A 458 14.53 27.10 -1.27
CA ARG A 458 13.26 26.42 -1.07
C ARG A 458 13.42 25.20 -0.13
N ASP A 459 14.56 24.49 -0.24
CA ASP A 459 14.86 23.36 0.65
C ASP A 459 15.20 23.79 2.08
N MET A 460 15.99 24.86 2.22
CA MET A 460 16.32 25.36 3.57
C MET A 460 15.05 25.85 4.27
N ASP A 461 14.19 26.52 3.53
CA ASP A 461 12.94 27.00 4.10
C ASP A 461 11.88 25.91 4.42
N MET A 462 11.67 24.93 3.53
CA MET A 462 10.69 23.87 3.79
C MET A 462 11.02 23.11 5.06
N THR A 463 12.30 22.93 5.34
CA THR A 463 12.67 22.07 6.45
C THR A 463 12.71 22.89 7.75
N LEU A 464 13.34 24.06 7.70
CA LEU A 464 13.51 24.85 8.90
C LEU A 464 12.15 25.27 9.40
N ASN A 465 11.29 25.71 8.47
CA ASN A 465 9.97 26.25 8.83
C ASN A 465 8.77 25.28 8.76
N ASN A 466 9.04 23.97 8.67
CA ASN A 466 8.02 22.91 8.62
C ASN A 466 7.27 22.89 9.94
N PRO A 467 5.96 22.57 9.89
CA PRO A 467 5.13 22.49 11.09
C PRO A 467 5.46 21.30 12.00
N CYS A 468 6.13 20.28 11.47
CA CYS A 468 6.38 19.07 12.26
C CYS A 468 7.25 19.36 13.47
N TRP A 469 8.09 20.39 13.39
CA TRP A 469 9.02 20.73 14.46
C TRP A 469 8.38 21.32 15.71
N LYS A 470 7.14 21.78 15.59
CA LYS A 470 6.43 22.36 16.73
C LYS A 470 5.64 21.30 17.52
N LYS A 471 5.71 20.06 17.07
CA LYS A 471 4.84 19.03 17.64
C LYS A 471 5.56 17.98 18.48
N LEU A 472 6.85 18.14 18.71
CA LEU A 472 7.62 17.09 19.36
C LEU A 472 7.28 16.88 20.86
N GLN A 473 6.69 17.87 21.52
CA GLN A 473 6.30 17.63 22.90
C GLN A 473 4.79 17.32 23.02
N ALA A 474 4.43 16.24 23.74
CA ALA A 474 3.02 15.94 23.95
C ALA A 474 2.41 17.01 24.85
N PRO A 475 1.20 17.48 24.52
CA PRO A 475 0.51 18.56 25.22
C PRO A 475 0.34 18.29 26.72
N TRP A 476 0.21 17.03 27.08
CA TRP A 476 0.04 16.60 28.47
C TRP A 476 1.36 16.29 29.17
N GLU A 477 2.46 16.53 28.46
CA GLU A 477 3.84 16.17 28.86
C GLU A 477 4.12 14.69 28.60
N SER B 1 16.61 27.96 -16.30
CA SER B 1 15.80 29.03 -15.69
C SER B 1 14.90 28.46 -14.63
N GLN B 2 14.50 29.33 -13.70
CA GLN B 2 13.56 28.99 -12.63
C GLN B 2 12.44 30.01 -12.49
N GLN B 3 11.21 29.51 -12.38
CA GLN B 3 10.06 30.29 -11.95
C GLN B 3 9.99 30.33 -10.41
N VAL B 4 10.15 31.49 -9.77
CA VAL B 4 10.20 31.53 -8.29
C VAL B 4 8.95 30.96 -7.61
N ASP B 5 7.83 30.98 -8.32
CA ASP B 5 6.56 30.45 -7.83
C ASP B 5 6.37 28.95 -8.03
N LYS B 6 7.11 28.37 -8.98
CA LYS B 6 7.04 26.93 -9.22
C LYS B 6 8.42 26.40 -9.59
N ILE B 7 9.25 26.27 -8.56
CA ILE B 7 10.64 25.88 -8.70
C ILE B 7 10.76 24.40 -9.14
N LYS B 8 11.66 24.12 -10.07
CA LYS B 8 11.86 22.76 -10.51
C LYS B 8 13.16 22.18 -9.95
N ALA B 9 13.08 20.99 -9.35
CA ALA B 9 14.26 20.24 -8.94
C ALA B 9 14.82 19.55 -10.18
N SER B 10 15.88 18.75 -10.04
CA SER B 10 16.59 18.16 -11.21
C SER B 10 15.63 17.60 -12.25
N TYR B 11 14.62 16.88 -11.78
CA TYR B 11 13.45 16.54 -12.59
C TYR B 11 12.36 17.47 -12.13
N PRO B 12 11.76 18.23 -13.06
CA PRO B 12 11.93 18.14 -14.50
C PRO B 12 12.84 19.20 -15.09
N LEU B 13 13.57 19.94 -14.25
CA LEU B 13 14.39 21.05 -14.72
C LEU B 13 15.19 20.74 -15.99
N PHE B 14 15.93 19.63 -15.99
CA PHE B 14 16.82 19.37 -17.10
C PHE B 14 16.09 18.90 -18.37
N LEU B 15 14.76 18.86 -18.33
CA LEU B 15 13.98 18.67 -19.57
C LEU B 15 13.69 20.01 -20.28
N ASP B 16 14.07 21.12 -19.65
CA ASP B 16 14.03 22.42 -20.34
C ASP B 16 14.93 22.34 -21.59
N GLN B 17 14.52 23.04 -22.64
CA GLN B 17 15.18 23.02 -23.95
C GLN B 17 16.66 23.45 -23.88
N ASP B 18 16.99 24.49 -23.11
CA ASP B 18 18.40 24.87 -23.01
C ASP B 18 19.28 23.79 -22.33
N TYR B 19 18.78 23.09 -21.31
CA TYR B 19 19.59 22.01 -20.71
C TYR B 19 19.70 20.84 -21.71
N LYS B 20 18.56 20.54 -22.33
CA LYS B 20 18.46 19.49 -23.33
C LYS B 20 19.48 19.73 -24.46
N ASP B 21 19.58 20.97 -24.88
CA ASP B 21 20.53 21.33 -25.93
C ASP B 21 21.96 21.21 -25.45
N MET B 22 22.22 21.76 -24.26
CA MET B 22 23.55 21.70 -23.66
C MET B 22 24.02 20.24 -23.51
N LEU B 23 23.09 19.33 -23.21
CA LEU B 23 23.42 17.90 -23.08
C LEU B 23 23.63 17.27 -24.45
N ALA B 24 22.96 17.82 -25.47
CA ALA B 24 23.09 17.25 -26.80
C ALA B 24 24.48 17.55 -27.32
N LYS B 25 24.95 18.76 -27.02
CA LYS B 25 26.27 19.23 -27.41
C LYS B 25 27.36 18.50 -26.62
N LYS B 26 27.14 18.28 -25.32
CA LYS B 26 28.13 17.55 -24.54
C LYS B 26 28.41 16.18 -25.14
N ARG B 27 27.35 15.42 -25.40
CA ARG B 27 27.49 14.09 -25.97
C ARG B 27 28.23 14.09 -27.32
N ASP B 28 27.70 14.84 -28.28
CA ASP B 28 28.24 14.85 -29.65
C ASP B 28 29.67 15.32 -29.72
N GLY B 29 29.96 16.38 -28.98
CA GLY B 29 31.28 16.98 -29.02
C GLY B 29 32.37 16.17 -28.35
N PHE B 30 32.10 15.59 -27.17
CA PHE B 30 33.16 15.04 -26.33
C PHE B 30 33.02 13.61 -25.79
N GLU B 31 31.86 12.99 -25.91
CA GLU B 31 31.68 11.66 -25.30
C GLU B 31 32.19 10.52 -26.16
N GLU B 32 32.25 10.74 -27.46
CA GLU B 32 32.60 9.69 -28.42
C GLU B 32 31.70 8.48 -28.12
N LYS B 33 30.41 8.76 -28.10
CA LYS B 33 29.42 7.82 -27.65
C LYS B 33 29.01 6.91 -28.80
N TYR B 34 28.80 5.63 -28.51
CA TYR B 34 28.30 4.70 -29.54
C TYR B 34 26.98 5.22 -30.10
N PRO B 35 26.77 5.05 -31.43
CA PRO B 35 25.58 5.53 -32.12
C PRO B 35 24.34 4.90 -31.49
N GLN B 36 23.21 5.62 -31.46
CA GLN B 36 21.98 5.11 -30.85
C GLN B 36 21.60 3.79 -31.48
N ASP B 37 21.82 3.67 -32.80
CA ASP B 37 21.59 2.44 -33.56
C ASP B 37 22.25 1.22 -32.89
N LYS B 38 23.50 1.37 -32.50
CA LYS B 38 24.23 0.27 -31.92
C LYS B 38 23.75 0.01 -30.48
N ILE B 39 23.47 1.08 -29.75
CA ILE B 39 23.02 0.97 -28.37
C ILE B 39 21.72 0.18 -28.32
N ASP B 40 20.78 0.51 -29.21
CA ASP B 40 19.50 -0.23 -29.35
C ASP B 40 19.68 -1.70 -29.74
N GLU B 41 20.64 -1.96 -30.62
CA GLU B 41 20.95 -3.30 -31.06
C GLU B 41 21.56 -4.17 -29.94
N VAL B 42 22.55 -3.64 -29.24
CA VAL B 42 23.10 -4.35 -28.07
C VAL B 42 22.00 -4.55 -27.02
N PHE B 43 21.16 -3.52 -26.81
CA PHE B 43 20.12 -3.66 -25.81
C PHE B 43 19.24 -4.87 -26.12
N GLN B 44 18.75 -4.94 -27.37
CA GLN B 44 17.84 -6.01 -27.80
C GLN B 44 18.51 -7.37 -27.60
N TRP B 45 19.80 -7.39 -27.89
CA TRP B 45 20.58 -8.58 -27.74
C TRP B 45 20.64 -9.05 -26.27
N THR B 46 20.62 -8.09 -25.32
CA THR B 46 20.72 -8.44 -23.89
C THR B 46 19.40 -8.98 -23.35
N THR B 47 18.36 -8.95 -24.16
CA THR B 47 17.04 -9.45 -23.76
C THR B 47 16.77 -10.86 -24.31
N THR B 48 17.70 -11.38 -25.11
CA THR B 48 17.45 -12.65 -25.77
C THR B 48 17.94 -13.90 -25.05
N LYS B 49 17.57 -15.04 -25.61
CA LYS B 49 17.96 -16.33 -25.08
C LYS B 49 19.47 -16.56 -25.23
N GLU B 50 20.06 -16.01 -26.29
CA GLU B 50 21.45 -16.27 -26.56
C GLU B 50 22.33 -15.55 -25.56
N TYR B 51 21.94 -14.33 -25.18
CA TYR B 51 22.68 -13.58 -24.15
C TYR B 51 22.57 -14.31 -22.83
N GLN B 52 21.40 -14.90 -22.60
CA GLN B 52 21.11 -15.60 -21.36
C GLN B 52 22.04 -16.77 -21.21
N GLU B 53 22.29 -17.46 -22.31
CA GLU B 53 23.20 -18.60 -22.28
C GLU B 53 24.60 -18.12 -21.87
N LEU B 54 25.05 -17.01 -22.47
CA LEU B 54 26.32 -16.42 -22.08
C LEU B 54 26.31 -15.99 -20.61
N ASN B 55 25.29 -15.21 -20.25
CA ASN B 55 25.08 -14.73 -18.89
C ASN B 55 25.16 -15.85 -17.84
N PHE B 56 24.60 -17.02 -18.14
CA PHE B 56 24.57 -18.14 -17.19
C PHE B 56 25.77 -19.06 -17.25
N GLN B 57 26.78 -18.66 -18.04
CA GLN B 57 28.06 -19.34 -18.08
C GLN B 57 29.10 -18.63 -17.22
N ARG B 58 28.72 -17.53 -16.58
CA ARG B 58 29.65 -16.78 -15.75
C ARG B 58 30.24 -17.61 -14.62
N GLU B 59 31.53 -17.40 -14.36
CA GLU B 59 32.25 -18.14 -13.31
C GLU B 59 33.02 -17.25 -12.37
N ALA B 60 33.23 -16.01 -12.77
CA ALA B 60 34.11 -15.16 -12.01
C ALA B 60 33.49 -13.80 -11.77
N LEU B 61 32.65 -13.38 -12.71
CA LEU B 61 32.05 -12.06 -12.63
C LEU B 61 30.75 -12.15 -11.88
N THR B 62 30.57 -11.28 -10.89
CA THR B 62 29.26 -11.10 -10.20
C THR B 62 28.71 -9.73 -10.59
N VAL B 63 27.42 -9.66 -10.95
CA VAL B 63 26.77 -8.37 -11.30
C VAL B 63 25.48 -8.16 -10.50
N ASN B 64 25.40 -7.05 -9.75
CA ASN B 64 24.24 -6.75 -8.92
C ASN B 64 23.91 -7.91 -7.98
N PRO B 65 24.78 -8.14 -7.01
CA PRO B 65 24.43 -9.27 -6.15
C PRO B 65 23.19 -8.96 -5.29
N ALA B 66 22.62 -10.00 -4.73
CA ALA B 66 21.49 -9.89 -3.85
C ALA B 66 21.87 -10.45 -2.48
N LYS B 67 22.90 -9.86 -1.86
CA LYS B 67 23.35 -10.23 -0.52
C LYS B 67 24.33 -9.20 -0.04
N ALA B 68 24.66 -9.25 1.24
CA ALA B 68 25.67 -8.40 1.87
C ALA B 68 26.63 -9.31 2.63
N CYS B 69 27.57 -8.76 3.36
CA CYS B 69 28.57 -9.60 4.01
C CYS B 69 28.31 -9.74 5.52
N GLN B 70 29.07 -10.63 6.16
CA GLN B 70 28.80 -11.04 7.55
C GLN B 70 28.69 -9.93 8.62
N PRO B 71 29.63 -8.96 8.66
CA PRO B 71 29.50 -8.04 9.80
C PRO B 71 28.20 -7.22 9.89
N LEU B 72 27.54 -6.96 8.75
CA LEU B 72 26.24 -6.29 8.79
C LEU B 72 25.23 -7.11 9.61
N GLY B 73 25.20 -8.41 9.43
CA GLY B 73 24.32 -9.24 10.23
C GLY B 73 24.73 -9.25 11.71
N ALA B 74 26.04 -9.19 11.95
CA ALA B 74 26.58 -9.18 13.31
C ALA B 74 26.16 -7.93 14.08
N VAL B 75 26.21 -6.78 13.39
CA VAL B 75 25.82 -5.49 13.97
C VAL B 75 24.31 -5.49 14.29
N LEU B 76 23.50 -6.05 13.39
CA LEU B 76 22.06 -6.07 13.61
C LEU B 76 21.75 -6.97 14.81
N CYS B 77 22.51 -8.04 14.96
CA CYS B 77 22.26 -8.93 16.07
C CYS B 77 22.50 -8.21 17.40
N ALA B 78 23.67 -7.57 17.52
CA ALA B 78 24.12 -6.90 18.75
C ALA B 78 23.21 -5.75 19.21
N LEU B 79 22.71 -5.00 18.23
CA LEU B 79 21.74 -3.94 18.44
C LEU B 79 20.53 -4.37 19.25
N GLY B 80 20.13 -5.64 19.11
CA GLY B 80 19.01 -6.24 19.80
C GLY B 80 19.20 -6.56 21.29
N PHE B 81 20.34 -6.15 21.88
CA PHE B 81 20.64 -6.40 23.31
C PHE B 81 20.72 -5.12 24.10
N GLU B 82 20.33 -5.20 25.36
CA GLU B 82 20.12 -4.02 26.19
C GLU B 82 21.39 -3.22 26.35
N LYS B 83 21.30 -1.94 26.00
CA LYS B 83 22.42 -0.99 26.10
C LYS B 83 23.72 -1.56 25.55
N THR B 84 23.64 -2.13 24.35
CA THR B 84 24.80 -2.81 23.76
C THR B 84 25.37 -2.01 22.59
N MET B 85 26.68 -1.85 22.58
CA MET B 85 27.35 -1.16 21.50
C MET B 85 27.98 -2.15 20.54
N PRO B 86 27.47 -2.20 19.31
CA PRO B 86 28.11 -3.03 18.29
C PRO B 86 29.48 -2.48 18.02
N TYR B 87 30.45 -3.39 17.97
CA TYR B 87 31.84 -3.00 17.87
C TYR B 87 32.48 -3.89 16.81
N VAL B 88 32.90 -3.29 15.71
CA VAL B 88 33.50 -4.04 14.64
C VAL B 88 34.99 -3.71 14.65
N HIS B 89 35.78 -4.74 14.99
CA HIS B 89 37.23 -4.68 15.07
C HIS B 89 37.76 -4.72 13.64
N GLY B 90 38.43 -3.66 13.21
CA GLY B 90 38.98 -3.64 11.85
C GLY B 90 38.97 -2.24 11.27
N SER B 91 38.71 -2.15 9.96
CA SER B 91 38.68 -0.87 9.24
C SER B 91 37.38 -0.06 9.37
N GLN B 92 37.53 1.25 9.51
CA GLN B 92 36.39 2.11 9.80
C GLN B 92 35.47 2.33 8.58
N GLY B 93 35.98 2.13 7.36
CA GLY B 93 35.18 2.25 6.14
C GLY B 93 33.98 1.32 6.21
N CYS B 94 34.17 0.14 6.77
CA CYS B 94 33.13 -0.85 6.90
C CYS B 94 31.93 -0.33 7.74
N VAL B 95 32.27 0.33 8.86
CA VAL B 95 31.28 0.80 9.82
C VAL B 95 30.46 1.97 9.23
N ALA B 96 31.13 2.88 8.54
CA ALA B 96 30.45 4.03 7.92
C ALA B 96 29.40 3.52 6.93
N TYR B 97 29.76 2.49 6.16
CA TYR B 97 28.81 1.78 5.30
C TYR B 97 27.68 1.01 6.03
N PHE B 98 27.99 0.27 7.09
CA PHE B 98 26.96 -0.51 7.80
C PHE B 98 25.85 0.41 8.31
N ARG B 99 26.25 1.51 8.92
CA ARG B 99 25.30 2.44 9.56
C ARG B 99 24.41 3.07 8.49
N SER B 100 25.05 3.49 7.40
CA SER B 100 24.37 4.13 6.27
C SER B 100 23.32 3.24 5.69
N TYR B 101 23.70 1.97 5.49
CA TYR B 101 22.84 0.96 4.89
C TYR B 101 21.61 0.82 5.76
N PHE B 102 21.81 0.71 7.08
CA PHE B 102 20.69 0.61 7.98
C PHE B 102 19.95 1.95 8.18
N ASN B 103 20.68 3.07 8.19
CA ASN B 103 20.04 4.40 8.26
C ASN B 103 18.99 4.54 7.19
N ARG B 104 19.37 4.18 5.96
CA ARG B 104 18.50 4.37 4.82
C ARG B 104 17.31 3.42 4.81
N HIS B 105 17.48 2.18 5.27
CA HIS B 105 16.36 1.25 5.32
C HIS B 105 15.36 1.50 6.48
N PHE B 106 15.89 1.80 7.65
CA PHE B 106 15.04 1.99 8.83
C PHE B 106 14.64 3.46 9.09
N ARG B 107 15.37 4.38 8.46
CA ARG B 107 15.22 5.82 8.67
C ARG B 107 15.30 6.19 10.13
N GLU B 108 16.33 5.64 10.79
CA GLU B 108 16.62 5.81 12.21
C GLU B 108 18.11 5.96 12.42
N PRO B 109 18.53 6.50 13.58
CA PRO B 109 19.97 6.49 13.87
C PRO B 109 20.45 5.09 14.13
N VAL B 110 21.70 4.82 13.76
CA VAL B 110 22.30 3.52 13.90
C VAL B 110 23.70 3.65 14.52
N SER B 111 23.83 3.12 15.74
CA SER B 111 25.04 3.32 16.53
C SER B 111 25.94 2.09 16.51
N CYS B 112 27.21 2.33 16.21
CA CYS B 112 28.14 1.24 16.03
C CYS B 112 29.50 1.87 15.95
N VAL B 113 30.52 1.23 16.52
CA VAL B 113 31.86 1.83 16.45
C VAL B 113 32.82 1.00 15.65
N SER B 114 33.93 1.63 15.30
CA SER B 114 35.07 0.92 14.70
C SER B 114 36.21 1.03 15.67
N ASP B 115 37.28 0.26 15.52
CA ASP B 115 38.47 0.70 16.24
C ASP B 115 39.53 1.14 15.25
N SER B 116 39.07 1.48 14.04
CA SER B 116 39.88 2.18 13.05
C SER B 116 41.28 1.63 12.82
N MET B 117 41.37 0.36 12.44
CA MET B 117 42.68 -0.24 12.12
C MET B 117 43.26 0.31 10.82
N THR B 118 44.44 0.93 10.88
CA THR B 118 45.09 1.50 9.70
C THR B 118 46.16 0.55 9.09
N GLU B 119 47.01 1.06 8.19
CA GLU B 119 48.04 0.23 7.53
C GLU B 119 49.02 -0.38 8.54
N ASP B 120 49.37 0.37 9.56
CA ASP B 120 50.29 -0.15 10.57
C ASP B 120 49.65 -1.22 11.46
N ALA B 121 48.34 -1.12 11.70
CA ALA B 121 47.65 -2.15 12.46
C ALA B 121 47.42 -3.39 11.61
N ALA B 122 47.34 -3.18 10.30
CA ALA B 122 47.33 -4.29 9.37
C ALA B 122 48.60 -5.13 9.58
N VAL B 123 49.76 -4.48 9.62
CA VAL B 123 50.98 -5.25 9.69
C VAL B 123 51.42 -5.59 11.12
N PHE B 124 50.98 -4.84 12.13
CA PHE B 124 51.38 -5.14 13.49
C PHE B 124 50.30 -5.86 14.28
N GLY B 125 49.10 -5.92 13.72
CA GLY B 125 47.96 -6.51 14.43
C GLY B 125 47.11 -5.44 15.07
N GLY B 126 45.91 -5.81 15.48
CA GLY B 126 44.98 -4.84 16.01
C GLY B 126 44.87 -4.89 17.51
N GLN B 127 45.93 -5.40 18.16
CA GLN B 127 45.90 -5.52 19.62
C GLN B 127 45.73 -4.18 20.28
N GLN B 128 46.58 -3.23 19.91
CA GLN B 128 46.53 -1.92 20.52
C GLN B 128 45.19 -1.22 20.24
N ASN B 129 44.72 -1.25 18.99
CA ASN B 129 43.44 -0.60 18.71
C ASN B 129 42.35 -1.16 19.61
N MET B 130 42.39 -2.48 19.82
CA MET B 130 41.39 -3.16 20.64
C MET B 130 41.43 -2.72 22.12
N LYS B 131 42.63 -2.49 22.65
CA LYS B 131 42.74 -1.99 24.03
C LYS B 131 42.16 -0.57 24.13
N ASP B 132 42.71 0.34 23.32
CA ASP B 132 42.27 1.73 23.38
C ASP B 132 40.79 1.86 23.00
N GLY B 133 40.36 1.13 21.97
CA GLY B 133 39.00 1.23 21.47
C GLY B 133 37.93 0.84 22.47
N LEU B 134 38.14 -0.26 23.17
CA LEU B 134 37.19 -0.70 24.17
C LEU B 134 37.15 0.34 25.29
N GLN B 135 38.33 0.79 25.72
CA GLN B 135 38.35 1.79 26.79
C GLN B 135 37.60 3.06 26.31
N ASN B 136 37.95 3.56 25.13
CA ASN B 136 37.34 4.77 24.59
C ASN B 136 35.83 4.65 24.38
N CYS B 137 35.40 3.51 23.83
CA CYS B 137 33.99 3.26 23.59
C CYS B 137 33.21 3.21 24.89
N LYS B 138 33.68 2.38 25.81
CA LYS B 138 33.03 2.26 27.11
C LYS B 138 32.90 3.60 27.82
N ALA B 139 33.96 4.41 27.84
CA ALA B 139 33.96 5.71 28.53
C ALA B 139 33.06 6.77 27.88
N THR B 140 33.13 6.85 26.56
CA THR B 140 32.42 7.91 25.86
C THR B 140 30.94 7.57 25.69
N TYR B 141 30.61 6.33 25.30
CA TYR B 141 29.22 5.98 24.99
C TYR B 141 28.52 5.13 26.04
N LYS B 142 29.30 4.65 27.01
CA LYS B 142 28.77 3.97 28.20
C LYS B 142 27.70 2.92 27.98
N PRO B 143 28.00 1.92 27.13
CA PRO B 143 27.08 0.79 26.98
C PRO B 143 27.18 -0.13 28.19
N ASP B 144 26.17 -0.97 28.42
CA ASP B 144 26.28 -2.05 29.40
C ASP B 144 27.10 -3.17 28.80
N MET B 145 27.14 -3.23 27.47
CA MET B 145 27.78 -4.39 26.83
C MET B 145 28.41 -4.01 25.50
N ILE B 146 29.56 -4.62 25.20
CA ILE B 146 30.19 -4.36 23.91
C ILE B 146 30.32 -5.67 23.17
N ALA B 147 29.74 -5.72 21.97
CA ALA B 147 29.76 -6.95 21.16
C ALA B 147 30.70 -6.77 19.97
N VAL B 148 31.75 -7.58 19.94
CA VAL B 148 32.86 -7.39 19.02
C VAL B 148 32.75 -8.33 17.83
N SER B 149 32.74 -7.76 16.62
CA SER B 149 32.80 -8.52 15.39
C SER B 149 34.03 -8.09 14.56
N THR B 150 34.18 -8.58 13.34
CA THR B 150 35.40 -8.26 12.54
C THR B 150 35.17 -7.86 11.06
N THR B 151 36.05 -7.01 10.54
CA THR B 151 36.05 -6.71 9.14
C THR B 151 36.87 -7.76 8.38
N CYS B 152 36.87 -7.73 7.06
CA CYS B 152 37.55 -8.77 6.31
C CYS B 152 39.05 -8.76 6.60
N MET B 153 39.67 -7.58 6.66
CA MET B 153 41.11 -7.51 6.88
C MET B 153 41.57 -8.11 8.24
N ALA B 154 40.78 -7.97 9.30
CA ALA B 154 41.14 -8.54 10.60
C ALA B 154 41.04 -10.05 10.56
N GLU B 155 40.24 -10.55 9.62
CA GLU B 155 40.11 -11.98 9.43
C GLU B 155 41.28 -12.55 8.65
N VAL B 156 41.78 -11.81 7.68
CA VAL B 156 42.89 -12.28 6.85
C VAL B 156 44.12 -12.46 7.72
N ILE B 157 44.43 -11.45 8.50
CA ILE B 157 45.65 -11.44 9.27
C ILE B 157 45.53 -12.23 10.57
N GLY B 158 44.40 -12.87 10.81
CA GLY B 158 44.20 -13.69 12.00
C GLY B 158 44.26 -13.02 13.38
N ASP B 159 43.67 -11.83 13.53
CA ASP B 159 43.62 -11.15 14.83
C ASP B 159 42.79 -11.99 15.79
N ASP B 160 43.41 -12.51 16.85
CA ASP B 160 42.74 -13.37 17.81
C ASP B 160 41.89 -12.56 18.79
N LEU B 161 40.62 -12.30 18.45
CA LEU B 161 39.72 -11.49 19.29
C LEU B 161 39.75 -11.94 20.76
N ASN B 162 39.65 -13.24 20.98
CA ASN B 162 39.63 -13.77 22.35
C ASN B 162 40.84 -13.30 23.12
N ALA B 163 42.03 -13.51 22.55
CA ALA B 163 43.27 -13.10 23.20
C ALA B 163 43.38 -11.57 23.43
N PHE B 164 43.07 -10.80 22.39
CA PHE B 164 43.19 -9.35 22.40
C PHE B 164 42.26 -8.73 23.45
N ILE B 165 41.06 -9.26 23.57
CA ILE B 165 40.12 -8.80 24.58
C ILE B 165 40.59 -9.15 26.01
N ASN B 166 41.05 -10.38 26.23
CA ASN B 166 41.52 -10.74 27.56
C ASN B 166 42.73 -9.91 27.99
N ASN B 167 43.64 -9.65 27.06
CA ASN B 167 44.79 -8.84 27.37
C ASN B 167 44.36 -7.40 27.62
N SER B 168 43.23 -7.01 27.00
CA SER B 168 42.63 -5.72 27.24
C SER B 168 42.17 -5.67 28.71
N LYS B 169 41.51 -6.75 29.13
CA LYS B 169 41.02 -6.87 30.50
C LYS B 169 42.15 -7.03 31.54
N LYS B 170 43.13 -7.90 31.27
CA LYS B 170 44.24 -8.11 32.19
C LYS B 170 45.04 -6.82 32.42
N GLU B 171 45.05 -5.95 31.42
CA GLU B 171 45.80 -4.71 31.52
C GLU B 171 44.96 -3.52 31.99
N GLY B 172 43.71 -3.80 32.32
CA GLY B 172 42.88 -2.81 32.96
C GLY B 172 42.29 -1.76 32.07
N PHE B 173 42.28 -1.97 30.75
CA PHE B 173 41.68 -1.00 29.84
C PHE B 173 40.15 -0.98 29.99
N ILE B 174 39.59 -2.15 30.26
CA ILE B 174 38.19 -2.29 30.64
C ILE B 174 38.14 -3.26 31.79
N PRO B 175 37.12 -3.14 32.65
CA PRO B 175 37.02 -3.98 33.83
C PRO B 175 36.80 -5.44 33.45
N ASP B 176 37.36 -6.35 34.25
CA ASP B 176 37.33 -7.77 33.92
C ASP B 176 35.93 -8.34 33.81
N GLU B 177 34.99 -7.84 34.60
CA GLU B 177 33.62 -8.35 34.57
C GLU B 177 32.73 -7.72 33.49
N PHE B 178 33.23 -6.67 32.84
CA PHE B 178 32.45 -5.96 31.82
C PHE B 178 32.25 -6.89 30.60
N PRO B 179 30.98 -7.18 30.25
CA PRO B 179 30.72 -8.22 29.24
C PRO B 179 31.19 -7.82 27.83
N VAL B 180 32.10 -8.61 27.27
CA VAL B 180 32.58 -8.37 25.91
C VAL B 180 32.60 -9.66 25.09
N PRO B 181 31.41 -10.14 24.69
CA PRO B 181 31.30 -11.25 23.73
C PRO B 181 31.80 -10.87 22.33
N PHE B 182 32.24 -11.88 21.59
CA PHE B 182 32.84 -11.66 20.29
C PHE B 182 32.47 -12.81 19.34
N ALA B 183 32.64 -12.54 18.05
CA ALA B 183 32.44 -13.54 17.02
C ALA B 183 33.25 -13.19 15.79
N HIS B 184 34.01 -14.14 15.27
CA HIS B 184 34.70 -13.91 14.01
C HIS B 184 33.68 -13.88 12.87
N THR B 185 33.60 -12.77 12.12
CA THR B 185 32.60 -12.66 11.04
C THR B 185 33.20 -12.35 9.65
N PRO B 186 33.87 -13.32 9.03
CA PRO B 186 34.53 -13.02 7.76
C PRO B 186 33.56 -12.73 6.61
N SER B 187 33.75 -11.61 5.92
CA SER B 187 32.88 -11.26 4.80
C SER B 187 33.00 -12.18 3.56
N PHE B 188 34.12 -12.90 3.42
CA PHE B 188 34.33 -13.84 2.32
C PHE B 188 33.79 -15.24 2.65
N VAL B 189 32.89 -15.34 3.63
CA VAL B 189 32.22 -16.63 3.92
C VAL B 189 30.73 -16.33 4.07
N GLY B 190 29.88 -16.99 3.32
CA GLY B 190 28.44 -16.82 3.50
C GLY B 190 28.02 -15.39 3.20
N SER B 191 27.27 -14.79 4.10
CA SER B 191 26.81 -13.43 3.91
C SER B 191 26.33 -12.83 5.23
N HIS B 192 25.58 -11.73 5.14
CA HIS B 192 25.01 -11.06 6.32
C HIS B 192 24.17 -11.98 7.22
N VAL B 193 23.37 -12.90 6.68
CA VAL B 193 22.67 -13.80 7.59
C VAL B 193 23.66 -14.73 8.33
N THR B 194 24.77 -15.14 7.70
CA THR B 194 25.69 -16.03 8.40
C THR B 194 26.30 -15.20 9.54
N GLY B 195 26.54 -13.91 9.28
CA GLY B 195 27.06 -13.03 10.32
C GLY B 195 26.17 -12.91 11.57
N TRP B 196 24.88 -13.03 11.37
CA TRP B 196 23.93 -12.94 12.48
C TRP B 196 24.02 -14.22 13.31
N ASP B 197 24.03 -15.37 12.62
CA ASP B 197 24.18 -16.68 13.24
C ASP B 197 25.46 -16.67 14.10
N ASN B 198 26.58 -16.23 13.52
CA ASN B 198 27.86 -16.15 14.25
C ASN B 198 27.80 -15.23 15.49
N MET B 199 27.15 -14.06 15.36
CA MET B 199 27.13 -13.09 16.47
C MET B 199 26.34 -13.61 17.66
N PHE B 200 25.15 -14.10 17.35
CA PHE B 200 24.23 -14.63 18.36
C PHE B 200 24.85 -15.82 19.09
N GLU B 201 25.55 -16.67 18.35
CA GLU B 201 26.18 -17.81 18.97
C GLU B 201 27.32 -17.38 19.90
N GLY B 202 28.10 -16.39 19.50
CA GLY B 202 29.11 -15.83 20.39
C GLY B 202 28.55 -15.24 21.70
N ILE B 203 27.47 -14.47 21.61
CA ILE B 203 26.88 -13.86 22.79
C ILE B 203 26.30 -14.94 23.69
N ALA B 204 25.57 -15.87 23.09
CA ALA B 204 24.95 -16.96 23.84
C ALA B 204 26.04 -17.83 24.52
N ARG B 205 27.11 -18.09 23.79
CA ARG B 205 28.21 -18.85 24.35
C ARG B 205 28.80 -18.08 25.53
N TYR B 206 28.86 -16.77 25.39
CA TYR B 206 29.49 -15.95 26.41
C TYR B 206 28.75 -15.99 27.76
N PHE B 207 27.43 -16.09 27.73
CA PHE B 207 26.66 -15.88 28.95
C PHE B 207 26.28 -17.20 29.61
N THR B 208 26.49 -18.31 28.93
CA THR B 208 25.99 -19.57 29.46
C THR B 208 26.98 -20.73 29.45
N LEU B 209 28.18 -20.55 28.89
CA LEU B 209 29.13 -21.66 28.67
C LEU B 209 29.77 -22.20 29.95
N LYS B 210 30.24 -21.31 30.80
CA LYS B 210 30.87 -21.73 32.03
C LYS B 210 29.87 -22.49 32.93
N SER B 211 28.71 -21.88 33.07
CA SER B 211 27.78 -22.23 34.14
C SER B 211 26.63 -23.16 33.77
N MET B 212 26.88 -24.18 32.96
CA MET B 212 25.83 -25.16 32.67
C MET B 212 25.48 -26.06 33.87
N ASP B 213 26.37 -26.10 34.87
CA ASP B 213 26.17 -26.96 36.05
C ASP B 213 24.84 -26.75 36.78
N ASP B 214 24.48 -25.49 37.02
CA ASP B 214 23.26 -25.15 37.75
C ASP B 214 21.99 -24.91 36.90
N LYS B 215 22.01 -25.32 35.63
CA LYS B 215 20.84 -25.14 34.75
C LYS B 215 20.00 -26.42 34.68
N VAL B 216 18.69 -26.25 34.71
CA VAL B 216 17.77 -27.35 34.50
C VAL B 216 16.81 -26.96 33.38
N VAL B 217 16.70 -27.80 32.35
CA VAL B 217 15.81 -27.53 31.23
C VAL B 217 14.35 -27.51 31.66
N GLY B 218 13.64 -26.43 31.28
CA GLY B 218 12.22 -26.32 31.58
C GLY B 218 11.90 -25.61 32.87
N SER B 219 12.91 -25.24 33.65
CA SER B 219 12.63 -24.71 34.99
C SER B 219 12.10 -23.28 35.03
N ASN B 220 12.33 -22.47 34.00
CA ASN B 220 11.70 -21.14 34.07
C ASN B 220 10.35 -21.10 33.32
N LYS B 221 9.95 -22.23 32.75
CA LYS B 221 8.64 -22.41 32.10
C LYS B 221 8.42 -21.43 30.94
N LYS B 222 9.50 -21.05 30.27
CA LYS B 222 9.42 -20.09 29.20
C LYS B 222 9.97 -20.72 27.94
N ILE B 223 9.55 -20.17 26.81
CA ILE B 223 10.04 -20.64 25.53
C ILE B 223 10.96 -19.57 24.94
N ASN B 224 12.19 -19.94 24.63
CA ASN B 224 13.13 -19.04 23.96
C ASN B 224 12.78 -18.91 22.47
N ILE B 225 12.82 -17.69 21.96
CA ILE B 225 12.58 -17.39 20.53
C ILE B 225 13.80 -16.66 19.93
N VAL B 226 14.37 -17.17 18.85
CA VAL B 226 15.50 -16.51 18.19
C VAL B 226 15.04 -16.05 16.79
N PRO B 227 15.02 -14.74 16.56
CA PRO B 227 14.42 -14.31 15.29
C PRO B 227 15.30 -14.51 14.04
N GLY B 228 16.62 -14.33 14.19
CA GLY B 228 17.49 -14.37 13.04
C GLY B 228 17.44 -13.01 12.37
N PHE B 229 18.14 -12.85 11.25
CA PHE B 229 18.18 -11.59 10.50
C PHE B 229 16.79 -11.16 10.04
N GLU B 230 16.23 -10.15 10.71
CA GLU B 230 14.85 -9.73 10.47
C GLU B 230 14.84 -8.21 10.41
N THR B 231 14.24 -7.64 9.36
CA THR B 231 14.25 -6.19 9.16
C THR B 231 12.87 -5.56 9.01
N TYR B 232 11.84 -6.30 9.38
CA TYR B 232 10.50 -5.77 9.52
C TYR B 232 10.12 -5.64 10.99
N LEU B 233 10.03 -4.40 11.50
CA LEU B 233 9.70 -4.20 12.92
C LEU B 233 8.51 -5.03 13.33
N GLY B 234 7.49 -5.03 12.47
CA GLY B 234 6.23 -5.72 12.72
C GLY B 234 6.42 -7.19 12.99
N ASN B 235 7.50 -7.78 12.49
CA ASN B 235 7.69 -9.24 12.64
C ASN B 235 8.08 -9.62 14.07
N PHE B 236 8.95 -8.83 14.69
CA PHE B 236 9.22 -9.03 16.12
C PHE B 236 7.90 -8.90 16.92
N ARG B 237 7.05 -7.95 16.51
CA ARG B 237 5.86 -7.60 17.31
C ARG B 237 4.75 -8.64 17.21
N VAL B 238 4.61 -9.27 16.05
CA VAL B 238 3.49 -10.16 15.86
C VAL B 238 3.76 -11.46 16.61
N ILE B 239 5.03 -11.88 16.65
CA ILE B 239 5.41 -13.04 17.40
C ILE B 239 5.18 -12.76 18.89
N LYS B 240 5.67 -11.62 19.38
CA LYS B 240 5.41 -11.22 20.78
C LYS B 240 3.93 -11.10 21.12
N ARG B 241 3.15 -10.58 20.19
CA ARG B 241 1.71 -10.46 20.42
C ARG B 241 1.01 -11.83 20.44
N MET B 242 1.43 -12.77 19.59
CA MET B 242 0.72 -14.05 19.51
C MET B 242 1.00 -15.00 20.69
N LEU B 243 2.24 -15.01 21.16
CA LEU B 243 2.61 -15.79 22.32
C LEU B 243 1.87 -15.24 23.55
N SER B 244 1.91 -13.91 23.73
CA SER B 244 1.22 -13.25 24.84
C SER B 244 -0.27 -13.58 24.81
N GLU B 245 -0.82 -13.61 23.61
CA GLU B 245 -2.20 -13.97 23.40
C GLU B 245 -2.49 -15.40 23.86
N MET B 246 -1.50 -16.27 23.78
CA MET B 246 -1.70 -17.66 24.19
C MET B 246 -1.41 -17.88 25.69
N GLY B 247 -0.82 -16.88 26.32
CA GLY B 247 -0.35 -16.99 27.70
C GLY B 247 0.98 -17.77 27.80
N VAL B 248 1.74 -17.80 26.71
CA VAL B 248 2.98 -18.54 26.74
C VAL B 248 4.10 -17.64 27.21
N GLY B 249 4.80 -18.07 28.26
CA GLY B 249 5.95 -17.34 28.75
C GLY B 249 7.07 -17.51 27.74
N TYR B 250 7.71 -16.40 27.40
CA TYR B 250 8.62 -16.39 26.28
C TYR B 250 9.76 -15.47 26.56
N SER B 251 10.84 -15.66 25.81
CA SER B 251 12.00 -14.83 25.95
C SER B 251 12.57 -14.62 24.53
N LEU B 252 12.46 -13.41 24.01
CA LEU B 252 12.95 -13.12 22.67
C LEU B 252 14.39 -12.66 22.76
N LEU B 253 15.27 -13.45 22.16
CA LEU B 253 16.74 -13.25 22.26
C LEU B 253 17.30 -12.52 21.03
N SER B 254 17.77 -11.29 21.25
CA SER B 254 18.10 -10.29 20.22
C SER B 254 16.80 -9.57 19.76
N ASP B 255 16.46 -8.45 20.41
CA ASP B 255 15.20 -7.77 20.14
C ASP B 255 15.41 -6.27 19.88
N PRO B 256 15.68 -5.88 18.62
CA PRO B 256 15.99 -4.49 18.33
C PRO B 256 14.76 -3.62 17.98
N GLU B 257 13.53 -4.12 18.13
CA GLU B 257 12.33 -3.38 17.72
C GLU B 257 12.26 -2.01 18.38
N GLU B 258 12.63 -1.93 19.65
CA GLU B 258 12.60 -0.65 20.37
C GLU B 258 13.66 0.32 19.86
N VAL B 259 14.88 -0.17 19.70
CA VAL B 259 15.98 0.73 19.43
C VAL B 259 15.94 1.19 17.98
N LEU B 260 15.19 0.47 17.17
CA LEU B 260 15.04 0.83 15.78
C LEU B 260 13.77 1.66 15.49
N ASP B 261 13.05 2.01 16.54
CA ASP B 261 11.83 2.78 16.41
C ASP B 261 11.66 3.76 17.60
N THR B 262 12.71 4.50 17.92
CA THR B 262 12.57 5.40 19.04
C THR B 262 11.71 6.59 18.60
N PRO B 263 11.00 7.21 19.56
CA PRO B 263 10.13 8.36 19.29
C PRO B 263 10.90 9.66 19.07
N ALA B 264 10.35 10.56 18.27
CA ALA B 264 10.92 11.90 18.12
C ALA B 264 10.19 12.82 19.09
N ASP B 265 10.75 12.92 20.30
CA ASP B 265 10.14 13.63 21.43
C ASP B 265 11.11 14.65 22.06
N GLY B 266 12.16 14.99 21.35
CA GLY B 266 13.08 15.97 21.89
C GLY B 266 14.41 15.40 22.37
N GLN B 267 14.55 14.10 22.46
CA GLN B 267 15.86 13.57 22.83
C GLN B 267 16.33 12.36 22.05
N PHE B 268 17.63 12.31 21.79
CA PHE B 268 18.17 11.16 21.14
C PHE B 268 18.47 10.08 22.20
N ARG B 269 17.89 8.90 21.99
CA ARG B 269 18.10 7.71 22.81
C ARG B 269 18.99 6.77 22.02
N MET B 270 20.27 6.70 22.38
CA MET B 270 21.19 5.81 21.70
C MET B 270 20.76 4.35 21.93
N TYR B 271 20.24 4.06 23.12
CA TYR B 271 19.77 2.72 23.46
C TYR B 271 18.33 2.71 23.87
N ALA B 272 17.68 1.58 23.64
CA ALA B 272 16.34 1.39 24.13
C ALA B 272 16.02 -0.08 24.07
N GLY B 273 15.32 -0.57 25.10
CA GLY B 273 14.83 -1.93 25.15
C GLY B 273 15.89 -3.00 24.94
N GLY B 274 15.47 -4.11 24.34
CA GLY B 274 16.34 -5.22 24.01
C GLY B 274 16.42 -6.34 25.05
N THR B 275 16.99 -7.46 24.59
CA THR B 275 17.18 -8.64 25.42
C THR B 275 18.15 -8.29 26.54
N THR B 276 17.79 -8.58 27.77
CA THR B 276 18.70 -8.28 28.89
C THR B 276 19.80 -9.35 29.05
N GLN B 277 20.90 -8.97 29.70
CA GLN B 277 21.96 -9.92 30.00
C GLN B 277 21.44 -11.07 30.87
N GLU B 278 20.44 -10.79 31.70
CA GLU B 278 19.82 -11.80 32.57
C GLU B 278 19.00 -12.83 31.81
N GLU B 279 18.30 -12.36 30.77
CA GLU B 279 17.56 -13.26 29.89
C GLU B 279 18.49 -14.25 29.21
N MET B 280 19.64 -13.75 28.79
CA MET B 280 20.61 -14.62 28.14
C MET B 280 21.17 -15.60 29.17
N LYS B 281 21.50 -15.13 30.37
CA LYS B 281 22.06 -16.06 31.39
C LYS B 281 21.05 -17.14 31.75
N ASP B 282 19.78 -16.78 31.72
CA ASP B 282 18.69 -17.64 32.16
C ASP B 282 18.13 -18.56 31.05
N ALA B 283 18.44 -18.22 29.80
CA ALA B 283 17.94 -18.95 28.63
C ALA B 283 17.99 -20.47 28.72
N PRO B 284 19.10 -21.05 29.24
CA PRO B 284 19.15 -22.52 29.26
C PRO B 284 18.08 -23.15 30.15
N ASN B 285 17.49 -22.38 31.06
CA ASN B 285 16.39 -22.87 31.90
C ASN B 285 15.04 -22.93 31.20
N ALA B 286 14.98 -22.49 29.95
CA ALA B 286 13.71 -22.49 29.24
C ALA B 286 13.30 -23.90 28.84
N LEU B 287 12.00 -24.09 28.59
CA LEU B 287 11.47 -25.37 28.15
C LEU B 287 12.10 -25.85 26.84
N ASN B 288 12.42 -24.92 25.94
CA ASN B 288 12.86 -25.25 24.59
C ASN B 288 13.21 -23.93 23.86
N THR B 289 13.79 -24.03 22.67
CA THR B 289 14.24 -22.84 21.96
C THR B 289 13.74 -22.89 20.53
N VAL B 290 13.01 -21.89 20.08
CA VAL B 290 12.50 -21.93 18.71
C VAL B 290 13.30 -20.96 17.84
N LEU B 291 13.80 -21.47 16.72
CA LEU B 291 14.53 -20.66 15.74
C LEU B 291 13.58 -20.19 14.62
N LEU B 292 13.37 -18.89 14.46
CA LEU B 292 12.39 -18.43 13.47
C LEU B 292 12.88 -18.64 12.01
N GLN B 293 14.18 -18.57 11.80
CA GLN B 293 14.76 -18.69 10.46
C GLN B 293 15.86 -19.73 10.49
N PRO B 294 15.48 -21.02 10.53
CA PRO B 294 16.43 -22.14 10.72
C PRO B 294 17.49 -22.22 9.65
N TRP B 295 17.15 -21.83 8.43
CA TRP B 295 18.14 -22.03 7.36
C TRP B 295 19.34 -21.11 7.45
N HIS B 296 19.34 -20.14 8.36
CA HIS B 296 20.62 -19.48 8.69
C HIS B 296 20.93 -19.43 10.19
N LEU B 297 20.35 -20.34 10.97
CA LEU B 297 20.64 -20.41 12.41
C LEU B 297 21.11 -21.82 12.78
N GLU B 298 21.97 -22.35 11.91
CA GLU B 298 22.50 -23.69 12.02
C GLU B 298 23.63 -23.79 13.04
N LYS B 299 24.48 -22.78 13.12
CA LYS B 299 25.52 -22.74 14.14
C LYS B 299 24.95 -22.55 15.53
N THR B 300 23.93 -21.69 15.62
CA THR B 300 23.24 -21.43 16.85
C THR B 300 22.59 -22.73 17.31
N LYS B 301 21.96 -23.43 16.37
CA LYS B 301 21.23 -24.66 16.67
C LYS B 301 22.13 -25.75 17.26
N LYS B 302 23.32 -25.92 16.71
CA LYS B 302 24.26 -26.89 17.24
C LYS B 302 24.67 -26.55 18.67
N PHE B 303 24.92 -25.25 18.96
CA PHE B 303 25.29 -24.84 20.33
C PHE B 303 24.17 -25.08 21.35
N VAL B 304 22.93 -24.79 20.98
CA VAL B 304 21.79 -24.89 21.89
C VAL B 304 21.34 -26.36 22.09
N GLU B 305 21.43 -27.15 21.02
CA GLU B 305 21.14 -28.56 21.16
C GLU B 305 22.26 -29.29 21.90
N GLY B 306 23.50 -28.90 21.63
CA GLY B 306 24.66 -29.57 22.20
C GLY B 306 24.90 -29.22 23.65
N THR B 307 25.04 -27.93 23.93
CA THR B 307 25.27 -27.39 25.25
C THR B 307 24.01 -27.20 26.13
N TRP B 308 22.99 -26.48 25.67
CA TRP B 308 21.80 -26.23 26.51
C TRP B 308 20.89 -27.45 26.63
N LYS B 309 21.03 -28.35 25.67
CA LYS B 309 20.22 -29.59 25.57
C LYS B 309 18.75 -29.35 25.32
N HIS B 310 18.39 -28.35 24.50
CA HIS B 310 16.99 -28.16 24.15
C HIS B 310 16.74 -29.00 22.92
N GLU B 311 15.59 -29.65 22.85
CA GLU B 311 15.19 -30.41 21.66
C GLU B 311 14.51 -29.51 20.65
N VAL B 312 15.29 -28.64 20.03
CA VAL B 312 14.82 -27.60 19.10
C VAL B 312 13.92 -28.16 18.02
N PRO B 313 12.66 -27.69 17.99
CA PRO B 313 11.65 -28.26 17.08
C PRO B 313 12.05 -28.11 15.61
N LYS B 314 11.65 -29.06 14.77
CA LYS B 314 11.91 -28.96 13.35
C LYS B 314 10.82 -28.09 12.71
N LEU B 315 11.02 -26.77 12.70
CA LEU B 315 10.02 -25.80 12.21
C LEU B 315 10.51 -24.94 11.06
N ASN B 316 9.65 -24.73 10.06
CA ASN B 316 9.92 -23.78 8.98
C ASN B 316 9.69 -22.37 9.50
N ILE B 317 10.14 -21.36 8.76
CA ILE B 317 9.74 -19.99 9.08
C ILE B 317 8.21 -19.94 9.13
N PRO B 318 7.64 -19.30 10.15
CA PRO B 318 6.18 -19.28 10.20
C PRO B 318 5.54 -18.19 9.29
N MET B 319 5.47 -18.45 7.99
CA MET B 319 4.87 -17.53 6.99
C MET B 319 3.73 -18.26 6.31
N GLY B 320 2.69 -17.55 5.90
CA GLY B 320 1.58 -18.18 5.21
C GLY B 320 0.75 -18.98 6.19
N LEU B 321 -0.22 -19.74 5.69
CA LEU B 321 -1.21 -20.42 6.52
C LEU B 321 -0.72 -21.73 7.18
N ASP B 322 -0.14 -22.67 6.41
CA ASP B 322 0.34 -23.94 6.97
C ASP B 322 1.43 -23.82 8.03
N TRP B 323 2.45 -23.03 7.74
CA TRP B 323 3.61 -22.96 8.63
C TRP B 323 3.33 -22.07 9.88
N THR B 324 2.47 -21.04 9.78
CA THR B 324 1.95 -20.35 10.98
C THR B 324 1.18 -21.31 11.90
N ASP B 325 0.30 -22.13 11.29
CA ASP B 325 -0.43 -23.18 11.98
C ASP B 325 0.51 -24.11 12.75
N GLU B 326 1.45 -24.68 12.00
CA GLU B 326 2.46 -25.59 12.45
C GLU B 326 3.25 -24.97 13.60
N PHE B 327 3.57 -23.68 13.49
CA PHE B 327 4.29 -22.95 14.56
C PHE B 327 3.45 -22.82 15.86
N LEU B 328 2.17 -22.49 15.70
CA LEU B 328 1.28 -22.29 16.83
C LEU B 328 0.99 -23.60 17.57
N MET B 329 0.82 -24.70 16.83
CA MET B 329 0.57 -25.99 17.46
C MET B 329 1.80 -26.45 18.28
N LYS B 330 3.00 -26.30 17.72
CA LYS B 330 4.24 -26.65 18.41
C LYS B 330 4.51 -25.83 19.69
N VAL B 331 4.27 -24.52 19.66
CA VAL B 331 4.32 -23.67 20.85
C VAL B 331 3.31 -24.14 21.88
N SER B 332 2.17 -24.65 21.40
CA SER B 332 1.12 -25.19 22.27
C SER B 332 1.51 -26.53 22.94
N GLU B 333 2.17 -27.38 22.17
CA GLU B 333 2.60 -28.68 22.67
C GLU B 333 3.69 -28.50 23.74
N ILE B 334 4.66 -27.62 23.48
CA ILE B 334 5.76 -27.31 24.40
C ILE B 334 5.35 -26.59 25.71
N SER B 335 4.49 -25.59 25.60
CA SER B 335 4.15 -24.77 26.75
C SER B 335 2.97 -25.31 27.51
N GLY B 336 2.16 -26.16 26.87
CA GLY B 336 0.95 -26.64 27.49
C GLY B 336 -0.26 -25.73 27.28
N GLN B 337 -0.06 -24.53 26.75
CA GLN B 337 -1.16 -23.60 26.58
C GLN B 337 -2.01 -23.97 25.34
N PRO B 338 -3.34 -23.92 25.44
CA PRO B 338 -4.15 -24.15 24.24
C PRO B 338 -4.07 -23.03 23.22
N ILE B 339 -4.54 -23.25 22.00
CA ILE B 339 -4.55 -22.15 21.04
C ILE B 339 -5.84 -21.38 21.25
N PRO B 340 -5.74 -20.10 21.69
CA PRO B 340 -6.92 -19.33 22.10
C PRO B 340 -7.84 -18.99 20.94
N ALA B 341 -9.09 -18.70 21.26
CA ALA B 341 -10.16 -18.42 20.27
C ALA B 341 -9.87 -17.22 19.38
N SER B 342 -9.13 -16.25 19.90
CA SER B 342 -8.82 -15.02 19.17
C SER B 342 -7.85 -15.34 18.03
N LEU B 343 -6.89 -16.24 18.29
CA LEU B 343 -6.02 -16.69 17.21
C LEU B 343 -6.76 -17.59 16.21
N THR B 344 -7.66 -18.42 16.68
CA THR B 344 -8.41 -19.29 15.78
C THR B 344 -9.23 -18.45 14.82
N LYS B 345 -9.76 -17.35 15.33
CA LYS B 345 -10.55 -16.45 14.51
C LYS B 345 -9.65 -15.66 13.55
N GLU B 346 -8.49 -15.18 14.02
CA GLU B 346 -7.52 -14.53 13.14
C GLU B 346 -7.18 -15.41 11.91
N ARG B 347 -6.98 -16.70 12.15
CA ARG B 347 -6.76 -17.66 11.07
C ARG B 347 -7.92 -17.71 10.04
N GLY B 348 -9.15 -17.79 10.51
CA GLY B 348 -10.31 -17.80 9.64
C GLY B 348 -10.56 -16.52 8.86
N ARG B 349 -9.99 -15.43 9.35
CA ARG B 349 -10.11 -14.17 8.66
C ARG B 349 -9.11 -14.12 7.50
N LEU B 350 -7.90 -14.69 7.68
CA LEU B 350 -6.93 -14.86 6.58
C LEU B 350 -7.47 -15.82 5.50
N VAL B 351 -8.07 -16.92 5.92
CA VAL B 351 -8.72 -17.83 4.99
C VAL B 351 -9.81 -17.11 4.21
N ASP B 352 -10.63 -16.35 4.92
CA ASP B 352 -11.69 -15.56 4.29
C ASP B 352 -11.13 -14.60 3.23
N MET B 353 -9.99 -13.96 3.52
CA MET B 353 -9.36 -13.06 2.54
C MET B 353 -8.88 -13.84 1.34
N MET B 354 -8.30 -15.03 1.57
CA MET B 354 -7.90 -15.89 0.46
C MET B 354 -9.15 -16.30 -0.37
N THR B 355 -10.30 -16.57 0.26
CA THR B 355 -11.43 -16.99 -0.59
C THR B 355 -11.91 -15.78 -1.41
N ASP B 356 -11.76 -14.59 -0.82
CA ASP B 356 -12.30 -13.38 -1.42
C ASP B 356 -11.45 -12.91 -2.63
N SER B 357 -10.14 -13.11 -2.57
CA SER B 357 -9.22 -12.60 -3.58
C SER B 357 -8.72 -13.64 -4.57
N HIS B 358 -9.20 -14.87 -4.45
CA HIS B 358 -8.56 -15.97 -5.19
C HIS B 358 -8.72 -15.87 -6.71
N THR B 359 -9.81 -15.30 -7.22
CA THR B 359 -9.98 -15.29 -8.67
C THR B 359 -8.97 -14.38 -9.33
N TRP B 360 -8.49 -13.38 -8.59
CA TRP B 360 -7.48 -12.50 -9.15
C TRP B 360 -6.04 -12.99 -8.95
N LEU B 361 -5.81 -13.81 -7.93
CA LEU B 361 -4.48 -14.28 -7.62
C LEU B 361 -4.09 -15.47 -8.48
N HIS B 362 -5.10 -16.22 -8.91
CA HIS B 362 -4.90 -17.46 -9.60
C HIS B 362 -4.08 -17.37 -10.88
N GLY B 363 -3.04 -18.20 -10.94
CA GLY B 363 -2.21 -18.34 -12.12
C GLY B 363 -1.18 -17.24 -12.32
N LYS B 364 -1.13 -16.28 -11.40
CA LYS B 364 -0.18 -15.20 -11.55
C LYS B 364 1.23 -15.74 -11.37
N ARG B 365 2.13 -15.25 -12.23
CA ARG B 365 3.51 -15.71 -12.30
C ARG B 365 4.51 -14.73 -11.68
N PHE B 366 5.34 -15.22 -10.78
CA PHE B 366 6.25 -14.30 -10.10
C PHE B 366 7.74 -14.67 -10.19
N ALA B 367 8.59 -13.67 -10.31
CA ALA B 367 10.01 -13.84 -10.05
C ALA B 367 10.24 -13.27 -8.69
N LEU B 368 11.05 -13.93 -7.87
CA LEU B 368 11.32 -13.38 -6.58
C LEU B 368 12.68 -13.83 -6.05
N TRP B 369 13.20 -13.03 -5.12
CA TRP B 369 14.46 -13.25 -4.50
C TRP B 369 14.49 -12.65 -3.11
N GLY B 370 15.56 -12.97 -2.37
CA GLY B 370 15.77 -12.47 -1.03
C GLY B 370 16.54 -13.52 -0.25
N ASP B 371 16.44 -13.47 1.09
CA ASP B 371 17.18 -14.41 1.95
C ASP B 371 16.52 -15.79 1.99
N PRO B 372 17.31 -16.84 2.35
CA PRO B 372 16.86 -18.24 2.29
C PRO B 372 15.49 -18.53 2.93
N ASP B 373 15.30 -18.17 4.19
CA ASP B 373 14.03 -18.47 4.88
C ASP B 373 12.86 -17.61 4.37
N PHE B 374 13.12 -16.32 4.14
CA PHE B 374 12.11 -15.42 3.61
C PHE B 374 11.64 -15.93 2.26
N VAL B 375 12.58 -16.33 1.40
CA VAL B 375 12.20 -16.75 0.08
C VAL B 375 11.29 -17.98 0.16
N MET B 376 11.69 -18.95 0.96
CA MET B 376 10.90 -20.17 0.97
C MET B 376 9.53 -19.93 1.62
N GLY B 377 9.48 -19.05 2.61
CA GLY B 377 8.20 -18.69 3.19
C GLY B 377 7.31 -18.05 2.11
N LEU B 378 7.91 -17.14 1.36
CA LEU B 378 7.17 -16.48 0.31
C LEU B 378 6.73 -17.47 -0.77
N VAL B 379 7.59 -18.42 -1.13
CA VAL B 379 7.18 -19.44 -2.12
C VAL B 379 6.03 -20.30 -1.61
N LYS B 380 6.14 -20.78 -0.38
CA LYS B 380 5.07 -21.58 0.21
C LYS B 380 3.72 -20.80 0.21
N PHE B 381 3.72 -19.52 0.56
CA PHE B 381 2.44 -18.83 0.59
C PHE B 381 1.86 -18.68 -0.84
N LEU B 382 2.69 -18.29 -1.82
CA LEU B 382 2.21 -18.15 -3.22
C LEU B 382 1.51 -19.41 -3.70
N LEU B 383 2.04 -20.58 -3.29
CA LEU B 383 1.41 -21.83 -3.66
C LEU B 383 0.09 -21.97 -2.95
N GLU B 384 0.01 -21.56 -1.68
CA GLU B 384 -1.28 -21.61 -0.95
C GLU B 384 -2.33 -20.69 -1.62
N LEU B 385 -1.86 -19.63 -2.26
CA LEU B 385 -2.75 -18.67 -2.89
C LEU B 385 -3.18 -19.10 -4.28
N GLY B 386 -2.61 -20.18 -4.78
CA GLY B 386 -2.88 -20.55 -6.16
C GLY B 386 -2.03 -19.80 -7.19
N CYS B 387 -0.98 -19.14 -6.75
CA CYS B 387 -0.09 -18.44 -7.68
C CYS B 387 1.00 -19.39 -8.21
N GLU B 388 1.71 -18.96 -9.25
CA GLU B 388 2.78 -19.75 -9.86
C GLU B 388 4.14 -19.09 -9.71
N PRO B 389 4.95 -19.58 -8.78
CA PRO B 389 6.30 -19.07 -8.79
C PRO B 389 6.99 -19.60 -10.05
N VAL B 390 7.82 -18.78 -10.68
CA VAL B 390 8.49 -19.20 -11.89
C VAL B 390 10.00 -19.11 -11.67
N HIS B 391 10.47 -17.94 -11.24
CA HIS B 391 11.88 -17.77 -11.02
C HIS B 391 12.08 -17.46 -9.57
N ILE B 392 12.76 -18.36 -8.87
CA ILE B 392 13.01 -18.23 -7.46
C ILE B 392 14.52 -18.08 -7.27
N LEU B 393 14.96 -16.91 -6.85
CA LEU B 393 16.40 -16.75 -6.77
C LEU B 393 16.83 -16.49 -5.34
N CYS B 394 17.90 -17.14 -4.90
CA CYS B 394 18.45 -16.85 -3.59
C CYS B 394 19.97 -16.92 -3.68
N HIS B 395 20.57 -15.74 -3.73
CA HIS B 395 21.98 -15.58 -4.05
C HIS B 395 22.89 -16.15 -2.98
N ASN B 396 22.48 -16.01 -1.73
CA ASN B 396 23.25 -16.56 -0.63
C ASN B 396 22.70 -17.93 -0.18
N GLY B 397 21.99 -18.62 -1.07
CA GLY B 397 21.38 -19.91 -0.74
C GLY B 397 22.38 -21.06 -0.87
N ASN B 398 22.04 -22.24 -0.37
CA ASN B 398 22.92 -23.40 -0.54
C ASN B 398 22.22 -24.61 -1.11
N LYS B 399 22.99 -25.64 -1.45
CA LYS B 399 22.44 -26.79 -2.17
C LYS B 399 21.38 -27.55 -1.38
N ARG B 400 21.49 -27.66 -0.06
CA ARG B 400 20.44 -28.36 0.69
C ARG B 400 19.12 -27.58 0.67
N TRP B 401 19.21 -26.27 0.87
CA TRP B 401 18.06 -25.38 0.83
C TRP B 401 17.38 -25.44 -0.54
N LYS B 402 18.20 -25.44 -1.59
CA LYS B 402 17.69 -25.56 -2.95
C LYS B 402 16.87 -26.84 -3.10
N LYS B 403 17.36 -27.92 -2.53
CA LYS B 403 16.60 -29.16 -2.50
C LYS B 403 15.30 -29.08 -1.69
N ALA B 404 15.38 -28.47 -0.49
CA ALA B 404 14.19 -28.29 0.35
C ALA B 404 13.08 -27.58 -0.42
N VAL B 405 13.42 -26.48 -1.08
CA VAL B 405 12.47 -25.69 -1.87
C VAL B 405 11.92 -26.42 -3.11
N ASP B 406 12.76 -27.19 -3.83
CA ASP B 406 12.29 -27.94 -5.00
C ASP B 406 11.26 -29.00 -4.61
N ALA B 407 11.42 -29.53 -3.39
CA ALA B 407 10.48 -30.49 -2.84
C ALA B 407 9.13 -29.83 -2.51
N ILE B 408 9.19 -28.64 -1.93
CA ILE B 408 7.98 -27.85 -1.70
C ILE B 408 7.24 -27.50 -3.00
N LEU B 409 8.01 -27.08 -3.99
CA LEU B 409 7.47 -26.75 -5.29
C LEU B 409 6.73 -27.96 -5.84
N ALA B 410 7.33 -29.15 -5.71
CA ALA B 410 6.79 -30.37 -6.28
C ALA B 410 5.57 -30.86 -5.53
N ALA B 411 5.39 -30.38 -4.31
CA ALA B 411 4.22 -30.82 -3.54
C ALA B 411 2.96 -30.09 -4.01
N SER B 412 3.11 -29.15 -4.95
CA SER B 412 1.95 -28.42 -5.45
C SER B 412 1.89 -28.27 -6.99
N PRO B 413 0.67 -28.42 -7.56
CA PRO B 413 0.41 -28.27 -9.00
C PRO B 413 0.94 -26.93 -9.54
N TYR B 414 0.98 -25.96 -8.63
CA TYR B 414 1.34 -24.59 -8.92
C TYR B 414 2.83 -24.36 -8.94
N GLY B 415 3.61 -25.39 -8.61
CA GLY B 415 5.05 -25.24 -8.65
C GLY B 415 5.69 -25.85 -9.88
N LYS B 416 4.90 -26.38 -10.81
CA LYS B 416 5.44 -27.17 -11.95
C LYS B 416 6.31 -26.35 -12.92
N ASN B 417 6.12 -25.03 -12.97
CA ASN B 417 6.89 -24.17 -13.87
C ASN B 417 7.97 -23.36 -13.17
N ALA B 418 8.35 -23.74 -11.96
CA ALA B 418 9.33 -22.95 -11.22
C ALA B 418 10.76 -23.52 -11.26
N THR B 419 11.72 -22.62 -11.23
CA THR B 419 13.09 -23.02 -11.05
C THR B 419 13.68 -22.19 -9.93
N VAL B 420 14.43 -22.86 -9.05
CA VAL B 420 15.15 -22.25 -7.96
C VAL B 420 16.60 -22.04 -8.36
N TYR B 421 17.14 -20.86 -8.07
CA TYR B 421 18.52 -20.54 -8.38
C TYR B 421 19.30 -20.14 -7.14
N ILE B 422 20.48 -20.75 -6.91
CA ILE B 422 21.41 -20.32 -5.85
C ILE B 422 22.69 -19.83 -6.51
N GLY B 423 23.43 -18.94 -5.85
CA GLY B 423 24.64 -18.41 -6.48
C GLY B 423 24.43 -17.43 -7.64
N LYS B 424 23.18 -17.16 -8.02
CA LYS B 424 22.92 -16.31 -9.20
C LYS B 424 22.44 -14.92 -8.80
N ASP B 425 22.82 -13.89 -9.57
CA ASP B 425 22.58 -12.52 -9.10
C ASP B 425 21.45 -11.77 -9.84
N LEU B 426 21.33 -10.48 -9.59
CA LEU B 426 20.21 -9.75 -10.20
C LEU B 426 20.45 -9.48 -11.67
N TRP B 427 21.70 -9.60 -12.16
CA TRP B 427 21.86 -9.51 -13.60
C TRP B 427 21.43 -10.79 -14.31
N HIS B 428 21.51 -11.94 -13.61
CA HIS B 428 20.96 -13.23 -14.05
C HIS B 428 19.43 -13.24 -14.10
N LEU B 429 18.81 -12.80 -13.00
CA LEU B 429 17.38 -12.66 -12.93
C LEU B 429 16.77 -11.74 -14.04
N ARG B 430 17.47 -10.66 -14.36
CA ARG B 430 17.05 -9.76 -15.41
C ARG B 430 16.84 -10.49 -16.75
N SER B 431 17.78 -11.38 -17.08
CA SER B 431 17.66 -12.20 -18.28
C SER B 431 16.45 -13.08 -18.15
N LEU B 432 16.26 -13.65 -16.96
CA LEU B 432 15.11 -14.50 -16.72
C LEU B 432 13.77 -13.79 -16.98
N VAL B 433 13.62 -12.53 -16.56
CA VAL B 433 12.34 -11.84 -16.77
C VAL B 433 12.16 -11.35 -18.22
N PHE B 434 13.24 -11.23 -19.00
CA PHE B 434 13.08 -10.94 -20.43
C PHE B 434 12.74 -12.20 -21.21
N THR B 435 13.40 -13.33 -20.92
CA THR B 435 13.21 -14.55 -21.72
C THR B 435 11.98 -15.39 -21.33
N ASP B 436 11.53 -15.27 -20.09
CA ASP B 436 10.41 -16.06 -19.60
C ASP B 436 9.55 -15.21 -18.70
N LYS B 437 8.90 -14.22 -19.30
CA LYS B 437 8.31 -13.09 -18.59
C LYS B 437 7.23 -13.51 -17.58
N PRO B 438 7.45 -13.18 -16.32
CA PRO B 438 6.43 -13.37 -15.29
C PRO B 438 5.57 -12.13 -15.22
N ASP B 439 4.51 -12.13 -14.41
CA ASP B 439 3.66 -10.95 -14.35
C ASP B 439 4.27 -9.89 -13.41
N PHE B 440 4.85 -10.33 -12.31
CA PHE B 440 5.47 -9.39 -11.36
C PHE B 440 6.79 -9.93 -10.79
N MET B 441 7.55 -9.00 -10.22
CA MET B 441 8.73 -9.30 -9.44
C MET B 441 8.39 -9.01 -8.00
N ILE B 442 8.85 -9.85 -7.09
CA ILE B 442 8.75 -9.60 -5.66
C ILE B 442 10.18 -9.57 -5.16
N GLY B 443 10.65 -8.41 -4.75
CA GLY B 443 12.01 -8.30 -4.29
C GLY B 443 12.25 -6.98 -3.62
N ASN B 444 13.52 -6.60 -3.47
CA ASN B 444 13.92 -5.37 -2.79
C ASN B 444 14.10 -4.23 -3.80
N SER B 445 14.61 -3.08 -3.34
CA SER B 445 14.75 -1.90 -4.20
C SER B 445 15.65 -2.15 -5.40
N TYR B 446 16.65 -3.02 -5.26
CA TYR B 446 17.54 -3.26 -6.38
C TYR B 446 16.77 -3.68 -7.64
N GLY B 447 15.56 -4.17 -7.45
CA GLY B 447 14.73 -4.59 -8.56
C GLY B 447 14.15 -3.47 -9.40
N LYS B 448 14.20 -2.23 -8.94
CA LYS B 448 13.60 -1.14 -9.73
C LYS B 448 14.37 -0.93 -11.05
N PHE B 449 15.66 -1.29 -11.08
CA PHE B 449 16.45 -1.14 -12.32
C PHE B 449 16.06 -2.22 -13.31
N ILE B 450 15.68 -3.38 -12.81
CA ILE B 450 15.15 -4.39 -13.70
C ILE B 450 13.86 -3.90 -14.35
N GLN B 451 12.96 -3.27 -13.57
CA GLN B 451 11.69 -2.86 -14.13
C GLN B 451 11.96 -1.80 -15.20
N ARG B 452 12.89 -0.89 -14.90
CA ARG B 452 13.31 0.16 -15.83
C ARG B 452 13.76 -0.44 -17.15
N ASP B 453 14.47 -1.57 -17.09
CA ASP B 453 14.97 -2.28 -18.27
C ASP B 453 13.87 -2.93 -19.09
N THR B 454 12.91 -3.56 -18.41
CA THR B 454 11.87 -4.33 -19.10
C THR B 454 10.94 -3.37 -19.84
N LEU B 455 10.73 -2.19 -19.26
CA LEU B 455 9.88 -1.15 -19.85
C LEU B 455 10.57 -0.52 -21.06
N HIS B 456 11.90 -0.46 -21.03
CA HIS B 456 12.60 0.20 -22.14
C HIS B 456 12.43 -0.66 -23.41
N LYS B 457 12.31 -1.96 -23.20
CA LYS B 457 11.99 -2.88 -24.28
C LYS B 457 10.56 -2.65 -24.79
N GLY B 458 9.60 -2.50 -23.90
CA GLY B 458 8.23 -2.24 -24.31
C GLY B 458 7.26 -2.30 -23.15
N LYS B 459 6.23 -1.45 -23.21
CA LYS B 459 5.21 -1.41 -22.16
C LYS B 459 4.57 -2.79 -21.92
N GLU B 460 4.41 -3.56 -22.99
CA GLU B 460 3.89 -4.94 -22.91
C GLU B 460 4.92 -5.92 -22.32
N PHE B 461 6.20 -5.51 -22.20
CA PHE B 461 7.24 -6.36 -21.59
C PHE B 461 7.63 -5.96 -20.16
N GLU B 462 7.20 -4.77 -19.72
CA GLU B 462 7.44 -4.24 -18.40
C GLU B 462 6.96 -5.23 -17.33
N VAL B 463 7.83 -5.52 -16.36
CA VAL B 463 7.49 -6.40 -15.26
C VAL B 463 7.56 -5.58 -13.98
N PRO B 464 6.41 -5.27 -13.36
CA PRO B 464 6.39 -4.36 -12.21
C PRO B 464 7.04 -4.93 -10.94
N LEU B 465 7.75 -4.06 -10.20
CA LEU B 465 8.40 -4.40 -8.92
C LEU B 465 7.46 -4.24 -7.72
N ILE B 466 7.21 -5.35 -7.01
CA ILE B 466 6.52 -5.39 -5.73
C ILE B 466 7.53 -5.49 -4.60
N ARG B 467 7.66 -4.44 -3.79
CA ARG B 467 8.75 -4.29 -2.83
C ARG B 467 8.44 -4.98 -1.49
N ILE B 468 9.05 -6.16 -1.32
CA ILE B 468 8.98 -6.94 -0.09
C ILE B 468 10.38 -7.59 0.10
N GLY B 469 11.04 -7.28 1.21
CA GLY B 469 12.40 -7.77 1.43
C GLY B 469 13.30 -6.71 2.07
N PHE B 470 14.61 -6.82 1.85
CA PHE B 470 15.59 -5.90 2.39
C PHE B 470 16.73 -5.82 1.39
N PRO B 471 17.25 -4.60 1.15
CA PRO B 471 16.76 -3.33 1.70
C PRO B 471 15.69 -2.64 0.84
N ILE B 472 14.83 -1.85 1.46
CA ILE B 472 13.91 -1.01 0.74
C ILE B 472 14.28 0.42 0.98
N PHE B 473 14.89 1.06 0.00
CA PHE B 473 15.37 2.41 0.17
C PHE B 473 14.48 3.46 -0.52
N ASP B 474 13.56 3.06 -1.41
CA ASP B 474 12.89 4.06 -2.24
C ASP B 474 11.41 4.25 -1.94
N ARG B 475 10.92 3.60 -0.88
CA ARG B 475 9.63 3.87 -0.29
C ARG B 475 9.85 4.16 1.18
N HIS B 476 8.88 4.80 1.83
CA HIS B 476 9.02 5.17 3.22
C HIS B 476 8.19 4.32 4.17
N HIS B 477 8.84 3.90 5.26
CA HIS B 477 8.23 3.25 6.40
C HIS B 477 7.67 1.91 6.07
N LEU B 478 8.17 1.24 5.03
CA LEU B 478 7.73 -0.13 4.79
C LEU B 478 8.32 -1.09 5.83
N HIS B 479 9.38 -0.67 6.50
CA HIS B 479 10.02 -1.51 7.50
C HIS B 479 9.14 -1.73 8.75
N ARG B 480 8.00 -1.02 8.83
CA ARG B 480 7.04 -1.20 9.91
C ARG B 480 6.06 -2.33 9.61
N SER B 481 6.18 -2.93 8.42
CA SER B 481 5.24 -3.96 7.99
C SER B 481 5.49 -5.30 8.70
N THR B 482 4.64 -6.27 8.38
CA THR B 482 4.77 -7.58 8.98
C THR B 482 4.81 -8.61 7.85
N THR B 483 5.66 -9.63 7.95
CA THR B 483 5.63 -10.71 6.96
C THR B 483 5.36 -12.11 7.59
N LEU B 484 5.54 -12.23 8.92
CA LEU B 484 5.27 -13.51 9.61
C LEU B 484 3.82 -13.67 10.08
N GLY B 485 3.41 -14.91 10.31
CA GLY B 485 2.12 -15.23 10.94
C GLY B 485 0.90 -14.86 10.10
N TYR B 486 -0.28 -14.88 10.70
CA TYR B 486 -1.53 -14.58 9.98
C TYR B 486 -1.61 -13.12 9.57
N GLU B 487 -1.15 -12.25 10.46
CA GLU B 487 -1.07 -10.83 10.21
C GLU B 487 -0.12 -10.51 9.05
N GLY B 488 0.99 -11.25 9.02
CA GLY B 488 1.96 -11.04 7.98
C GLY B 488 1.37 -11.47 6.64
N ALA B 489 0.70 -12.62 6.64
CA ALA B 489 0.10 -13.20 5.43
C ALA B 489 -1.04 -12.31 4.88
N MET B 490 -1.82 -11.69 5.76
CA MET B 490 -2.86 -10.75 5.34
C MET B 490 -2.29 -9.54 4.62
N GLN B 491 -1.21 -8.96 5.18
CA GLN B 491 -0.53 -7.81 4.59
C GLN B 491 0.05 -8.18 3.25
N ILE B 492 0.71 -9.34 3.19
CA ILE B 492 1.23 -9.82 1.92
C ILE B 492 0.11 -10.14 0.90
N LEU B 493 -0.94 -10.83 1.33
CA LEU B 493 -2.06 -11.07 0.43
C LEU B 493 -2.60 -9.76 -0.16
N THR B 494 -2.77 -8.75 0.70
CA THR B 494 -3.37 -7.50 0.26
C THR B 494 -2.48 -6.74 -0.72
N THR B 495 -1.18 -6.65 -0.43
CA THR B 495 -0.20 -6.09 -1.35
C THR B 495 -0.18 -6.82 -2.70
N LEU B 496 -0.24 -8.15 -2.72
CA LEU B 496 -0.16 -8.85 -4.01
C LEU B 496 -1.43 -8.59 -4.83
N VAL B 497 -2.61 -8.73 -4.21
CA VAL B 497 -3.85 -8.66 -5.00
C VAL B 497 -4.06 -7.24 -5.47
N ASN B 498 -3.62 -6.25 -4.70
CA ASN B 498 -3.81 -4.88 -5.12
C ASN B 498 -2.73 -4.42 -6.10
N SER B 499 -1.57 -5.04 -6.06
CA SER B 499 -0.62 -4.82 -7.14
C SER B 499 -1.22 -5.37 -8.46
N ILE B 500 -1.88 -6.52 -8.40
CA ILE B 500 -2.52 -7.03 -9.58
C ILE B 500 -3.65 -6.07 -10.09
N LEU B 501 -4.46 -5.52 -9.19
CA LEU B 501 -5.58 -4.68 -9.59
C LEU B 501 -5.14 -3.34 -10.06
N GLU B 502 -4.09 -2.80 -9.43
CA GLU B 502 -3.48 -1.55 -9.81
C GLU B 502 -2.91 -1.61 -11.22
N ARG B 503 -2.28 -2.74 -11.56
CA ARG B 503 -1.65 -2.91 -12.87
C ARG B 503 -2.71 -3.10 -13.96
N LEU B 504 -3.77 -3.84 -13.65
CA LEU B 504 -4.89 -4.04 -14.57
C LEU B 504 -5.61 -2.73 -14.90
N ASP B 505 -5.85 -1.91 -13.87
CA ASP B 505 -6.43 -0.58 -14.10
C ASP B 505 -5.51 0.25 -15.02
N GLU B 506 -4.20 0.18 -14.79
CA GLU B 506 -3.29 0.88 -15.68
C GLU B 506 -3.39 0.39 -17.11
N GLU B 507 -3.48 -0.91 -17.28
CA GLU B 507 -3.64 -1.47 -18.63
C GLU B 507 -5.05 -1.22 -19.24
N THR B 508 -6.02 -0.78 -18.45
CA THR B 508 -7.38 -0.57 -19.01
C THR B 508 -7.84 0.90 -18.88
N ARG B 509 -6.90 1.82 -18.71
CA ARG B 509 -7.25 3.19 -18.45
C ARG B 509 -7.38 4.02 -19.75
N GLY B 510 -7.16 3.39 -20.91
CA GLY B 510 -7.14 4.09 -22.18
C GLY B 510 -8.52 4.39 -22.72
N MET B 511 -8.83 5.68 -22.81
CA MET B 511 -10.15 6.15 -23.26
C MET B 511 -10.47 5.60 -24.66
N GLN B 512 -11.60 4.89 -24.79
CA GLN B 512 -12.05 4.32 -26.05
C GLN B 512 -11.04 3.36 -26.73
N ALA B 513 -10.31 2.60 -25.94
CA ALA B 513 -9.51 1.53 -26.48
C ALA B 513 -9.58 0.33 -25.54
N THR B 514 -9.15 0.53 -24.31
CA THR B 514 -9.11 -0.55 -23.33
C THR B 514 -10.05 -0.29 -22.12
N ASP B 515 -10.65 0.90 -22.06
CA ASP B 515 -11.37 1.24 -20.86
C ASP B 515 -12.73 0.62 -20.80
N TYR B 516 -13.11 -0.18 -21.81
CA TYR B 516 -14.31 -1.04 -21.68
C TYR B 516 -14.17 -2.04 -20.49
N ASN B 517 -12.94 -2.39 -20.13
CA ASN B 517 -12.65 -3.24 -18.95
C ASN B 517 -12.09 -2.40 -17.74
N HIS B 518 -12.32 -1.09 -17.73
CA HIS B 518 -11.99 -0.25 -16.58
C HIS B 518 -13.20 -0.26 -15.60
N ASP B 519 -13.41 -1.40 -14.94
CA ASP B 519 -14.55 -1.64 -14.07
C ASP B 519 -14.48 -0.94 -12.72
N LEU B 520 -15.63 -0.40 -12.30
CA LEU B 520 -15.75 0.16 -10.97
C LEU B 520 -15.55 -0.91 -9.89
N VAL B 521 -16.19 -2.07 -10.05
CA VAL B 521 -16.16 -3.12 -9.03
C VAL B 521 -15.21 -4.27 -9.46
N ARG B 522 -14.12 -4.48 -8.69
CA ARG B 522 -13.20 -5.64 -8.88
C ARG B 522 -13.14 -6.56 -7.65
N SER C 2 -34.98 -40.76 -4.13
CA SER C 2 -34.52 -39.39 -4.00
C SER C 2 -35.70 -38.45 -4.16
N ARG C 3 -36.58 -38.75 -5.11
CA ARG C 3 -37.77 -37.92 -5.35
C ARG C 3 -38.55 -37.65 -4.06
N GLU C 4 -38.68 -38.67 -3.22
CA GLU C 4 -39.39 -38.57 -1.96
C GLU C 4 -38.54 -37.88 -0.89
N GLU C 5 -37.23 -38.11 -0.94
CA GLU C 5 -36.27 -37.50 -0.03
C GLU C 5 -36.25 -35.98 -0.17
N VAL C 6 -36.26 -35.51 -1.43
CA VAL C 6 -36.27 -34.09 -1.75
C VAL C 6 -37.60 -33.46 -1.30
N GLU C 7 -38.71 -34.14 -1.61
CA GLU C 7 -40.04 -33.71 -1.14
C GLU C 7 -40.05 -33.55 0.37
N SER C 8 -39.33 -34.43 1.06
CA SER C 8 -39.27 -34.37 2.51
C SER C 8 -38.47 -33.15 2.96
N LEU C 9 -37.35 -32.90 2.27
CA LEU C 9 -36.50 -31.73 2.50
C LEU C 9 -37.33 -30.44 2.36
N ILE C 10 -38.21 -30.41 1.36
CA ILE C 10 -39.06 -29.26 1.19
C ILE C 10 -39.98 -29.08 2.40
N GLN C 11 -40.60 -30.15 2.87
CA GLN C 11 -41.56 -29.99 3.97
C GLN C 11 -40.88 -29.60 5.28
N GLU C 12 -39.67 -30.08 5.51
CA GLU C 12 -38.92 -29.73 6.74
C GLU C 12 -38.47 -28.27 6.81
N VAL C 13 -37.98 -27.77 5.69
CA VAL C 13 -37.51 -26.40 5.62
C VAL C 13 -38.67 -25.45 5.90
N LEU C 14 -39.82 -25.76 5.33
CA LEU C 14 -41.00 -24.93 5.43
C LEU C 14 -41.63 -24.89 6.83
N GLU C 15 -41.13 -25.75 7.72
CA GLU C 15 -41.67 -25.83 9.07
C GLU C 15 -41.39 -24.62 9.95
N VAL C 16 -40.41 -23.80 9.57
CA VAL C 16 -40.02 -22.65 10.39
C VAL C 16 -40.97 -21.45 10.28
N TYR C 17 -41.68 -21.34 9.15
CA TYR C 17 -42.53 -20.19 8.78
C TYR C 17 -43.86 -20.16 9.51
N PRO C 18 -44.35 -18.95 9.78
CA PRO C 18 -45.78 -18.78 10.12
C PRO C 18 -46.63 -19.37 9.01
N GLU C 19 -47.86 -19.72 9.33
CA GLU C 19 -48.72 -20.46 8.40
C GLU C 19 -48.98 -19.75 7.05
N LYS C 20 -49.22 -18.43 7.07
CA LYS C 20 -49.46 -17.69 5.82
C LYS C 20 -48.25 -17.82 4.87
N ALA C 21 -47.05 -17.57 5.40
CA ALA C 21 -45.83 -17.65 4.61
C ALA C 21 -45.53 -19.10 4.21
N ARG C 22 -45.91 -20.06 5.05
CA ARG C 22 -45.71 -21.46 4.72
C ARG C 22 -46.56 -21.94 3.54
N LYS C 23 -47.86 -21.61 3.54
CA LYS C 23 -48.78 -22.03 2.50
C LYS C 23 -48.36 -21.47 1.15
N ASP C 24 -47.76 -20.28 1.18
CA ASP C 24 -47.29 -19.61 -0.03
C ASP C 24 -45.91 -20.11 -0.49
N ARG C 25 -44.92 -20.13 0.39
CA ARG C 25 -43.60 -20.60 -0.02
C ARG C 25 -43.65 -22.04 -0.52
N ASN C 26 -44.65 -22.79 -0.08
CA ASN C 26 -44.83 -24.16 -0.58
C ASN C 26 -45.18 -24.21 -2.07
N LYS C 27 -45.84 -23.17 -2.57
CA LYS C 27 -46.19 -23.15 -3.99
C LYS C 27 -44.98 -22.87 -4.90
N HIS C 28 -43.87 -22.39 -4.33
CA HIS C 28 -42.74 -21.94 -5.16
C HIS C 28 -41.49 -22.85 -5.15
N LEU C 29 -41.65 -24.04 -4.59
CA LEU C 29 -40.57 -25.03 -4.47
C LEU C 29 -41.08 -26.36 -5.03
N ALA C 30 -40.38 -26.95 -5.99
CA ALA C 30 -40.87 -28.21 -6.58
C ALA C 30 -39.78 -29.24 -6.88
N VAL C 31 -40.20 -30.51 -7.03
CA VAL C 31 -39.33 -31.62 -7.42
C VAL C 31 -39.60 -31.89 -8.89
N ASN C 32 -38.58 -31.78 -9.74
CA ASN C 32 -38.80 -31.70 -11.17
C ASN C 32 -39.24 -32.98 -11.82
N ASP C 33 -40.06 -32.82 -12.85
CA ASP C 33 -40.39 -33.87 -13.79
C ASP C 33 -40.11 -33.35 -15.21
N PRO C 34 -39.12 -33.94 -15.91
CA PRO C 34 -38.81 -33.46 -17.27
C PRO C 34 -39.94 -33.76 -18.24
N ALA C 35 -40.78 -34.73 -17.88
CA ALA C 35 -41.96 -35.11 -18.66
C ALA C 35 -43.06 -34.03 -18.68
N VAL C 36 -43.20 -33.27 -17.59
CA VAL C 36 -44.23 -32.24 -17.49
C VAL C 36 -43.94 -31.05 -18.43
N THR C 37 -44.98 -30.61 -19.15
CA THR C 37 -44.86 -29.49 -20.09
C THR C 37 -45.73 -28.30 -19.71
N GLN C 38 -46.50 -28.46 -18.65
CA GLN C 38 -47.28 -27.37 -18.10
C GLN C 38 -46.86 -27.09 -16.67
N SER C 39 -45.96 -26.14 -16.52
CA SER C 39 -45.35 -25.82 -15.24
C SER C 39 -46.32 -25.28 -14.19
N LYS C 40 -47.48 -24.80 -14.63
CA LYS C 40 -48.51 -24.31 -13.72
C LYS C 40 -48.90 -25.42 -12.74
N LYS C 41 -48.93 -26.65 -13.26
CA LYS C 41 -49.29 -27.83 -12.47
C LYS C 41 -48.30 -28.14 -11.34
N CYS C 42 -47.02 -27.81 -11.55
CA CYS C 42 -45.97 -28.16 -10.60
C CYS C 42 -45.41 -26.99 -9.79
N ILE C 43 -45.56 -25.77 -10.29
CA ILE C 43 -45.00 -24.61 -9.59
C ILE C 43 -45.67 -23.29 -10.04
N ILE C 44 -45.65 -22.29 -9.18
CA ILE C 44 -46.14 -20.96 -9.56
C ILE C 44 -45.05 -19.90 -9.29
N SER C 45 -45.05 -18.85 -10.11
CA SER C 45 -43.99 -17.83 -10.09
C SER C 45 -44.58 -16.44 -10.36
N ASN C 46 -43.74 -15.42 -10.34
CA ASN C 46 -44.17 -14.06 -10.61
C ASN C 46 -45.33 -13.66 -9.69
N LYS C 47 -45.14 -13.87 -8.39
CA LYS C 47 -46.06 -13.38 -7.34
C LYS C 47 -45.28 -12.48 -6.40
N LYS C 48 -45.98 -11.80 -5.49
CA LYS C 48 -45.29 -10.86 -4.61
C LYS C 48 -44.56 -11.63 -3.51
N SER C 49 -43.39 -11.10 -3.13
CA SER C 49 -42.56 -11.68 -2.08
C SER C 49 -43.22 -11.57 -0.67
N GLN C 50 -43.07 -12.62 0.13
CA GLN C 50 -43.52 -12.58 1.52
C GLN C 50 -42.70 -11.58 2.30
N PRO C 51 -43.36 -10.69 3.04
CA PRO C 51 -42.61 -9.67 3.78
C PRO C 51 -41.65 -10.26 4.83
N GLY C 52 -40.49 -9.62 4.99
CA GLY C 52 -39.50 -9.98 5.98
C GLY C 52 -38.74 -11.30 5.80
N LEU C 53 -38.77 -11.88 4.60
CA LEU C 53 -38.10 -13.16 4.40
C LEU C 53 -36.78 -13.12 3.63
N MET C 54 -36.24 -11.94 3.41
CA MET C 54 -34.97 -11.75 2.69
C MET C 54 -34.94 -12.39 1.31
N THR C 55 -35.86 -11.95 0.46
CA THR C 55 -35.82 -12.23 -0.96
C THR C 55 -34.57 -11.57 -1.52
N ILE C 56 -34.10 -12.05 -2.64
CA ILE C 56 -32.94 -11.49 -3.30
C ILE C 56 -33.43 -10.56 -4.47
N ARG C 57 -34.75 -10.48 -4.65
CA ARG C 57 -35.35 -9.65 -5.72
C ARG C 57 -35.11 -8.15 -5.65
N GLY C 58 -34.97 -7.49 -6.81
CA GLY C 58 -34.92 -6.03 -6.88
C GLY C 58 -36.25 -5.38 -7.27
N CYS C 59 -36.20 -4.16 -7.80
CA CYS C 59 -37.44 -3.44 -8.16
C CYS C 59 -37.56 -3.10 -9.66
N ALA C 60 -38.62 -2.37 -9.98
CA ALA C 60 -38.98 -2.14 -11.36
C ALA C 60 -37.97 -1.25 -12.02
N TYR C 61 -37.44 -0.34 -11.20
CA TYR C 61 -36.46 0.61 -11.66
C TYR C 61 -35.15 -0.09 -12.01
N ALA C 62 -34.73 -1.08 -11.19
CA ALA C 62 -33.52 -1.82 -11.50
C ALA C 62 -33.75 -2.54 -12.84
N GLY C 63 -34.94 -3.11 -13.01
CA GLY C 63 -35.29 -3.80 -14.22
C GLY C 63 -35.27 -2.90 -15.44
N SER C 64 -35.66 -1.64 -15.26
CA SER C 64 -35.75 -0.73 -16.40
C SER C 64 -34.46 0.03 -16.62
N LYS C 65 -33.99 0.75 -15.62
CA LYS C 65 -32.76 1.54 -15.74
C LYS C 65 -31.49 0.65 -15.72
N GLY C 66 -31.34 -0.17 -14.68
CA GLY C 66 -30.18 -1.01 -14.54
C GLY C 66 -30.00 -1.97 -15.73
N VAL C 67 -31.10 -2.49 -16.28
CA VAL C 67 -31.06 -3.58 -17.27
C VAL C 67 -31.33 -3.23 -18.73
N VAL C 68 -32.47 -2.64 -19.03
CA VAL C 68 -32.84 -2.41 -20.41
C VAL C 68 -32.29 -1.09 -20.95
N TRP C 69 -32.50 0.00 -20.20
CA TRP C 69 -32.15 1.33 -20.69
C TRP C 69 -30.70 1.75 -20.50
N GLY C 70 -30.20 1.51 -19.29
CA GLY C 70 -28.85 1.88 -18.90
C GLY C 70 -27.70 1.57 -19.84
N PRO C 71 -27.72 0.38 -20.47
CA PRO C 71 -26.68 0.06 -21.44
C PRO C 71 -26.67 0.93 -22.69
N ILE C 72 -27.81 1.49 -23.12
CA ILE C 72 -27.81 2.25 -24.35
C ILE C 72 -26.84 3.44 -24.20
N LYS C 73 -25.73 3.36 -24.92
CA LYS C 73 -24.57 4.15 -24.56
C LYS C 73 -24.65 5.63 -24.97
N ASP C 74 -25.34 5.97 -26.05
CA ASP C 74 -25.33 7.39 -26.45
C ASP C 74 -26.58 8.17 -26.08
N MET C 75 -27.33 7.67 -25.11
CA MET C 75 -28.37 8.43 -24.46
C MET C 75 -27.99 8.80 -23.04
N ILE C 76 -28.71 9.75 -22.47
CA ILE C 76 -28.42 10.08 -21.09
C ILE C 76 -29.63 9.61 -20.30
N HIS C 77 -29.39 8.79 -19.29
CA HIS C 77 -30.48 8.22 -18.50
C HIS C 77 -30.56 8.93 -17.13
N ILE C 78 -31.59 9.74 -16.92
CA ILE C 78 -31.78 10.44 -15.65
C ILE C 78 -32.48 9.59 -14.58
N SER C 79 -31.77 9.29 -13.48
CA SER C 79 -32.39 8.68 -12.30
C SER C 79 -33.21 9.76 -11.58
N HIS C 80 -34.51 9.72 -11.80
CA HIS C 80 -35.36 10.84 -11.41
C HIS C 80 -35.95 10.60 -10.01
N GLY C 81 -35.46 11.36 -9.04
CA GLY C 81 -35.90 11.18 -7.68
C GLY C 81 -34.76 11.38 -6.72
N PRO C 82 -34.87 10.77 -5.53
CA PRO C 82 -33.84 10.92 -4.49
C PRO C 82 -32.51 10.26 -4.96
N VAL C 83 -31.42 10.51 -4.26
CA VAL C 83 -30.11 10.22 -4.76
C VAL C 83 -29.69 8.74 -4.64
N GLY C 84 -30.33 7.94 -3.78
CA GLY C 84 -29.92 6.56 -3.57
C GLY C 84 -29.89 5.61 -4.77
N CYS C 85 -31.04 5.42 -5.43
CA CYS C 85 -31.19 4.42 -6.48
C CYS C 85 -30.12 4.49 -7.51
N GLY C 86 -29.93 5.70 -8.02
CA GLY C 86 -29.03 5.94 -9.09
C GLY C 86 -27.62 5.68 -8.63
N GLN C 87 -27.34 5.95 -7.37
CA GLN C 87 -25.97 5.80 -6.83
C GLN C 87 -25.61 4.29 -6.59
N TYR C 88 -26.53 3.48 -6.08
CA TYR C 88 -26.23 2.04 -5.88
C TYR C 88 -26.17 1.28 -7.19
N SER C 89 -26.65 1.88 -8.29
CA SER C 89 -26.61 1.13 -9.53
C SER C 89 -25.53 1.67 -10.46
N ARG C 90 -24.87 2.74 -10.06
CA ARG C 90 -23.80 3.34 -10.90
C ARG C 90 -22.60 2.39 -11.16
N ALA C 91 -22.52 1.87 -12.39
CA ALA C 91 -21.42 0.97 -12.87
C ALA C 91 -21.37 -0.35 -12.12
N GLY C 92 -22.51 -0.77 -11.58
CA GLY C 92 -22.63 -2.03 -10.90
C GLY C 92 -22.80 -3.19 -11.83
N ARG C 93 -23.46 -2.95 -12.96
CA ARG C 93 -23.67 -3.99 -13.94
C ARG C 93 -22.70 -3.81 -15.12
N ARG C 94 -22.00 -4.88 -15.51
CA ARG C 94 -20.91 -4.64 -16.45
C ARG C 94 -21.33 -4.73 -17.91
N ASN C 95 -22.26 -3.87 -18.30
CA ASN C 95 -22.73 -3.89 -19.69
C ASN C 95 -21.74 -3.14 -20.59
N TYR C 96 -20.83 -3.87 -21.21
CA TYR C 96 -19.67 -3.27 -21.85
C TYR C 96 -20.09 -2.50 -23.09
N TYR C 97 -19.33 -1.43 -23.40
CA TYR C 97 -19.61 -0.52 -24.51
C TYR C 97 -18.28 0.09 -24.99
N ILE C 98 -18.29 0.56 -26.24
CA ILE C 98 -17.12 1.27 -26.78
C ILE C 98 -17.50 2.75 -26.88
N GLY C 99 -16.72 3.64 -26.30
CA GLY C 99 -17.05 5.06 -26.37
C GLY C 99 -16.18 5.98 -25.53
N THR C 100 -16.41 7.28 -25.68
CA THR C 100 -15.67 8.31 -24.96
C THR C 100 -16.54 8.91 -23.88
N THR C 101 -16.42 8.33 -22.68
CA THR C 101 -17.38 8.55 -21.62
C THR C 101 -17.40 10.01 -21.14
N GLY C 102 -18.62 10.54 -21.08
CA GLY C 102 -18.85 11.93 -20.80
C GLY C 102 -18.92 12.79 -22.06
N VAL C 103 -18.47 12.26 -23.19
CA VAL C 103 -18.55 13.06 -24.41
C VAL C 103 -19.63 12.59 -25.36
N ASN C 104 -19.48 11.37 -25.87
CA ASN C 104 -20.47 10.80 -26.77
C ASN C 104 -21.10 9.56 -26.17
N ALA C 105 -20.56 9.11 -25.03
CA ALA C 105 -21.10 7.95 -24.32
C ALA C 105 -21.23 8.20 -22.83
N PHE C 106 -22.22 7.59 -22.18
CA PHE C 106 -22.50 7.97 -20.78
C PHE C 106 -22.80 6.81 -19.79
N VAL C 107 -22.49 5.55 -20.15
CA VAL C 107 -22.94 4.36 -19.43
C VAL C 107 -22.50 4.33 -17.96
N THR C 108 -21.26 4.69 -17.67
CA THR C 108 -20.79 4.55 -16.30
C THR C 108 -21.10 5.74 -15.41
N MET C 109 -21.87 6.68 -15.96
CA MET C 109 -22.13 7.94 -15.27
C MET C 109 -23.43 7.83 -14.53
N ASN C 110 -23.56 8.62 -13.45
CA ASN C 110 -24.82 8.73 -12.69
C ASN C 110 -25.48 10.09 -12.78
N PHE C 111 -26.52 10.20 -13.60
CA PHE C 111 -27.32 11.42 -13.73
C PHE C 111 -28.56 11.37 -12.86
N THR C 112 -28.77 12.35 -11.97
CA THR C 112 -29.96 12.35 -11.14
C THR C 112 -30.51 13.77 -10.87
N SER C 113 -31.79 13.82 -10.52
CA SER C 113 -32.42 15.07 -10.12
C SER C 113 -32.26 15.29 -8.61
N ASP C 114 -31.78 14.26 -7.91
CA ASP C 114 -31.41 14.38 -6.50
C ASP C 114 -32.46 15.13 -5.62
N PHE C 115 -33.66 14.58 -5.57
CA PHE C 115 -34.76 15.18 -4.83
C PHE C 115 -34.41 15.52 -3.38
N GLN C 116 -34.74 16.76 -3.03
CA GLN C 116 -34.72 17.22 -1.67
C GLN C 116 -36.20 17.29 -1.23
N GLU C 117 -36.44 17.75 -0.01
CA GLU C 117 -37.81 17.75 0.53
C GLU C 117 -38.75 18.72 -0.22
N LYS C 118 -38.22 19.85 -0.69
CA LYS C 118 -39.06 20.82 -1.39
C LYS C 118 -39.53 20.24 -2.71
N ASP C 119 -38.70 19.39 -3.32
CA ASP C 119 -39.08 18.81 -4.59
C ASP C 119 -40.19 17.77 -4.43
N ILE C 120 -40.17 17.06 -3.30
CA ILE C 120 -41.27 16.17 -2.95
C ILE C 120 -42.60 16.90 -2.76
N VAL C 121 -42.59 17.92 -1.90
CA VAL C 121 -43.80 18.64 -1.54
C VAL C 121 -44.35 19.51 -2.69
N PHE C 122 -43.47 20.18 -3.46
CA PHE C 122 -43.97 21.07 -4.53
C PHE C 122 -43.94 20.39 -5.89
N GLY C 123 -43.37 19.20 -5.93
CA GLY C 123 -43.31 18.45 -7.17
C GLY C 123 -42.11 18.90 -7.97
N GLY C 124 -41.71 18.08 -8.92
CA GLY C 124 -40.45 18.36 -9.58
C GLY C 124 -40.44 18.55 -11.07
N ASP C 125 -41.57 18.96 -11.64
CA ASP C 125 -41.64 19.13 -13.08
C ASP C 125 -40.82 20.32 -13.51
N LYS C 126 -40.85 21.37 -12.71
CA LYS C 126 -40.04 22.54 -13.02
C LYS C 126 -38.55 22.19 -12.94
N LYS C 127 -38.17 21.42 -11.94
CA LYS C 127 -36.77 21.04 -11.79
C LYS C 127 -36.40 20.13 -12.96
N LEU C 128 -37.26 19.18 -13.29
CA LEU C 128 -36.98 18.27 -14.42
C LEU C 128 -36.73 19.06 -15.71
N ALA C 129 -37.58 20.05 -15.98
CA ALA C 129 -37.43 20.84 -17.20
C ALA C 129 -36.07 21.52 -17.19
N LYS C 130 -35.75 22.18 -16.08
CA LYS C 130 -34.48 22.87 -15.92
C LYS C 130 -33.34 21.89 -16.05
N LEU C 131 -33.56 20.68 -15.56
CA LEU C 131 -32.54 19.66 -15.62
C LEU C 131 -32.21 19.28 -17.07
N ILE C 132 -33.22 19.15 -17.91
CA ILE C 132 -32.97 18.81 -19.30
C ILE C 132 -32.19 19.94 -20.02
N ASP C 133 -32.43 21.20 -19.69
CA ASP C 133 -31.65 22.31 -20.28
C ASP C 133 -30.15 22.27 -19.92
N GLU C 134 -29.87 21.96 -18.66
CA GLU C 134 -28.49 21.89 -18.22
C GLU C 134 -27.77 20.70 -18.90
N VAL C 135 -28.48 19.59 -19.08
CA VAL C 135 -27.93 18.42 -19.76
C VAL C 135 -27.51 18.75 -21.18
N GLU C 136 -28.44 19.34 -21.91
CA GLU C 136 -28.23 19.66 -23.30
C GLU C 136 -27.09 20.68 -23.41
N THR C 137 -26.89 21.52 -22.40
CA THR C 137 -25.73 22.42 -22.39
C THR C 137 -24.39 21.71 -22.15
N LEU C 138 -24.37 20.77 -21.21
CA LEU C 138 -23.12 20.22 -20.73
C LEU C 138 -22.73 18.95 -21.47
N PHE C 139 -23.66 18.36 -22.19
CA PHE C 139 -23.38 17.14 -22.93
C PHE C 139 -24.01 17.25 -24.30
N PRO C 140 -23.48 18.17 -25.16
CA PRO C 140 -24.17 18.47 -26.41
C PRO C 140 -24.13 17.32 -27.39
N LEU C 141 -23.22 16.35 -27.22
CA LEU C 141 -23.22 15.21 -28.15
C LEU C 141 -24.14 14.05 -27.75
N ASN C 142 -24.98 14.25 -26.73
CA ASN C 142 -25.90 13.18 -26.32
C ASN C 142 -26.93 13.06 -27.41
N LYS C 143 -27.37 11.84 -27.70
CA LYS C 143 -28.30 11.63 -28.82
C LYS C 143 -29.70 11.27 -28.35
N GLY C 144 -30.01 11.64 -27.11
CA GLY C 144 -31.33 11.39 -26.53
C GLY C 144 -31.22 11.24 -25.00
N ILE C 145 -32.36 11.36 -24.32
CA ILE C 145 -32.43 11.36 -22.85
C ILE C 145 -33.61 10.50 -22.41
N SER C 146 -33.39 9.63 -21.41
CA SER C 146 -34.49 8.92 -20.76
C SER C 146 -34.64 9.43 -19.32
N VAL C 147 -35.86 9.38 -18.81
CA VAL C 147 -36.16 9.83 -17.46
C VAL C 147 -36.67 8.62 -16.72
N GLN C 148 -35.87 8.10 -15.79
CA GLN C 148 -36.19 6.86 -15.10
C GLN C 148 -36.77 7.21 -13.72
N SER C 149 -38.09 7.11 -13.56
CA SER C 149 -38.72 7.51 -12.31
C SER C 149 -38.38 6.59 -11.17
N GLU C 150 -38.01 7.15 -10.04
CA GLU C 150 -37.83 6.35 -8.85
C GLU C 150 -39.17 6.40 -8.06
N CYS C 151 -39.27 5.58 -7.00
CA CYS C 151 -40.48 5.48 -6.18
C CYS C 151 -41.32 6.79 -6.05
N PRO C 152 -40.78 7.91 -5.51
CA PRO C 152 -41.71 9.04 -5.21
C PRO C 152 -42.28 9.77 -6.44
N ILE C 153 -41.70 9.65 -7.61
CA ILE C 153 -42.23 10.32 -8.81
C ILE C 153 -43.62 9.80 -9.15
N GLY C 154 -43.83 8.51 -8.89
CA GLY C 154 -45.09 7.85 -9.15
C GLY C 154 -46.13 8.10 -8.09
N LEU C 155 -45.70 8.43 -6.89
CA LEU C 155 -46.65 8.67 -5.80
C LEU C 155 -47.30 10.04 -5.94
N ILE C 156 -46.46 11.06 -6.08
CA ILE C 156 -46.93 12.42 -6.10
C ILE C 156 -47.57 12.81 -7.43
N GLY C 157 -47.38 12.01 -8.49
CA GLY C 157 -48.08 12.30 -9.73
C GLY C 157 -47.47 13.41 -10.59
N ASP C 158 -46.14 13.52 -10.55
CA ASP C 158 -45.45 14.41 -11.49
C ASP C 158 -45.76 14.00 -12.94
N ASP C 159 -45.80 14.98 -13.84
CA ASP C 159 -46.26 14.84 -15.23
C ASP C 159 -45.10 14.81 -16.22
N ILE C 160 -44.26 13.79 -16.08
CA ILE C 160 -43.01 13.70 -16.85
C ILE C 160 -43.24 13.44 -18.34
N GLU C 161 -44.41 12.88 -18.71
CA GLU C 161 -44.78 12.74 -20.13
C GLU C 161 -44.90 14.13 -20.76
N SER C 162 -45.56 15.03 -20.03
CA SER C 162 -45.75 16.39 -20.53
C SER C 162 -44.41 17.09 -20.71
N VAL C 163 -43.57 16.99 -19.69
CA VAL C 163 -42.26 17.66 -19.73
C VAL C 163 -41.40 17.10 -20.88
N SER C 164 -41.58 15.80 -21.16
CA SER C 164 -40.89 15.13 -22.25
C SER C 164 -41.40 15.55 -23.63
N LYS C 165 -42.69 15.70 -23.80
CA LYS C 165 -43.21 16.19 -25.08
C LYS C 165 -42.80 17.67 -25.30
N VAL C 166 -42.98 18.50 -24.29
CA VAL C 166 -42.65 19.93 -24.37
C VAL C 166 -41.16 20.24 -24.58
N LYS C 167 -40.31 19.64 -23.76
CA LYS C 167 -38.88 19.89 -23.85
C LYS C 167 -38.31 19.23 -25.10
N GLY C 168 -38.78 18.03 -25.42
CA GLY C 168 -38.36 17.35 -26.62
C GLY C 168 -38.62 18.10 -27.92
N ALA C 169 -39.74 18.82 -27.97
CA ALA C 169 -40.11 19.63 -29.13
C ALA C 169 -39.26 20.86 -29.23
N GLU C 170 -39.08 21.50 -28.09
CA GLU C 170 -38.29 22.74 -28.01
C GLU C 170 -36.84 22.51 -28.45
N LEU C 171 -36.36 21.27 -28.30
CA LEU C 171 -34.96 20.91 -28.55
C LEU C 171 -34.76 19.88 -29.67
N SER C 172 -35.86 19.38 -30.25
CA SER C 172 -35.81 18.35 -31.29
C SER C 172 -34.92 17.17 -30.85
N LYS C 173 -35.23 16.70 -29.64
CA LYS C 173 -34.53 15.62 -29.00
C LYS C 173 -35.54 14.59 -28.52
N THR C 174 -35.28 13.32 -28.83
CA THR C 174 -36.03 12.21 -28.26
C THR C 174 -35.79 12.22 -26.73
N ILE C 175 -36.86 12.39 -25.95
CA ILE C 175 -36.80 12.28 -24.49
C ILE C 175 -37.85 11.24 -24.06
N VAL C 176 -37.40 10.14 -23.44
CA VAL C 176 -38.27 9.01 -23.13
C VAL C 176 -38.61 8.98 -21.65
N PRO C 177 -39.86 9.30 -21.30
CA PRO C 177 -40.30 9.21 -19.90
C PRO C 177 -40.62 7.75 -19.54
N VAL C 178 -40.04 7.26 -18.44
CA VAL C 178 -40.26 5.86 -18.06
C VAL C 178 -40.84 5.75 -16.66
N ARG C 179 -42.04 5.19 -16.51
CA ARG C 179 -42.58 5.12 -15.17
C ARG C 179 -42.10 3.82 -14.51
N CYS C 180 -40.81 3.72 -14.19
CA CYS C 180 -40.37 2.47 -13.59
C CYS C 180 -40.27 2.57 -12.09
N GLU C 181 -41.24 3.29 -11.48
CA GLU C 181 -41.45 3.31 -10.02
C GLU C 181 -41.17 1.96 -9.40
N GLY C 182 -40.32 1.93 -8.38
CA GLY C 182 -39.87 0.71 -7.74
C GLY C 182 -40.95 -0.12 -7.08
N PHE C 183 -42.04 0.50 -6.63
CA PHE C 183 -43.11 -0.28 -6.00
C PHE C 183 -44.02 -0.95 -7.05
N ARG C 184 -43.88 -0.60 -8.32
CA ARG C 184 -44.70 -1.28 -9.32
C ARG C 184 -44.26 -2.72 -9.46
N GLY C 185 -45.21 -3.61 -9.71
CA GLY C 185 -44.88 -5.00 -9.93
C GLY C 185 -44.42 -5.72 -8.68
N VAL C 186 -43.62 -6.76 -8.86
CA VAL C 186 -43.16 -7.54 -7.74
C VAL C 186 -41.67 -7.73 -7.78
N SER C 187 -41.03 -7.19 -8.81
CA SER C 187 -39.61 -7.46 -9.08
C SER C 187 -39.07 -6.72 -10.29
N GLN C 188 -37.89 -7.16 -10.76
CA GLN C 188 -37.27 -6.53 -11.89
C GLN C 188 -38.18 -6.68 -13.11
N SER C 189 -38.87 -7.82 -13.18
CA SER C 189 -39.63 -8.22 -14.38
C SER C 189 -40.54 -7.16 -14.98
N LEU C 190 -41.40 -6.51 -14.15
CA LEU C 190 -42.32 -5.50 -14.67
C LEU C 190 -41.52 -4.32 -15.22
N GLY C 191 -40.33 -4.08 -14.68
CA GLY C 191 -39.50 -3.03 -15.20
C GLY C 191 -39.08 -3.29 -16.63
N HIS C 192 -38.82 -4.57 -16.97
CA HIS C 192 -38.48 -4.92 -18.35
C HIS C 192 -39.64 -4.49 -19.19
N HIS C 193 -40.82 -4.87 -18.75
CA HIS C 193 -42.01 -4.66 -19.56
C HIS C 193 -42.27 -3.15 -19.77
N ILE C 194 -42.30 -2.37 -18.70
CA ILE C 194 -42.46 -0.92 -18.81
C ILE C 194 -41.32 -0.33 -19.69
N ALA C 195 -40.11 -0.90 -19.62
CA ALA C 195 -38.99 -0.46 -20.46
C ALA C 195 -39.21 -0.76 -21.94
N ASN C 196 -39.73 -1.94 -22.25
CA ASN C 196 -40.05 -2.32 -23.64
C ASN C 196 -41.22 -1.50 -24.27
N ASP C 197 -42.24 -1.19 -23.46
CA ASP C 197 -43.38 -0.42 -23.95
C ASP C 197 -42.94 1.01 -24.24
N ALA C 198 -41.98 1.50 -23.47
CA ALA C 198 -41.46 2.86 -23.69
C ALA C 198 -40.58 2.93 -24.91
N VAL C 199 -39.84 1.86 -25.18
CA VAL C 199 -39.04 1.82 -26.39
C VAL C 199 -39.99 1.89 -27.55
N ARG C 200 -41.00 1.05 -27.48
CA ARG C 200 -42.04 0.99 -28.47
C ARG C 200 -42.70 2.36 -28.72
N ASP C 201 -43.14 3.00 -27.65
CA ASP C 201 -43.94 4.23 -27.76
C ASP C 201 -43.15 5.46 -28.14
N TRP C 202 -41.88 5.51 -27.76
CA TRP C 202 -41.11 6.75 -27.95
C TRP C 202 -39.89 6.65 -28.89
N VAL C 203 -39.42 5.45 -29.24
CA VAL C 203 -38.22 5.40 -30.08
C VAL C 203 -38.39 4.56 -31.36
N LEU C 204 -38.96 3.36 -31.22
CA LEU C 204 -38.92 2.33 -32.27
C LEU C 204 -39.55 2.74 -33.60
N GLY C 205 -40.39 3.77 -33.55
CA GLY C 205 -41.09 4.19 -34.74
C GLY C 205 -40.51 5.39 -35.46
N LYS C 206 -39.38 5.94 -35.01
CA LYS C 206 -38.87 7.17 -35.58
C LYS C 206 -38.60 7.10 -37.08
N ARG C 207 -38.34 5.88 -37.60
CA ARG C 207 -37.97 5.68 -39.01
C ARG C 207 -38.95 4.84 -39.82
N ASP C 208 -40.22 4.84 -39.38
CA ASP C 208 -41.32 4.14 -40.05
C ASP C 208 -41.51 4.62 -41.50
N GLU C 209 -41.34 5.92 -41.73
CA GLU C 209 -41.54 6.53 -43.06
C GLU C 209 -40.26 6.56 -43.90
N ASP C 210 -39.11 6.41 -43.25
CA ASP C 210 -37.79 6.48 -43.88
C ASP C 210 -37.43 5.16 -44.59
N THR C 211 -36.92 5.27 -45.81
CA THR C 211 -36.52 4.10 -46.56
C THR C 211 -35.10 4.22 -47.10
N THR C 212 -34.32 5.13 -46.53
CA THR C 212 -32.92 5.33 -46.93
C THR C 212 -31.97 4.19 -46.54
N PHE C 213 -32.18 3.55 -45.40
CA PHE C 213 -31.29 2.46 -44.95
C PHE C 213 -31.21 1.29 -45.92
N ALA C 214 -29.99 0.86 -46.26
CA ALA C 214 -29.81 -0.23 -47.21
C ALA C 214 -29.86 -1.62 -46.56
N SER C 215 -30.92 -2.36 -46.89
CA SER C 215 -31.21 -3.65 -46.28
C SER C 215 -30.86 -4.89 -47.12
N THR C 216 -30.43 -5.97 -46.48
CA THR C 216 -30.09 -7.19 -47.20
C THR C 216 -30.89 -8.34 -46.64
N PRO C 217 -30.97 -9.45 -47.39
CA PRO C 217 -31.72 -10.60 -46.83
C PRO C 217 -31.01 -11.24 -45.63
N TYR C 218 -29.83 -10.73 -45.27
CA TYR C 218 -29.06 -11.30 -44.15
C TYR C 218 -29.08 -10.42 -42.88
N ASP C 219 -29.89 -9.38 -42.89
CA ASP C 219 -30.02 -8.55 -41.72
C ASP C 219 -30.71 -9.23 -40.53
N VAL C 220 -30.02 -9.19 -39.37
CA VAL C 220 -30.61 -9.64 -38.12
C VAL C 220 -30.36 -8.66 -36.97
N ALA C 221 -31.16 -8.76 -35.91
CA ALA C 221 -30.83 -8.06 -34.67
C ALA C 221 -30.62 -9.05 -33.51
N ILE C 222 -29.64 -8.75 -32.66
CA ILE C 222 -29.48 -9.45 -31.40
C ILE C 222 -30.35 -8.75 -30.36
N ILE C 223 -31.41 -9.42 -29.92
CA ILE C 223 -32.28 -8.84 -28.90
C ILE C 223 -32.10 -9.53 -27.53
N GLY C 224 -31.74 -8.77 -26.52
CA GLY C 224 -31.73 -9.32 -25.16
C GLY C 224 -30.38 -9.89 -24.81
N ASP C 225 -29.36 -9.12 -25.15
CA ASP C 225 -28.02 -9.39 -24.72
C ASP C 225 -27.40 -8.05 -24.27
N TYR C 226 -26.92 -8.06 -23.04
CA TYR C 226 -26.55 -6.81 -22.44
C TYR C 226 -25.04 -6.74 -22.31
N ASN C 227 -24.39 -7.63 -23.05
CA ASN C 227 -22.95 -7.60 -23.23
C ASN C 227 -22.14 -7.60 -21.96
N ILE C 228 -22.56 -8.40 -20.98
CA ILE C 228 -21.84 -8.56 -19.73
C ILE C 228 -20.41 -9.11 -19.96
N GLY C 229 -19.42 -8.31 -19.60
CA GLY C 229 -18.03 -8.67 -19.84
C GLY C 229 -17.71 -8.80 -21.32
N GLY C 230 -18.60 -8.32 -22.19
CA GLY C 230 -18.41 -8.45 -23.63
C GLY C 230 -19.07 -9.67 -24.27
N ASP C 231 -20.01 -10.28 -23.56
CA ASP C 231 -20.77 -11.42 -24.09
C ASP C 231 -21.31 -11.20 -25.49
N ALA C 232 -21.96 -10.06 -25.71
CA ALA C 232 -22.56 -9.75 -27.02
C ALA C 232 -21.50 -9.63 -28.13
N TRP C 233 -20.35 -9.06 -27.82
CA TRP C 233 -19.31 -8.87 -28.83
C TRP C 233 -18.77 -10.23 -29.28
N SER C 234 -18.71 -11.15 -28.30
CA SER C 234 -18.33 -12.56 -28.54
C SER C 234 -19.39 -13.40 -29.26
N SER C 235 -20.63 -12.95 -29.23
CA SER C 235 -21.69 -13.63 -29.95
C SER C 235 -21.73 -13.12 -31.38
N ARG C 236 -21.63 -11.80 -31.48
CA ARG C 236 -21.78 -11.08 -32.73
C ARG C 236 -20.81 -11.55 -33.78
N ILE C 237 -19.61 -11.92 -33.34
CA ILE C 237 -18.55 -12.31 -34.23
C ILE C 237 -18.89 -13.63 -34.91
N LEU C 238 -19.57 -14.51 -34.20
CA LEU C 238 -19.96 -15.82 -34.76
C LEU C 238 -21.03 -15.61 -35.83
N LEU C 239 -22.05 -14.81 -35.50
CA LEU C 239 -23.12 -14.54 -36.45
C LEU C 239 -22.58 -13.96 -37.77
N GLU C 240 -21.58 -13.10 -37.67
CA GLU C 240 -21.09 -12.44 -38.88
C GLU C 240 -20.11 -13.28 -39.69
N GLU C 241 -19.31 -14.11 -39.00
CA GLU C 241 -18.45 -15.07 -39.68
C GLU C 241 -19.35 -16.05 -40.44
N MET C 242 -20.57 -16.18 -39.97
CA MET C 242 -21.54 -17.04 -40.62
C MET C 242 -22.21 -16.30 -41.79
N GLY C 243 -21.79 -15.06 -42.03
CA GLY C 243 -22.27 -14.30 -43.16
C GLY C 243 -23.51 -13.45 -42.91
N LEU C 244 -24.00 -13.46 -41.67
CA LEU C 244 -25.15 -12.63 -41.32
C LEU C 244 -24.62 -11.23 -41.01
N ARG C 245 -25.49 -10.21 -41.11
CA ARG C 245 -25.13 -8.85 -40.74
C ARG C 245 -25.98 -8.34 -39.57
N CYS C 246 -25.31 -7.97 -38.48
CA CYS C 246 -26.03 -7.60 -37.28
C CYS C 246 -26.24 -6.11 -37.20
N VAL C 247 -27.43 -5.67 -37.58
CA VAL C 247 -27.77 -4.26 -37.60
C VAL C 247 -27.91 -3.67 -36.19
N ALA C 248 -28.41 -4.48 -35.26
CA ALA C 248 -28.71 -4.01 -33.90
C ALA C 248 -28.25 -4.96 -32.78
N GLN C 249 -27.99 -4.38 -31.62
CA GLN C 249 -27.79 -5.17 -30.42
C GLN C 249 -28.58 -4.49 -29.30
N TRP C 250 -29.49 -5.21 -28.69
CA TRP C 250 -30.29 -4.65 -27.61
C TRP C 250 -29.93 -5.34 -26.28
N SER C 251 -29.33 -4.61 -25.35
CA SER C 251 -29.01 -3.21 -25.53
C SER C 251 -27.53 -2.97 -25.13
N GLY C 252 -26.80 -4.08 -24.99
CA GLY C 252 -25.38 -4.03 -24.66
C GLY C 252 -24.57 -3.43 -25.79
N ASP C 253 -23.72 -2.47 -25.47
CA ASP C 253 -23.05 -1.69 -26.50
C ASP C 253 -24.04 -1.07 -27.51
N GLY C 254 -25.26 -0.77 -27.06
CA GLY C 254 -26.29 -0.33 -27.99
C GLY C 254 -26.36 1.16 -28.24
N SER C 255 -26.68 1.55 -29.48
CA SER C 255 -26.89 2.94 -29.80
C SER C 255 -28.35 3.19 -30.09
N ILE C 256 -28.75 4.44 -29.98
CA ILE C 256 -30.12 4.79 -30.22
C ILE C 256 -30.41 4.59 -31.72
N SER C 257 -29.42 4.82 -32.59
CA SER C 257 -29.68 4.55 -34.01
C SER C 257 -29.87 3.06 -34.35
N GLU C 258 -29.16 2.14 -33.70
CA GLU C 258 -29.40 0.71 -33.91
C GLU C 258 -30.84 0.31 -33.56
N ILE C 259 -31.33 0.82 -32.44
CA ILE C 259 -32.71 0.57 -32.05
C ILE C 259 -33.72 1.04 -33.13
N GLU C 260 -33.51 2.23 -33.71
CA GLU C 260 -34.42 2.77 -34.73
C GLU C 260 -34.35 2.02 -36.05
N LEU C 261 -33.24 1.34 -36.29
CA LEU C 261 -33.03 0.59 -37.52
C LEU C 261 -33.44 -0.88 -37.40
N THR C 262 -33.80 -1.32 -36.20
CA THR C 262 -34.17 -2.71 -35.97
C THR C 262 -35.41 -3.14 -36.79
N PRO C 263 -36.41 -2.24 -36.97
CA PRO C 263 -37.53 -2.64 -37.83
C PRO C 263 -37.14 -3.02 -39.26
N LYS C 264 -35.93 -2.74 -39.69
CA LYS C 264 -35.55 -3.11 -41.06
C LYS C 264 -34.91 -4.51 -41.17
N VAL C 265 -34.85 -5.28 -40.08
CA VAL C 265 -34.19 -6.58 -40.16
C VAL C 265 -35.15 -7.67 -40.65
N LYS C 266 -34.57 -8.79 -41.08
CA LYS C 266 -35.31 -9.98 -41.50
C LYS C 266 -35.62 -10.93 -40.35
N LEU C 267 -34.77 -10.95 -39.32
CA LEU C 267 -35.04 -11.88 -38.23
C LEU C 267 -34.52 -11.32 -36.90
N ASN C 268 -35.31 -11.49 -35.86
CA ASN C 268 -34.91 -11.09 -34.52
C ASN C 268 -34.34 -12.26 -33.71
N LEU C 269 -33.10 -12.12 -33.29
CA LEU C 269 -32.46 -13.18 -32.50
C LEU C 269 -32.56 -12.84 -31.01
N VAL C 270 -33.39 -13.61 -30.31
CA VAL C 270 -33.72 -13.28 -28.95
C VAL C 270 -32.92 -14.19 -28.03
N HIS C 271 -32.01 -13.59 -27.31
CA HIS C 271 -31.27 -14.34 -26.31
C HIS C 271 -32.07 -14.31 -24.98
N CYS C 272 -32.21 -13.15 -24.38
CA CYS C 272 -33.00 -13.12 -23.16
C CYS C 272 -34.47 -12.98 -23.50
N TYR C 273 -35.17 -14.10 -23.44
CA TYR C 273 -36.59 -14.14 -23.65
C TYR C 273 -37.36 -13.28 -22.63
N ARG C 274 -37.04 -13.46 -21.35
CA ARG C 274 -37.77 -12.80 -20.25
C ARG C 274 -37.84 -11.27 -20.40
N SER C 275 -36.73 -10.65 -20.71
CA SER C 275 -36.63 -9.21 -20.72
C SER C 275 -37.05 -8.50 -22.02
N MET C 276 -37.21 -9.24 -23.12
CA MET C 276 -37.49 -8.57 -24.39
C MET C 276 -38.39 -9.35 -25.31
N ASN C 277 -39.08 -10.35 -24.77
CA ASN C 277 -40.03 -11.04 -25.61
C ASN C 277 -41.20 -10.12 -26.00
N TYR C 278 -41.37 -9.03 -25.23
CA TYR C 278 -42.44 -8.04 -25.37
C TYR C 278 -42.34 -7.30 -26.68
N ILE C 279 -41.20 -6.65 -26.89
CA ILE C 279 -40.92 -5.89 -28.09
C ILE C 279 -40.79 -6.80 -29.35
N SER C 280 -40.40 -8.04 -29.11
CA SER C 280 -40.23 -9.02 -30.17
C SER C 280 -41.59 -9.48 -30.73
N ARG C 281 -42.54 -9.76 -29.83
CA ARG C 281 -43.91 -10.03 -30.28
C ARG C 281 -44.47 -8.80 -31.00
N HIS C 282 -44.25 -7.61 -30.43
CA HIS C 282 -44.74 -6.38 -31.04
C HIS C 282 -44.15 -6.16 -32.43
N MET C 283 -42.86 -6.42 -32.59
CA MET C 283 -42.24 -6.20 -33.92
C MET C 283 -42.72 -7.23 -34.94
N GLU C 284 -43.12 -8.40 -34.47
CA GLU C 284 -43.71 -9.38 -35.38
C GLU C 284 -45.12 -8.96 -35.80
N GLU C 285 -45.86 -8.43 -34.84
CA GLU C 285 -47.20 -7.96 -35.10
C GLU C 285 -47.19 -6.71 -35.99
N LYS C 286 -46.34 -5.74 -35.67
CA LYS C 286 -46.30 -4.51 -36.47
C LYS C 286 -45.47 -4.61 -37.79
N TYR C 287 -44.27 -5.17 -37.78
CA TYR C 287 -43.46 -5.11 -38.98
C TYR C 287 -43.32 -6.43 -39.73
N GLY C 288 -43.94 -7.50 -39.23
CA GLY C 288 -43.81 -8.79 -39.88
C GLY C 288 -42.50 -9.55 -39.59
N ILE C 289 -41.66 -9.00 -38.71
CA ILE C 289 -40.35 -9.65 -38.42
C ILE C 289 -40.48 -10.88 -37.51
N PRO C 290 -40.01 -12.04 -37.97
CA PRO C 290 -40.05 -13.21 -37.10
C PRO C 290 -39.03 -13.11 -35.99
N TRP C 291 -39.19 -13.87 -34.91
CA TRP C 291 -38.15 -13.91 -33.88
C TRP C 291 -37.92 -15.31 -33.39
N MET C 292 -36.71 -15.57 -32.90
CA MET C 292 -36.41 -16.90 -32.39
C MET C 292 -35.45 -16.87 -31.22
N GLU C 293 -35.67 -17.78 -30.28
CA GLU C 293 -34.79 -17.86 -29.13
C GLU C 293 -33.53 -18.68 -29.44
N TYR C 294 -32.37 -18.19 -29.00
CA TYR C 294 -31.10 -18.93 -29.11
C TYR C 294 -30.30 -18.88 -27.81
N ASN C 295 -29.33 -19.79 -27.73
CA ASN C 295 -28.51 -20.06 -26.57
C ASN C 295 -27.08 -20.20 -27.03
N PHE C 296 -26.21 -19.31 -26.60
CA PHE C 296 -24.82 -19.42 -26.97
C PHE C 296 -23.94 -19.76 -25.75
N PHE C 297 -24.51 -20.51 -24.81
CA PHE C 297 -23.73 -20.97 -23.66
C PHE C 297 -23.17 -22.38 -23.87
N GLY C 298 -21.87 -22.47 -24.16
CA GLY C 298 -21.23 -23.75 -24.37
C GLY C 298 -21.33 -24.22 -25.80
N PRO C 299 -20.51 -25.20 -26.20
CA PRO C 299 -20.43 -25.55 -27.62
C PRO C 299 -21.68 -26.24 -28.16
N THR C 300 -22.23 -27.17 -27.41
CA THR C 300 -23.42 -27.89 -27.84
C THR C 300 -24.61 -27.00 -28.14
N LYS C 301 -24.91 -26.08 -27.23
CA LYS C 301 -26.03 -25.19 -27.43
C LYS C 301 -25.67 -24.26 -28.57
N THR C 302 -24.44 -23.76 -28.60
CA THR C 302 -24.08 -22.78 -29.62
C THR C 302 -24.13 -23.42 -31.02
N ILE C 303 -23.51 -24.60 -31.16
CA ILE C 303 -23.53 -25.33 -32.43
C ILE C 303 -24.97 -25.58 -32.90
N GLU C 304 -25.82 -26.00 -31.97
CA GLU C 304 -27.23 -26.24 -32.26
C GLU C 304 -27.97 -24.96 -32.66
N SER C 305 -27.61 -23.86 -31.99
CA SER C 305 -28.19 -22.55 -32.29
C SER C 305 -27.72 -22.00 -33.64
N LEU C 306 -26.44 -22.19 -33.95
CA LEU C 306 -25.92 -21.72 -35.23
C LEU C 306 -26.66 -22.40 -36.38
N ARG C 307 -26.85 -23.71 -36.26
CA ARG C 307 -27.53 -24.49 -37.28
C ARG C 307 -29.01 -24.10 -37.42
N ALA C 308 -29.65 -23.86 -36.30
CA ALA C 308 -31.04 -23.50 -36.30
C ALA C 308 -31.27 -22.13 -36.95
N ILE C 309 -30.39 -21.17 -36.65
CA ILE C 309 -30.50 -19.83 -37.20
C ILE C 309 -30.18 -19.85 -38.71
N ALA C 310 -29.10 -20.54 -39.08
CA ALA C 310 -28.67 -20.59 -40.49
C ALA C 310 -29.72 -21.25 -41.36
N ALA C 311 -30.49 -22.16 -40.77
CA ALA C 311 -31.60 -22.78 -41.48
C ALA C 311 -32.70 -21.78 -41.86
N LYS C 312 -32.70 -20.57 -41.30
CA LYS C 312 -33.76 -19.62 -41.65
C LYS C 312 -33.42 -18.85 -42.94
N PHE C 313 -32.23 -19.09 -43.47
CA PHE C 313 -31.74 -18.41 -44.67
C PHE C 313 -31.36 -19.41 -45.78
N ASP C 314 -30.74 -18.92 -46.85
CA ASP C 314 -30.37 -19.79 -47.98
C ASP C 314 -29.19 -20.73 -47.67
N GLU C 315 -28.83 -21.56 -48.65
CA GLU C 315 -27.78 -22.56 -48.43
C GLU C 315 -26.40 -21.95 -48.29
N SER C 316 -26.20 -20.75 -48.81
CA SER C 316 -24.90 -20.10 -48.62
C SER C 316 -24.60 -19.88 -47.12
N ILE C 317 -25.59 -19.37 -46.38
CA ILE C 317 -25.43 -19.14 -44.94
C ILE C 317 -25.27 -20.50 -44.23
N GLN C 318 -25.98 -21.51 -44.69
CA GLN C 318 -25.78 -22.80 -44.07
C GLN C 318 -24.34 -23.33 -44.29
N LYS C 319 -23.79 -23.10 -45.49
CA LYS C 319 -22.43 -23.49 -45.80
C LYS C 319 -21.47 -22.78 -44.84
N LYS C 320 -21.61 -21.47 -44.71
CA LYS C 320 -20.80 -20.71 -43.79
C LYS C 320 -20.98 -21.17 -42.33
N CYS C 321 -22.17 -21.67 -41.98
CA CYS C 321 -22.42 -22.24 -40.64
C CYS C 321 -21.49 -23.41 -40.39
N GLU C 322 -21.40 -24.29 -41.37
CA GLU C 322 -20.62 -25.48 -41.18
C GLU C 322 -19.14 -25.14 -41.15
N GLU C 323 -18.75 -24.05 -41.82
CA GLU C 323 -17.39 -23.51 -41.74
C GLU C 323 -17.02 -23.02 -40.35
N VAL C 324 -17.85 -22.13 -39.77
CA VAL C 324 -17.57 -21.58 -38.43
C VAL C 324 -17.41 -22.71 -37.43
N ILE C 325 -18.31 -23.68 -37.52
CA ILE C 325 -18.23 -24.82 -36.65
C ILE C 325 -16.86 -25.54 -36.79
N ALA C 326 -16.45 -25.79 -38.04
CA ALA C 326 -15.22 -26.53 -38.26
C ALA C 326 -14.01 -25.76 -37.75
N LYS C 327 -14.07 -24.45 -37.87
CA LYS C 327 -13.00 -23.59 -37.35
C LYS C 327 -12.79 -23.70 -35.82
N TYR C 328 -13.87 -23.58 -35.04
CA TYR C 328 -13.74 -23.55 -33.58
C TYR C 328 -13.81 -24.94 -32.94
N LYS C 329 -14.10 -25.96 -33.74
CA LYS C 329 -14.11 -27.31 -33.23
C LYS C 329 -12.77 -27.67 -32.50
N PRO C 330 -11.61 -27.47 -33.14
CA PRO C 330 -10.41 -27.87 -32.35
C PRO C 330 -10.20 -27.04 -31.11
N GLU C 331 -10.68 -25.79 -31.11
CA GLU C 331 -10.56 -24.93 -29.94
C GLU C 331 -11.47 -25.33 -28.77
N TRP C 332 -12.72 -25.74 -29.01
CA TRP C 332 -13.58 -26.13 -27.88
C TRP C 332 -13.34 -27.57 -27.46
N GLU C 333 -12.82 -28.39 -28.36
CA GLU C 333 -12.43 -29.75 -27.98
C GLU C 333 -11.21 -29.79 -27.03
N ALA C 334 -10.26 -28.90 -27.22
CA ALA C 334 -9.07 -28.88 -26.38
C ALA C 334 -9.38 -28.38 -24.97
N VAL C 335 -10.29 -27.42 -24.91
CA VAL C 335 -10.83 -26.87 -23.68
C VAL C 335 -11.48 -27.96 -22.89
N VAL C 336 -12.26 -28.80 -23.59
CA VAL C 336 -12.90 -29.96 -22.98
C VAL C 336 -11.90 -30.99 -22.45
N ALA C 337 -10.89 -31.32 -23.29
CA ALA C 337 -9.84 -32.28 -22.94
C ALA C 337 -9.01 -31.82 -21.74
N LYS C 338 -8.78 -30.51 -21.65
CA LYS C 338 -8.05 -29.99 -20.52
C LYS C 338 -8.89 -29.84 -19.22
N TYR C 339 -10.08 -29.26 -19.31
CA TYR C 339 -10.85 -28.91 -18.11
C TYR C 339 -11.92 -29.90 -17.64
N ARG C 340 -12.54 -30.67 -18.54
CA ARG C 340 -13.56 -31.63 -18.12
C ARG C 340 -13.01 -32.72 -17.19
N PRO C 341 -11.78 -33.21 -17.43
CA PRO C 341 -11.32 -34.22 -16.47
C PRO C 341 -11.24 -33.68 -15.04
N ARG C 342 -11.06 -32.36 -14.91
CA ARG C 342 -10.97 -31.70 -13.60
C ARG C 342 -12.37 -31.40 -13.03
N LEU C 343 -13.42 -31.47 -13.85
CA LEU C 343 -14.76 -31.06 -13.40
C LEU C 343 -15.81 -32.19 -13.46
N GLU C 344 -15.49 -33.28 -14.17
CA GLU C 344 -16.41 -34.40 -14.33
C GLU C 344 -17.07 -34.86 -13.02
N GLY C 345 -18.38 -35.06 -13.04
CA GLY C 345 -19.06 -35.57 -11.88
C GLY C 345 -19.43 -34.53 -10.84
N LYS C 346 -18.93 -33.30 -10.97
CA LYS C 346 -19.23 -32.24 -9.97
C LYS C 346 -20.68 -31.72 -10.02
N ARG C 347 -21.22 -31.43 -8.85
CA ARG C 347 -22.62 -31.01 -8.72
C ARG C 347 -22.73 -29.52 -8.40
N VAL C 348 -23.59 -28.81 -9.14
CA VAL C 348 -23.75 -27.37 -8.98
C VAL C 348 -25.21 -26.99 -8.70
N MET C 349 -25.40 -26.02 -7.81
CA MET C 349 -26.71 -25.40 -7.61
C MET C 349 -26.69 -23.98 -8.11
N LEU C 350 -27.73 -23.58 -8.85
CA LEU C 350 -27.81 -22.24 -9.39
C LEU C 350 -29.01 -21.43 -8.86
N TYR C 351 -28.82 -20.12 -8.75
CA TYR C 351 -29.93 -19.20 -8.50
C TYR C 351 -29.65 -17.88 -9.15
N ILE C 352 -30.38 -17.54 -10.19
CA ILE C 352 -30.13 -16.28 -10.86
C ILE C 352 -31.48 -15.64 -11.21
N GLY C 353 -31.51 -14.63 -12.08
CA GLY C 353 -32.68 -13.79 -12.33
C GLY C 353 -33.85 -14.34 -13.13
N GLY C 354 -33.69 -14.37 -14.45
CA GLY C 354 -34.77 -14.77 -15.34
C GLY C 354 -34.38 -15.53 -16.61
N LEU C 355 -33.09 -15.73 -16.86
CA LEU C 355 -32.69 -16.43 -18.09
C LEU C 355 -31.65 -17.51 -17.82
N ARG C 356 -30.53 -17.08 -17.26
CA ARG C 356 -29.39 -17.97 -17.04
C ARG C 356 -29.64 -19.28 -16.22
N PRO C 357 -30.63 -19.32 -15.28
CA PRO C 357 -30.80 -20.58 -14.53
C PRO C 357 -31.10 -21.81 -15.38
N ARG C 358 -31.62 -21.61 -16.57
CA ARG C 358 -31.81 -22.73 -17.47
C ARG C 358 -30.76 -22.64 -18.59
N HIS C 359 -30.40 -21.42 -18.98
CA HIS C 359 -29.62 -21.22 -20.19
C HIS C 359 -28.21 -21.78 -20.12
N VAL C 360 -27.62 -21.79 -18.93
CA VAL C 360 -26.22 -22.16 -18.80
C VAL C 360 -26.03 -23.63 -18.44
N ILE C 361 -27.13 -24.34 -18.27
CA ILE C 361 -27.06 -25.74 -17.91
C ILE C 361 -26.25 -26.49 -18.97
N GLY C 362 -26.40 -26.06 -20.23
CA GLY C 362 -25.71 -26.71 -21.32
C GLY C 362 -24.19 -26.72 -21.16
N ALA C 363 -23.63 -25.57 -20.76
CA ALA C 363 -22.19 -25.38 -20.65
C ALA C 363 -21.59 -26.25 -19.55
N TYR C 364 -22.28 -26.34 -18.43
CA TYR C 364 -21.90 -27.20 -17.33
C TYR C 364 -21.85 -28.67 -17.74
N GLU C 365 -22.83 -29.11 -18.53
CA GLU C 365 -22.87 -30.50 -18.94
C GLU C 365 -21.70 -30.78 -19.88
N ASP C 366 -21.35 -29.82 -20.72
CA ASP C 366 -20.22 -29.94 -21.64
C ASP C 366 -18.86 -30.11 -20.92
N LEU C 367 -18.81 -29.84 -19.61
CA LEU C 367 -17.63 -30.06 -18.81
C LEU C 367 -17.87 -31.25 -17.85
N GLY C 368 -19.00 -31.92 -18.02
CA GLY C 368 -19.28 -33.10 -17.22
C GLY C 368 -19.82 -32.80 -15.85
N MET C 369 -20.37 -31.60 -15.70
CA MET C 369 -20.92 -31.22 -14.42
C MET C 369 -22.43 -31.42 -14.43
N GLU C 370 -23.01 -31.59 -13.25
CA GLU C 370 -24.45 -31.76 -13.17
C GLU C 370 -25.14 -30.62 -12.40
N VAL C 371 -26.23 -30.11 -12.95
CA VAL C 371 -27.06 -29.14 -12.25
C VAL C 371 -28.07 -29.86 -11.39
N VAL C 372 -27.87 -29.83 -10.07
CA VAL C 372 -28.74 -30.58 -9.14
C VAL C 372 -29.87 -29.72 -8.61
N GLY C 373 -29.66 -28.40 -8.65
CA GLY C 373 -30.68 -27.47 -8.24
C GLY C 373 -30.58 -26.19 -9.03
N THR C 374 -31.72 -25.57 -9.27
CA THR C 374 -31.74 -24.29 -9.95
C THR C 374 -33.05 -23.59 -9.63
N GLY C 375 -33.05 -22.27 -9.79
CA GLY C 375 -34.25 -21.49 -9.60
C GLY C 375 -34.04 -20.07 -10.07
N TYR C 376 -35.11 -19.28 -10.09
CA TYR C 376 -35.05 -17.90 -10.54
C TYR C 376 -35.49 -16.89 -9.48
N GLU C 377 -34.96 -15.68 -9.55
CA GLU C 377 -35.52 -14.57 -8.80
C GLU C 377 -36.92 -14.18 -9.29
N PHE C 378 -37.16 -14.19 -10.60
CA PHE C 378 -38.40 -13.59 -11.09
C PHE C 378 -38.97 -14.13 -12.43
N ALA C 379 -38.67 -15.36 -12.78
CA ALA C 379 -39.23 -15.92 -14.01
C ALA C 379 -40.75 -15.99 -13.93
N HIS C 380 -41.36 -16.11 -15.11
CA HIS C 380 -42.80 -16.40 -15.20
C HIS C 380 -42.94 -17.86 -15.54
N ASN C 381 -44.16 -18.38 -15.53
CA ASN C 381 -44.35 -19.80 -15.82
C ASN C 381 -43.87 -20.24 -17.20
N ASP C 382 -43.82 -19.32 -18.17
CA ASP C 382 -43.29 -19.74 -19.48
C ASP C 382 -41.77 -19.99 -19.45
N ASP C 383 -41.07 -19.39 -18.50
CA ASP C 383 -39.66 -19.71 -18.29
C ASP C 383 -39.51 -21.08 -17.66
N TYR C 384 -40.37 -21.39 -16.69
CA TYR C 384 -40.31 -22.70 -16.06
C TYR C 384 -40.81 -23.80 -17.02
N ASP C 385 -41.60 -23.42 -18.04
CA ASP C 385 -41.99 -24.39 -19.08
C ASP C 385 -40.76 -24.85 -19.85
N ARG C 386 -39.88 -23.90 -20.16
CA ARG C 386 -38.64 -24.15 -20.87
C ARG C 386 -37.59 -24.83 -19.99
N THR C 387 -37.73 -24.65 -18.68
CA THR C 387 -36.74 -25.09 -17.71
C THR C 387 -36.76 -26.59 -17.39
N MET C 388 -37.94 -27.15 -17.24
CA MET C 388 -38.08 -28.48 -16.66
C MET C 388 -37.53 -29.62 -17.51
N LYS C 389 -37.59 -29.50 -18.83
CA LYS C 389 -36.96 -30.48 -19.71
C LYS C 389 -35.43 -30.36 -19.72
N GLU C 390 -34.92 -29.21 -19.32
CA GLU C 390 -33.48 -29.01 -19.28
C GLU C 390 -32.87 -29.55 -18.00
N MET C 391 -33.68 -29.67 -16.94
CA MET C 391 -33.21 -30.22 -15.67
C MET C 391 -33.44 -31.73 -15.64
N GLY C 392 -32.67 -32.42 -14.80
CA GLY C 392 -32.84 -33.86 -14.61
C GLY C 392 -33.98 -34.18 -13.63
N ASP C 393 -34.43 -35.43 -13.60
CA ASP C 393 -35.52 -35.81 -12.71
C ASP C 393 -35.12 -35.78 -11.25
N SER C 394 -36.05 -35.37 -10.39
CA SER C 394 -35.80 -35.28 -8.93
C SER C 394 -34.72 -34.26 -8.60
N THR C 395 -34.58 -33.25 -9.45
CA THR C 395 -33.80 -32.07 -9.11
C THR C 395 -34.69 -31.01 -8.42
N LEU C 396 -34.07 -30.13 -7.65
CA LEU C 396 -34.87 -29.14 -6.93
C LEU C 396 -35.00 -27.84 -7.76
N LEU C 397 -36.22 -27.29 -7.77
CA LEU C 397 -36.58 -26.02 -8.41
C LEU C 397 -37.15 -25.07 -7.34
N TYR C 398 -36.66 -23.84 -7.33
CA TYR C 398 -37.09 -22.84 -6.37
C TYR C 398 -37.34 -21.49 -7.07
N ASP C 399 -38.32 -20.76 -6.58
CA ASP C 399 -38.65 -19.47 -7.15
C ASP C 399 -38.73 -18.43 -6.06
N ASP C 400 -38.10 -17.29 -6.29
CA ASP C 400 -37.96 -16.22 -5.30
C ASP C 400 -37.56 -16.82 -3.97
N VAL C 401 -36.55 -17.70 -4.02
CA VAL C 401 -36.09 -18.44 -2.85
C VAL C 401 -35.67 -17.44 -1.75
N THR C 402 -35.86 -17.82 -0.51
CA THR C 402 -35.46 -16.96 0.60
C THR C 402 -34.01 -17.29 1.01
N GLY C 403 -33.35 -16.35 1.70
CA GLY C 403 -32.00 -16.54 2.15
C GLY C 403 -31.90 -17.80 2.99
N TYR C 404 -32.91 -17.99 3.85
CA TYR C 404 -33.02 -19.14 4.73
C TYR C 404 -33.22 -20.45 3.97
N GLU C 405 -34.15 -20.45 3.00
CA GLU C 405 -34.45 -21.65 2.24
C GLU C 405 -33.22 -22.11 1.49
N PHE C 406 -32.58 -21.17 0.80
CA PHE C 406 -31.42 -21.49 -0.01
C PHE C 406 -30.27 -22.02 0.82
N GLU C 407 -30.13 -21.44 2.01
CA GLU C 407 -29.11 -21.82 2.98
C GLU C 407 -29.29 -23.29 3.39
N GLU C 408 -30.51 -23.65 3.76
CA GLU C 408 -30.86 -25.00 4.19
C GLU C 408 -30.85 -26.04 3.06
N PHE C 409 -31.28 -25.66 1.85
CA PHE C 409 -31.24 -26.60 0.74
C PHE C 409 -29.81 -27.01 0.48
N VAL C 410 -28.92 -26.04 0.46
CA VAL C 410 -27.53 -26.31 0.21
C VAL C 410 -26.92 -27.19 1.32
N LYS C 411 -27.32 -26.97 2.58
CA LYS C 411 -26.79 -27.79 3.69
C LYS C 411 -27.09 -29.25 3.47
N ARG C 412 -28.26 -29.57 2.94
CA ARG C 412 -28.63 -30.97 2.71
C ARG C 412 -28.03 -31.47 1.41
N ILE C 413 -28.29 -30.78 0.31
CA ILE C 413 -27.84 -31.24 -0.99
C ILE C 413 -26.30 -31.26 -1.16
N LYS C 414 -25.60 -30.37 -0.46
CA LYS C 414 -24.13 -30.27 -0.52
C LYS C 414 -23.56 -30.27 -1.94
N PRO C 415 -23.82 -29.21 -2.71
CA PRO C 415 -23.21 -29.16 -4.04
C PRO C 415 -21.71 -28.80 -3.97
N ASP C 416 -20.99 -29.04 -5.05
CA ASP C 416 -19.57 -28.70 -5.09
C ASP C 416 -19.36 -27.25 -5.45
N LEU C 417 -20.37 -26.68 -6.12
CA LEU C 417 -20.31 -25.34 -6.65
C LEU C 417 -21.68 -24.68 -6.64
N ILE C 418 -21.70 -23.39 -6.29
CA ILE C 418 -22.92 -22.63 -6.40
C ILE C 418 -22.63 -21.48 -7.34
N GLY C 419 -23.60 -21.14 -8.18
CA GLY C 419 -23.48 -20.02 -9.05
C GLY C 419 -24.70 -19.15 -8.83
N SER C 420 -24.48 -17.97 -8.25
CA SER C 420 -25.53 -17.05 -7.88
C SER C 420 -25.01 -15.60 -7.87
N GLY C 421 -25.60 -14.71 -7.06
CA GLY C 421 -25.24 -13.30 -7.08
C GLY C 421 -24.39 -12.75 -5.96
N ILE C 422 -24.05 -11.46 -6.00
CA ILE C 422 -23.18 -10.86 -4.99
C ILE C 422 -23.72 -10.96 -3.54
N LYS C 423 -25.03 -11.06 -3.38
CA LYS C 423 -25.62 -11.07 -2.03
C LYS C 423 -25.43 -12.44 -1.37
N GLU C 424 -25.28 -13.48 -2.22
CA GLU C 424 -25.15 -14.90 -1.88
C GLU C 424 -23.71 -15.33 -1.62
N LYS C 425 -22.81 -14.62 -2.29
CA LYS C 425 -21.43 -14.99 -2.47
C LYS C 425 -20.74 -15.36 -1.18
N PHE C 426 -20.74 -14.41 -0.26
CA PHE C 426 -19.91 -14.49 0.92
C PHE C 426 -20.53 -15.40 1.98
N ILE C 427 -21.81 -15.69 1.85
CA ILE C 427 -22.44 -16.62 2.77
C ILE C 427 -21.79 -17.97 2.51
N PHE C 428 -21.77 -18.37 1.26
CA PHE C 428 -21.35 -19.74 0.93
C PHE C 428 -19.85 -19.97 0.90
N GLN C 429 -19.03 -18.95 0.66
CA GLN C 429 -17.59 -19.08 0.84
C GLN C 429 -17.24 -19.42 2.28
N LYS C 430 -17.96 -18.80 3.23
CA LYS C 430 -17.71 -19.02 4.63
C LYS C 430 -18.05 -20.45 5.01
N MET C 431 -19.01 -21.04 4.27
CA MET C 431 -19.38 -22.46 4.42
C MET C 431 -18.41 -23.44 3.77
N GLY C 432 -17.42 -22.93 3.06
CA GLY C 432 -16.44 -23.78 2.41
C GLY C 432 -16.97 -24.26 1.06
N ILE C 433 -17.96 -23.58 0.52
CA ILE C 433 -18.49 -23.99 -0.77
C ILE C 433 -18.09 -23.01 -1.85
N PRO C 434 -17.32 -23.50 -2.85
CA PRO C 434 -16.85 -22.81 -4.05
C PRO C 434 -17.99 -22.05 -4.69
N PHE C 435 -17.75 -20.83 -5.09
CA PHE C 435 -18.86 -19.99 -5.51
C PHE C 435 -18.47 -19.12 -6.70
N ARG C 436 -19.31 -19.09 -7.73
CA ARG C 436 -19.06 -18.22 -8.85
C ARG C 436 -20.21 -17.25 -9.02
N GLN C 437 -19.89 -15.99 -9.26
CA GLN C 437 -20.96 -15.04 -9.53
C GLN C 437 -21.49 -15.32 -10.92
N MET C 438 -22.79 -15.53 -11.03
CA MET C 438 -23.42 -15.77 -12.35
C MET C 438 -24.25 -14.56 -12.85
N HIS C 439 -24.08 -13.39 -12.24
CA HIS C 439 -24.60 -12.21 -12.93
C HIS C 439 -23.39 -11.52 -13.56
N SER C 440 -22.44 -11.16 -12.70
CA SER C 440 -21.30 -10.37 -13.12
C SER C 440 -20.18 -11.23 -13.72
N TRP C 441 -20.29 -12.56 -13.63
CA TRP C 441 -19.21 -13.47 -14.03
C TRP C 441 -17.91 -13.25 -13.18
N ASP C 442 -18.06 -12.74 -11.95
CA ASP C 442 -16.95 -12.47 -11.05
C ASP C 442 -15.90 -11.64 -11.73
N TYR C 443 -16.35 -10.66 -12.52
CA TYR C 443 -15.52 -9.64 -13.17
C TYR C 443 -14.67 -10.33 -14.24
N SER C 444 -15.15 -11.43 -14.76
CA SER C 444 -14.43 -12.16 -15.79
C SER C 444 -15.31 -12.26 -17.04
N GLY C 445 -15.22 -13.34 -17.81
CA GLY C 445 -16.03 -13.45 -19.02
C GLY C 445 -15.34 -12.80 -20.21
N PRO C 446 -15.98 -12.82 -21.39
CA PRO C 446 -17.35 -13.28 -21.66
C PRO C 446 -17.52 -14.77 -21.45
N TYR C 447 -18.75 -15.26 -21.29
CA TYR C 447 -19.01 -16.69 -21.29
C TYR C 447 -19.79 -17.10 -22.53
N HIS C 448 -20.39 -16.14 -23.27
CA HIS C 448 -21.13 -16.48 -24.50
C HIS C 448 -20.22 -16.94 -25.69
N GLY C 449 -20.67 -17.97 -26.42
CA GLY C 449 -20.04 -18.39 -27.67
C GLY C 449 -18.84 -19.28 -27.44
N PHE C 450 -18.06 -19.52 -28.49
CA PHE C 450 -16.88 -20.41 -28.39
C PHE C 450 -15.72 -19.81 -27.57
N ASP C 451 -15.48 -18.51 -27.76
CA ASP C 451 -14.40 -17.81 -27.04
C ASP C 451 -14.68 -17.67 -25.57
N GLY C 452 -15.96 -17.49 -25.24
CA GLY C 452 -16.34 -17.38 -23.86
C GLY C 452 -16.24 -18.70 -23.14
N PHE C 453 -16.55 -19.80 -23.82
CA PHE C 453 -16.58 -21.11 -23.17
C PHE C 453 -15.20 -21.42 -22.55
N ALA C 454 -14.14 -21.05 -23.26
CA ALA C 454 -12.76 -21.15 -22.76
C ALA C 454 -12.58 -20.41 -21.41
N ILE C 455 -13.08 -19.19 -21.33
CA ILE C 455 -12.99 -18.46 -20.08
C ILE C 455 -13.92 -19.12 -19.04
N PHE C 456 -15.08 -19.60 -19.52
CA PHE C 456 -16.01 -20.32 -18.66
C PHE C 456 -15.42 -21.60 -18.01
N ALA C 457 -14.72 -22.38 -18.82
CA ALA C 457 -14.11 -23.61 -18.33
C ALA C 457 -13.02 -23.29 -17.30
N ARG C 458 -12.19 -22.31 -17.62
CA ARG C 458 -11.09 -21.92 -16.77
C ARG C 458 -11.56 -21.35 -15.42
N ASP C 459 -12.67 -20.60 -15.43
CA ASP C 459 -13.22 -20.00 -14.21
C ASP C 459 -13.86 -21.03 -13.29
N MET C 460 -14.61 -21.98 -13.86
CA MET C 460 -15.24 -23.02 -13.06
C MET C 460 -14.17 -23.94 -12.40
N ASP C 461 -13.10 -24.24 -13.13
CA ASP C 461 -12.02 -25.06 -12.57
C ASP C 461 -11.13 -24.30 -11.56
N MET C 462 -10.77 -23.05 -11.83
CA MET C 462 -9.90 -22.30 -10.94
C MET C 462 -10.54 -22.19 -9.57
N THR C 463 -11.86 -22.09 -9.56
CA THR C 463 -12.54 -21.79 -8.33
C THR C 463 -12.84 -23.04 -7.54
N LEU C 464 -13.38 -24.02 -8.23
CA LEU C 464 -13.82 -25.23 -7.59
C LEU C 464 -12.59 -25.99 -7.04
N ASN C 465 -11.50 -26.00 -7.81
CA ASN C 465 -10.32 -26.75 -7.46
C ASN C 465 -9.25 -25.93 -6.77
N ASN C 466 -9.60 -24.75 -6.28
CA ASN C 466 -8.64 -23.87 -5.63
C ASN C 466 -8.10 -24.46 -4.32
N PRO C 467 -6.82 -24.16 -4.01
CA PRO C 467 -6.19 -24.66 -2.78
C PRO C 467 -6.80 -24.05 -1.52
N CYS C 468 -7.52 -22.93 -1.64
CA CYS C 468 -8.10 -22.30 -0.44
C CYS C 468 -9.21 -23.14 0.17
N TRP C 469 -9.92 -23.92 -0.64
CA TRP C 469 -11.05 -24.70 -0.12
C TRP C 469 -10.66 -25.86 0.83
N LYS C 470 -9.40 -26.28 0.81
CA LYS C 470 -8.97 -27.31 1.75
C LYS C 470 -8.48 -26.73 3.08
N LYS C 471 -8.55 -25.41 3.24
CA LYS C 471 -7.95 -24.76 4.40
C LYS C 471 -8.94 -24.30 5.47
N LEU C 472 -10.22 -24.60 5.33
CA LEU C 472 -11.20 -24.00 6.24
C LEU C 472 -11.19 -24.49 7.70
N GLN C 473 -10.73 -25.71 7.94
CA GLN C 473 -10.68 -26.19 9.32
C GLN C 473 -9.28 -26.04 9.88
N ALA C 474 -9.14 -25.46 11.06
CA ALA C 474 -7.84 -25.40 11.71
C ALA C 474 -7.41 -26.82 12.12
N PRO C 475 -6.13 -27.16 11.92
CA PRO C 475 -5.65 -28.52 12.15
C PRO C 475 -5.94 -29.00 13.57
N TRP C 476 -5.97 -28.07 14.50
CA TRP C 476 -6.20 -28.38 15.91
C TRP C 476 -7.66 -28.29 16.33
N GLU C 477 -8.49 -27.87 15.38
CA GLU C 477 -9.92 -27.53 15.60
C GLU C 477 -10.04 -26.14 16.26
N SER D 1 -10.79 -16.24 -31.19
CA SER D 1 -9.94 -17.43 -31.02
C SER D 1 -9.34 -17.47 -29.66
N GLN D 2 -9.13 -18.68 -29.18
CA GLN D 2 -8.44 -18.87 -27.91
C GLN D 2 -7.36 -19.93 -28.03
N GLN D 3 -6.16 -19.59 -27.58
CA GLN D 3 -5.10 -20.58 -27.34
C GLN D 3 -5.35 -21.20 -25.96
N VAL D 4 -5.66 -22.49 -25.92
CA VAL D 4 -6.08 -23.16 -24.70
C VAL D 4 -5.07 -23.08 -23.53
N ASP D 5 -3.81 -22.86 -23.87
CA ASP D 5 -2.71 -22.74 -22.91
C ASP D 5 -2.66 -21.37 -22.26
N LYS D 6 -3.28 -20.38 -22.92
CA LYS D 6 -3.29 -19.00 -22.46
C LYS D 6 -4.61 -18.32 -22.82
N ILE D 7 -5.65 -18.63 -22.08
CA ILE D 7 -6.95 -18.08 -22.36
C ILE D 7 -6.98 -16.58 -22.02
N LYS D 8 -7.57 -15.79 -22.90
CA LYS D 8 -7.70 -14.34 -22.66
C LYS D 8 -9.12 -14.00 -22.25
N ALA D 9 -9.26 -13.25 -21.16
CA ALA D 9 -10.54 -12.65 -20.78
C ALA D 9 -10.78 -11.36 -21.62
N SER D 10 -11.92 -10.67 -21.38
CA SER D 10 -12.35 -9.53 -22.22
C SER D 10 -11.19 -8.58 -22.54
N TYR D 11 -10.39 -8.25 -21.53
CA TYR D 11 -9.10 -7.64 -21.78
C TYR D 11 -8.11 -8.78 -21.55
N PRO D 12 -7.25 -9.10 -22.54
CA PRO D 12 -7.06 -8.37 -23.80
C PRO D 12 -7.76 -8.94 -25.00
N LEU D 13 -8.65 -9.90 -24.85
CA LEU D 13 -9.27 -10.60 -25.98
C LEU D 13 -9.78 -9.66 -27.09
N PHE D 14 -10.53 -8.63 -26.71
CA PHE D 14 -11.20 -7.81 -27.73
C PHE D 14 -10.25 -6.87 -28.45
N LEU D 15 -8.95 -6.98 -28.13
CA LEU D 15 -7.90 -6.32 -28.88
C LEU D 15 -7.39 -7.18 -30.06
N ASP D 16 -7.84 -8.42 -30.19
CA ASP D 16 -7.51 -9.25 -31.37
C ASP D 16 -8.02 -8.58 -32.65
N GLN D 17 -7.30 -8.77 -33.75
CA GLN D 17 -7.62 -8.13 -35.01
C GLN D 17 -9.04 -8.42 -35.49
N ASP D 18 -9.50 -9.67 -35.39
CA ASP D 18 -10.88 -9.92 -35.84
C ASP D 18 -11.95 -9.18 -35.02
N TYR D 19 -11.80 -9.06 -33.69
CA TYR D 19 -12.81 -8.30 -32.90
C TYR D 19 -12.79 -6.82 -33.21
N LYS D 20 -11.58 -6.28 -33.30
CA LYS D 20 -11.36 -4.87 -33.62
C LYS D 20 -11.99 -4.51 -34.98
N ASP D 21 -11.81 -5.42 -35.94
CA ASP D 21 -12.33 -5.18 -37.28
C ASP D 21 -13.85 -5.19 -37.21
N MET D 22 -14.39 -6.19 -36.51
CA MET D 22 -15.84 -6.29 -36.30
C MET D 22 -16.47 -5.06 -35.60
N LEU D 23 -15.76 -4.48 -34.65
CA LEU D 23 -16.27 -3.31 -33.90
C LEU D 23 -16.23 -2.06 -34.77
N ALA D 24 -15.33 -2.06 -35.74
CA ALA D 24 -15.14 -0.94 -36.64
C ALA D 24 -16.34 -0.85 -37.56
N LYS D 25 -16.80 -2.03 -37.96
CA LYS D 25 -17.96 -2.20 -38.84
C LYS D 25 -19.26 -1.87 -38.10
N LYS D 26 -19.34 -2.25 -36.82
CA LYS D 26 -20.51 -1.90 -35.99
C LYS D 26 -20.69 -0.40 -35.94
N ARG D 27 -19.62 0.29 -35.57
CA ARG D 27 -19.60 1.73 -35.47
C ARG D 27 -19.96 2.41 -36.81
N ASP D 28 -19.24 2.07 -37.88
CA ASP D 28 -19.48 2.70 -39.19
C ASP D 28 -20.88 2.48 -39.75
N GLY D 29 -21.36 1.24 -39.68
CA GLY D 29 -22.64 0.85 -40.24
C GLY D 29 -23.93 1.29 -39.57
N PHE D 30 -23.96 1.22 -38.24
CA PHE D 30 -25.23 1.33 -37.53
C PHE D 30 -25.24 2.29 -36.37
N GLU D 31 -24.08 2.71 -35.93
CA GLU D 31 -24.00 3.54 -34.74
C GLU D 31 -24.29 5.01 -34.99
N GLU D 32 -24.15 5.48 -36.22
CA GLU D 32 -24.36 6.89 -36.56
C GLU D 32 -23.63 7.79 -35.53
N LYS D 33 -22.35 7.50 -35.37
CA LYS D 33 -21.49 8.06 -34.33
C LYS D 33 -20.91 9.38 -34.80
N TYR D 34 -20.79 10.35 -33.90
CA TYR D 34 -20.12 11.60 -34.21
C TYR D 34 -18.70 11.35 -34.62
N PRO D 35 -18.19 12.10 -35.61
CA PRO D 35 -16.80 11.96 -36.09
C PRO D 35 -15.79 12.11 -34.94
N GLN D 36 -14.67 11.40 -35.02
CA GLN D 36 -13.69 11.44 -33.94
C GLN D 36 -13.27 12.87 -33.73
N ASP D 37 -13.13 13.59 -34.85
CA ASP D 37 -12.78 15.00 -34.87
C ASP D 37 -13.63 15.80 -33.89
N LYS D 38 -14.93 15.59 -33.96
CA LYS D 38 -15.85 16.32 -33.12
C LYS D 38 -15.72 15.87 -31.66
N ILE D 39 -15.59 14.55 -31.45
CA ILE D 39 -15.52 14.02 -30.11
C ILE D 39 -14.32 14.61 -29.41
N ASP D 40 -13.17 14.64 -30.09
CA ASP D 40 -11.96 15.22 -29.50
C ASP D 40 -12.11 16.70 -29.16
N GLU D 41 -12.79 17.45 -30.02
CA GLU D 41 -13.06 18.86 -29.78
C GLU D 41 -14.05 19.05 -28.62
N VAL D 42 -15.11 18.27 -28.57
CA VAL D 42 -15.99 18.31 -27.42
C VAL D 42 -15.24 17.94 -26.14
N PHE D 43 -14.39 16.89 -26.21
CA PHE D 43 -13.66 16.46 -25.02
C PHE D 43 -12.82 17.59 -24.48
N GLN D 44 -12.05 18.22 -25.36
CA GLN D 44 -11.14 19.31 -25.00
C GLN D 44 -11.87 20.47 -24.35
N TRP D 45 -13.05 20.76 -24.90
CA TRP D 45 -13.88 21.82 -24.41
C TRP D 45 -14.32 21.58 -22.97
N THR D 46 -14.57 20.32 -22.61
CA THR D 46 -15.03 20.02 -21.26
C THR D 46 -13.94 20.10 -20.21
N THR D 47 -12.70 20.29 -20.65
CA THR D 47 -11.58 20.45 -19.73
C THR D 47 -11.28 21.96 -19.53
N THR D 48 -12.06 22.86 -20.15
CA THR D 48 -11.71 24.28 -20.05
C THR D 48 -12.37 25.07 -18.91
N LYS D 49 -11.92 26.30 -18.79
CA LYS D 49 -12.44 27.23 -17.81
C LYS D 49 -13.86 27.64 -18.15
N GLU D 50 -14.18 27.68 -19.44
CA GLU D 50 -15.50 28.10 -19.89
C GLU D 50 -16.56 27.04 -19.61
N TYR D 51 -16.19 25.78 -19.83
CA TYR D 51 -17.07 24.67 -19.47
C TYR D 51 -17.25 24.64 -17.94
N GLN D 52 -16.22 24.97 -17.19
CA GLN D 52 -16.31 24.98 -15.74
C GLN D 52 -17.35 26.01 -15.28
N GLU D 53 -17.33 27.18 -15.91
CA GLU D 53 -18.27 28.21 -15.53
C GLU D 53 -19.69 27.75 -15.72
N LEU D 54 -19.99 27.14 -16.86
CA LEU D 54 -21.32 26.57 -17.14
C LEU D 54 -21.67 25.47 -16.12
N ASN D 55 -20.74 24.52 -15.97
CA ASN D 55 -20.85 23.42 -15.02
C ASN D 55 -21.17 23.94 -13.63
N PHE D 56 -20.56 25.05 -13.23
CA PHE D 56 -20.85 25.54 -11.88
C PHE D 56 -22.08 26.43 -11.83
N GLN D 57 -22.81 26.56 -12.96
CA GLN D 57 -24.08 27.28 -12.96
C GLN D 57 -25.26 26.32 -12.76
N ARG D 58 -24.97 25.02 -12.67
CA ARG D 58 -26.05 24.04 -12.51
C ARG D 58 -26.90 24.26 -11.26
N GLU D 59 -28.20 24.06 -11.43
CA GLU D 59 -29.16 24.26 -10.37
C GLU D 59 -30.07 23.06 -10.20
N ALA D 60 -30.15 22.18 -11.19
CA ALA D 60 -31.17 21.14 -11.10
C ALA D 60 -30.61 19.75 -11.37
N LEU D 61 -29.57 19.69 -12.20
CA LEU D 61 -28.96 18.45 -12.62
C LEU D 61 -27.87 18.09 -11.66
N THR D 62 -27.87 16.83 -11.19
CA THR D 62 -26.74 16.26 -10.45
C THR D 62 -26.08 15.15 -11.28
N VAL D 63 -24.74 15.16 -11.35
CA VAL D 63 -23.96 14.16 -12.11
C VAL D 63 -22.86 13.52 -11.24
N ASN D 64 -22.87 12.21 -11.08
CA ASN D 64 -21.88 11.52 -10.24
C ASN D 64 -21.81 12.06 -8.81
N PRO D 65 -22.88 11.89 -8.05
CA PRO D 65 -22.83 12.44 -6.70
C PRO D 65 -21.89 11.65 -5.81
N ALA D 66 -21.55 12.27 -4.68
CA ALA D 66 -20.65 11.67 -3.70
C ALA D 66 -21.40 11.52 -2.38
N LYS D 67 -22.51 10.79 -2.45
CA LYS D 67 -23.31 10.48 -1.26
C LYS D 67 -24.38 9.42 -1.60
N ALA D 68 -24.97 8.82 -0.58
CA ALA D 68 -26.09 7.90 -0.79
C ALA D 68 -27.22 8.29 0.14
N CYS D 69 -28.31 7.53 0.21
CA CYS D 69 -29.46 8.04 0.96
C CYS D 69 -29.56 7.51 2.39
N GLN D 70 -30.49 8.03 3.17
CA GLN D 70 -30.52 7.79 4.62
C GLN D 70 -30.58 6.31 5.06
N PRO D 71 -31.51 5.52 4.49
CA PRO D 71 -31.56 4.17 5.09
C PRO D 71 -30.22 3.36 5.00
N LEU D 72 -29.34 3.64 4.04
CA LEU D 72 -28.05 2.95 3.99
C LEU D 72 -27.31 3.09 5.31
N GLY D 73 -27.30 4.29 5.86
CA GLY D 73 -26.73 4.56 7.18
C GLY D 73 -27.46 3.87 8.33
N ALA D 74 -28.79 3.78 8.22
CA ALA D 74 -29.59 3.16 9.27
C ALA D 74 -29.21 1.70 9.39
N VAL D 75 -29.09 1.07 8.24
CA VAL D 75 -28.80 -0.33 8.16
C VAL D 75 -27.44 -0.60 8.83
N LEU D 76 -26.49 0.30 8.57
CA LEU D 76 -25.14 0.13 9.08
C LEU D 76 -25.18 0.29 10.59
N CYS D 77 -26.00 1.24 11.04
CA CYS D 77 -26.16 1.48 12.47
C CYS D 77 -26.70 0.26 13.18
N ALA D 78 -27.78 -0.28 12.62
CA ALA D 78 -28.51 -1.41 13.17
C ALA D 78 -27.64 -2.66 13.25
N LEU D 79 -26.82 -2.84 12.23
CA LEU D 79 -25.85 -3.92 12.17
C LEU D 79 -24.92 -3.95 13.38
N GLY D 80 -24.67 -2.80 13.99
CA GLY D 80 -23.77 -2.72 15.14
C GLY D 80 -24.26 -3.21 16.50
N PHE D 81 -25.47 -3.78 16.56
CA PHE D 81 -26.03 -4.26 17.84
C PHE D 81 -26.22 -5.78 17.83
N GLU D 82 -26.08 -6.40 19.01
CA GLU D 82 -26.11 -7.86 19.12
C GLU D 82 -27.38 -8.53 18.59
N LYS D 83 -27.18 -9.52 17.71
CA LYS D 83 -28.25 -10.32 17.13
C LYS D 83 -29.41 -9.49 16.61
N THR D 84 -29.04 -8.44 15.89
CA THR D 84 -30.03 -7.49 15.43
C THR D 84 -30.19 -7.60 13.91
N MET D 85 -31.43 -7.65 13.48
CA MET D 85 -31.76 -7.66 12.06
C MET D 85 -32.21 -6.29 11.56
N PRO D 86 -31.42 -5.68 10.66
CA PRO D 86 -31.93 -4.46 10.03
C PRO D 86 -33.16 -4.80 9.20
N TYR D 87 -34.20 -3.98 9.32
CA TYR D 87 -35.50 -4.21 8.70
C TYR D 87 -35.96 -2.94 8.02
N VAL D 88 -36.06 -2.92 6.71
CA VAL D 88 -36.42 -1.64 6.09
C VAL D 88 -37.86 -1.63 5.61
N HIS D 89 -38.70 -0.85 6.29
CA HIS D 89 -40.12 -0.78 5.94
C HIS D 89 -40.28 0.06 4.65
N GLY D 90 -40.73 -0.61 3.58
CA GLY D 90 -40.93 0.05 2.30
C GLY D 90 -40.67 -0.90 1.13
N SER D 91 -40.13 -0.38 0.02
CA SER D 91 -39.92 -1.15 -1.21
C SER D 91 -38.67 -2.04 -1.16
N GLN D 92 -38.77 -3.25 -1.68
CA GLN D 92 -37.67 -4.23 -1.56
C GLN D 92 -36.48 -3.93 -2.49
N GLY D 93 -36.70 -3.12 -3.53
CA GLY D 93 -35.61 -2.75 -4.42
C GLY D 93 -34.48 -2.12 -3.63
N CYS D 94 -34.83 -1.33 -2.64
CA CYS D 94 -33.85 -0.60 -1.83
C CYS D 94 -32.88 -1.52 -1.08
N VAL D 95 -33.44 -2.59 -0.53
CA VAL D 95 -32.68 -3.50 0.32
C VAL D 95 -31.69 -4.27 -0.53
N ALA D 96 -32.12 -4.67 -1.72
CA ALA D 96 -31.25 -5.39 -2.64
C ALA D 96 -30.03 -4.52 -2.94
N TYR D 97 -30.31 -3.22 -3.15
CA TYR D 97 -29.25 -2.25 -3.35
C TYR D 97 -28.36 -2.00 -2.11
N PHE D 98 -28.96 -1.84 -0.92
CA PHE D 98 -28.13 -1.61 0.26
C PHE D 98 -27.15 -2.79 0.49
N ARG D 99 -27.63 -4.02 0.35
CA ARG D 99 -26.83 -5.21 0.65
C ARG D 99 -25.69 -5.31 -0.39
N SER D 100 -26.06 -5.15 -1.65
CA SER D 100 -25.07 -5.25 -2.71
C SER D 100 -23.99 -4.26 -2.47
N TYR D 101 -24.38 -3.05 -2.11
CA TYR D 101 -23.47 -1.93 -1.88
C TYR D 101 -22.46 -2.22 -0.79
N PHE D 102 -22.97 -2.70 0.34
CA PHE D 102 -22.09 -3.08 1.44
C PHE D 102 -21.32 -4.40 1.15
N ASN D 103 -21.94 -5.35 0.44
CA ASN D 103 -21.24 -6.58 0.02
C ASN D 103 -19.97 -6.29 -0.71
N ARG D 104 -20.07 -5.34 -1.63
CA ARG D 104 -18.96 -4.98 -2.48
C ARG D 104 -17.88 -4.22 -1.74
N HIS D 105 -18.26 -3.44 -0.75
CA HIS D 105 -17.25 -2.72 -0.03
C HIS D 105 -16.55 -3.61 0.99
N PHE D 106 -17.35 -4.43 1.68
CA PHE D 106 -16.83 -5.21 2.77
C PHE D 106 -16.37 -6.61 2.40
N ARG D 107 -16.79 -7.09 1.24
CA ARG D 107 -16.52 -8.48 0.81
C ARG D 107 -16.95 -9.43 1.92
N GLU D 108 -18.18 -9.19 2.40
CA GLU D 108 -18.80 -9.96 3.46
C GLU D 108 -20.32 -10.10 3.22
N PRO D 109 -20.96 -11.07 3.86
CA PRO D 109 -22.42 -11.10 3.80
C PRO D 109 -23.01 -9.91 4.54
N VAL D 110 -24.18 -9.45 4.12
CA VAL D 110 -24.83 -8.30 4.72
C VAL D 110 -26.32 -8.58 4.91
N SER D 111 -26.73 -8.66 6.17
CA SER D 111 -28.06 -9.20 6.41
C SER D 111 -29.02 -8.08 6.68
N CYS D 112 -30.14 -8.10 5.94
CA CYS D 112 -31.15 -7.05 6.02
C CYS D 112 -32.41 -7.47 5.29
N VAL D 113 -33.58 -7.14 5.85
CA VAL D 113 -34.86 -7.52 5.20
C VAL D 113 -35.68 -6.29 4.78
N SER D 114 -36.68 -6.54 3.94
CA SER D 114 -37.65 -5.53 3.52
C SER D 114 -39.01 -6.04 3.97
N ASP D 115 -40.06 -5.23 3.93
CA ASP D 115 -41.37 -5.89 4.04
C ASP D 115 -42.15 -5.82 2.74
N SER D 116 -41.41 -5.65 1.64
CA SER D 116 -41.92 -5.81 0.28
C SER D 116 -43.26 -5.12 -0.01
N MET D 117 -43.30 -3.83 0.26
CA MET D 117 -44.48 -3.00 -0.04
C MET D 117 -44.61 -2.80 -1.56
N THR D 118 -45.72 -3.29 -2.12
CA THR D 118 -45.99 -3.18 -3.54
C THR D 118 -46.95 -2.02 -3.80
N GLU D 119 -47.59 -2.03 -4.97
CA GLU D 119 -48.50 -0.95 -5.38
C GLU D 119 -49.73 -0.81 -4.47
N ASP D 120 -50.33 -1.91 -4.04
CA ASP D 120 -51.51 -1.80 -3.16
C ASP D 120 -51.10 -1.34 -1.77
N ALA D 121 -49.88 -1.67 -1.36
CA ALA D 121 -49.40 -1.18 -0.06
C ALA D 121 -49.03 0.31 -0.16
N ALA D 122 -48.68 0.77 -1.35
CA ALA D 122 -48.54 2.19 -1.59
C ALA D 122 -49.89 2.91 -1.34
N VAL D 123 -50.99 2.44 -1.92
CA VAL D 123 -52.22 3.22 -1.71
C VAL D 123 -52.98 2.88 -0.42
N PHE D 124 -52.77 1.70 0.17
CA PHE D 124 -53.48 1.35 1.41
C PHE D 124 -52.62 1.53 2.66
N GLY D 125 -51.33 1.69 2.49
CA GLY D 125 -50.45 1.77 3.64
C GLY D 125 -49.81 0.41 3.90
N GLY D 126 -48.76 0.40 4.70
CA GLY D 126 -48.00 -0.82 4.90
C GLY D 126 -48.29 -1.47 6.22
N GLN D 127 -49.47 -1.25 6.78
CA GLN D 127 -49.77 -1.80 8.09
C GLN D 127 -49.65 -3.34 8.08
N GLN D 128 -50.26 -3.99 7.09
CA GLN D 128 -50.20 -5.44 6.97
C GLN D 128 -48.77 -5.95 6.72
N ASN D 129 -48.05 -5.31 5.81
CA ASN D 129 -46.69 -5.73 5.54
C ASN D 129 -45.89 -5.71 6.83
N MET D 130 -46.10 -4.68 7.66
CA MET D 130 -45.36 -4.57 8.91
C MET D 130 -45.74 -5.68 9.90
N LYS D 131 -47.01 -6.08 9.89
CA LYS D 131 -47.45 -7.17 10.75
C LYS D 131 -46.85 -8.51 10.31
N ASP D 132 -47.12 -8.88 9.07
CA ASP D 132 -46.67 -10.16 8.57
C ASP D 132 -45.15 -10.22 8.57
N GLY D 133 -44.53 -9.12 8.19
CA GLY D 133 -43.07 -9.01 8.08
C GLY D 133 -42.29 -9.17 9.38
N LEU D 134 -42.77 -8.51 10.44
CA LEU D 134 -42.09 -8.62 11.71
C LEU D 134 -42.26 -10.06 12.16
N GLN D 135 -43.46 -10.61 12.02
CA GLN D 135 -43.69 -12.00 12.43
C GLN D 135 -42.78 -12.98 11.64
N ASN D 136 -42.73 -12.83 10.32
CA ASN D 136 -41.97 -13.75 9.46
C ASN D 136 -40.47 -13.68 9.75
N CYS D 137 -39.95 -12.47 9.93
CA CYS D 137 -38.52 -12.26 10.18
C CYS D 137 -38.08 -12.89 11.49
N LYS D 138 -38.81 -12.57 12.57
CA LYS D 138 -38.54 -13.14 13.88
C LYS D 138 -38.57 -14.65 13.81
N ALA D 139 -39.58 -15.20 13.15
CA ALA D 139 -39.70 -16.65 13.10
C ALA D 139 -38.54 -17.30 12.32
N THR D 140 -38.21 -16.76 11.16
CA THR D 140 -37.25 -17.38 10.22
C THR D 140 -35.77 -17.14 10.54
N TYR D 141 -35.40 -15.90 10.88
CA TYR D 141 -33.99 -15.55 11.08
C TYR D 141 -33.64 -15.33 12.55
N LYS D 142 -34.67 -15.39 13.40
CA LYS D 142 -34.54 -15.37 14.85
C LYS D 142 -33.59 -14.34 15.44
N PRO D 143 -33.78 -13.06 15.10
CA PRO D 143 -32.97 -12.06 15.81
C PRO D 143 -33.42 -11.83 17.26
N ASP D 144 -32.53 -11.28 18.11
CA ASP D 144 -32.93 -10.78 19.43
C ASP D 144 -33.70 -9.47 19.30
N MET D 145 -33.41 -8.75 18.22
CA MET D 145 -33.89 -7.39 18.03
C MET D 145 -34.02 -7.14 16.56
N ILE D 146 -35.04 -6.34 16.22
CA ILE D 146 -35.30 -5.89 14.87
C ILE D 146 -35.30 -4.35 14.86
N ALA D 147 -34.43 -3.76 14.06
CA ALA D 147 -34.29 -2.34 14.01
C ALA D 147 -34.88 -1.79 12.69
N VAL D 148 -35.96 -1.03 12.82
CA VAL D 148 -36.82 -0.63 11.68
C VAL D 148 -36.52 0.77 11.17
N SER D 149 -36.24 0.87 9.87
CA SER D 149 -36.11 2.12 9.13
C SER D 149 -37.06 2.17 7.88
N THR D 150 -36.96 3.22 7.06
CA THR D 150 -37.91 3.41 5.92
C THR D 150 -37.27 3.77 4.57
N THR D 151 -37.94 3.36 3.51
CA THR D 151 -37.54 3.76 2.19
C THR D 151 -38.24 5.11 1.91
N CYS D 152 -37.97 5.73 0.76
CA CYS D 152 -38.55 7.03 0.47
C CYS D 152 -40.08 6.98 0.28
N MET D 153 -40.60 5.92 -0.35
CA MET D 153 -42.03 5.79 -0.59
C MET D 153 -42.87 5.66 0.70
N ALA D 154 -42.35 5.03 1.74
CA ALA D 154 -43.08 4.91 3.01
C ALA D 154 -43.09 6.25 3.68
N GLU D 155 -42.12 7.06 3.34
CA GLU D 155 -42.04 8.39 3.88
C GLU D 155 -42.96 9.40 3.18
N VAL D 156 -43.16 9.26 1.88
CA VAL D 156 -44.03 10.16 1.16
C VAL D 156 -45.44 9.97 1.75
N ILE D 157 -45.85 8.73 1.90
CA ILE D 157 -47.21 8.46 2.31
C ILE D 157 -47.41 8.55 3.83
N GLY D 158 -46.36 8.88 4.57
CA GLY D 158 -46.51 9.04 6.00
C GLY D 158 -46.91 7.81 6.82
N ASP D 159 -46.33 6.65 6.50
CA ASP D 159 -46.58 5.42 7.27
C ASP D 159 -46.05 5.62 8.66
N ASP D 160 -46.95 5.54 9.64
CA ASP D 160 -46.63 5.78 11.05
C ASP D 160 -45.99 4.54 11.71
N LEU D 161 -44.67 4.45 11.60
CA LEU D 161 -43.90 3.35 12.16
C LEU D 161 -44.31 3.00 13.58
N ASN D 162 -44.39 4.00 14.45
CA ASN D 162 -44.72 3.72 15.84
C ASN D 162 -46.03 2.97 16.00
N ALA D 163 -47.10 3.49 15.38
CA ALA D 163 -48.40 2.85 15.38
C ALA D 163 -48.42 1.46 14.70
N PHE D 164 -47.74 1.31 13.56
CA PHE D 164 -47.77 0.05 12.85
C PHE D 164 -47.17 -1.07 13.72
N ILE D 165 -46.05 -0.76 14.37
CA ILE D 165 -45.35 -1.69 15.28
C ILE D 165 -46.19 -1.99 16.54
N ASN D 166 -46.77 -0.97 17.17
CA ASN D 166 -47.62 -1.17 18.35
C ASN D 166 -48.85 -2.01 18.04
N ASN D 167 -49.44 -1.84 16.86
CA ASN D 167 -50.56 -2.71 16.49
C ASN D 167 -50.13 -4.14 16.18
N SER D 168 -48.91 -4.29 15.67
CA SER D 168 -48.36 -5.60 15.40
C SER D 168 -48.25 -6.37 16.71
N LYS D 169 -47.75 -5.68 17.73
CA LYS D 169 -47.56 -6.26 19.04
C LYS D 169 -48.90 -6.52 19.71
N LYS D 170 -49.79 -5.53 19.65
CA LYS D 170 -51.11 -5.60 20.29
C LYS D 170 -51.93 -6.75 19.74
N GLU D 171 -51.71 -7.07 18.46
CA GLU D 171 -52.46 -8.12 17.78
C GLU D 171 -51.78 -9.48 17.74
N GLY D 172 -50.65 -9.60 18.41
CA GLY D 172 -49.97 -10.87 18.59
C GLY D 172 -49.07 -11.37 17.47
N PHE D 173 -48.66 -10.49 16.57
CA PHE D 173 -47.70 -10.87 15.54
C PHE D 173 -46.28 -11.00 16.12
N ILE D 174 -45.92 -10.15 17.08
CA ILE D 174 -44.67 -10.35 17.82
C ILE D 174 -44.94 -10.08 19.31
N PRO D 175 -44.16 -10.70 20.21
CA PRO D 175 -44.36 -10.47 21.65
C PRO D 175 -44.08 -9.03 22.05
N ASP D 176 -44.79 -8.52 23.05
CA ASP D 176 -44.72 -7.11 23.43
C ASP D 176 -43.36 -6.61 23.91
N GLU D 177 -42.61 -7.48 24.57
CA GLU D 177 -41.30 -7.10 25.08
C GLU D 177 -40.18 -7.27 24.02
N PHE D 178 -40.52 -7.83 22.87
CA PHE D 178 -39.56 -7.99 21.80
C PHE D 178 -39.18 -6.61 21.28
N PRO D 179 -37.90 -6.24 21.41
CA PRO D 179 -37.47 -4.86 21.14
C PRO D 179 -37.56 -4.44 19.66
N VAL D 180 -38.39 -3.43 19.36
CA VAL D 180 -38.49 -2.95 17.99
C VAL D 180 -38.35 -1.43 17.92
N PRO D 181 -37.11 -0.91 18.08
CA PRO D 181 -36.74 0.50 17.90
C PRO D 181 -36.93 0.95 16.45
N PHE D 182 -37.23 2.23 16.20
CA PHE D 182 -37.46 2.68 14.83
C PHE D 182 -36.95 4.08 14.59
N ALA D 183 -36.80 4.45 13.33
CA ALA D 183 -36.41 5.78 12.98
C ALA D 183 -36.89 6.09 11.58
N HIS D 184 -37.56 7.21 11.42
CA HIS D 184 -37.97 7.63 10.07
C HIS D 184 -36.69 8.03 9.33
N THR D 185 -36.42 7.41 8.18
CA THR D 185 -35.18 7.72 7.45
C THR D 185 -35.41 8.19 6.01
N PRO D 186 -36.01 9.40 5.80
CA PRO D 186 -36.38 9.79 4.44
C PRO D 186 -35.19 10.05 3.52
N SER D 187 -35.14 9.41 2.36
CA SER D 187 -34.01 9.55 1.47
C SER D 187 -33.84 10.94 0.83
N PHE D 188 -34.93 11.72 0.77
CA PHE D 188 -34.89 13.03 0.17
C PHE D 188 -34.52 14.15 1.17
N VAL D 189 -33.89 13.75 2.28
CA VAL D 189 -33.35 14.66 3.30
C VAL D 189 -31.95 14.23 3.70
N GLY D 190 -30.98 15.14 3.64
CA GLY D 190 -29.64 14.88 4.13
C GLY D 190 -28.92 13.83 3.30
N SER D 191 -28.37 12.82 3.96
CA SER D 191 -27.72 11.73 3.24
C SER D 191 -27.63 10.48 4.12
N HIS D 192 -26.82 9.52 3.69
CA HIS D 192 -26.65 8.28 4.45
C HIS D 192 -26.09 8.54 5.87
N VAL D 193 -25.18 9.51 6.04
CA VAL D 193 -24.73 9.82 7.41
C VAL D 193 -25.92 10.32 8.24
N THR D 194 -26.85 11.05 7.65
CA THR D 194 -28.00 11.49 8.43
C THR D 194 -28.85 10.27 8.88
N GLY D 195 -28.95 9.27 8.01
CA GLY D 195 -29.66 8.04 8.33
C GLY D 195 -29.05 7.29 9.52
N TRP D 196 -27.73 7.40 9.72
CA TRP D 196 -27.08 6.73 10.84
C TRP D 196 -27.47 7.46 12.12
N ASP D 197 -27.38 8.78 12.10
CA ASP D 197 -27.81 9.63 13.21
C ASP D 197 -29.26 9.31 13.62
N ASN D 198 -30.19 9.32 12.67
CA ASN D 198 -31.58 9.03 12.95
C ASN D 198 -31.83 7.63 13.56
N MET D 199 -31.16 6.60 13.03
CA MET D 199 -31.36 5.23 13.51
C MET D 199 -30.82 5.08 14.94
N PHE D 200 -29.62 5.63 15.20
CA PHE D 200 -29.01 5.51 16.52
C PHE D 200 -29.89 6.14 17.58
N GLU D 201 -30.48 7.27 17.24
CA GLU D 201 -31.32 8.02 18.15
C GLU D 201 -32.62 7.25 18.48
N GLY D 202 -33.19 6.59 17.49
CA GLY D 202 -34.34 5.74 17.76
C GLY D 202 -34.03 4.64 18.76
N ILE D 203 -32.92 3.94 18.55
CA ILE D 203 -32.56 2.84 19.43
C ILE D 203 -32.24 3.36 20.84
N ALA D 204 -31.44 4.43 20.95
CA ALA D 204 -31.09 4.98 22.26
C ALA D 204 -32.31 5.48 23.04
N ARG D 205 -33.23 6.12 22.34
CA ARG D 205 -34.50 6.57 22.94
C ARG D 205 -35.34 5.35 23.37
N TYR D 206 -35.28 4.30 22.57
CA TYR D 206 -36.07 3.10 22.85
C TYR D 206 -35.64 2.45 24.16
N PHE D 207 -34.37 2.53 24.48
CA PHE D 207 -33.87 1.75 25.61
C PHE D 207 -33.74 2.56 26.88
N THR D 208 -33.89 3.88 26.77
CA THR D 208 -33.57 4.74 27.88
C THR D 208 -34.57 5.82 28.24
N LEU D 209 -35.63 5.99 27.43
CA LEU D 209 -36.57 7.12 27.56
C LEU D 209 -37.52 6.97 28.73
N LYS D 210 -38.06 5.77 28.91
CA LYS D 210 -39.00 5.52 29.99
C LYS D 210 -38.29 5.66 31.32
N SER D 211 -37.16 4.99 31.43
CA SER D 211 -36.56 4.68 32.72
C SER D 211 -35.44 5.60 33.10
N MET D 212 -35.57 6.89 32.83
CA MET D 212 -34.54 7.81 33.31
C MET D 212 -34.55 8.00 34.84
N ASP D 213 -35.67 7.65 35.48
CA ASP D 213 -35.84 7.87 36.93
C ASP D 213 -34.71 7.28 37.81
N ASP D 214 -34.31 6.04 37.55
CA ASP D 214 -33.31 5.40 38.41
C ASP D 214 -31.86 5.55 37.92
N LYS D 215 -31.61 6.46 36.97
CA LYS D 215 -30.27 6.63 36.44
C LYS D 215 -29.49 7.72 37.18
N VAL D 216 -28.24 7.44 37.48
CA VAL D 216 -27.33 8.44 38.03
C VAL D 216 -26.13 8.52 37.09
N VAL D 217 -25.84 9.73 36.63
CA VAL D 217 -24.73 9.92 35.74
C VAL D 217 -23.45 9.64 36.48
N GLY D 218 -22.59 8.82 35.87
CA GLY D 218 -21.29 8.48 36.41
C GLY D 218 -21.26 7.22 37.22
N SER D 219 -22.43 6.62 37.44
CA SER D 219 -22.53 5.47 38.33
C SER D 219 -21.99 4.14 37.78
N ASN D 220 -21.85 3.96 36.45
CA ASN D 220 -21.19 2.72 35.98
C ASN D 220 -19.69 2.91 35.68
N LYS D 221 -19.21 4.15 35.85
CA LYS D 221 -17.79 4.51 35.73
C LYS D 221 -17.19 4.32 34.34
N LYS D 222 -18.01 4.40 33.31
CA LYS D 222 -17.54 4.11 31.96
C LYS D 222 -17.83 5.28 31.04
N ILE D 223 -17.15 5.35 29.90
CA ILE D 223 -17.40 6.41 28.93
C ILE D 223 -18.08 5.88 27.66
N ASN D 224 -19.22 6.46 27.29
CA ASN D 224 -19.92 6.04 26.09
C ASN D 224 -19.18 6.52 24.85
N ILE D 225 -19.02 5.63 23.88
CA ILE D 225 -18.44 5.98 22.58
C ILE D 225 -19.46 5.69 21.46
N VAL D 226 -19.77 6.74 20.69
CA VAL D 226 -20.65 6.66 19.54
C VAL D 226 -19.78 6.98 18.30
N PRO D 227 -19.58 5.99 17.42
CA PRO D 227 -18.61 6.11 16.32
C PRO D 227 -19.17 6.86 15.11
N GLY D 228 -20.47 6.73 14.86
CA GLY D 228 -21.10 7.27 13.66
C GLY D 228 -20.89 6.32 12.49
N PHE D 229 -21.33 6.75 11.31
CA PHE D 229 -21.16 6.02 10.05
C PHE D 229 -19.67 5.81 9.74
N GLU D 230 -19.22 4.59 9.95
CA GLU D 230 -17.81 4.28 9.88
C GLU D 230 -17.63 2.97 9.10
N THR D 231 -16.73 2.98 8.11
CA THR D 231 -16.52 1.79 7.26
C THR D 231 -15.06 1.25 7.18
N TYR D 232 -14.21 1.69 8.11
CA TYR D 232 -12.89 1.08 8.31
C TYR D 232 -12.89 0.26 9.59
N LEU D 233 -12.81 -1.06 9.47
CA LEU D 233 -12.86 -1.97 10.61
C LEU D 233 -11.83 -1.56 11.62
N GLY D 234 -10.66 -1.15 11.11
CA GLY D 234 -9.58 -0.72 11.96
C GLY D 234 -9.98 0.45 12.84
N ASN D 235 -11.01 1.21 12.43
CA ASN D 235 -11.38 2.42 13.20
C ASN D 235 -12.07 2.06 14.50
N PHE D 236 -12.99 1.09 14.46
CA PHE D 236 -13.57 0.55 15.67
C PHE D 236 -12.51 -0.05 16.57
N ARG D 237 -11.56 -0.76 15.95
CA ARG D 237 -10.58 -1.53 16.70
C ARG D 237 -9.58 -0.61 17.43
N VAL D 238 -9.22 0.51 16.79
CA VAL D 238 -8.19 1.40 17.34
C VAL D 238 -8.71 2.23 18.52
N ILE D 239 -9.98 2.62 18.47
CA ILE D 239 -10.59 3.31 19.59
C ILE D 239 -10.61 2.37 20.79
N LYS D 240 -11.12 1.15 20.57
CA LYS D 240 -11.12 0.12 21.62
C LYS D 240 -9.72 -0.20 22.16
N ARG D 241 -8.73 -0.24 21.28
CA ARG D 241 -7.39 -0.53 21.73
C ARG D 241 -6.83 0.62 22.60
N MET D 242 -7.11 1.89 22.24
CA MET D 242 -6.48 3.01 22.98
C MET D 242 -7.11 3.20 24.36
N LEU D 243 -8.41 2.96 24.46
CA LEU D 243 -9.12 3.04 25.73
C LEU D 243 -8.64 1.90 26.69
N SER D 244 -8.61 0.66 26.20
CA SER D 244 -8.15 -0.49 26.99
C SER D 244 -6.73 -0.22 27.46
N GLU D 245 -5.90 0.28 26.55
CA GLU D 245 -4.52 0.63 26.85
C GLU D 245 -4.38 1.69 27.97
N MET D 246 -5.36 2.58 28.10
CA MET D 246 -5.35 3.61 29.16
C MET D 246 -5.98 3.15 30.48
N GLY D 247 -6.67 2.01 30.41
CA GLY D 247 -7.49 1.51 31.50
C GLY D 247 -8.87 2.15 31.64
N VAL D 248 -9.38 2.73 30.56
CA VAL D 248 -10.65 3.42 30.63
C VAL D 248 -11.76 2.44 30.41
N GLY D 249 -12.76 2.45 31.30
CA GLY D 249 -13.96 1.69 31.07
C GLY D 249 -14.79 2.42 30.03
N TYR D 250 -15.26 1.67 29.04
CA TYR D 250 -15.91 2.25 27.87
C TYR D 250 -17.02 1.37 27.36
N SER D 251 -17.90 1.97 26.59
CA SER D 251 -19.03 1.25 26.05
C SER D 251 -19.23 1.75 24.63
N LEU D 252 -18.97 0.88 23.65
CA LEU D 252 -19.07 1.25 22.26
C LEU D 252 -20.50 0.99 21.78
N LEU D 253 -21.21 2.07 21.43
CA LEU D 253 -22.62 1.94 21.08
C LEU D 253 -22.82 1.95 19.56
N SER D 254 -23.20 0.78 19.07
CA SER D 254 -23.18 0.39 17.65
C SER D 254 -21.77 -0.06 17.30
N ASP D 255 -21.55 -1.37 17.33
CA ASP D 255 -20.21 -1.98 17.10
C ASP D 255 -20.28 -3.15 16.10
N PRO D 256 -20.18 -2.85 14.81
CA PRO D 256 -20.36 -3.85 13.75
C PRO D 256 -19.05 -4.55 13.34
N GLU D 257 -17.96 -4.24 14.04
CA GLU D 257 -16.64 -4.76 13.70
C GLU D 257 -16.59 -6.28 13.59
N GLU D 258 -17.26 -6.98 14.52
CA GLU D 258 -17.25 -8.44 14.47
C GLU D 258 -18.07 -8.98 13.32
N VAL D 259 -19.28 -8.45 13.13
CA VAL D 259 -20.25 -9.10 12.22
C VAL D 259 -19.90 -8.85 10.76
N LEU D 260 -19.09 -7.83 10.55
CA LEU D 260 -18.59 -7.51 9.23
C LEU D 260 -17.21 -8.13 8.96
N ASP D 261 -16.73 -8.97 9.87
CA ASP D 261 -15.44 -9.64 9.65
C ASP D 261 -15.47 -11.06 10.21
N THR D 262 -16.52 -11.83 9.91
CA THR D 262 -16.59 -13.20 10.44
C THR D 262 -15.61 -14.11 9.72
N PRO D 263 -15.17 -15.19 10.40
CA PRO D 263 -14.18 -16.11 9.84
C PRO D 263 -14.75 -17.10 8.82
N ALA D 264 -13.95 -17.51 7.84
CA ALA D 264 -14.35 -18.58 6.93
C ALA D 264 -13.87 -19.92 7.51
N ASP D 265 -14.73 -20.59 8.29
CA ASP D 265 -14.36 -21.79 9.04
C ASP D 265 -15.32 -22.95 8.80
N GLY D 266 -16.19 -22.86 7.81
CA GLY D 266 -17.14 -23.91 7.56
C GLY D 266 -18.56 -23.54 7.96
N GLN D 267 -18.74 -22.43 8.64
CA GLN D 267 -20.12 -22.01 8.89
C GLN D 267 -20.40 -20.53 8.65
N PHE D 268 -21.62 -20.26 8.16
CA PHE D 268 -22.14 -18.91 8.03
C PHE D 268 -22.81 -18.40 9.33
N ARG D 269 -22.29 -17.28 9.83
CA ARG D 269 -22.84 -16.59 10.99
C ARG D 269 -23.57 -15.29 10.57
N MET D 270 -24.88 -15.32 10.56
CA MET D 270 -25.70 -14.13 10.30
C MET D 270 -25.48 -13.05 11.38
N TYR D 271 -25.24 -13.46 12.62
CA TYR D 271 -24.97 -12.48 13.67
C TYR D 271 -23.62 -12.72 14.35
N ALA D 272 -22.99 -11.65 14.83
CA ALA D 272 -21.79 -11.81 15.65
C ALA D 272 -21.49 -10.51 16.43
N GLY D 273 -21.13 -10.64 17.71
CA GLY D 273 -20.72 -9.51 18.54
C GLY D 273 -21.71 -8.34 18.55
N GLY D 274 -21.17 -7.14 18.73
CA GLY D 274 -22.00 -5.95 18.76
C GLY D 274 -22.45 -5.51 20.17
N THR D 275 -22.94 -4.28 20.21
CA THR D 275 -23.40 -3.60 21.41
C THR D 275 -24.61 -4.39 21.96
N THR D 276 -24.60 -4.75 23.22
CA THR D 276 -25.72 -5.49 23.81
C THR D 276 -26.87 -4.55 24.19
N GLN D 277 -28.06 -5.11 24.33
CA GLN D 277 -29.20 -4.36 24.84
C GLN D 277 -28.97 -3.83 26.24
N GLU D 278 -28.24 -4.57 27.06
CA GLU D 278 -27.96 -4.14 28.43
C GLU D 278 -27.02 -2.95 28.47
N GLU D 279 -26.06 -2.92 27.55
CA GLU D 279 -25.15 -1.79 27.43
C GLU D 279 -25.90 -0.50 27.10
N MET D 280 -26.89 -0.59 26.21
CA MET D 280 -27.67 0.60 25.85
C MET D 280 -28.51 1.05 27.04
N LYS D 281 -29.13 0.09 27.72
CA LYS D 281 -29.97 0.44 28.86
C LYS D 281 -29.18 1.13 29.93
N ASP D 282 -27.92 0.74 30.05
CA ASP D 282 -27.06 1.22 31.12
C ASP D 282 -26.32 2.51 30.73
N ALA D 283 -26.26 2.80 29.44
CA ALA D 283 -25.56 3.99 28.91
C ALA D 283 -25.80 5.31 29.65
N PRO D 284 -27.04 5.60 30.11
CA PRO D 284 -27.20 6.91 30.76
C PRO D 284 -26.42 7.01 32.08
N ASN D 285 -26.01 5.87 32.63
CA ASN D 285 -25.17 5.81 33.84
C ASN D 285 -23.69 6.08 33.65
N ALA D 286 -23.27 6.31 32.41
CA ALA D 286 -21.86 6.53 32.08
C ALA D 286 -21.36 7.91 32.52
N LEU D 287 -20.04 8.06 32.63
CA LEU D 287 -19.47 9.34 33.06
C LEU D 287 -19.88 10.47 32.10
N ASN D 288 -19.92 10.13 30.82
CA ASN D 288 -20.09 11.07 29.72
C ASN D 288 -20.15 10.28 28.43
N THR D 289 -20.50 10.95 27.33
CA THR D 289 -20.64 10.30 26.03
C THR D 289 -19.81 11.08 25.02
N VAL D 290 -18.93 10.39 24.31
CA VAL D 290 -18.10 11.03 23.32
C VAL D 290 -18.60 10.68 21.93
N LEU D 291 -18.85 11.69 21.10
CA LEU D 291 -19.25 11.47 19.71
C LEU D 291 -18.05 11.59 18.77
N LEU D 292 -17.74 10.50 18.07
CA LEU D 292 -16.55 10.48 17.24
C LEU D 292 -16.67 11.34 16.00
N GLN D 293 -17.89 11.42 15.44
CA GLN D 293 -18.14 12.17 14.22
C GLN D 293 -19.35 13.10 14.46
N PRO D 294 -19.13 14.19 15.19
CA PRO D 294 -20.16 15.11 15.69
C PRO D 294 -20.98 15.75 14.57
N TRP D 295 -20.37 16.01 13.42
CA TRP D 295 -21.08 16.71 12.36
C TRP D 295 -22.17 15.91 11.73
N HIS D 296 -22.25 14.61 12.01
CA HIS D 296 -23.48 13.93 11.64
C HIS D 296 -24.11 13.18 12.81
N LEU D 297 -23.86 13.65 14.03
CA LEU D 297 -24.50 13.05 15.19
C LEU D 297 -25.20 14.12 16.03
N GLU D 298 -25.85 15.07 15.35
CA GLU D 298 -26.43 16.23 15.99
C GLU D 298 -27.73 15.89 16.68
N LYS D 299 -28.53 15.02 16.07
CA LYS D 299 -29.77 14.55 16.68
C LYS D 299 -29.51 13.67 17.87
N THR D 300 -28.47 12.85 17.77
CA THR D 300 -28.05 11.99 18.88
C THR D 300 -27.60 12.82 20.09
N LYS D 301 -26.82 13.86 19.79
CA LYS D 301 -26.28 14.74 20.80
C LYS D 301 -27.35 15.45 21.65
N LYS D 302 -28.42 15.96 20.99
CA LYS D 302 -29.52 16.61 21.69
C LYS D 302 -30.23 15.65 22.64
N PHE D 303 -30.47 14.42 22.20
CA PHE D 303 -31.11 13.44 23.07
C PHE D 303 -30.19 13.10 24.25
N VAL D 304 -28.90 12.99 23.99
CA VAL D 304 -27.96 12.56 25.02
C VAL D 304 -27.68 13.72 26.00
N GLU D 305 -27.60 14.94 25.49
CA GLU D 305 -27.48 16.08 26.40
C GLU D 305 -28.79 16.34 27.17
N GLY D 306 -29.91 16.25 26.45
CA GLY D 306 -31.24 16.51 26.99
C GLY D 306 -31.82 15.43 27.88
N THR D 307 -31.89 14.20 27.41
CA THR D 307 -32.39 13.09 28.21
C THR D 307 -31.34 12.51 29.17
N TRP D 308 -30.14 12.16 28.70
CA TRP D 308 -29.15 11.54 29.61
C TRP D 308 -28.42 12.54 30.52
N LYS D 309 -28.41 13.81 30.11
CA LYS D 309 -27.75 14.90 30.84
C LYS D 309 -26.22 14.79 30.89
N HIS D 310 -25.61 14.35 29.79
CA HIS D 310 -24.16 14.29 29.71
C HIS D 310 -23.58 15.55 29.16
N GLU D 311 -22.46 15.99 29.71
CA GLU D 311 -21.78 17.14 29.14
C GLU D 311 -20.93 16.66 27.98
N VAL D 312 -21.59 16.30 26.88
CA VAL D 312 -20.91 15.80 25.70
C VAL D 312 -19.84 16.80 25.28
N PRO D 313 -18.55 16.39 25.31
CA PRO D 313 -17.42 17.26 24.99
C PRO D 313 -17.45 17.78 23.55
N LYS D 314 -16.94 18.99 23.32
CA LYS D 314 -16.81 19.53 21.98
C LYS D 314 -15.50 19.04 21.33
N LEU D 315 -15.52 17.86 20.75
CA LEU D 315 -14.27 17.28 20.24
C LEU D 315 -14.39 17.11 18.76
N ASN D 316 -13.33 17.43 17.99
CA ASN D 316 -13.34 17.06 16.59
C ASN D 316 -13.10 15.58 16.46
N ILE D 317 -13.36 15.03 15.26
CA ILE D 317 -13.04 13.65 14.96
C ILE D 317 -11.56 13.46 15.31
N PRO D 318 -11.21 12.35 16.00
CA PRO D 318 -9.81 12.12 16.39
C PRO D 318 -8.97 11.57 15.23
N MET D 319 -8.61 12.45 14.31
CA MET D 319 -7.73 12.17 13.17
C MET D 319 -6.52 13.09 13.22
N GLY D 320 -5.33 12.62 12.84
CA GLY D 320 -4.17 13.49 12.87
C GLY D 320 -3.71 13.77 14.30
N LEU D 321 -2.68 14.61 14.46
CA LEU D 321 -1.99 14.70 15.74
C LEU D 321 -2.70 15.53 16.79
N ASP D 322 -3.08 16.76 16.43
CA ASP D 322 -3.75 17.64 17.36
C ASP D 322 -5.04 17.05 17.90
N TRP D 323 -5.87 16.51 17.02
CA TRP D 323 -7.21 16.07 17.43
C TRP D 323 -7.24 14.68 18.13
N THR D 324 -6.29 13.80 17.78
CA THR D 324 -6.02 12.59 18.57
C THR D 324 -5.51 12.96 19.99
N ASP D 325 -4.57 13.91 20.06
CA ASP D 325 -4.10 14.46 21.34
C ASP D 325 -5.28 14.96 22.20
N GLU D 326 -6.03 15.86 21.60
CA GLU D 326 -7.24 16.45 22.18
C GLU D 326 -8.24 15.39 22.63
N PHE D 327 -8.43 14.34 21.82
CA PHE D 327 -9.33 13.27 22.21
C PHE D 327 -8.80 12.57 23.49
N LEU D 328 -7.51 12.29 23.50
CA LEU D 328 -6.90 11.54 24.59
C LEU D 328 -6.89 12.33 25.91
N MET D 329 -6.65 13.64 25.84
CA MET D 329 -6.66 14.45 27.04
C MET D 329 -8.06 14.49 27.62
N LYS D 330 -9.07 14.72 26.77
CA LYS D 330 -10.45 14.75 27.26
C LYS D 330 -10.96 13.41 27.80
N VAL D 331 -10.62 12.29 27.17
CA VAL D 331 -10.92 10.98 27.76
C VAL D 331 -10.16 10.84 29.08
N SER D 332 -8.97 11.43 29.17
CA SER D 332 -8.20 11.37 30.41
C SER D 332 -8.90 12.19 31.51
N GLU D 333 -9.39 13.36 31.12
CA GLU D 333 -10.06 14.27 32.02
C GLU D 333 -11.36 13.69 32.57
N ILE D 334 -12.16 13.07 31.70
CA ILE D 334 -13.44 12.50 32.13
C ILE D 334 -13.25 11.31 33.08
N SER D 335 -12.32 10.41 32.75
CA SER D 335 -12.18 9.12 33.45
C SER D 335 -11.24 9.06 34.65
N GLY D 336 -10.33 10.03 34.78
CA GLY D 336 -9.30 10.03 35.82
C GLY D 336 -8.00 9.30 35.46
N GLN D 337 -7.97 8.58 34.35
CA GLN D 337 -6.75 7.87 33.98
C GLN D 337 -5.71 8.80 33.30
N PRO D 338 -4.44 8.71 33.72
CA PRO D 338 -3.42 9.47 32.99
C PRO D 338 -3.15 8.80 31.65
N ILE D 339 -2.43 9.50 30.79
CA ILE D 339 -2.10 8.93 29.50
C ILE D 339 -0.87 8.07 29.65
N PRO D 340 -0.99 6.77 29.32
CA PRO D 340 0.08 5.79 29.56
C PRO D 340 1.30 6.05 28.68
N ALA D 341 2.45 5.53 29.11
CA ALA D 341 3.70 5.71 28.38
C ALA D 341 3.63 5.14 26.96
N SER D 342 2.77 4.13 26.75
CA SER D 342 2.71 3.40 25.48
C SER D 342 2.05 4.23 24.38
N LEU D 343 1.02 4.99 24.75
CA LEU D 343 0.38 5.91 23.81
C LEU D 343 1.27 7.11 23.51
N THR D 344 1.94 7.60 24.53
CA THR D 344 2.87 8.72 24.40
C THR D 344 4.02 8.39 23.45
N LYS D 345 4.50 7.16 23.51
CA LYS D 345 5.59 6.74 22.65
C LYS D 345 5.10 6.66 21.20
N GLU D 346 3.90 6.08 21.03
CA GLU D 346 3.22 5.98 19.72
C GLU D 346 3.05 7.36 19.08
N ARG D 347 2.66 8.34 19.88
CA ARG D 347 2.56 9.69 19.40
C ARG D 347 3.89 10.18 18.81
N GLY D 348 4.96 10.00 19.56
CA GLY D 348 6.31 10.34 19.13
C GLY D 348 6.83 9.52 17.96
N ARG D 349 6.25 8.34 17.71
CA ARG D 349 6.64 7.57 16.52
C ARG D 349 5.94 8.09 15.25
N LEU D 350 4.69 8.54 15.38
CA LEU D 350 4.02 9.28 14.30
C LEU D 350 4.77 10.62 14.00
N VAL D 351 5.16 11.36 15.05
CA VAL D 351 5.97 12.57 14.85
C VAL D 351 7.29 12.27 14.11
N ASP D 352 7.96 11.19 14.53
CA ASP D 352 9.17 10.72 13.87
C ASP D 352 8.94 10.46 12.39
N MET D 353 7.79 9.85 12.05
CA MET D 353 7.44 9.59 10.66
C MET D 353 7.20 10.88 9.88
N MET D 354 6.52 11.84 10.51
CA MET D 354 6.32 13.14 9.88
C MET D 354 7.67 13.80 9.61
N THR D 355 8.60 13.68 10.54
CA THR D 355 9.87 14.35 10.32
C THR D 355 10.64 13.69 9.16
N ASP D 356 10.47 12.37 9.02
CA ASP D 356 11.22 11.57 8.04
C ASP D 356 10.76 11.77 6.61
N SER D 357 9.47 12.06 6.46
CA SER D 357 8.81 12.19 5.18
C SER D 357 8.46 13.62 4.77
N HIS D 358 8.88 14.60 5.54
CA HIS D 358 8.35 15.94 5.32
C HIS D 358 8.84 16.53 4.01
N THR D 359 10.03 16.15 3.56
CA THR D 359 10.55 16.79 2.37
C THR D 359 9.79 16.38 1.11
N TRP D 360 9.16 15.22 1.14
CA TRP D 360 8.41 14.74 -0.02
C TRP D 360 6.93 15.13 -0.07
N LEU D 361 6.38 15.39 1.12
CA LEU D 361 4.99 15.77 1.27
C LEU D 361 4.79 17.26 1.09
N HIS D 362 5.85 18.03 1.38
CA HIS D 362 5.75 19.47 1.43
C HIS D 362 5.22 20.12 0.16
N GLY D 363 4.15 20.91 0.31
CA GLY D 363 3.65 21.71 -0.80
C GLY D 363 2.88 20.89 -1.81
N LYS D 364 2.70 19.60 -1.54
CA LYS D 364 1.96 18.76 -2.46
C LYS D 364 0.49 19.13 -2.45
N ARG D 365 -0.12 19.16 -3.64
CA ARG D 365 -1.49 19.65 -3.78
C ARG D 365 -2.54 18.55 -3.98
N PHE D 366 -3.57 18.58 -3.16
CA PHE D 366 -4.58 17.55 -3.22
C PHE D 366 -6.00 18.09 -3.43
N ALA D 367 -6.77 17.38 -4.24
CA ALA D 367 -8.22 17.52 -4.28
C ALA D 367 -8.78 16.34 -3.50
N LEU D 368 -9.84 16.55 -2.73
CA LEU D 368 -10.39 15.43 -1.97
C LEU D 368 -11.86 15.58 -1.69
N TRP D 369 -12.51 14.48 -1.36
CA TRP D 369 -13.91 14.46 -1.05
C TRP D 369 -14.24 13.34 -0.08
N GLY D 370 -15.47 13.30 0.43
CA GLY D 370 -15.91 12.26 1.35
C GLY D 370 -16.97 12.82 2.29
N ASP D 371 -17.18 12.18 3.44
CA ASP D 371 -18.19 12.65 4.41
C ASP D 371 -17.62 13.80 5.26
N PRO D 372 -18.49 14.63 5.86
CA PRO D 372 -18.04 15.84 6.54
C PRO D 372 -16.90 15.69 7.57
N ASP D 373 -17.02 14.81 8.56
CA ASP D 373 -15.97 14.69 9.58
C ASP D 373 -14.67 14.09 8.99
N PHE D 374 -14.85 13.10 8.11
CA PHE D 374 -13.71 12.45 7.46
C PHE D 374 -12.88 13.49 6.74
N VAL D 375 -13.58 14.31 5.97
CA VAL D 375 -12.94 15.32 5.15
C VAL D 375 -12.23 16.33 6.03
N MET D 376 -12.88 16.81 7.10
CA MET D 376 -12.22 17.84 7.87
C MET D 376 -11.06 17.24 8.64
N GLY D 377 -11.19 15.99 9.11
CA GLY D 377 -10.05 15.32 9.73
C GLY D 377 -8.88 15.17 8.75
N LEU D 378 -9.19 14.76 7.53
CA LEU D 378 -8.17 14.56 6.50
C LEU D 378 -7.52 15.88 6.09
N VAL D 379 -8.32 16.96 6.03
CA VAL D 379 -7.81 18.29 5.76
C VAL D 379 -6.87 18.79 6.85
N LYS D 380 -7.29 18.65 8.10
CA LYS D 380 -6.44 19.04 9.23
C LYS D 380 -5.08 18.30 9.19
N PHE D 381 -5.10 17.00 8.89
CA PHE D 381 -3.85 16.23 8.86
C PHE D 381 -2.96 16.69 7.68
N LEU D 382 -3.55 16.87 6.49
CA LEU D 382 -2.77 17.35 5.36
C LEU D 382 -2.05 18.68 5.70
N LEU D 383 -2.71 19.54 6.47
CA LEU D 383 -2.06 20.78 6.87
C LEU D 383 -0.93 20.53 7.86
N GLU D 384 -1.12 19.60 8.80
CA GLU D 384 -0.06 19.31 9.78
C GLU D 384 1.21 18.78 9.09
N LEU D 385 1.04 18.16 7.92
CA LEU D 385 2.12 17.57 7.12
C LEU D 385 2.87 18.56 6.22
N GLY D 386 2.38 19.79 6.11
CA GLY D 386 2.96 20.73 5.16
C GLY D 386 2.39 20.58 3.77
N CYS D 387 1.28 19.86 3.65
CA CYS D 387 0.62 19.75 2.36
C CYS D 387 -0.39 20.88 2.11
N GLU D 388 -0.77 21.04 0.85
CA GLU D 388 -1.76 22.07 0.47
C GLU D 388 -3.03 21.43 -0.08
N PRO D 389 -4.11 21.38 0.72
CA PRO D 389 -5.35 20.91 0.11
C PRO D 389 -5.74 22.00 -0.89
N VAL D 390 -6.29 21.63 -2.05
CA VAL D 390 -6.69 22.67 -2.98
C VAL D 390 -8.17 22.63 -3.21
N HIS D 391 -8.71 21.46 -3.50
CA HIS D 391 -10.13 21.35 -3.78
C HIS D 391 -10.70 20.46 -2.70
N ILE D 392 -11.61 21.02 -1.91
CA ILE D 392 -12.23 20.26 -0.84
C ILE D 392 -13.73 20.17 -1.09
N LEU D 393 -14.18 18.98 -1.42
CA LEU D 393 -15.56 18.80 -1.79
C LEU D 393 -16.25 17.91 -0.77
N CYS D 394 -17.44 18.33 -0.34
CA CYS D 394 -18.27 17.52 0.52
C CYS D 394 -19.71 17.76 0.13
N HIS D 395 -20.23 16.81 -0.63
CA HIS D 395 -21.50 16.89 -1.28
C HIS D 395 -22.67 16.94 -0.29
N ASN D 396 -22.52 16.21 0.80
CA ASN D 396 -23.54 16.18 1.85
C ASN D 396 -23.19 17.16 3.01
N GLY D 397 -22.37 18.17 2.73
CA GLY D 397 -21.92 19.12 3.72
C GLY D 397 -22.96 20.20 3.93
N ASN D 398 -22.79 21.03 4.98
CA ASN D 398 -23.68 22.17 5.21
C ASN D 398 -22.89 23.44 5.45
N LYS D 399 -23.63 24.55 5.54
CA LYS D 399 -23.02 25.87 5.64
C LYS D 399 -22.21 26.02 6.93
N ARG D 400 -22.69 25.47 8.05
CA ARG D 400 -21.95 25.59 9.31
C ARG D 400 -20.61 24.78 9.29
N TRP D 401 -20.68 23.58 8.76
CA TRP D 401 -19.49 22.76 8.61
C TRP D 401 -18.46 23.47 7.73
N LYS D 402 -18.94 24.02 6.62
CA LYS D 402 -18.10 24.76 5.69
C LYS D 402 -17.43 25.92 6.39
N LYS D 403 -18.16 26.60 7.28
CA LYS D 403 -17.55 27.68 8.04
C LYS D 403 -16.39 27.18 8.91
N ALA D 404 -16.60 26.08 9.66
CA ALA D 404 -15.52 25.48 10.48
C ALA D 404 -14.27 25.10 9.68
N VAL D 405 -14.47 24.43 8.55
CA VAL D 405 -13.37 24.00 7.69
C VAL D 405 -12.63 25.23 7.10
N ASP D 406 -13.37 26.28 6.74
CA ASP D 406 -12.70 27.50 6.24
C ASP D 406 -11.83 28.17 7.32
N ALA D 407 -12.23 28.02 8.58
CA ALA D 407 -11.45 28.55 9.70
C ALA D 407 -10.17 27.77 9.92
N ILE D 408 -10.24 26.45 9.88
CA ILE D 408 -9.03 25.61 9.96
C ILE D 408 -8.03 25.93 8.84
N LEU D 409 -8.56 26.07 7.63
CA LEU D 409 -7.76 26.39 6.46
C LEU D 409 -7.03 27.70 6.65
N ALA D 410 -7.74 28.73 7.15
CA ALA D 410 -7.17 30.08 7.27
C ALA D 410 -6.18 30.23 8.43
N ALA D 411 -6.22 29.27 9.37
CA ALA D 411 -5.31 29.30 10.51
C ALA D 411 -3.91 28.83 10.13
N SER D 412 -3.74 28.36 8.88
CA SER D 412 -2.46 27.80 8.44
C SER D 412 -1.97 28.32 7.08
N PRO D 413 -0.66 28.63 6.97
CA PRO D 413 -0.05 29.10 5.72
C PRO D 413 -0.36 28.16 4.56
N TYR D 414 -0.61 26.89 4.89
CA TYR D 414 -0.79 25.86 3.90
C TYR D 414 -2.19 25.76 3.33
N GLY D 415 -3.09 26.55 3.87
CA GLY D 415 -4.45 26.55 3.37
C GLY D 415 -4.76 27.71 2.46
N LYS D 416 -3.76 28.53 2.08
CA LYS D 416 -4.03 29.79 1.36
C LYS D 416 -4.67 29.62 -0.01
N ASN D 417 -4.43 28.48 -0.66
CA ASN D 417 -4.94 28.24 -2.00
C ASN D 417 -6.11 27.27 -2.04
N ALA D 418 -6.72 27.01 -0.89
CA ALA D 418 -7.81 26.04 -0.84
C ALA D 418 -9.20 26.69 -0.79
N THR D 419 -10.16 26.02 -1.43
CA THR D 419 -11.54 26.42 -1.38
C THR D 419 -12.40 25.22 -1.02
N VAL D 420 -13.38 25.42 -0.13
CA VAL D 420 -14.32 24.36 0.23
C VAL D 420 -15.64 24.46 -0.57
N TYR D 421 -16.14 23.32 -1.04
CA TYR D 421 -17.38 23.23 -1.81
C TYR D 421 -18.37 22.31 -1.11
N ILE D 422 -19.59 22.80 -0.86
CA ILE D 422 -20.67 21.95 -0.34
C ILE D 422 -21.73 21.88 -1.43
N GLY D 423 -22.53 20.82 -1.47
CA GLY D 423 -23.54 20.69 -2.52
C GLY D 423 -23.07 20.34 -3.94
N LYS D 424 -21.77 20.19 -4.14
CA LYS D 424 -21.17 19.99 -5.45
C LYS D 424 -20.79 18.52 -5.62
N ASP D 425 -20.87 18.00 -6.86
CA ASP D 425 -20.63 16.56 -7.10
C ASP D 425 -19.29 16.31 -7.80
N LEU D 426 -19.09 15.07 -8.24
CA LEU D 426 -17.82 14.63 -8.85
C LEU D 426 -17.66 15.14 -10.28
N TRP D 427 -18.74 15.59 -10.88
CA TRP D 427 -18.59 16.23 -12.18
C TRP D 427 -18.04 17.64 -12.04
N HIS D 428 -18.35 18.31 -10.93
CA HIS D 428 -17.78 19.62 -10.59
C HIS D 428 -16.29 19.53 -10.30
N LEU D 429 -15.98 18.57 -9.45
CA LEU D 429 -14.63 18.24 -9.07
C LEU D 429 -13.76 17.92 -10.27
N ARG D 430 -14.33 17.17 -11.21
CA ARG D 430 -13.64 16.85 -12.46
C ARG D 430 -13.19 18.12 -13.19
N SER D 431 -14.05 19.17 -13.22
CA SER D 431 -13.65 20.43 -13.85
C SER D 431 -12.50 21.05 -13.11
N LEU D 432 -12.60 21.08 -11.79
CA LEU D 432 -11.56 21.68 -10.95
C LEU D 432 -10.18 21.08 -11.15
N VAL D 433 -10.09 19.75 -11.30
CA VAL D 433 -8.77 19.11 -11.45
C VAL D 433 -8.20 19.28 -12.87
N PHE D 434 -9.03 19.65 -13.85
CA PHE D 434 -8.55 20.07 -15.15
C PHE D 434 -8.13 21.56 -15.19
N THR D 435 -8.87 22.46 -14.55
CA THR D 435 -8.55 23.89 -14.63
C THR D 435 -7.48 24.37 -13.61
N ASP D 436 -7.37 23.67 -12.49
CA ASP D 436 -6.43 24.03 -11.43
C ASP D 436 -5.74 22.75 -10.84
N LYS D 437 -4.95 22.10 -11.67
CA LYS D 437 -4.49 20.71 -11.45
C LYS D 437 -3.70 20.50 -10.19
N PRO D 438 -4.20 19.62 -9.30
CA PRO D 438 -3.45 19.21 -8.12
C PRO D 438 -2.61 18.01 -8.51
N ASP D 439 -1.80 17.53 -7.56
CA ASP D 439 -0.95 16.39 -7.83
C ASP D 439 -1.72 15.12 -7.67
N PHE D 440 -2.60 15.07 -6.68
CA PHE D 440 -3.34 13.83 -6.45
C PHE D 440 -4.78 14.10 -6.06
N MET D 441 -5.62 13.09 -6.19
CA MET D 441 -6.96 13.08 -5.65
C MET D 441 -6.99 12.08 -4.49
N ILE D 442 -7.69 12.40 -3.42
CA ILE D 442 -7.99 11.48 -2.34
C ILE D 442 -9.50 11.38 -2.26
N GLY D 443 -10.04 10.22 -2.61
CA GLY D 443 -11.46 9.99 -2.56
C GLY D 443 -11.71 8.52 -2.74
N ASN D 444 -12.95 8.13 -3.08
CA ASN D 444 -13.34 6.71 -3.19
C ASN D 444 -13.15 6.19 -4.62
N SER D 445 -13.68 5.01 -4.92
CA SER D 445 -13.47 4.37 -6.23
C SER D 445 -14.01 5.18 -7.41
N TYR D 446 -15.11 5.90 -7.17
CA TYR D 446 -15.74 6.72 -8.21
C TYR D 446 -14.75 7.72 -8.86
N GLY D 447 -13.65 8.02 -8.17
CA GLY D 447 -12.62 8.92 -8.65
C GLY D 447 -11.75 8.33 -9.75
N LYS D 448 -11.82 7.01 -9.95
CA LYS D 448 -11.03 6.40 -11.02
C LYS D 448 -11.50 6.97 -12.37
N PHE D 449 -12.76 7.40 -12.44
CA PHE D 449 -13.29 7.93 -13.71
C PHE D 449 -12.74 9.31 -14.01
N ILE D 450 -12.48 10.04 -12.97
CA ILE D 450 -11.81 11.27 -13.19
C ILE D 450 -10.40 11.01 -13.69
N GLN D 451 -9.70 10.07 -13.07
CA GLN D 451 -8.30 9.83 -13.42
C GLN D 451 -8.19 9.40 -14.87
N ARG D 452 -9.10 8.53 -15.29
CA ARG D 452 -9.15 8.11 -16.71
C ARG D 452 -9.28 9.34 -17.64
N ASP D 453 -10.09 10.32 -17.23
CA ASP D 453 -10.37 11.53 -18.03
C ASP D 453 -9.18 12.45 -18.12
N THR D 454 -8.49 12.64 -17.00
CA THR D 454 -7.37 13.55 -16.95
C THR D 454 -6.28 12.95 -17.81
N LEU D 455 -6.20 11.62 -17.86
CA LEU D 455 -5.15 10.91 -18.64
C LEU D 455 -5.42 11.08 -20.12
N HIS D 456 -6.69 11.14 -20.48
CA HIS D 456 -7.03 11.20 -21.90
C HIS D 456 -6.62 12.55 -22.50
N LYS D 457 -6.58 13.58 -21.67
CA LYS D 457 -6.08 14.87 -22.10
C LYS D 457 -4.59 14.74 -22.41
N GLY D 458 -3.88 14.06 -21.50
CA GLY D 458 -2.44 13.85 -21.64
C GLY D 458 -1.79 13.33 -20.36
N LYS D 459 -0.73 12.54 -20.55
CA LYS D 459 0.01 11.96 -19.43
C LYS D 459 0.54 13.05 -18.45
N GLU D 460 0.88 14.23 -18.95
CA GLU D 460 1.28 15.33 -18.05
C GLU D 460 0.13 15.96 -17.24
N PHE D 461 -1.13 15.68 -17.62
CA PHE D 461 -2.32 16.23 -16.92
C PHE D 461 -2.99 15.17 -16.03
N GLU D 462 -2.54 13.92 -16.14
CA GLU D 462 -3.07 12.83 -15.32
C GLU D 462 -2.95 13.15 -13.85
N VAL D 463 -4.05 13.01 -13.11
CA VAL D 463 -4.06 13.23 -11.67
C VAL D 463 -4.35 11.91 -10.94
N PRO D 464 -3.34 11.30 -10.30
CA PRO D 464 -3.65 9.93 -9.80
C PRO D 464 -4.64 9.89 -8.62
N LEU D 465 -5.46 8.84 -8.58
CA LEU D 465 -6.38 8.62 -7.47
C LEU D 465 -5.78 7.86 -6.30
N ILE D 466 -5.81 8.46 -5.10
CA ILE D 466 -5.47 7.81 -3.83
C ILE D 466 -6.77 7.38 -3.10
N ARG D 467 -6.95 6.06 -2.93
CA ARG D 467 -8.21 5.47 -2.47
C ARG D 467 -8.32 5.40 -0.97
N ILE D 468 -9.04 6.39 -0.40
CA ILE D 468 -9.33 6.53 1.01
C ILE D 468 -10.76 7.08 1.13
N GLY D 469 -11.63 6.34 1.79
CA GLY D 469 -13.02 6.77 1.89
C GLY D 469 -13.92 5.58 1.70
N PHE D 470 -15.13 5.85 1.26
CA PHE D 470 -16.16 4.86 1.05
C PHE D 470 -17.06 5.28 -0.12
N PRO D 471 -17.45 4.31 -0.99
CA PRO D 471 -17.02 2.92 -1.05
C PRO D 471 -15.75 2.67 -1.87
N ILE D 472 -14.97 1.66 -1.48
CA ILE D 472 -13.84 1.26 -2.31
C ILE D 472 -14.11 -0.11 -2.89
N PHE D 473 -14.45 -0.17 -4.18
CA PHE D 473 -14.85 -1.43 -4.79
C PHE D 473 -13.75 -2.07 -5.66
N ASP D 474 -12.70 -1.34 -6.02
CA ASP D 474 -11.76 -1.84 -7.02
C ASP D 474 -10.37 -2.15 -6.45
N ARG D 475 -10.27 -2.13 -5.12
CA ARG D 475 -9.11 -2.69 -4.42
C ARG D 475 -9.67 -3.68 -3.41
N HIS D 476 -8.84 -4.59 -2.91
CA HIS D 476 -9.30 -5.61 -1.97
C HIS D 476 -8.81 -5.38 -0.57
N HIS D 477 -9.72 -5.50 0.38
CA HIS D 477 -9.42 -5.46 1.80
C HIS D 477 -8.87 -4.13 2.30
N LEU D 478 -9.17 -3.04 1.62
CA LEU D 478 -8.77 -1.74 2.18
C LEU D 478 -9.69 -1.39 3.36
N HIS D 479 -10.86 -2.03 3.44
CA HIS D 479 -11.76 -1.77 4.59
C HIS D 479 -11.18 -2.21 5.95
N ARG D 480 -10.06 -2.94 5.95
CA ARG D 480 -9.42 -3.35 7.20
C ARG D 480 -8.47 -2.25 7.70
N SER D 481 -8.37 -1.12 6.98
CA SER D 481 -7.42 -0.03 7.32
C SER D 481 -7.84 0.79 8.53
N THR D 482 -7.01 1.76 8.91
CA THR D 482 -7.36 2.65 10.01
C THR D 482 -7.18 4.11 9.59
N THR D 483 -8.08 5.00 9.98
CA THR D 483 -7.86 6.42 9.71
C THR D 483 -7.84 7.27 10.97
N LEU D 484 -8.32 6.71 12.07
CA LEU D 484 -8.34 7.42 13.36
C LEU D 484 -7.06 7.29 14.17
N GLY D 485 -6.88 8.19 15.13
CA GLY D 485 -5.80 8.03 16.09
C GLY D 485 -4.45 8.09 15.43
N TYR D 486 -3.44 7.70 16.19
CA TYR D 486 -2.06 7.71 15.73
C TYR D 486 -1.83 6.66 14.67
N GLU D 487 -2.46 5.52 14.87
CA GLU D 487 -2.40 4.40 13.97
C GLU D 487 -2.98 4.75 12.59
N GLY D 488 -4.08 5.49 12.58
CA GLY D 488 -4.68 5.89 11.33
C GLY D 488 -3.80 6.89 10.61
N ALA D 489 -3.25 7.80 11.40
CA ALA D 489 -2.36 8.85 10.89
C ALA D 489 -1.05 8.30 10.27
N MET D 490 -0.50 7.22 10.85
CA MET D 490 0.69 6.54 10.31
C MET D 490 0.40 5.91 8.96
N GLN D 491 -0.76 5.25 8.87
CA GLN D 491 -1.23 4.60 7.65
C GLN D 491 -1.50 5.57 6.53
N ILE D 492 -2.17 6.67 6.86
CA ILE D 492 -2.42 7.71 5.88
C ILE D 492 -1.10 8.36 5.40
N LEU D 493 -0.21 8.70 6.33
CA LEU D 493 1.06 9.30 5.99
C LEU D 493 1.82 8.38 5.01
N THR D 494 1.85 7.09 5.31
CA THR D 494 2.51 6.06 4.48
C THR D 494 1.83 5.89 3.12
N THR D 495 0.49 5.87 3.10
CA THR D 495 -0.25 5.84 1.83
C THR D 495 0.09 7.08 1.00
N LEU D 496 0.16 8.24 1.64
CA LEU D 496 0.43 9.48 0.89
C LEU D 496 1.88 9.60 0.39
N VAL D 497 2.87 9.36 1.25
CA VAL D 497 4.21 9.68 0.81
C VAL D 497 4.61 8.66 -0.25
N ASN D 498 4.08 7.43 -0.16
CA ASN D 498 4.39 6.39 -1.13
C ASN D 498 3.57 6.47 -2.43
N SER D 499 2.42 7.10 -2.41
CA SER D 499 1.78 7.45 -3.68
C SER D 499 2.66 8.47 -4.42
N ILE D 500 3.18 9.41 -3.67
CA ILE D 500 4.07 10.44 -4.21
C ILE D 500 5.33 9.84 -4.84
N LEU D 501 5.92 8.84 -4.18
CA LEU D 501 7.14 8.19 -4.64
C LEU D 501 6.89 7.20 -5.77
N GLU D 502 5.74 6.54 -5.74
CA GLU D 502 5.34 5.63 -6.81
C GLU D 502 5.14 6.39 -8.13
N ARG D 503 4.57 7.59 -8.03
CA ARG D 503 4.30 8.39 -9.22
C ARG D 503 5.60 8.95 -9.80
N LEU D 504 6.47 9.41 -8.92
CA LEU D 504 7.77 9.96 -9.27
C LEU D 504 8.64 8.93 -9.98
N ASP D 505 8.65 7.70 -9.48
CA ASP D 505 9.36 6.64 -10.17
C ASP D 505 8.76 6.44 -11.59
N GLU D 506 7.44 6.43 -11.74
CA GLU D 506 6.83 6.29 -13.08
C GLU D 506 7.29 7.40 -14.03
N GLU D 507 7.31 8.64 -13.56
CA GLU D 507 7.76 9.76 -14.37
C GLU D 507 9.32 9.73 -14.64
N THR D 508 10.05 8.91 -13.88
CA THR D 508 11.50 8.84 -14.06
C THR D 508 11.97 7.48 -14.54
N ARG D 509 11.08 6.66 -15.07
CA ARG D 509 11.46 5.30 -15.48
C ARG D 509 11.91 5.22 -16.98
N GLY D 510 11.96 6.35 -17.68
CA GLY D 510 12.28 6.37 -19.10
C GLY D 510 13.78 6.28 -19.39
N MET D 511 14.19 5.18 -20.01
CA MET D 511 15.61 4.89 -20.24
C MET D 511 16.30 5.98 -21.02
N GLN D 512 17.37 6.51 -20.44
CA GLN D 512 18.14 7.58 -21.08
C GLN D 512 17.28 8.78 -21.45
N ALA D 513 16.26 9.08 -20.67
CA ALA D 513 15.50 10.33 -20.84
C ALA D 513 15.15 10.95 -19.49
N THR D 514 14.48 10.19 -18.63
CA THR D 514 14.12 10.75 -17.33
C THR D 514 14.82 10.01 -16.17
N ASP D 515 15.57 8.94 -16.49
CA ASP D 515 16.05 8.07 -15.43
C ASP D 515 17.30 8.55 -14.72
N TYR D 516 17.82 9.70 -15.11
CA TYR D 516 18.89 10.34 -14.32
C TYR D 516 18.43 10.63 -12.88
N ASN D 517 17.12 10.79 -12.72
CA ASN D 517 16.46 10.97 -11.41
C ASN D 517 15.70 9.71 -10.95
N HIS D 518 16.08 8.55 -11.49
CA HIS D 518 15.54 7.28 -11.02
C HIS D 518 16.43 6.78 -9.86
N ASP D 519 16.32 7.44 -8.71
CA ASP D 519 17.19 7.17 -7.57
C ASP D 519 16.83 5.91 -6.80
N LEU D 520 17.88 5.16 -6.42
CA LEU D 520 17.74 4.01 -5.53
C LEU D 520 17.30 4.51 -4.17
N VAL D 521 17.92 5.60 -3.70
CA VAL D 521 17.63 6.13 -2.35
C VAL D 521 16.73 7.41 -2.35
N ARG D 522 15.54 7.28 -1.77
CA ARG D 522 14.60 8.39 -1.55
C ARG D 522 14.28 8.55 -0.05
N ALA E 1 75.11 -0.77 -15.41
CA ALA E 1 73.76 -0.35 -15.04
C ALA E 1 73.40 -0.80 -13.62
N MET E 2 72.11 -0.74 -13.26
CA MET E 2 71.66 -1.25 -11.96
C MET E 2 71.17 -2.69 -12.09
N ARG E 3 71.70 -3.56 -11.26
CA ARG E 3 71.33 -4.97 -11.24
C ARG E 3 70.57 -5.31 -9.93
N GLN E 4 69.38 -5.90 -10.05
CA GLN E 4 68.60 -6.27 -8.87
C GLN E 4 68.61 -7.79 -8.66
N CYS E 5 69.07 -8.23 -7.50
CA CYS E 5 69.17 -9.66 -7.23
C CYS E 5 68.45 -10.03 -5.93
N ALA E 6 67.91 -11.24 -5.90
CA ALA E 6 67.30 -11.75 -4.70
C ALA E 6 67.92 -13.10 -4.35
N ILE E 7 68.30 -13.26 -3.10
CA ILE E 7 68.90 -14.50 -2.65
C ILE E 7 67.87 -15.36 -1.92
N TYR E 8 67.66 -16.54 -2.43
CA TYR E 8 66.69 -17.45 -1.85
C TYR E 8 67.36 -18.73 -1.37
N GLY E 9 66.60 -19.54 -0.67
CA GLY E 9 67.13 -20.79 -0.17
C GLY E 9 66.36 -21.19 1.06
N LYS E 10 66.50 -22.46 1.41
CA LYS E 10 65.82 -23.06 2.55
C LYS E 10 66.08 -22.25 3.82
N GLY E 11 65.11 -22.23 4.72
CA GLY E 11 65.28 -21.60 6.02
C GLY E 11 66.48 -22.15 6.77
N GLY E 12 67.31 -21.22 7.27
CA GLY E 12 68.50 -21.54 8.05
C GLY E 12 69.74 -21.89 7.25
N ILE E 13 69.68 -21.74 5.93
CA ILE E 13 70.78 -22.20 5.08
C ILE E 13 71.95 -21.24 5.10
N GLY E 14 71.68 -19.99 5.48
CA GLY E 14 72.72 -18.98 5.52
C GLY E 14 72.53 -17.83 4.54
N LYS E 15 71.29 -17.57 4.13
CA LYS E 15 71.01 -16.52 3.15
C LYS E 15 71.45 -15.12 3.61
N SER E 16 71.04 -14.72 4.81
CA SER E 16 71.27 -13.33 5.25
C SER E 16 72.75 -13.04 5.49
N THR E 17 73.48 -13.98 6.09
CA THR E 17 74.92 -13.91 6.30
C THR E 17 75.69 -13.85 4.98
N THR E 18 75.40 -14.77 4.08
CA THR E 18 76.04 -14.79 2.77
C THR E 18 75.75 -13.52 1.98
N THR E 19 74.50 -13.06 2.04
CA THR E 19 74.11 -11.86 1.30
C THR E 19 74.94 -10.69 1.77
N GLN E 20 74.98 -10.49 3.08
CA GLN E 20 75.70 -9.37 3.64
C GLN E 20 77.19 -9.51 3.38
N ASN E 21 77.74 -10.72 3.57
CA ASN E 21 79.14 -10.95 3.30
C ASN E 21 79.47 -10.70 1.84
N LEU E 22 78.58 -11.13 0.95
CA LEU E 22 78.74 -10.90 -0.47
C LEU E 22 78.72 -9.42 -0.81
N VAL E 23 77.77 -8.69 -0.22
CA VAL E 23 77.59 -7.26 -0.46
C VAL E 23 78.78 -6.44 0.07
N ALA E 24 79.28 -6.82 1.25
CA ALA E 24 80.48 -6.21 1.81
C ALA E 24 81.63 -6.35 0.82
N ALA E 25 81.79 -7.54 0.25
CA ALA E 25 82.84 -7.76 -0.76
C ALA E 25 82.65 -6.93 -2.02
N LEU E 26 81.41 -6.77 -2.46
CA LEU E 26 81.11 -5.99 -3.65
C LEU E 26 81.50 -4.55 -3.41
N ALA E 27 81.17 -4.05 -2.21
CA ALA E 27 81.53 -2.68 -1.83
C ALA E 27 83.04 -2.48 -1.77
N GLU E 28 83.73 -3.45 -1.16
CA GLU E 28 85.19 -3.41 -1.05
C GLU E 28 85.87 -3.31 -2.43
N MET E 29 85.16 -3.75 -3.47
CA MET E 29 85.58 -3.59 -4.86
C MET E 29 85.24 -2.23 -5.44
N GLY E 30 84.45 -1.44 -4.72
CA GLY E 30 84.05 -0.14 -5.21
C GLY E 30 82.69 -0.10 -5.89
N LYS E 31 81.86 -1.11 -5.62
CA LYS E 31 80.50 -1.13 -6.15
C LYS E 31 79.54 -0.36 -5.25
N LYS E 32 78.50 0.25 -5.82
CA LYS E 32 77.44 0.87 -5.03
C LYS E 32 76.31 -0.12 -4.83
N VAL E 33 76.10 -0.54 -3.58
CA VAL E 33 75.09 -1.56 -3.30
C VAL E 33 74.11 -1.10 -2.23
N MET E 34 72.82 -1.35 -2.45
CA MET E 34 71.83 -1.16 -1.42
C MET E 34 71.26 -2.52 -0.98
N ILE E 35 71.05 -2.71 0.32
CA ILE E 35 70.36 -3.91 0.81
C ILE E 35 68.94 -3.58 1.29
N VAL E 36 67.96 -4.32 0.77
CA VAL E 36 66.58 -4.19 1.20
C VAL E 36 66.17 -5.45 1.96
N GLY E 37 66.09 -5.37 3.28
CA GLY E 37 65.65 -6.53 4.05
C GLY E 37 64.15 -6.71 4.05
N CYS E 38 63.68 -7.89 3.61
CA CYS E 38 62.27 -8.21 3.49
C CYS E 38 61.88 -9.37 4.40
N ASP E 39 62.27 -9.21 5.64
CA ASP E 39 62.10 -10.23 6.66
C ASP E 39 61.60 -9.48 7.90
N PRO E 40 60.51 -9.96 8.51
CA PRO E 40 59.98 -9.31 9.71
C PRO E 40 60.97 -9.28 10.91
N LYS E 41 61.82 -10.29 11.09
CA LYS E 41 62.81 -10.23 12.19
C LYS E 41 63.90 -9.17 11.93
N ALA E 42 63.86 -8.53 10.76
CA ALA E 42 64.80 -7.48 10.39
C ALA E 42 66.26 -7.75 10.69
N ASP E 43 66.75 -8.92 10.32
CA ASP E 43 68.12 -9.31 10.63
C ASP E 43 69.05 -9.15 9.41
N SER E 44 68.49 -8.61 8.33
CA SER E 44 69.18 -8.55 7.05
C SER E 44 70.33 -7.55 6.90
N THR E 45 70.43 -6.56 7.79
CA THR E 45 71.43 -5.52 7.63
C THR E 45 72.23 -5.28 8.89
N ARG E 46 72.03 -6.14 9.87
CA ARG E 46 72.60 -5.98 11.21
C ARG E 46 74.14 -6.09 11.20
N LEU E 47 74.68 -6.86 10.26
CA LEU E 47 76.12 -7.07 10.14
C LEU E 47 76.78 -5.98 9.30
N ILE E 48 75.97 -5.28 8.51
CA ILE E 48 76.43 -4.18 7.68
C ILE E 48 76.41 -2.87 8.46
N LEU E 49 75.51 -2.78 9.46
CA LEU E 49 75.35 -1.56 10.26
C LEU E 49 76.07 -1.52 11.60
N HIS E 50 75.38 -1.97 12.66
CA HIS E 50 75.91 -1.94 14.03
C HIS E 50 75.03 -2.78 14.96
N SER E 51 75.16 -2.54 16.27
CA SER E 51 74.29 -3.18 17.26
C SER E 51 72.82 -3.25 16.84
N LYS E 52 72.18 -4.36 17.21
CA LYS E 52 70.79 -4.68 16.89
C LYS E 52 70.29 -4.36 15.48
N ALA E 53 68.95 -4.43 15.34
CA ALA E 53 68.26 -4.19 14.08
C ALA E 53 67.68 -2.78 14.06
N GLN E 54 67.92 -2.10 12.96
CA GLN E 54 67.68 -0.67 12.88
C GLN E 54 66.19 -0.27 12.84
N ASN E 55 65.95 1.04 12.95
CA ASN E 55 64.65 1.66 12.68
C ASN E 55 64.11 1.23 11.32
N THR E 56 63.22 0.24 11.35
CA THR E 56 62.57 -0.27 10.14
C THR E 56 61.44 0.63 9.63
N ILE E 57 61.08 0.43 8.36
CA ILE E 57 60.08 1.25 7.71
C ILE E 57 58.73 1.17 8.43
N MET E 58 58.25 -0.03 8.74
CA MET E 58 56.94 -0.19 9.36
C MET E 58 56.93 0.39 10.76
N GLU E 59 58.02 0.17 11.48
CA GLU E 59 58.20 0.68 12.82
C GLU E 59 58.18 2.22 12.83
N MET E 60 58.95 2.84 11.94
CA MET E 60 58.99 4.31 11.85
C MET E 60 57.65 4.91 11.43
N ALA E 61 56.94 4.24 10.54
CA ALA E 61 55.64 4.71 10.09
C ALA E 61 54.62 4.75 11.23
N ALA E 62 54.64 3.72 12.07
CA ALA E 62 53.68 3.62 13.18
C ALA E 62 53.92 4.71 14.22
N GLU E 63 55.18 5.00 14.50
CA GLU E 63 55.51 6.08 15.43
C GLU E 63 55.08 7.44 14.87
N ALA E 64 55.27 7.66 13.57
CA ALA E 64 54.87 8.91 12.90
C ALA E 64 53.38 8.94 12.57
N GLY E 65 52.71 7.79 12.68
CA GLY E 65 51.27 7.71 12.45
C GLY E 65 50.87 6.86 11.24
N THR E 66 51.30 7.29 10.05
CA THR E 66 51.11 6.53 8.81
C THR E 66 52.33 6.66 7.90
N VAL E 67 52.41 5.75 6.94
CA VAL E 67 53.49 5.72 5.97
C VAL E 67 53.66 7.04 5.22
N GLU E 68 52.57 7.79 5.04
CA GLU E 68 52.65 9.02 4.26
C GLU E 68 53.52 10.10 4.89
N ASP E 69 53.61 10.06 6.22
CA ASP E 69 54.44 11.01 7.00
C ASP E 69 55.91 10.64 6.98
N LEU E 70 56.22 9.45 6.51
CA LEU E 70 57.56 8.94 6.62
C LEU E 70 58.47 9.54 5.55
N GLU E 71 59.60 10.10 5.97
CA GLU E 71 60.62 10.60 5.01
C GLU E 71 61.64 9.51 4.73
N LEU E 72 62.11 9.46 3.49
CA LEU E 72 63.02 8.39 3.04
C LEU E 72 64.35 8.36 3.82
N GLU E 73 64.85 9.55 4.14
CA GLU E 73 66.10 9.70 4.89
C GLU E 73 66.02 9.05 6.28
N ASP E 74 64.81 8.84 6.78
CA ASP E 74 64.59 8.32 8.13
C ASP E 74 64.83 6.81 8.25
N VAL E 75 64.77 6.10 7.13
CA VAL E 75 64.91 4.65 7.14
C VAL E 75 66.08 4.11 6.33
N LEU E 76 66.64 4.95 5.47
CA LEU E 76 67.68 4.49 4.57
C LEU E 76 69.03 4.91 5.15
N LYS E 77 69.79 3.92 5.59
CA LYS E 77 71.05 4.19 6.28
C LYS E 77 72.29 3.56 5.60
N ALA E 78 73.46 4.16 5.84
CA ALA E 78 74.69 3.67 5.26
C ALA E 78 75.58 3.02 6.30
N GLY E 79 76.17 1.88 5.93
CA GLY E 79 77.05 1.17 6.82
C GLY E 79 78.39 0.97 6.16
N TYR E 80 79.00 -0.18 6.47
CA TYR E 80 80.32 -0.55 5.97
C TYR E 80 80.41 -0.36 4.46
N GLY E 81 81.44 0.34 4.00
CA GLY E 81 81.67 0.46 2.58
C GLY E 81 80.67 1.32 1.85
N GLY E 82 79.85 2.03 2.62
CA GLY E 82 78.87 2.96 2.07
C GLY E 82 77.61 2.27 1.60
N VAL E 83 77.49 0.99 1.96
CA VAL E 83 76.33 0.19 1.58
C VAL E 83 75.03 0.72 2.21
N LYS E 84 74.03 1.02 1.37
CA LYS E 84 72.76 1.55 1.86
C LYS E 84 71.81 0.42 2.30
N CYS E 85 71.28 0.57 3.51
CA CYS E 85 70.48 -0.46 4.18
C CYS E 85 69.09 0.04 4.56
N VAL E 86 68.09 -0.78 4.26
CA VAL E 86 66.77 -0.47 4.74
C VAL E 86 66.09 -1.77 5.15
N GLU E 87 65.24 -1.70 6.17
CA GLU E 87 64.46 -2.83 6.65
C GLU E 87 62.97 -2.59 6.53
N SER E 88 62.26 -3.59 6.01
CA SER E 88 60.80 -3.59 5.97
C SER E 88 60.25 -3.54 7.36
N GLY E 89 60.78 -4.40 8.21
CA GLY E 89 60.24 -4.54 9.54
C GLY E 89 58.99 -5.38 9.48
N GLY E 90 58.27 -5.41 10.58
CA GLY E 90 57.07 -6.22 10.62
C GLY E 90 56.84 -6.63 12.04
N PRO E 91 55.81 -7.43 12.25
CA PRO E 91 55.36 -7.82 13.58
C PRO E 91 56.27 -8.85 14.24
N GLU E 92 56.12 -9.02 15.54
CA GLU E 92 56.69 -10.16 16.25
C GLU E 92 55.92 -11.39 15.76
N PRO E 93 56.46 -12.59 15.99
CA PRO E 93 55.75 -13.77 15.44
C PRO E 93 54.29 -14.00 15.92
N GLY E 94 53.42 -14.41 15.00
CA GLY E 94 52.11 -14.92 15.36
C GLY E 94 50.98 -13.91 15.49
N VAL E 95 51.24 -12.68 15.03
CA VAL E 95 50.27 -11.59 15.04
C VAL E 95 50.50 -10.70 13.82
N GLY E 96 49.48 -10.00 13.37
CA GLY E 96 49.67 -9.08 12.25
C GLY E 96 49.91 -9.82 10.92
N CYS E 97 50.63 -9.18 10.01
CA CYS E 97 50.78 -9.70 8.64
C CYS E 97 52.08 -9.25 8.06
N ALA E 98 53.14 -10.06 8.13
CA ALA E 98 54.43 -9.60 7.64
C ALA E 98 54.45 -9.41 6.13
N GLY E 99 53.62 -10.16 5.42
CA GLY E 99 53.52 -10.01 3.98
C GLY E 99 53.23 -8.58 3.56
N ARG E 100 52.22 -7.97 4.18
CA ARG E 100 51.82 -6.58 3.88
C ARG E 100 52.90 -5.55 4.23
N GLY E 101 53.68 -5.82 5.27
CA GLY E 101 54.80 -4.97 5.63
C GLY E 101 55.83 -4.86 4.50
N VAL E 102 56.08 -5.98 3.83
CA VAL E 102 56.96 -6.00 2.68
C VAL E 102 56.37 -5.18 1.54
N ILE E 103 55.08 -5.39 1.29
CA ILE E 103 54.37 -4.70 0.21
C ILE E 103 54.38 -3.20 0.48
N THR E 104 54.08 -2.82 1.73
CA THR E 104 54.11 -1.40 2.10
C THR E 104 55.51 -0.84 1.95
N ALA E 105 56.47 -1.58 2.46
CA ALA E 105 57.86 -1.14 2.41
C ALA E 105 58.43 -1.02 0.99
N ILE E 106 58.26 -2.05 0.15
CA ILE E 106 58.79 -2.00 -1.22
C ILE E 106 58.14 -0.86 -2.01
N ASN E 107 56.84 -0.71 -1.85
CA ASN E 107 56.11 0.36 -2.51
C ASN E 107 56.60 1.72 -2.06
N PHE E 108 56.98 1.82 -0.79
CA PHE E 108 57.54 3.06 -0.26
C PHE E 108 58.85 3.39 -0.97
N LEU E 109 59.76 2.42 -1.03
CA LEU E 109 61.06 2.66 -1.66
C LEU E 109 60.86 3.11 -3.10
N GLU E 110 59.88 2.53 -3.77
CA GLU E 110 59.61 2.95 -5.14
C GLU E 110 59.18 4.39 -5.25
N GLU E 111 58.13 4.77 -4.52
CA GLU E 111 57.58 6.11 -4.65
C GLU E 111 58.55 7.19 -4.19
N GLU E 112 59.36 6.92 -3.17
CA GLU E 112 60.28 7.95 -2.68
C GLU E 112 61.61 7.97 -3.47
N GLY E 113 61.73 7.09 -4.45
CA GLY E 113 62.85 7.10 -5.38
C GLY E 113 64.20 6.53 -4.95
N ALA E 114 64.19 5.61 -4.01
CA ALA E 114 65.41 4.99 -3.50
C ALA E 114 66.21 4.32 -4.61
N TYR E 115 65.50 3.95 -5.67
CA TYR E 115 66.11 3.29 -6.82
C TYR E 115 66.74 4.29 -7.77
N GLU E 116 66.37 5.57 -7.63
CA GLU E 116 66.86 6.57 -8.56
C GLU E 116 68.21 7.06 -8.06
N ASP E 117 68.92 6.24 -7.28
CA ASP E 117 70.29 6.61 -6.94
C ASP E 117 71.18 6.11 -8.08
N ASP E 118 72.50 6.14 -7.86
CA ASP E 118 73.45 5.56 -8.79
C ASP E 118 73.93 4.23 -8.24
N LEU E 119 73.06 3.23 -8.35
CA LEU E 119 73.27 1.94 -7.70
C LEU E 119 73.75 0.95 -8.72
N ASP E 120 74.72 0.14 -8.31
CA ASP E 120 75.19 -0.91 -9.16
C ASP E 120 74.34 -2.12 -8.91
N PHE E 121 74.11 -2.40 -7.63
CA PHE E 121 73.37 -3.59 -7.21
C PHE E 121 72.34 -3.32 -6.13
N VAL E 122 71.18 -3.95 -6.25
CA VAL E 122 70.21 -4.06 -5.18
C VAL E 122 70.03 -5.51 -4.80
N PHE E 123 70.19 -5.82 -3.51
CA PHE E 123 69.97 -7.18 -3.06
C PHE E 123 68.75 -7.24 -2.16
N TYR E 124 67.84 -8.16 -2.45
CA TYR E 124 66.66 -8.36 -1.62
C TYR E 124 66.83 -9.62 -0.76
N ASP E 125 66.77 -9.44 0.56
CA ASP E 125 66.88 -10.57 1.46
C ASP E 125 65.52 -11.11 1.87
N VAL E 126 65.19 -12.32 1.41
CA VAL E 126 63.83 -12.80 1.56
C VAL E 126 63.78 -13.94 2.56
N LEU E 127 62.59 -14.14 3.12
CA LEU E 127 62.31 -15.17 4.12
C LEU E 127 62.55 -16.53 3.49
N GLY E 128 62.68 -17.58 4.30
CA GLY E 128 63.01 -18.86 3.72
C GLY E 128 62.00 -19.36 2.71
N ASP E 129 60.79 -19.66 3.16
CA ASP E 129 59.71 -20.12 2.29
C ASP E 129 58.80 -18.95 1.89
N VAL E 130 58.39 -18.93 0.64
CA VAL E 130 57.59 -17.81 0.11
C VAL E 130 56.10 -18.10 0.31
N VAL E 131 55.55 -17.62 1.42
CA VAL E 131 54.24 -18.03 1.89
C VAL E 131 53.02 -17.31 1.29
N CYS E 132 53.24 -16.17 0.64
CA CYS E 132 52.12 -15.36 0.17
C CYS E 132 52.61 -14.29 -0.80
N GLY E 133 51.69 -13.61 -1.47
CA GLY E 133 52.06 -12.63 -2.49
C GLY E 133 53.05 -11.55 -2.07
N GLY E 134 52.92 -11.09 -0.83
CA GLY E 134 53.81 -10.10 -0.26
C GLY E 134 55.29 -10.46 -0.28
N PHE E 135 55.59 -11.73 -0.06
CA PHE E 135 56.98 -12.15 0.00
C PHE E 135 57.53 -12.43 -1.40
N ALA E 136 56.70 -12.22 -2.41
CA ALA E 136 57.18 -12.34 -3.78
C ALA E 136 57.30 -10.97 -4.39
N MET E 137 56.98 -9.96 -3.59
CA MET E 137 57.11 -8.58 -4.02
C MET E 137 58.51 -8.28 -4.59
N PRO E 138 59.59 -8.80 -3.96
CA PRO E 138 60.91 -8.58 -4.58
C PRO E 138 61.13 -9.15 -6.00
N ILE E 139 60.31 -10.06 -6.50
CA ILE E 139 60.56 -10.64 -7.82
C ILE E 139 59.44 -10.28 -8.77
N ARG E 140 58.78 -9.19 -8.42
CA ARG E 140 57.81 -8.56 -9.29
C ARG E 140 58.54 -7.75 -10.38
N GLU E 141 57.75 -7.23 -11.31
CA GLU E 141 58.22 -6.36 -12.38
C GLU E 141 59.06 -5.21 -11.83
N ASN E 142 60.13 -4.87 -12.53
CA ASN E 142 61.01 -3.79 -12.09
C ASN E 142 61.66 -4.08 -10.76
N LYS E 143 61.54 -5.31 -10.29
CA LYS E 143 62.24 -5.67 -9.08
C LYS E 143 63.36 -6.61 -9.49
N ALA E 144 63.63 -7.64 -8.69
CA ALA E 144 64.75 -8.53 -8.96
C ALA E 144 64.56 -9.25 -10.29
N GLN E 145 65.65 -9.37 -11.05
CA GLN E 145 65.63 -10.20 -12.25
C GLN E 145 66.58 -11.37 -12.17
N GLU E 146 67.57 -11.30 -11.28
CA GLU E 146 68.44 -12.45 -11.12
C GLU E 146 68.34 -12.96 -9.71
N ILE E 147 68.19 -14.26 -9.60
CA ILE E 147 68.07 -14.97 -8.34
C ILE E 147 69.21 -15.93 -8.15
N TYR E 148 69.75 -15.97 -6.94
CA TYR E 148 70.75 -16.95 -6.59
C TYR E 148 70.17 -17.85 -5.49
N ILE E 149 70.38 -19.15 -5.62
CA ILE E 149 69.85 -20.09 -4.65
C ILE E 149 70.95 -20.68 -3.79
N VAL E 150 70.91 -20.39 -2.49
CA VAL E 150 71.87 -20.92 -1.54
C VAL E 150 71.52 -22.35 -1.17
N CYS E 151 72.48 -23.26 -1.25
CA CYS E 151 72.19 -24.66 -0.95
C CYS E 151 73.31 -25.35 -0.15
N SER E 152 73.12 -26.64 0.08
CA SER E 152 74.13 -27.46 0.72
C SER E 152 73.95 -28.88 0.26
N GLY E 153 74.84 -29.76 0.73
CA GLY E 153 74.74 -31.17 0.44
C GLY E 153 73.58 -31.86 1.13
N GLU E 154 72.89 -31.18 2.05
CA GLU E 154 71.82 -31.84 2.80
C GLU E 154 70.55 -32.06 1.97
N MET E 155 69.75 -33.05 2.35
CA MET E 155 68.52 -33.35 1.63
C MET E 155 67.61 -32.14 1.49
N MET E 156 67.36 -31.46 2.60
CA MET E 156 66.39 -30.37 2.60
C MET E 156 66.87 -29.21 1.73
N ALA E 157 68.18 -28.99 1.69
CA ALA E 157 68.76 -27.88 0.96
C ALA E 157 68.56 -28.04 -0.55
N MET E 158 68.79 -29.24 -1.05
CA MET E 158 68.62 -29.52 -2.46
C MET E 158 67.16 -29.68 -2.85
N TYR E 159 66.36 -30.25 -1.95
CA TYR E 159 64.92 -30.28 -2.15
C TYR E 159 64.41 -28.87 -2.40
N ALA E 160 64.90 -27.93 -1.60
CA ALA E 160 64.47 -26.55 -1.71
C ALA E 160 64.98 -25.93 -3.00
N ALA E 161 66.21 -26.25 -3.39
CA ALA E 161 66.78 -25.68 -4.61
C ALA E 161 65.93 -26.07 -5.84
N ASN E 162 65.53 -27.33 -5.92
CA ASN E 162 64.70 -27.78 -7.03
C ASN E 162 63.30 -27.17 -7.03
N ASN E 163 62.66 -27.09 -5.87
CA ASN E 163 61.30 -26.52 -5.82
C ASN E 163 61.23 -25.02 -6.09
N ILE E 164 62.17 -24.28 -5.56
CA ILE E 164 62.20 -22.85 -5.80
C ILE E 164 62.59 -22.60 -7.28
N SER E 165 63.49 -23.40 -7.84
CA SER E 165 63.86 -23.26 -9.24
C SER E 165 62.65 -23.58 -10.10
N LYS E 166 61.82 -24.51 -9.62
CA LYS E 166 60.53 -24.79 -10.26
C LYS E 166 59.69 -23.52 -10.25
N GLY E 167 59.77 -22.77 -9.14
CA GLY E 167 59.07 -21.51 -8.99
C GLY E 167 59.55 -20.40 -9.93
N ILE E 168 60.84 -20.40 -10.27
CA ILE E 168 61.38 -19.39 -11.17
C ILE E 168 60.77 -19.60 -12.56
N VAL E 169 60.51 -20.85 -12.93
CA VAL E 169 59.93 -21.16 -14.23
C VAL E 169 58.59 -20.42 -14.36
N LYS E 170 57.81 -20.36 -13.28
CA LYS E 170 56.51 -19.67 -13.28
C LYS E 170 56.59 -18.16 -13.50
N TYR E 171 57.60 -17.50 -12.93
CA TYR E 171 57.76 -16.05 -13.11
C TYR E 171 58.52 -15.68 -14.39
N ALA E 172 59.40 -16.58 -14.82
CA ALA E 172 60.23 -16.35 -16.00
C ALA E 172 59.42 -16.26 -17.28
N ASN E 173 58.33 -17.04 -17.37
CA ASN E 173 57.51 -17.01 -18.56
C ASN E 173 56.77 -15.69 -18.72
N SER E 174 56.15 -15.24 -17.63
CA SER E 174 55.31 -14.05 -17.67
C SER E 174 56.08 -12.78 -17.33
N GLY E 175 57.36 -12.94 -17.03
CA GLY E 175 58.19 -11.82 -16.62
C GLY E 175 59.61 -12.03 -17.13
N SER E 176 60.56 -11.30 -16.58
CA SER E 176 61.94 -11.46 -17.02
C SER E 176 62.84 -12.18 -16.00
N VAL E 177 62.33 -12.43 -14.80
CA VAL E 177 63.15 -13.01 -13.72
C VAL E 177 63.87 -14.31 -14.09
N ARG E 178 65.16 -14.40 -13.80
CA ARG E 178 65.95 -15.57 -14.18
C ARG E 178 66.82 -16.09 -13.04
N LEU E 179 67.06 -17.40 -13.02
CA LEU E 179 68.03 -18.00 -12.09
C LEU E 179 69.47 -17.80 -12.54
N GLY E 180 70.27 -17.18 -11.69
CA GLY E 180 71.65 -16.86 -11.99
C GLY E 180 72.59 -17.98 -11.63
N GLY E 181 72.30 -18.67 -10.54
CA GLY E 181 73.15 -19.76 -10.11
C GLY E 181 72.93 -20.29 -8.70
N LEU E 182 73.73 -21.31 -8.36
CA LEU E 182 73.73 -21.90 -7.02
C LEU E 182 74.97 -21.47 -6.26
N ILE E 183 74.76 -21.08 -5.01
CA ILE E 183 75.84 -20.78 -4.10
C ILE E 183 75.84 -21.90 -3.06
N CYS E 184 76.94 -22.64 -2.96
CA CYS E 184 77.00 -23.77 -2.04
C CYS E 184 77.50 -23.35 -0.67
N ASN E 185 76.59 -23.34 0.30
CA ASN E 185 76.99 -23.06 1.68
C ASN E 185 77.21 -24.39 2.41
N SER E 186 78.48 -24.75 2.54
CA SER E 186 78.87 -26.08 2.93
C SER E 186 78.35 -26.58 4.26
N ARG E 187 78.08 -27.85 4.25
CA ARG E 187 77.69 -28.58 5.44
C ARG E 187 78.73 -29.65 5.76
N ASN E 188 79.89 -29.54 5.11
CA ASN E 188 80.99 -30.50 5.19
C ASN E 188 80.50 -31.93 4.87
N THR E 189 79.64 -32.06 3.86
CA THR E 189 79.12 -33.36 3.43
C THR E 189 80.14 -34.02 2.51
N ASP E 190 80.10 -35.34 2.42
CA ASP E 190 81.04 -36.07 1.58
C ASP E 190 80.77 -35.84 0.09
N ARG E 191 81.82 -35.55 -0.67
CA ARG E 191 81.72 -35.32 -2.12
C ARG E 191 80.71 -34.22 -2.43
N GLU E 192 80.72 -33.19 -1.59
CA GLU E 192 79.68 -32.15 -1.60
C GLU E 192 79.71 -31.25 -2.84
N ASP E 193 80.89 -30.76 -3.21
CA ASP E 193 81.02 -29.87 -4.36
C ASP E 193 80.66 -30.59 -5.66
N GLU E 194 81.09 -31.85 -5.80
CA GLU E 194 80.73 -32.65 -6.97
C GLU E 194 79.22 -32.79 -7.11
N LEU E 195 78.54 -32.93 -5.97
CA LEU E 195 77.09 -33.06 -5.96
C LEU E 195 76.33 -31.80 -6.38
N ILE E 196 76.75 -30.62 -5.91
CA ILE E 196 76.01 -29.39 -6.22
C ILE E 196 76.26 -28.98 -7.69
N ILE E 197 77.47 -29.22 -8.18
CA ILE E 197 77.78 -29.07 -9.60
C ILE E 197 76.90 -30.00 -10.45
N ALA E 198 76.77 -31.25 -10.00
CA ALA E 198 75.93 -32.23 -10.71
C ALA E 198 74.48 -31.75 -10.79
N LEU E 199 73.93 -31.31 -9.65
CA LEU E 199 72.56 -30.83 -9.60
C LEU E 199 72.39 -29.62 -10.50
N ALA E 200 73.37 -28.72 -10.44
CA ALA E 200 73.36 -27.50 -11.25
C ALA E 200 73.26 -27.84 -12.73
N ASN E 201 73.99 -28.88 -13.15
CA ASN E 201 73.99 -29.31 -14.55
C ASN E 201 72.59 -29.68 -14.97
N LYS E 202 71.93 -30.48 -14.14
CA LYS E 202 70.59 -30.94 -14.47
C LYS E 202 69.56 -29.80 -14.46
N LEU E 203 69.79 -28.75 -13.68
CA LEU E 203 68.90 -27.58 -13.71
C LEU E 203 69.12 -26.73 -14.97
N GLY E 204 70.38 -26.65 -15.40
CA GLY E 204 70.76 -25.83 -16.54
C GLY E 204 71.53 -24.63 -16.05
N THR E 205 71.87 -24.67 -14.77
CA THR E 205 72.51 -23.56 -14.09
C THR E 205 73.97 -23.96 -13.76
N GLN E 206 74.76 -23.06 -13.19
CA GLN E 206 76.09 -23.42 -12.69
C GLN E 206 76.11 -23.43 -11.16
N MET E 207 77.21 -23.88 -10.57
CA MET E 207 77.48 -23.57 -9.18
C MET E 207 78.40 -22.38 -9.17
N ILE E 208 77.87 -21.21 -8.79
CA ILE E 208 78.60 -19.95 -8.89
C ILE E 208 79.86 -19.94 -8.01
N HIS E 209 79.77 -20.45 -6.79
CA HIS E 209 80.91 -20.52 -5.88
C HIS E 209 80.65 -21.46 -4.71
N PHE E 210 81.72 -22.04 -4.19
CA PHE E 210 81.62 -22.94 -3.04
C PHE E 210 82.08 -22.16 -1.80
N VAL E 211 81.15 -21.89 -0.89
CA VAL E 211 81.49 -21.18 0.33
C VAL E 211 81.70 -22.19 1.46
N PRO E 212 82.94 -22.31 1.92
CA PRO E 212 83.29 -23.30 2.94
C PRO E 212 82.58 -23.04 4.26
N ARG E 213 82.39 -24.08 5.05
CA ARG E 213 81.89 -23.92 6.40
C ARG E 213 83.07 -23.50 7.27
N ASP E 214 82.95 -22.31 7.84
CA ASP E 214 84.03 -21.69 8.62
C ASP E 214 83.48 -20.93 9.83
N ASN E 215 83.92 -21.30 11.02
CA ASN E 215 83.40 -20.68 12.26
C ASN E 215 83.79 -19.20 12.43
N VAL E 216 84.64 -18.70 11.54
CA VAL E 216 84.94 -17.28 11.50
C VAL E 216 83.65 -16.52 11.22
N VAL E 217 82.76 -17.13 10.43
CA VAL E 217 81.47 -16.54 10.08
C VAL E 217 80.65 -16.31 11.35
N GLN E 218 80.61 -17.30 12.22
CA GLN E 218 79.86 -17.18 13.48
C GLN E 218 80.54 -16.26 14.50
N ARG E 219 81.86 -16.20 14.50
CA ARG E 219 82.55 -15.26 15.38
C ARG E 219 82.26 -13.82 14.95
N ALA E 220 82.22 -13.58 13.65
CA ALA E 220 81.87 -12.26 13.12
C ALA E 220 80.42 -11.87 13.43
N GLU E 221 79.52 -12.84 13.39
CA GLU E 221 78.11 -12.62 13.69
C GLU E 221 77.97 -12.06 15.11
N ILE E 222 78.81 -12.58 16.02
CA ILE E 222 78.85 -12.09 17.40
C ILE E 222 79.29 -10.64 17.49
N ARG E 223 80.26 -10.25 16.67
CA ARG E 223 80.70 -8.85 16.62
C ARG E 223 79.75 -8.00 15.80
N ARG E 224 78.65 -8.62 15.38
CA ARG E 224 77.59 -7.96 14.64
C ARG E 224 78.17 -7.37 13.35
N MET E 225 79.12 -8.09 12.74
CA MET E 225 79.74 -7.64 11.48
C MET E 225 80.02 -8.78 10.47
N THR E 226 80.26 -8.40 9.22
CA THR E 226 80.64 -9.37 8.18
C THR E 226 82.08 -9.83 8.42
N VAL E 227 82.43 -10.95 7.81
CA VAL E 227 83.77 -11.50 7.94
C VAL E 227 84.83 -10.55 7.35
N ILE E 228 84.48 -9.86 6.27
CA ILE E 228 85.41 -8.96 5.60
C ILE E 228 85.97 -7.81 6.45
N GLU E 229 85.15 -7.16 7.27
CA GLU E 229 85.69 -6.12 8.14
C GLU E 229 86.27 -6.71 9.43
N TYR E 230 85.68 -7.80 9.90
CA TYR E 230 86.11 -8.48 11.13
C TYR E 230 87.51 -9.10 10.99
N ASP E 231 87.76 -9.71 9.82
CA ASP E 231 89.05 -10.34 9.52
C ASP E 231 89.29 -10.31 8.00
N PRO E 232 89.77 -9.18 7.48
CA PRO E 232 90.00 -9.02 6.04
C PRO E 232 91.00 -10.01 5.47
N LYS E 233 91.82 -10.61 6.35
CA LYS E 233 92.91 -11.48 5.94
C LYS E 233 92.55 -12.98 5.86
N ALA E 234 91.48 -13.39 6.53
CA ALA E 234 91.10 -14.80 6.62
C ALA E 234 90.85 -15.41 5.25
N LYS E 235 90.96 -16.74 5.19
CA LYS E 235 90.75 -17.48 3.96
C LYS E 235 89.30 -17.32 3.51
N GLN E 236 88.39 -17.27 4.48
CA GLN E 236 86.96 -17.14 4.21
C GLN E 236 86.59 -15.82 3.56
N ALA E 237 87.25 -14.76 3.98
CA ALA E 237 87.05 -13.45 3.36
C ALA E 237 87.35 -13.52 1.87
N ASP E 238 88.34 -14.34 1.51
CA ASP E 238 88.71 -14.52 0.10
C ASP E 238 87.67 -15.30 -0.71
N GLU E 239 86.96 -16.21 -0.05
CA GLU E 239 85.88 -16.94 -0.70
C GLU E 239 84.75 -15.99 -1.17
N TYR E 240 84.43 -15.00 -0.34
CA TYR E 240 83.37 -14.04 -0.67
C TYR E 240 83.81 -13.08 -1.78
N ARG E 241 85.11 -12.76 -1.80
CA ARG E 241 85.68 -11.91 -2.85
C ARG E 241 85.56 -12.60 -4.20
N ALA E 242 85.88 -13.90 -4.20
CA ALA E 242 85.77 -14.69 -5.40
C ALA E 242 84.32 -14.74 -5.87
N LEU E 243 83.41 -15.06 -4.95
CA LEU E 243 81.98 -15.11 -5.24
C LEU E 243 81.50 -13.74 -5.72
N ALA E 244 82.03 -12.67 -5.10
CA ALA E 244 81.67 -11.30 -5.51
C ALA E 244 82.01 -11.09 -6.97
N ARG E 245 83.24 -11.44 -7.34
CA ARG E 245 83.68 -11.29 -8.72
C ARG E 245 82.88 -12.12 -9.71
N LYS E 246 82.42 -13.29 -9.28
CA LYS E 246 81.63 -14.17 -10.13
C LYS E 246 80.27 -13.59 -10.47
N VAL E 247 79.63 -13.01 -9.46
CA VAL E 247 78.32 -12.38 -9.63
C VAL E 247 78.47 -11.14 -10.50
N VAL E 248 79.54 -10.39 -10.30
CA VAL E 248 79.80 -9.23 -11.13
C VAL E 248 79.92 -9.66 -12.60
N ASP E 249 80.72 -10.69 -12.83
CA ASP E 249 81.00 -11.13 -14.19
C ASP E 249 80.04 -12.20 -14.70
N ASN E 250 79.05 -12.56 -13.90
CA ASN E 250 78.11 -13.57 -14.35
C ASN E 250 77.19 -13.07 -15.47
N LYS E 251 77.09 -13.86 -16.53
CA LYS E 251 76.15 -13.53 -17.61
C LYS E 251 75.21 -14.70 -17.84
N LEU E 252 75.38 -15.76 -17.05
CA LEU E 252 74.50 -16.92 -17.17
C LEU E 252 73.21 -16.69 -16.39
N LEU E 253 72.15 -16.35 -17.11
CA LEU E 253 70.84 -16.13 -16.51
C LEU E 253 69.89 -17.02 -17.26
N VAL E 254 69.47 -18.08 -16.60
CA VAL E 254 68.74 -19.12 -17.28
C VAL E 254 67.38 -19.38 -16.69
N ILE E 255 66.55 -20.05 -17.49
CA ILE E 255 65.37 -20.69 -16.96
C ILE E 255 65.81 -22.14 -16.66
N PRO E 256 65.65 -22.53 -15.39
CA PRO E 256 66.13 -23.84 -14.97
C PRO E 256 65.15 -24.90 -15.45
N ASN E 257 65.64 -26.12 -15.68
CA ASN E 257 64.75 -27.21 -16.03
C ASN E 257 64.54 -28.09 -14.82
N PRO E 258 63.34 -27.98 -14.21
CA PRO E 258 63.00 -28.69 -12.97
C PRO E 258 63.16 -30.20 -13.09
N ILE E 259 63.72 -30.77 -12.03
CA ILE E 259 64.04 -32.18 -11.97
C ILE E 259 62.84 -32.85 -11.32
N THR E 260 62.66 -34.16 -11.53
CA THR E 260 61.51 -34.84 -10.97
C THR E 260 61.77 -35.18 -9.50
N MET E 261 60.83 -34.82 -8.62
CA MET E 261 61.01 -34.91 -7.18
C MET E 261 61.43 -36.31 -6.76
N ASP E 262 60.73 -37.27 -7.33
CA ASP E 262 61.06 -38.66 -7.16
C ASP E 262 62.43 -39.01 -7.71
N GLU E 263 62.38 -39.54 -8.93
CA GLU E 263 63.46 -40.28 -9.58
C GLU E 263 64.75 -39.52 -9.90
N LEU E 264 64.66 -38.35 -10.52
CA LEU E 264 65.86 -37.60 -10.89
C LEU E 264 66.63 -37.14 -9.67
N GLU E 265 65.90 -36.71 -8.64
CA GLU E 265 66.46 -36.25 -7.37
C GLU E 265 67.18 -37.40 -6.67
N GLU E 266 66.61 -38.59 -6.80
CA GLU E 266 67.01 -39.82 -6.11
C GLU E 266 68.49 -40.14 -6.25
N LEU E 267 69.15 -39.52 -7.22
CA LEU E 267 70.59 -39.67 -7.42
C LEU E 267 71.39 -39.17 -6.22
N LEU E 268 70.69 -38.64 -5.22
CA LEU E 268 71.25 -38.41 -3.90
C LEU E 268 71.73 -39.76 -3.33
N MET E 269 70.97 -40.81 -3.64
CA MET E 269 71.28 -42.15 -3.17
C MET E 269 72.60 -42.56 -3.81
N GLU E 270 72.80 -42.12 -5.05
CA GLU E 270 74.05 -42.38 -5.78
C GLU E 270 75.23 -41.63 -5.18
N ALA F 1 41.47 -34.91 29.07
CA ALA F 1 42.01 -36.21 28.66
C ALA F 1 42.88 -36.07 27.42
N MET F 2 42.47 -35.22 26.49
CA MET F 2 43.29 -35.04 25.30
C MET F 2 44.27 -33.90 25.50
N ARG F 3 45.51 -34.13 25.11
CA ARG F 3 46.54 -33.11 25.25
C ARG F 3 46.91 -32.56 23.88
N GLN F 4 46.79 -31.25 23.70
CA GLN F 4 47.10 -30.63 22.42
C GLN F 4 48.45 -29.94 22.51
N CYS F 5 49.31 -30.30 21.56
CA CYS F 5 50.67 -29.85 21.56
C CYS F 5 51.02 -29.23 20.22
N ALA F 6 51.82 -28.17 20.24
CA ALA F 6 52.26 -27.52 19.02
C ALA F 6 53.79 -27.51 18.94
N ILE F 7 54.35 -27.85 17.78
CA ILE F 7 55.80 -27.86 17.64
C ILE F 7 56.36 -26.66 16.88
N TYR F 8 57.18 -25.85 17.53
CA TYR F 8 57.78 -24.67 16.91
C TYR F 8 59.29 -24.80 16.85
N GLY F 9 59.93 -23.86 16.16
CA GLY F 9 61.38 -23.83 16.07
C GLY F 9 61.87 -23.16 14.81
N LYS F 10 63.15 -22.81 14.79
CA LYS F 10 63.78 -22.13 13.66
C LYS F 10 63.50 -22.87 12.35
N GLY F 11 63.44 -22.15 11.25
CA GLY F 11 63.27 -22.78 9.96
C GLY F 11 64.38 -23.78 9.67
N GLY F 12 64.01 -25.00 9.28
CA GLY F 12 64.97 -26.04 8.95
C GLY F 12 65.57 -26.86 10.09
N ILE F 13 65.04 -26.72 11.30
CA ILE F 13 65.63 -27.34 12.48
C ILE F 13 65.25 -28.81 12.69
N GLY F 14 64.20 -29.28 12.03
CA GLY F 14 63.80 -30.69 12.14
C GLY F 14 62.46 -30.92 12.83
N LYS F 15 61.61 -29.88 12.83
CA LYS F 15 60.33 -29.91 13.52
C LYS F 15 59.44 -31.04 13.03
N SER F 16 59.29 -31.12 11.70
CA SER F 16 58.36 -32.03 11.04
C SER F 16 58.80 -33.50 11.20
N THR F 17 60.09 -33.75 11.04
CA THR F 17 60.72 -35.06 11.27
C THR F 17 60.63 -35.53 12.72
N THR F 18 61.02 -34.65 13.63
CA THR F 18 60.97 -34.92 15.06
C THR F 18 59.53 -35.24 15.48
N THR F 19 58.60 -34.46 14.95
CA THR F 19 57.20 -34.62 15.29
C THR F 19 56.69 -35.97 14.83
N GLN F 20 56.93 -36.29 13.57
CA GLN F 20 56.42 -37.55 13.07
C GLN F 20 57.08 -38.75 13.75
N ASN F 21 58.39 -38.70 13.95
CA ASN F 21 59.07 -39.80 14.65
C ASN F 21 58.54 -39.94 16.06
N LEU F 22 58.32 -38.82 16.73
CA LEU F 22 57.79 -38.80 18.09
C LEU F 22 56.37 -39.38 18.17
N VAL F 23 55.53 -39.02 17.20
CA VAL F 23 54.15 -39.50 17.15
C VAL F 23 54.09 -41.03 16.90
N ALA F 24 54.95 -41.52 16.02
CA ALA F 24 55.09 -42.95 15.78
C ALA F 24 55.42 -43.74 17.06
N ALA F 25 56.38 -43.22 17.83
CA ALA F 25 56.75 -43.80 19.13
C ALA F 25 55.59 -43.72 20.08
N LEU F 26 54.87 -42.61 19.98
CA LEU F 26 53.73 -42.37 20.83
C LEU F 26 52.64 -43.39 20.50
N ALA F 27 52.43 -43.63 19.22
CA ALA F 27 51.45 -44.62 18.78
C ALA F 27 51.85 -46.03 19.16
N GLU F 28 53.11 -46.37 18.93
CA GLU F 28 53.63 -47.68 19.25
C GLU F 28 53.51 -48.03 20.74
N MET F 29 53.40 -47.02 21.60
CA MET F 29 53.19 -47.23 23.04
C MET F 29 51.72 -47.48 23.32
N GLY F 30 50.91 -47.33 22.28
CA GLY F 30 49.48 -47.52 22.37
C GLY F 30 48.71 -46.23 22.59
N LYS F 31 49.37 -45.10 22.35
CA LYS F 31 48.66 -43.83 22.46
C LYS F 31 48.05 -43.50 21.10
N LYS F 32 46.87 -42.87 21.10
CA LYS F 32 46.29 -42.40 19.85
C LYS F 32 46.58 -40.92 19.59
N VAL F 33 47.25 -40.69 18.47
CA VAL F 33 47.72 -39.36 18.16
C VAL F 33 47.15 -38.89 16.82
N MET F 34 46.70 -37.64 16.77
CA MET F 34 46.37 -36.99 15.51
C MET F 34 47.39 -35.90 15.23
N ILE F 35 47.86 -35.87 13.98
CA ILE F 35 48.75 -34.82 13.50
C ILE F 35 47.97 -33.84 12.57
N VAL F 36 48.05 -32.56 12.88
CA VAL F 36 47.45 -31.50 12.07
C VAL F 36 48.57 -30.72 11.41
N GLY F 37 48.76 -30.87 10.10
CA GLY F 37 49.78 -30.14 9.39
C GLY F 37 49.39 -28.69 9.11
N CYS F 38 50.23 -27.75 9.53
CA CYS F 38 49.96 -26.33 9.40
C CYS F 38 51.00 -25.59 8.54
N ASP F 39 51.25 -26.13 7.36
CA ASP F 39 52.27 -25.63 6.46
C ASP F 39 51.70 -25.71 5.04
N PRO F 40 51.92 -24.68 4.21
CA PRO F 40 51.41 -24.74 2.82
C PRO F 40 51.95 -25.94 2.04
N LYS F 41 53.25 -26.21 2.21
CA LYS F 41 53.82 -27.42 1.68
C LYS F 41 53.12 -28.41 2.60
N ALA F 42 52.56 -29.46 2.03
CA ALA F 42 51.81 -30.36 2.87
C ALA F 42 52.71 -31.50 3.33
N ASP F 43 53.83 -31.20 3.97
CA ASP F 43 54.76 -32.28 4.27
C ASP F 43 54.67 -32.85 5.70
N SER F 44 53.72 -32.39 6.50
CA SER F 44 53.74 -32.78 7.93
C SER F 44 53.38 -34.25 8.20
N THR F 45 52.84 -34.95 7.22
CA THR F 45 52.35 -36.30 7.45
C THR F 45 52.90 -37.33 6.45
N ARG F 46 53.88 -36.92 5.64
CA ARG F 46 54.40 -37.74 4.53
C ARG F 46 55.09 -39.03 5.01
N LEU F 47 55.67 -38.99 6.21
CA LEU F 47 56.40 -40.13 6.76
C LEU F 47 55.49 -41.10 7.51
N ILE F 48 54.32 -40.63 7.91
CA ILE F 48 53.34 -41.44 8.60
C ILE F 48 52.38 -42.16 7.63
N LEU F 49 52.20 -41.60 6.44
CA LEU F 49 51.26 -42.15 5.44
C LEU F 49 51.86 -43.00 4.30
N HIS F 50 53.14 -42.79 3.99
CA HIS F 50 53.86 -43.53 2.94
C HIS F 50 53.41 -43.07 1.56
N SER F 51 53.49 -41.76 1.36
CA SER F 51 53.24 -41.06 0.10
C SER F 51 53.18 -39.60 0.49
N LYS F 52 53.31 -38.69 -0.47
CA LYS F 52 53.18 -37.28 -0.11
C LYS F 52 51.78 -37.10 0.43
N ALA F 53 51.53 -36.01 1.15
CA ALA F 53 50.23 -35.86 1.79
C ALA F 53 49.21 -35.24 0.86
N GLN F 54 48.44 -36.12 0.23
CA GLN F 54 47.50 -35.71 -0.80
C GLN F 54 46.14 -35.56 -0.15
N ASN F 55 45.27 -34.80 -0.82
CA ASN F 55 43.96 -34.41 -0.33
C ASN F 55 44.13 -33.59 0.93
N THR F 56 44.58 -32.34 0.75
CA THR F 56 44.66 -31.38 1.84
C THR F 56 43.30 -30.70 1.96
N ILE F 57 43.02 -30.08 3.10
CA ILE F 57 41.73 -29.41 3.33
C ILE F 57 41.48 -28.27 2.32
N MET F 58 42.48 -27.43 2.06
CA MET F 58 42.26 -26.31 1.17
C MET F 58 42.03 -26.76 -0.26
N GLU F 59 42.80 -27.76 -0.69
CA GLU F 59 42.68 -28.37 -2.00
C GLU F 59 41.29 -28.94 -2.21
N MET F 60 40.87 -29.76 -1.24
CA MET F 60 39.56 -30.39 -1.30
C MET F 60 38.42 -29.39 -1.28
N ALA F 61 38.56 -28.32 -0.50
CA ALA F 61 37.50 -27.32 -0.42
C ALA F 61 37.34 -26.68 -1.77
N ALA F 62 38.47 -26.39 -2.42
CA ALA F 62 38.45 -25.70 -3.69
C ALA F 62 37.79 -26.55 -4.76
N GLU F 63 38.07 -27.85 -4.76
CA GLU F 63 37.44 -28.75 -5.72
C GLU F 63 35.92 -28.81 -5.50
N ALA F 64 35.51 -28.86 -4.24
CA ALA F 64 34.08 -28.91 -3.88
C ALA F 64 33.40 -27.54 -3.84
N GLY F 65 34.17 -26.45 -3.81
CA GLY F 65 33.58 -25.12 -3.79
C GLY F 65 33.81 -24.32 -2.51
N THR F 66 33.32 -24.85 -1.39
CA THR F 66 33.57 -24.22 -0.09
C THR F 66 33.89 -25.23 0.99
N VAL F 67 34.50 -24.70 2.05
CA VAL F 67 34.83 -25.48 3.23
C VAL F 67 33.60 -26.11 3.89
N GLU F 68 32.44 -25.44 3.81
CA GLU F 68 31.22 -26.01 4.39
C GLU F 68 30.85 -27.31 3.67
N ASP F 69 31.31 -27.44 2.43
CA ASP F 69 31.00 -28.62 1.60
C ASP F 69 31.82 -29.87 1.94
N LEU F 70 32.87 -29.73 2.75
CA LEU F 70 33.75 -30.85 3.04
C LEU F 70 33.20 -31.77 4.11
N GLU F 71 33.25 -33.07 3.87
CA GLU F 71 32.98 -34.00 4.94
C GLU F 71 34.37 -34.36 5.51
N LEU F 72 34.47 -34.49 6.83
CA LEU F 72 35.74 -34.67 7.54
C LEU F 72 36.57 -35.89 7.14
N GLU F 73 35.89 -36.99 6.90
CA GLU F 73 36.54 -38.23 6.51
C GLU F 73 37.29 -38.15 5.19
N ASP F 74 36.92 -37.19 4.36
CA ASP F 74 37.50 -37.08 3.03
C ASP F 74 38.92 -36.51 3.09
N VAL F 75 39.26 -35.87 4.21
CA VAL F 75 40.59 -35.26 4.40
C VAL F 75 41.41 -35.89 5.58
N LEU F 76 40.76 -36.69 6.41
CA LEU F 76 41.40 -37.31 7.57
C LEU F 76 41.75 -38.78 7.32
N LYS F 77 43.04 -39.11 7.22
CA LYS F 77 43.47 -40.48 6.93
C LYS F 77 44.27 -41.07 8.10
N ALA F 78 44.30 -42.39 8.21
CA ALA F 78 45.12 -43.05 9.23
C ALA F 78 46.30 -43.79 8.59
N GLY F 79 47.49 -43.66 9.17
CA GLY F 79 48.68 -44.30 8.63
C GLY F 79 49.30 -45.27 9.61
N TYR F 80 50.62 -45.35 9.63
CA TYR F 80 51.31 -46.27 10.53
C TYR F 80 50.78 -46.17 11.95
N GLY F 81 50.42 -47.30 12.53
CA GLY F 81 49.98 -47.34 13.91
C GLY F 81 48.62 -46.73 14.14
N GLY F 82 47.90 -46.46 13.06
CA GLY F 82 46.54 -45.94 13.17
C GLY F 82 46.48 -44.45 13.44
N VAL F 83 47.62 -43.78 13.33
CA VAL F 83 47.72 -42.33 13.55
C VAL F 83 46.93 -41.53 12.51
N LYS F 84 46.06 -40.64 12.98
CA LYS F 84 45.23 -39.81 12.09
C LYS F 84 46.01 -38.60 11.58
N CYS F 85 45.96 -38.39 10.27
CA CYS F 85 46.69 -37.30 9.64
C CYS F 85 45.74 -36.39 8.90
N VAL F 86 45.91 -35.10 9.12
CA VAL F 86 45.16 -34.12 8.37
C VAL F 86 46.07 -32.96 7.96
N GLU F 87 45.86 -32.46 6.76
CA GLU F 87 46.65 -31.36 6.21
C GLU F 87 45.81 -30.13 5.87
N SER F 88 46.26 -28.98 6.34
CA SER F 88 45.64 -27.69 6.03
C SER F 88 45.62 -27.45 4.53
N GLY F 89 46.78 -27.64 3.93
CA GLY F 89 46.97 -27.26 2.55
C GLY F 89 47.23 -25.78 2.47
N GLY F 90 47.16 -25.26 1.26
CA GLY F 90 47.42 -23.85 1.03
C GLY F 90 47.88 -23.65 -0.38
N PRO F 91 48.20 -22.40 -0.73
CA PRO F 91 48.60 -22.04 -2.08
C PRO F 91 50.01 -22.49 -2.38
N GLU F 92 50.37 -22.46 -3.65
CA GLU F 92 51.77 -22.59 -4.01
C GLU F 92 52.51 -21.32 -3.55
N PRO F 93 53.84 -21.38 -3.46
CA PRO F 93 54.58 -20.23 -2.94
C PRO F 93 54.36 -18.96 -3.75
N GLY F 94 54.26 -17.82 -3.07
CA GLY F 94 54.27 -16.55 -3.75
C GLY F 94 52.92 -16.09 -4.23
N VAL F 95 51.85 -16.77 -3.83
CA VAL F 95 50.51 -16.30 -4.21
C VAL F 95 49.47 -16.59 -3.09
N GLY F 96 48.45 -15.75 -2.98
CA GLY F 96 47.40 -15.96 -1.99
C GLY F 96 47.88 -15.76 -0.57
N CYS F 97 47.29 -16.47 0.38
CA CYS F 97 47.50 -16.17 1.80
C CYS F 97 47.49 -17.45 2.57
N ALA F 98 48.67 -17.97 2.83
CA ALA F 98 48.76 -19.26 3.49
C ALA F 98 48.24 -19.14 4.94
N GLY F 99 48.41 -17.96 5.53
CA GLY F 99 47.88 -17.72 6.87
C GLY F 99 46.42 -18.02 7.04
N ARG F 100 45.59 -17.52 6.13
CA ARG F 100 44.16 -17.73 6.24
C ARG F 100 43.77 -19.18 6.12
N GLY F 101 44.50 -19.91 5.28
CA GLY F 101 44.27 -21.34 5.07
C GLY F 101 44.36 -22.21 6.31
N VAL F 102 45.33 -21.91 7.17
CA VAL F 102 45.45 -22.64 8.42
C VAL F 102 44.20 -22.41 9.29
N ILE F 103 43.76 -21.15 9.35
CA ILE F 103 42.60 -20.73 10.13
C ILE F 103 41.36 -21.47 9.70
N THR F 104 41.17 -21.50 8.39
CA THR F 104 40.04 -22.15 7.81
C THR F 104 40.10 -23.62 8.16
N ALA F 105 41.28 -24.21 7.96
CA ALA F 105 41.50 -25.64 8.20
C ALA F 105 41.25 -26.04 9.66
N ILE F 106 41.84 -25.32 10.62
CA ILE F 106 41.58 -25.57 12.04
C ILE F 106 40.09 -25.32 12.42
N ASN F 107 39.49 -24.23 11.90
CA ASN F 107 38.07 -23.93 12.18
C ASN F 107 37.16 -25.05 11.71
N PHE F 108 37.53 -25.63 10.57
CA PHE F 108 36.83 -26.78 10.03
C PHE F 108 36.91 -27.99 10.96
N LEU F 109 38.12 -28.29 11.43
CA LEU F 109 38.32 -29.44 12.31
C LEU F 109 37.47 -29.32 13.55
N GLU F 110 37.41 -28.11 14.10
CA GLU F 110 36.64 -27.83 15.29
C GLU F 110 35.15 -28.04 15.02
N GLU F 111 34.63 -27.40 13.95
CA GLU F 111 33.22 -27.50 13.62
C GLU F 111 32.81 -28.93 13.30
N GLU F 112 33.69 -29.68 12.64
CA GLU F 112 33.36 -31.07 12.26
C GLU F 112 33.61 -32.15 13.32
N GLY F 113 34.09 -31.78 14.50
CA GLY F 113 34.19 -32.74 15.57
C GLY F 113 35.36 -33.70 15.47
N ALA F 114 36.44 -33.26 14.84
CA ALA F 114 37.64 -34.08 14.69
C ALA F 114 38.25 -34.44 16.05
N TYR F 115 37.97 -33.58 17.03
CA TYR F 115 38.50 -33.73 18.38
C TYR F 115 37.62 -34.63 19.25
N GLU F 116 36.41 -34.91 18.78
CA GLU F 116 35.45 -35.63 19.61
C GLU F 116 35.75 -37.13 19.56
N ASP F 117 36.40 -37.57 18.49
CA ASP F 117 36.89 -38.93 18.44
C ASP F 117 37.90 -39.09 19.57
N ASP F 118 37.70 -40.15 20.37
CA ASP F 118 38.63 -40.55 21.43
C ASP F 118 40.09 -40.44 21.00
N LEU F 119 40.85 -39.65 21.73
CA LEU F 119 42.22 -39.32 21.38
C LEU F 119 43.05 -39.01 22.60
N ASP F 120 44.31 -39.43 22.58
CA ASP F 120 45.23 -39.07 23.66
C ASP F 120 45.93 -37.76 23.30
N PHE F 121 46.41 -37.67 22.07
CA PHE F 121 47.16 -36.51 21.62
C PHE F 121 46.79 -35.93 20.24
N VAL F 122 46.79 -34.61 20.19
CA VAL F 122 46.82 -33.89 18.92
C VAL F 122 48.09 -33.06 18.83
N PHE F 123 48.82 -33.21 17.74
CA PHE F 123 50.02 -32.42 17.47
C PHE F 123 49.88 -31.48 16.28
N TYR F 124 50.24 -30.22 16.49
CA TYR F 124 50.29 -29.25 15.40
C TYR F 124 51.73 -29.00 14.95
N ASP F 125 52.05 -29.33 13.69
CA ASP F 125 53.37 -29.03 13.11
C ASP F 125 53.28 -27.75 12.31
N VAL F 126 53.98 -26.73 12.77
CA VAL F 126 53.82 -25.41 12.21
C VAL F 126 55.07 -25.08 11.42
N LEU F 127 54.93 -24.23 10.42
CA LEU F 127 56.08 -23.87 9.61
C LEU F 127 57.05 -23.05 10.46
N GLY F 128 58.27 -22.90 9.96
CA GLY F 128 59.32 -22.22 10.70
C GLY F 128 59.07 -20.76 11.03
N ASP F 129 58.98 -19.91 10.01
CA ASP F 129 58.84 -18.49 10.21
C ASP F 129 57.34 -18.18 10.27
N VAL F 130 56.93 -17.74 11.45
CA VAL F 130 55.53 -17.56 11.85
C VAL F 130 55.13 -16.14 11.55
N VAL F 131 54.67 -15.91 10.33
CA VAL F 131 54.57 -14.56 9.77
C VAL F 131 53.30 -13.78 10.12
N CYS F 132 52.34 -14.45 10.74
CA CYS F 132 51.05 -13.82 10.97
C CYS F 132 50.13 -14.60 11.92
N GLY F 133 49.03 -13.95 12.31
CA GLY F 133 48.06 -14.53 13.23
C GLY F 133 47.52 -15.89 12.81
N GLY F 134 47.39 -16.10 11.50
CA GLY F 134 46.93 -17.38 10.99
C GLY F 134 47.77 -18.56 11.44
N PHE F 135 49.09 -18.37 11.48
CA PHE F 135 50.00 -19.47 11.80
C PHE F 135 50.13 -19.61 13.30
N ALA F 136 49.38 -18.78 14.03
CA ALA F 136 49.32 -18.91 15.47
C ALA F 136 47.96 -19.44 15.86
N MET F 137 47.20 -19.86 14.87
CA MET F 137 45.92 -20.54 15.14
C MET F 137 46.07 -21.72 16.14
N PRO F 138 47.11 -22.56 16.00
CA PRO F 138 47.32 -23.64 16.99
C PRO F 138 47.53 -23.23 18.46
N ILE F 139 47.84 -21.97 18.75
CA ILE F 139 48.01 -21.56 20.15
C ILE F 139 46.95 -20.54 20.62
N ARG F 140 45.81 -20.53 19.94
CA ARG F 140 44.66 -19.84 20.50
C ARG F 140 44.05 -20.72 21.60
N GLU F 141 43.11 -20.15 22.36
CA GLU F 141 42.37 -20.95 23.34
C GLU F 141 41.58 -22.10 22.73
N ASN F 142 41.53 -23.21 23.47
CA ASN F 142 40.90 -24.47 23.08
C ASN F 142 41.65 -25.15 21.97
N LYS F 143 42.86 -24.65 21.73
CA LYS F 143 43.79 -25.34 20.84
C LYS F 143 44.94 -25.93 21.67
N ALA F 144 46.17 -25.82 21.18
CA ALA F 144 47.31 -26.44 21.87
C ALA F 144 47.45 -25.89 23.27
N GLN F 145 47.89 -26.75 24.19
CA GLN F 145 48.18 -26.35 25.56
C GLN F 145 49.66 -26.32 25.85
N GLU F 146 50.39 -27.13 25.09
CA GLU F 146 51.82 -27.25 25.28
C GLU F 146 52.62 -26.85 24.04
N ILE F 147 53.64 -26.05 24.26
CA ILE F 147 54.53 -25.73 23.18
C ILE F 147 55.90 -26.26 23.52
N TYR F 148 56.49 -26.95 22.56
CA TYR F 148 57.85 -27.44 22.61
C TYR F 148 58.60 -26.68 21.54
N ILE F 149 59.77 -26.18 21.86
CA ILE F 149 60.56 -25.45 20.89
C ILE F 149 61.76 -26.28 20.50
N VAL F 150 61.82 -26.69 19.24
CA VAL F 150 62.96 -27.47 18.76
C VAL F 150 64.08 -26.51 18.47
N CYS F 151 65.26 -26.80 19.04
CA CYS F 151 66.41 -25.93 18.90
C CYS F 151 67.65 -26.80 18.70
N SER F 152 68.82 -26.17 18.72
CA SER F 152 70.09 -26.88 18.68
C SER F 152 71.18 -26.02 19.32
N GLY F 153 72.40 -26.55 19.36
CA GLY F 153 73.56 -25.85 19.89
C GLY F 153 74.02 -24.64 19.08
N GLU F 154 73.43 -24.44 17.90
CA GLU F 154 73.81 -23.34 17.01
C GLU F 154 73.25 -21.95 17.44
N MET F 155 73.95 -20.89 17.04
CA MET F 155 73.57 -19.52 17.33
C MET F 155 72.14 -19.22 16.85
N MET F 156 71.84 -19.57 15.61
CA MET F 156 70.55 -19.26 15.00
C MET F 156 69.41 -19.98 15.71
N ALA F 157 69.69 -21.19 16.19
CA ALA F 157 68.68 -21.99 16.84
C ALA F 157 68.22 -21.36 18.12
N MET F 158 69.19 -20.87 18.90
CA MET F 158 68.90 -20.26 20.18
C MET F 158 68.34 -18.83 20.06
N TYR F 159 68.86 -18.03 19.13
CA TYR F 159 68.29 -16.71 18.85
C TYR F 159 66.80 -16.88 18.56
N ALA F 160 66.49 -17.91 17.78
CA ALA F 160 65.11 -18.22 17.43
C ALA F 160 64.35 -18.71 18.67
N ALA F 161 65.03 -19.41 19.57
CA ALA F 161 64.34 -19.92 20.74
C ALA F 161 63.70 -18.79 21.54
N ASN F 162 64.47 -17.73 21.74
CA ASN F 162 64.00 -16.56 22.48
C ASN F 162 62.92 -15.79 21.70
N ASN F 163 63.14 -15.66 20.41
CA ASN F 163 62.24 -14.90 19.54
C ASN F 163 60.85 -15.54 19.48
N ILE F 164 60.84 -16.86 19.54
CA ILE F 164 59.61 -17.63 19.57
C ILE F 164 58.84 -17.50 20.89
N SER F 165 59.57 -17.48 22.01
CA SER F 165 58.95 -17.41 23.32
C SER F 165 58.16 -16.14 23.57
N LYS F 166 58.66 -15.04 23.02
CA LYS F 166 57.97 -13.76 23.12
C LYS F 166 56.58 -13.80 22.48
N GLY F 167 56.47 -14.44 21.31
CA GLY F 167 55.21 -14.51 20.59
C GLY F 167 54.14 -15.29 21.35
N ILE F 168 54.61 -16.26 22.15
CA ILE F 168 53.75 -17.09 22.97
C ILE F 168 53.10 -16.31 24.12
N VAL F 169 53.88 -15.44 24.75
CA VAL F 169 53.50 -14.78 26.01
C VAL F 169 52.19 -13.97 25.91
N LYS F 170 51.98 -13.30 24.79
CA LYS F 170 50.73 -12.57 24.57
C LYS F 170 49.53 -13.54 24.57
N TYR F 171 49.75 -14.76 24.08
CA TYR F 171 48.70 -15.78 24.07
C TYR F 171 48.63 -16.52 25.42
N ALA F 172 49.78 -16.63 26.09
CA ALA F 172 49.86 -17.33 27.37
C ALA F 172 49.13 -16.57 28.48
N ASN F 173 49.23 -15.24 28.44
CA ASN F 173 48.61 -14.37 29.43
C ASN F 173 47.09 -14.43 29.33
N SER F 174 46.60 -14.44 28.11
CA SER F 174 45.17 -14.40 27.84
C SER F 174 44.61 -15.80 27.75
N GLY F 175 45.49 -16.79 27.91
CA GLY F 175 45.09 -18.18 27.71
C GLY F 175 45.71 -19.21 28.63
N SER F 176 45.63 -20.46 28.21
CA SER F 176 46.14 -21.58 28.98
C SER F 176 47.48 -22.03 28.39
N VAL F 177 47.80 -21.45 27.24
CA VAL F 177 48.97 -21.79 26.46
C VAL F 177 50.23 -21.76 27.31
N ARG F 178 50.98 -22.86 27.30
CA ARG F 178 52.20 -22.90 28.09
C ARG F 178 53.37 -23.48 27.32
N LEU F 179 54.56 -23.01 27.63
CA LEU F 179 55.77 -23.60 27.08
C LEU F 179 56.04 -24.91 27.81
N GLY F 180 56.19 -26.00 27.07
CA GLY F 180 56.42 -27.27 27.70
C GLY F 180 57.90 -27.55 27.91
N GLY F 181 58.72 -27.17 26.94
CA GLY F 181 60.15 -27.43 27.05
C GLY F 181 60.85 -27.31 25.71
N LEU F 182 62.17 -27.55 25.73
CA LEU F 182 63.00 -27.56 24.54
C LEU F 182 63.40 -28.97 24.13
N ILE F 183 63.32 -29.26 22.83
CA ILE F 183 63.81 -30.53 22.30
C ILE F 183 65.09 -30.28 21.50
N CYS F 184 66.20 -30.84 21.96
CA CYS F 184 67.46 -30.52 21.29
C CYS F 184 67.73 -31.49 20.19
N ASN F 185 67.65 -31.00 18.95
CA ASN F 185 67.95 -31.81 17.79
C ASN F 185 69.40 -31.51 17.45
N SER F 186 70.30 -32.40 17.86
CA SER F 186 71.72 -32.10 17.87
C SER F 186 72.30 -31.71 16.52
N ARG F 187 73.26 -30.80 16.59
CA ARG F 187 74.04 -30.44 15.44
C ARG F 187 75.53 -30.69 15.68
N ASN F 188 75.82 -31.54 16.68
CA ASN F 188 77.20 -31.81 17.14
C ASN F 188 77.99 -30.58 17.59
N THR F 189 77.39 -29.73 18.41
CA THR F 189 78.07 -28.56 18.94
C THR F 189 79.01 -29.00 20.07
N ASP F 190 80.07 -28.23 20.33
CA ASP F 190 80.97 -28.56 21.42
C ASP F 190 80.24 -28.27 22.73
N ARG F 191 80.23 -29.23 23.67
CA ARG F 191 79.52 -29.05 24.95
C ARG F 191 78.06 -28.64 24.70
N GLU F 192 77.42 -29.30 23.75
CA GLU F 192 76.11 -28.88 23.26
C GLU F 192 74.91 -29.01 24.22
N ASP F 193 74.76 -30.16 24.85
CA ASP F 193 73.64 -30.40 25.74
C ASP F 193 73.66 -29.49 26.96
N GLU F 194 74.85 -29.29 27.51
CA GLU F 194 75.09 -28.45 28.68
C GLU F 194 74.61 -27.02 28.38
N LEU F 195 74.86 -26.60 27.14
CA LEU F 195 74.47 -25.29 26.69
C LEU F 195 72.94 -25.19 26.60
N ILE F 196 72.31 -26.23 26.06
CA ILE F 196 70.86 -26.27 25.90
C ILE F 196 70.11 -26.52 27.21
N ILE F 197 70.66 -27.37 28.08
CA ILE F 197 70.08 -27.51 29.41
C ILE F 197 70.09 -26.16 30.10
N ALA F 198 71.21 -25.47 29.97
CA ALA F 198 71.37 -24.15 30.55
C ALA F 198 70.34 -23.18 30.01
N LEU F 199 70.15 -23.20 28.69
CA LEU F 199 69.25 -22.23 28.05
C LEU F 199 67.83 -22.34 28.59
N ALA F 200 67.40 -23.57 28.88
CA ALA F 200 66.06 -23.82 29.40
C ALA F 200 65.77 -23.03 30.67
N ASN F 201 66.77 -22.92 31.56
CA ASN F 201 66.60 -22.21 32.82
C ASN F 201 66.29 -20.73 32.67
N LYS F 202 67.00 -20.05 31.78
CA LYS F 202 66.84 -18.61 31.61
C LYS F 202 65.43 -18.23 31.13
N LEU F 203 64.79 -19.12 30.35
CA LEU F 203 63.39 -18.96 29.98
C LEU F 203 62.45 -19.39 31.12
N GLY F 204 62.86 -20.40 31.89
CA GLY F 204 62.04 -20.97 32.95
C GLY F 204 61.51 -22.39 32.68
N THR F 205 62.03 -23.02 31.64
CA THR F 205 61.56 -24.35 31.24
C THR F 205 62.64 -25.41 31.42
N GLN F 206 62.36 -26.65 31.00
CA GLN F 206 63.36 -27.72 30.99
C GLN F 206 63.84 -28.00 29.58
N MET F 207 64.91 -28.78 29.46
CA MET F 207 65.23 -29.43 28.20
C MET F 207 64.74 -30.85 28.31
N ILE F 208 63.65 -31.15 27.62
CA ILE F 208 63.01 -32.45 27.74
C ILE F 208 63.92 -33.56 27.23
N HIS F 209 64.66 -33.32 26.16
CA HIS F 209 65.48 -34.39 25.61
C HIS F 209 66.58 -33.92 24.66
N PHE F 210 67.62 -34.74 24.58
CA PHE F 210 68.72 -34.56 23.62
C PHE F 210 68.60 -35.55 22.47
N VAL F 211 68.30 -35.07 21.28
CA VAL F 211 68.22 -35.95 20.12
C VAL F 211 69.51 -35.86 19.31
N PRO F 212 70.30 -36.93 19.33
CA PRO F 212 71.59 -36.89 18.64
C PRO F 212 71.41 -36.71 17.14
N ARG F 213 72.42 -36.17 16.47
CA ARG F 213 72.37 -36.06 15.02
C ARG F 213 72.70 -37.42 14.44
N ASP F 214 71.74 -37.98 13.71
CA ASP F 214 71.89 -39.33 13.18
C ASP F 214 71.28 -39.48 11.78
N ASN F 215 72.12 -39.77 10.80
CA ASN F 215 71.72 -39.82 9.41
C ASN F 215 70.75 -40.95 9.11
N VAL F 216 70.47 -41.78 10.12
CA VAL F 216 69.39 -42.76 9.98
C VAL F 216 68.08 -42.02 9.73
N VAL F 217 67.99 -40.83 10.32
CA VAL F 217 66.80 -39.99 10.21
C VAL F 217 66.51 -39.70 8.75
N GLN F 218 67.55 -39.33 8.01
CA GLN F 218 67.42 -39.02 6.59
C GLN F 218 67.22 -40.25 5.70
N ARG F 219 67.81 -41.39 6.06
CA ARG F 219 67.59 -42.63 5.29
C ARG F 219 66.13 -43.09 5.42
N ALA F 220 65.55 -42.92 6.60
CA ALA F 220 64.13 -43.18 6.80
C ALA F 220 63.23 -42.18 6.06
N GLU F 221 63.65 -40.91 6.01
CA GLU F 221 62.87 -39.90 5.31
C GLU F 221 62.71 -40.18 3.81
N ILE F 222 63.79 -40.62 3.17
CA ILE F 222 63.74 -40.93 1.74
C ILE F 222 62.77 -42.06 1.45
N ARG F 223 62.63 -42.98 2.39
CA ARG F 223 61.68 -44.07 2.25
C ARG F 223 60.28 -43.62 2.66
N ARG F 224 60.14 -42.35 2.99
CA ARG F 224 58.87 -41.77 3.42
C ARG F 224 58.31 -42.51 4.64
N MET F 225 59.21 -42.88 5.56
CA MET F 225 58.76 -43.53 6.79
C MET F 225 59.54 -43.07 8.01
N THR F 226 59.03 -43.49 9.16
CA THR F 226 59.64 -43.20 10.45
C THR F 226 60.96 -43.92 10.64
N VAL F 227 61.79 -43.42 11.55
CA VAL F 227 62.99 -44.16 11.93
C VAL F 227 62.49 -45.42 12.63
N ILE F 228 61.40 -45.23 13.37
CA ILE F 228 60.72 -46.30 14.08
C ILE F 228 60.17 -47.39 13.18
N GLU F 229 59.59 -47.02 12.04
CA GLU F 229 59.10 -48.04 11.12
C GLU F 229 60.20 -48.61 10.22
N TYR F 230 61.12 -47.74 9.80
CA TYR F 230 62.24 -48.12 8.93
C TYR F 230 63.21 -49.07 9.58
N ASP F 231 63.54 -48.80 10.84
CA ASP F 231 64.47 -49.63 11.59
C ASP F 231 64.15 -49.56 13.08
N PRO F 232 63.16 -50.35 13.55
CA PRO F 232 62.66 -50.35 14.92
C PRO F 232 63.71 -50.69 15.97
N LYS F 233 64.80 -51.31 15.54
CA LYS F 233 65.87 -51.75 16.43
C LYS F 233 66.98 -50.70 16.55
N ALA F 234 67.08 -49.81 15.58
CA ALA F 234 68.17 -48.83 15.55
C ALA F 234 68.18 -48.00 16.82
N LYS F 235 69.34 -47.44 17.15
CA LYS F 235 69.46 -46.64 18.36
C LYS F 235 68.62 -45.37 18.30
N GLN F 236 68.54 -44.78 17.12
CA GLN F 236 67.82 -43.52 16.98
C GLN F 236 66.37 -43.79 17.29
N ALA F 237 65.88 -44.98 16.95
CA ALA F 237 64.53 -45.37 17.34
C ALA F 237 64.36 -45.30 18.86
N ASP F 238 65.40 -45.61 19.62
CA ASP F 238 65.30 -45.52 21.08
C ASP F 238 65.24 -44.12 21.64
N GLU F 239 65.90 -43.18 20.98
CA GLU F 239 65.87 -41.79 21.41
C GLU F 239 64.46 -41.21 21.37
N TYR F 240 63.73 -41.56 20.32
CA TYR F 240 62.38 -41.04 20.16
C TYR F 240 61.46 -41.70 21.18
N ARG F 241 61.73 -42.98 21.47
CA ARG F 241 60.96 -43.68 22.49
C ARG F 241 61.23 -42.99 23.81
N ALA F 242 62.50 -42.66 24.04
CA ALA F 242 62.85 -41.94 25.25
C ALA F 242 62.14 -40.58 25.30
N LEU F 243 62.20 -39.84 24.18
CA LEU F 243 61.54 -38.55 24.08
C LEU F 243 60.04 -38.68 24.31
N ALA F 244 59.46 -39.74 23.75
CA ALA F 244 58.04 -39.98 23.95
C ALA F 244 57.66 -40.17 25.40
N ARG F 245 58.42 -41.00 26.13
CA ARG F 245 58.09 -41.34 27.53
C ARG F 245 58.06 -40.04 28.30
N LYS F 246 59.04 -39.19 28.01
CA LYS F 246 59.23 -37.90 28.65
C LYS F 246 58.04 -36.97 28.32
N VAL F 247 57.57 -37.02 27.07
CA VAL F 247 56.40 -36.23 26.70
C VAL F 247 55.12 -36.74 27.36
N VAL F 248 54.91 -38.07 27.38
CA VAL F 248 53.72 -38.64 28.05
C VAL F 248 53.67 -38.25 29.54
N ASP F 249 54.85 -38.32 30.18
CA ASP F 249 54.96 -38.05 31.60
C ASP F 249 55.24 -36.58 31.94
N ASN F 250 55.35 -35.74 30.92
CA ASN F 250 55.65 -34.33 31.18
C ASN F 250 54.48 -33.65 31.81
N LYS F 251 54.76 -32.90 32.88
CA LYS F 251 53.74 -32.17 33.58
C LYS F 251 54.16 -30.70 33.74
N LEU F 252 55.36 -30.37 33.25
CA LEU F 252 55.94 -29.03 33.38
C LEU F 252 55.48 -28.01 32.33
N LEU F 253 54.60 -27.09 32.72
CA LEU F 253 54.01 -26.11 31.80
C LEU F 253 54.18 -24.67 32.32
N VAL F 254 55.05 -23.91 31.66
CA VAL F 254 55.45 -22.61 32.19
C VAL F 254 55.19 -21.43 31.27
N ILE F 255 55.26 -20.24 31.87
CA ILE F 255 55.36 -19.02 31.11
C ILE F 255 56.83 -18.59 31.08
N PRO F 256 57.41 -18.47 29.86
CA PRO F 256 58.84 -18.15 29.81
C PRO F 256 59.06 -16.67 29.96
N ASN F 257 60.19 -16.28 30.55
CA ASN F 257 60.54 -14.87 30.54
C ASN F 257 61.73 -14.65 29.59
N PRO F 258 61.41 -14.20 28.36
CA PRO F 258 62.42 -14.02 27.30
C PRO F 258 63.53 -13.07 27.73
N ILE F 259 64.77 -13.41 27.37
CA ILE F 259 65.92 -12.60 27.73
C ILE F 259 66.34 -11.68 26.55
N THR F 260 67.08 -10.60 26.84
CA THR F 260 67.61 -9.70 25.81
C THR F 260 68.97 -10.22 25.32
N MET F 261 69.20 -10.09 24.01
CA MET F 261 70.32 -10.70 23.30
C MET F 261 71.67 -10.54 24.01
N ASP F 262 71.89 -9.40 24.65
CA ASP F 262 73.11 -9.25 25.44
C ASP F 262 73.21 -10.39 26.45
N GLU F 263 72.15 -10.59 27.24
CA GLU F 263 72.19 -11.60 28.30
C GLU F 263 72.25 -13.01 27.72
N ALA G 1 -66.11 13.20 -32.03
CA ALA G 1 -65.12 13.14 -30.96
C ALA G 1 -65.78 12.79 -29.61
N MET G 2 -65.00 12.18 -28.73
CA MET G 2 -65.45 11.86 -27.38
C MET G 2 -65.08 13.03 -26.50
N ARG G 3 -65.99 13.43 -25.63
CA ARG G 3 -65.71 14.57 -24.77
C ARG G 3 -65.48 14.12 -23.33
N GLN G 4 -64.35 14.56 -22.79
CA GLN G 4 -64.01 14.25 -21.42
C GLN G 4 -64.11 15.49 -20.52
N CYS G 5 -64.87 15.38 -19.43
CA CYS G 5 -65.03 16.47 -18.46
C CYS G 5 -64.68 16.04 -17.07
N ALA G 6 -64.12 16.96 -16.31
CA ALA G 6 -63.76 16.69 -14.92
C ALA G 6 -64.53 17.67 -14.03
N ILE G 7 -65.17 17.13 -13.00
CA ILE G 7 -65.99 17.94 -12.11
C ILE G 7 -65.26 18.23 -10.80
N TYR G 8 -65.02 19.50 -10.53
CA TYR G 8 -64.34 19.89 -9.31
C TYR G 8 -65.27 20.76 -8.45
N GLY G 9 -64.85 21.05 -7.22
CA GLY G 9 -65.63 21.87 -6.32
C GLY G 9 -65.37 21.64 -4.85
N LYS G 10 -65.79 22.62 -4.02
CA LYS G 10 -65.57 22.57 -2.58
C LYS G 10 -66.09 21.27 -1.98
N GLY G 11 -65.47 20.80 -0.89
CA GLY G 11 -65.95 19.64 -0.18
C GLY G 11 -67.40 19.89 0.22
N GLY G 12 -68.27 18.93 -0.08
CA GLY G 12 -69.69 19.00 0.30
C GLY G 12 -70.64 19.83 -0.55
N ILE G 13 -70.18 20.35 -1.69
CA ILE G 13 -70.96 21.30 -2.47
C ILE G 13 -72.04 20.60 -3.31
N GLY G 14 -71.88 19.29 -3.52
CA GLY G 14 -72.86 18.53 -4.26
C GLY G 14 -72.41 17.99 -5.60
N LYS G 15 -71.10 17.82 -5.75
CA LYS G 15 -70.52 17.37 -7.02
C LYS G 15 -71.10 16.04 -7.50
N SER G 16 -71.09 15.03 -6.62
CA SER G 16 -71.40 13.66 -7.00
C SER G 16 -72.85 13.55 -7.41
N THR G 17 -73.67 14.22 -6.63
CA THR G 17 -75.08 14.32 -6.88
C THR G 17 -75.36 15.01 -8.21
N THR G 18 -74.79 16.19 -8.40
CA THR G 18 -74.96 16.93 -9.64
C THR G 18 -74.42 16.12 -10.82
N THR G 19 -73.24 15.50 -10.64
CA THR G 19 -72.61 14.75 -11.71
C THR G 19 -73.49 13.59 -12.14
N GLN G 20 -73.91 12.77 -11.18
CA GLN G 20 -74.72 11.61 -11.55
C GLN G 20 -76.05 12.06 -12.16
N ASN G 21 -76.67 13.08 -11.60
CA ASN G 21 -77.90 13.57 -12.22
C ASN G 21 -77.70 14.16 -13.59
N LEU G 22 -76.60 14.88 -13.79
CA LEU G 22 -76.30 15.42 -15.09
C LEU G 22 -76.15 14.28 -16.11
N VAL G 23 -75.45 13.21 -15.70
CA VAL G 23 -75.18 12.04 -16.55
C VAL G 23 -76.44 11.20 -16.87
N ALA G 24 -77.31 11.02 -15.90
CA ALA G 24 -78.59 10.34 -16.11
C ALA G 24 -79.39 11.03 -17.20
N ALA G 25 -79.45 12.37 -17.12
CA ALA G 25 -80.14 13.16 -18.13
C ALA G 25 -79.43 12.99 -19.47
N LEU G 26 -78.10 12.90 -19.46
CA LEU G 26 -77.37 12.69 -20.71
C LEU G 26 -77.74 11.35 -21.31
N ALA G 27 -77.76 10.31 -20.46
CA ALA G 27 -78.14 8.98 -20.93
C ALA G 27 -79.59 9.01 -21.41
N GLU G 28 -80.43 9.74 -20.67
CA GLU G 28 -81.80 9.91 -21.05
C GLU G 28 -81.93 10.59 -22.44
N MET G 29 -80.94 11.39 -22.84
CA MET G 29 -80.91 11.98 -24.18
C MET G 29 -80.38 11.05 -25.24
N GLY G 30 -79.88 9.90 -24.82
CA GLY G 30 -79.34 8.93 -25.76
C GLY G 30 -77.84 9.03 -25.95
N LYS G 31 -77.16 9.64 -24.99
CA LYS G 31 -75.71 9.69 -25.03
C LYS G 31 -75.15 8.43 -24.39
N LYS G 32 -73.98 8.01 -24.87
CA LYS G 32 -73.26 6.88 -24.29
C LYS G 32 -72.26 7.46 -23.28
N VAL G 33 -72.41 7.13 -21.99
CA VAL G 33 -71.58 7.78 -20.97
C VAL G 33 -70.81 6.84 -20.02
N MET G 34 -69.58 7.22 -19.67
CA MET G 34 -68.82 6.61 -18.58
C MET G 34 -68.56 7.59 -17.43
N ILE G 35 -68.74 7.14 -16.17
CA ILE G 35 -68.38 7.93 -14.99
C ILE G 35 -67.15 7.32 -14.27
N VAL G 36 -66.11 8.12 -14.03
CA VAL G 36 -64.94 7.65 -13.30
C VAL G 36 -64.82 8.32 -11.92
N GLY G 37 -65.07 7.59 -10.84
CA GLY G 37 -64.89 8.18 -9.52
C GLY G 37 -63.44 8.24 -9.07
N CYS G 38 -62.98 9.45 -8.70
CA CYS G 38 -61.62 9.70 -8.25
C CYS G 38 -61.65 10.21 -6.82
N ASP G 39 -62.32 9.44 -5.99
CA ASP G 39 -62.54 9.75 -4.58
C ASP G 39 -62.36 8.43 -3.85
N PRO G 40 -61.61 8.41 -2.73
CA PRO G 40 -61.38 7.16 -2.00
C PRO G 40 -62.65 6.44 -1.52
N LYS G 41 -63.66 7.17 -1.04
CA LYS G 41 -64.95 6.54 -0.75
C LYS G 41 -65.57 6.20 -2.10
N ALA G 42 -66.44 5.19 -2.15
CA ALA G 42 -66.94 4.76 -3.48
C ALA G 42 -68.34 5.25 -3.83
N ASP G 43 -68.62 6.53 -3.64
CA ASP G 43 -70.01 7.00 -3.82
C ASP G 43 -70.34 7.70 -5.14
N SER G 44 -69.37 7.79 -6.06
CA SER G 44 -69.55 8.54 -7.31
C SER G 44 -70.48 7.90 -8.33
N THR G 45 -70.77 6.62 -8.15
CA THR G 45 -71.55 5.87 -9.13
C THR G 45 -72.74 5.16 -8.50
N ARG G 46 -72.91 5.40 -7.20
CA ARG G 46 -73.90 4.73 -6.36
C ARG G 46 -75.38 5.00 -6.72
N LEU G 47 -75.66 6.16 -7.31
CA LEU G 47 -77.03 6.50 -7.71
C LEU G 47 -77.36 5.93 -9.10
N ILE G 48 -76.32 5.60 -9.85
CA ILE G 48 -76.49 4.99 -11.16
C ILE G 48 -76.60 3.46 -11.06
N LEU G 49 -75.99 2.89 -10.03
CA LEU G 49 -75.95 1.44 -9.88
C LEU G 49 -77.03 0.84 -8.94
N HIS G 50 -77.65 1.69 -8.12
CA HIS G 50 -78.69 1.34 -7.14
C HIS G 50 -78.19 0.59 -5.89
N SER G 51 -76.88 0.59 -5.67
CA SER G 51 -76.33 0.11 -4.40
C SER G 51 -74.97 0.73 -4.27
N LYS G 52 -74.35 0.61 -3.10
CA LYS G 52 -73.01 1.14 -2.93
C LYS G 52 -72.13 0.55 -4.01
N ALA G 53 -71.00 1.18 -4.29
CA ALA G 53 -70.13 0.64 -5.34
C ALA G 53 -69.05 -0.16 -4.66
N GLN G 54 -69.31 -1.45 -4.56
CA GLN G 54 -68.52 -2.33 -3.74
C GLN G 54 -67.14 -2.61 -4.32
N ASN G 55 -67.05 -2.75 -5.63
CA ASN G 55 -65.77 -3.14 -6.22
C ASN G 55 -65.04 -2.01 -6.94
N THR G 56 -64.20 -1.36 -6.18
CA THR G 56 -63.29 -0.36 -6.68
C THR G 56 -62.08 -1.04 -7.30
N ILE G 57 -61.38 -0.34 -8.19
CA ILE G 57 -60.23 -0.93 -8.87
C ILE G 57 -59.13 -1.34 -7.88
N MET G 58 -58.82 -0.49 -6.90
CA MET G 58 -57.73 -0.79 -5.96
C MET G 58 -58.04 -1.99 -5.10
N GLU G 59 -59.28 -2.08 -4.66
CA GLU G 59 -59.72 -3.20 -3.85
C GLU G 59 -59.60 -4.51 -4.65
N MET G 60 -60.10 -4.52 -5.88
CA MET G 60 -60.01 -5.71 -6.73
C MET G 60 -58.56 -6.09 -7.04
N ALA G 61 -57.72 -5.09 -7.24
CA ALA G 61 -56.32 -5.31 -7.51
C ALA G 61 -55.61 -5.92 -6.29
N ALA G 62 -55.91 -5.43 -5.09
CA ALA G 62 -55.27 -5.92 -3.86
C ALA G 62 -55.67 -7.37 -3.61
N GLU G 63 -56.93 -7.66 -3.90
CA GLU G 63 -57.45 -9.00 -3.80
C GLU G 63 -56.82 -9.97 -4.82
N ALA G 64 -56.62 -9.49 -6.05
CA ALA G 64 -56.03 -10.31 -7.11
C ALA G 64 -54.52 -10.38 -6.98
N GLY G 65 -53.94 -9.51 -6.16
CA GLY G 65 -52.50 -9.47 -5.94
C GLY G 65 -51.89 -8.19 -6.46
N THR G 66 -52.01 -7.96 -7.75
CA THR G 66 -51.57 -6.70 -8.36
C THR G 66 -52.58 -6.28 -9.43
N VAL G 67 -52.58 -4.99 -9.76
CA VAL G 67 -53.46 -4.48 -10.81
C VAL G 67 -53.17 -5.21 -12.15
N GLU G 68 -51.95 -5.72 -12.32
CA GLU G 68 -51.58 -6.43 -13.57
C GLU G 68 -52.39 -7.71 -13.76
N ASP G 69 -52.83 -8.28 -12.64
CA ASP G 69 -53.67 -9.47 -12.64
C ASP G 69 -55.16 -9.14 -12.91
N LEU G 70 -55.52 -7.86 -12.81
CA LEU G 70 -56.92 -7.45 -12.85
C LEU G 70 -57.57 -7.32 -14.24
N GLU G 71 -58.79 -7.81 -14.34
CA GLU G 71 -59.62 -7.67 -15.54
C GLU G 71 -60.53 -6.43 -15.53
N LEU G 72 -60.70 -5.82 -16.71
CA LEU G 72 -61.55 -4.64 -16.87
C LEU G 72 -63.01 -4.98 -16.56
N GLU G 73 -63.40 -6.19 -16.96
CA GLU G 73 -64.74 -6.71 -16.74
C GLU G 73 -65.10 -6.81 -15.26
N ASP G 74 -64.10 -6.98 -14.41
CA ASP G 74 -64.31 -7.13 -12.97
C ASP G 74 -64.61 -5.82 -12.27
N VAL G 75 -64.31 -4.70 -12.92
CA VAL G 75 -64.51 -3.39 -12.30
C VAL G 75 -65.49 -2.47 -13.04
N LEU G 76 -65.83 -2.79 -14.29
CA LEU G 76 -66.72 -1.91 -15.06
C LEU G 76 -68.17 -2.40 -15.11
N LYS G 77 -69.07 -1.67 -14.45
CA LYS G 77 -70.46 -2.05 -14.39
C LYS G 77 -71.33 -0.98 -15.08
N ALA G 78 -72.48 -1.42 -15.60
CA ALA G 78 -73.46 -0.57 -16.27
C ALA G 78 -74.72 -0.46 -15.45
N GLY G 79 -75.25 0.75 -15.35
CA GLY G 79 -76.47 1.01 -14.62
C GLY G 79 -77.53 1.70 -15.48
N TYR G 80 -78.24 2.63 -14.83
CA TYR G 80 -79.30 3.39 -15.47
C TYR G 80 -78.83 4.01 -16.80
N GLY G 81 -79.57 3.77 -17.87
CA GLY G 81 -79.24 4.36 -19.16
C GLY G 81 -78.01 3.78 -19.82
N GLY G 82 -77.50 2.68 -19.29
CA GLY G 82 -76.38 2.03 -19.91
C GLY G 82 -75.09 2.74 -19.57
N VAL G 83 -75.16 3.65 -18.61
CA VAL G 83 -73.99 4.39 -18.13
C VAL G 83 -72.91 3.50 -17.47
N LYS G 84 -71.67 3.63 -17.94
CA LYS G 84 -70.56 2.82 -17.42
C LYS G 84 -69.95 3.38 -16.16
N CYS G 85 -69.79 2.54 -15.15
CA CYS G 85 -69.30 3.02 -13.86
C CYS G 85 -68.06 2.30 -13.40
N VAL G 86 -67.08 3.08 -12.96
CA VAL G 86 -65.92 2.51 -12.35
C VAL G 86 -65.45 3.45 -11.23
N GLU G 87 -64.93 2.86 -10.15
CA GLU G 87 -64.40 3.56 -8.98
C GLU G 87 -62.88 3.27 -8.77
N SER G 88 -62.09 4.30 -8.55
CA SER G 88 -60.68 4.12 -8.17
C SER G 88 -60.55 3.36 -6.86
N GLY G 89 -61.31 3.79 -5.86
CA GLY G 89 -61.14 3.27 -4.51
C GLY G 89 -59.96 3.97 -3.90
N GLY G 90 -59.49 3.45 -2.77
CA GLY G 90 -58.39 4.03 -2.05
C GLY G 90 -58.55 3.69 -0.57
N PRO G 91 -57.67 4.24 0.27
CA PRO G 91 -57.78 3.92 1.69
C PRO G 91 -58.96 4.59 2.41
N GLU G 92 -59.23 4.11 3.62
CA GLU G 92 -60.05 4.86 4.56
C GLU G 92 -59.17 6.05 5.03
N PRO G 93 -59.77 7.05 5.70
CA PRO G 93 -58.97 8.23 6.08
C PRO G 93 -57.71 7.97 6.93
N GLY G 94 -56.62 8.68 6.63
CA GLY G 94 -55.42 8.74 7.47
C GLY G 94 -54.24 7.78 7.30
N VAL G 95 -54.27 6.97 6.23
CA VAL G 95 -53.18 6.03 5.94
C VAL G 95 -53.04 5.85 4.43
N GLY G 96 -51.84 5.48 3.99
CA GLY G 96 -51.64 5.24 2.57
C GLY G 96 -51.60 6.52 1.74
N CYS G 97 -52.07 6.46 0.50
CA CYS G 97 -51.93 7.54 -0.46
C CYS G 97 -53.08 7.46 -1.48
N ALA G 98 -54.14 8.24 -1.28
CA ALA G 98 -55.27 8.21 -2.21
C ALA G 98 -54.88 8.76 -3.60
N GLY G 99 -53.92 9.68 -3.64
CA GLY G 99 -53.42 10.17 -4.91
C GLY G 99 -52.93 9.08 -5.85
N ARG G 100 -52.11 8.17 -5.33
CA ARG G 100 -51.62 7.04 -6.13
C ARG G 100 -52.75 6.13 -6.53
N GLY G 101 -53.78 6.03 -5.70
CA GLY G 101 -54.91 5.19 -6.08
C GLY G 101 -55.55 5.69 -7.35
N VAL G 102 -55.70 7.01 -7.47
CA VAL G 102 -56.27 7.59 -8.69
C VAL G 102 -55.33 7.41 -9.88
N ILE G 103 -54.05 7.69 -9.67
CA ILE G 103 -53.06 7.55 -10.75
C ILE G 103 -53.06 6.11 -11.27
N THR G 104 -53.07 5.17 -10.34
CA THR G 104 -53.10 3.77 -10.71
C THR G 104 -54.32 3.43 -11.51
N ALA G 105 -55.47 3.89 -11.02
CA ALA G 105 -56.76 3.58 -11.64
C ALA G 105 -56.91 4.13 -13.05
N ILE G 106 -56.59 5.41 -13.24
CA ILE G 106 -56.69 6.04 -14.55
C ILE G 106 -55.81 5.28 -15.54
N ASN G 107 -54.61 4.95 -15.11
CA ASN G 107 -53.67 4.21 -15.95
C ASN G 107 -54.18 2.83 -16.30
N PHE G 108 -54.89 2.22 -15.38
CA PHE G 108 -55.52 0.94 -15.67
C PHE G 108 -56.57 1.09 -16.78
N LEU G 109 -57.45 2.09 -16.67
CA LEU G 109 -58.52 2.28 -17.66
C LEU G 109 -57.94 2.48 -19.05
N GLU G 110 -56.87 3.25 -19.11
CA GLU G 110 -56.18 3.52 -20.37
C GLU G 110 -55.61 2.22 -20.96
N GLU G 111 -54.91 1.45 -20.12
CA GLU G 111 -54.29 0.21 -20.59
C GLU G 111 -55.31 -0.84 -21.04
N GLU G 112 -56.44 -0.93 -20.34
CA GLU G 112 -57.46 -1.91 -20.69
C GLU G 112 -58.41 -1.43 -21.79
N GLY G 113 -58.16 -0.26 -22.34
CA GLY G 113 -58.90 0.21 -23.49
C GLY G 113 -60.28 0.70 -23.11
N ALA G 114 -60.43 1.20 -21.88
CA ALA G 114 -61.71 1.67 -21.40
C ALA G 114 -62.24 2.83 -22.29
N TYR G 115 -61.35 3.60 -22.89
CA TYR G 115 -61.73 4.71 -23.76
C TYR G 115 -61.95 4.32 -25.21
N GLU G 116 -61.57 3.10 -25.56
CA GLU G 116 -61.56 2.67 -26.94
C GLU G 116 -62.98 2.21 -27.36
N ASP G 117 -64.01 2.71 -26.65
CA ASP G 117 -65.39 2.50 -27.07
C ASP G 117 -65.88 3.56 -28.05
N ASP G 118 -67.19 3.62 -28.22
CA ASP G 118 -67.85 4.69 -28.97
C ASP G 118 -68.47 5.70 -28.00
N LEU G 119 -67.90 5.78 -26.81
CA LEU G 119 -68.43 6.63 -25.76
C LEU G 119 -68.57 8.05 -26.27
N ASP G 120 -69.66 8.70 -25.87
CA ASP G 120 -69.92 10.10 -26.20
C ASP G 120 -69.28 11.02 -25.14
N PHE G 121 -69.37 10.61 -23.87
CA PHE G 121 -68.86 11.39 -22.73
C PHE G 121 -68.13 10.56 -21.66
N VAL G 122 -67.03 11.06 -21.13
CA VAL G 122 -66.51 10.52 -19.87
C VAL G 122 -66.49 11.63 -18.82
N PHE G 123 -67.05 11.36 -17.64
CA PHE G 123 -67.04 12.30 -16.51
C PHE G 123 -66.19 11.76 -15.37
N TYR G 124 -65.26 12.58 -14.89
CA TYR G 124 -64.45 12.22 -13.73
C TYR G 124 -65.00 12.99 -12.54
N ASP G 125 -65.44 12.28 -11.51
CA ASP G 125 -65.86 12.97 -10.28
C ASP G 125 -64.71 12.99 -9.28
N VAL G 126 -64.22 14.20 -8.98
CA VAL G 126 -62.99 14.33 -8.23
C VAL G 126 -63.22 14.86 -6.80
N LEU G 127 -62.25 14.59 -5.94
CA LEU G 127 -62.27 14.98 -4.55
C LEU G 127 -62.35 16.49 -4.37
N GLY G 128 -62.76 16.92 -3.18
CA GLY G 128 -62.90 18.35 -2.93
C GLY G 128 -61.57 19.06 -3.06
N ASP G 129 -60.65 18.69 -2.17
CA ASP G 129 -59.36 19.33 -2.15
C ASP G 129 -58.34 18.62 -3.04
N VAL G 130 -57.77 19.38 -3.96
CA VAL G 130 -56.87 18.81 -4.94
C VAL G 130 -55.48 18.96 -4.33
N VAL G 131 -55.09 18.01 -3.48
CA VAL G 131 -53.94 18.21 -2.62
C VAL G 131 -52.63 17.80 -3.25
N CYS G 132 -52.69 17.17 -4.42
CA CYS G 132 -51.50 16.59 -5.00
C CYS G 132 -51.72 16.23 -6.47
N GLY G 133 -50.63 15.91 -7.16
CA GLY G 133 -50.63 15.62 -8.59
C GLY G 133 -51.61 14.55 -9.01
N GLY G 134 -51.75 13.53 -8.19
CA GLY G 134 -52.70 12.46 -8.47
C GLY G 134 -54.13 12.90 -8.72
N PHE G 135 -54.59 13.92 -7.99
CA PHE G 135 -55.97 14.35 -8.15
C PHE G 135 -56.11 15.28 -9.36
N ALA G 136 -55.01 15.54 -10.06
CA ALA G 136 -55.04 16.31 -11.30
C ALA G 136 -54.76 15.40 -12.52
N MET G 137 -54.55 14.13 -12.24
CA MET G 137 -54.51 13.13 -13.29
C MET G 137 -55.69 13.22 -14.26
N PRO G 138 -56.95 13.41 -13.74
CA PRO G 138 -58.06 13.58 -14.69
C PRO G 138 -57.92 14.75 -15.70
N ILE G 139 -57.02 15.71 -15.50
CA ILE G 139 -56.89 16.85 -16.41
C ILE G 139 -55.52 16.96 -17.12
N ARG G 140 -54.82 15.85 -17.21
CA ARG G 140 -53.63 15.80 -18.05
C ARG G 140 -54.04 15.64 -19.50
N GLU G 141 -53.07 15.68 -20.41
CA GLU G 141 -53.34 15.37 -21.81
C GLU G 141 -53.97 13.98 -22.02
N ASN G 142 -54.91 13.92 -22.96
CA ASN G 142 -55.70 12.75 -23.31
C ASN G 142 -56.73 12.39 -22.22
N LYS G 143 -56.85 13.24 -21.20
CA LYS G 143 -57.89 13.07 -20.19
C LYS G 143 -58.94 14.15 -20.37
N ALA G 144 -59.45 14.72 -19.28
CA ALA G 144 -60.51 15.72 -19.42
C ALA G 144 -59.99 16.89 -20.23
N GLN G 145 -60.86 17.45 -21.09
CA GLN G 145 -60.56 18.69 -21.80
C GLN G 145 -61.49 19.82 -21.31
N GLU G 146 -62.57 19.43 -20.66
CA GLU G 146 -63.50 20.41 -20.11
C GLU G 146 -63.58 20.25 -18.60
N ILE G 147 -63.49 21.38 -17.89
CA ILE G 147 -63.63 21.37 -16.44
C ILE G 147 -64.84 22.19 -16.10
N TYR G 148 -65.63 21.67 -15.18
CA TYR G 148 -66.74 22.41 -14.62
C TYR G 148 -66.52 22.51 -13.11
N ILE G 149 -66.67 23.69 -12.55
CA ILE G 149 -66.51 23.86 -11.12
C ILE G 149 -67.87 24.15 -10.47
N VAL G 150 -68.30 23.21 -9.63
CA VAL G 150 -69.54 23.31 -8.89
C VAL G 150 -69.28 24.15 -7.68
N CYS G 151 -70.07 25.20 -7.54
CA CYS G 151 -69.92 26.16 -6.45
C CYS G 151 -71.28 26.58 -5.91
N SER G 152 -71.25 27.58 -5.03
CA SER G 152 -72.47 28.17 -4.49
C SER G 152 -72.23 29.63 -4.12
N GLY G 153 -73.31 30.28 -3.71
CA GLY G 153 -73.27 31.65 -3.27
C GLY G 153 -72.50 31.82 -1.97
N GLU G 154 -72.12 30.70 -1.35
CA GLU G 154 -71.44 30.78 -0.06
C GLU G 154 -69.97 31.17 -0.24
N MET G 155 -69.39 31.78 0.78
CA MET G 155 -67.99 32.19 0.78
C MET G 155 -67.04 31.07 0.42
N MET G 156 -67.22 29.93 1.07
CA MET G 156 -66.26 28.84 1.01
C MET G 156 -66.18 28.28 -0.42
N ALA G 157 -67.32 28.18 -1.08
CA ALA G 157 -67.38 27.65 -2.44
C ALA G 157 -66.68 28.56 -3.45
N MET G 158 -66.83 29.86 -3.30
CA MET G 158 -66.23 30.76 -4.27
C MET G 158 -64.71 30.87 -4.09
N TYR G 159 -64.27 30.94 -2.84
CA TYR G 159 -62.84 30.87 -2.53
C TYR G 159 -62.26 29.60 -3.16
N ALA G 160 -63.01 28.50 -3.03
CA ALA G 160 -62.58 27.21 -3.55
C ALA G 160 -62.58 27.19 -5.09
N ALA G 161 -63.60 27.81 -5.69
CA ALA G 161 -63.69 27.88 -7.15
C ALA G 161 -62.47 28.64 -7.69
N ASN G 162 -62.13 29.72 -7.01
CA ASN G 162 -60.95 30.51 -7.35
C ASN G 162 -59.61 29.80 -7.14
N ASN G 163 -59.49 29.05 -6.05
CA ASN G 163 -58.26 28.32 -5.74
C ASN G 163 -57.98 27.16 -6.68
N ILE G 164 -59.04 26.47 -7.08
CA ILE G 164 -58.96 25.40 -8.05
C ILE G 164 -58.48 25.94 -9.40
N SER G 165 -58.93 27.15 -9.74
CA SER G 165 -58.52 27.77 -11.01
C SER G 165 -57.04 28.02 -11.04
N LYS G 166 -56.47 28.34 -9.89
CA LYS G 166 -55.03 28.51 -9.82
C LYS G 166 -54.36 27.22 -10.25
N GLY G 167 -54.89 26.09 -9.78
CA GLY G 167 -54.35 24.80 -10.13
C GLY G 167 -54.53 24.42 -11.59
N ILE G 168 -55.63 24.87 -12.16
CA ILE G 168 -55.99 24.57 -13.54
C ILE G 168 -55.01 25.23 -14.53
N VAL G 169 -54.60 26.45 -14.22
CA VAL G 169 -53.79 27.24 -15.14
C VAL G 169 -52.53 26.49 -15.56
N LYS G 170 -51.91 25.80 -14.61
CA LYS G 170 -50.67 25.06 -14.88
C LYS G 170 -50.88 23.95 -15.93
N TYR G 171 -52.04 23.29 -15.86
CA TYR G 171 -52.34 22.21 -16.80
C TYR G 171 -52.91 22.73 -18.12
N ALA G 172 -53.55 23.89 -18.08
CA ALA G 172 -54.14 24.43 -19.30
C ALA G 172 -53.06 24.80 -20.28
N ASN G 173 -51.95 25.32 -19.74
CA ASN G 173 -50.80 25.77 -20.51
C ASN G 173 -50.03 24.65 -21.22
N SER G 174 -49.82 23.54 -20.54
CA SER G 174 -49.03 22.46 -21.13
C SER G 174 -49.91 21.44 -21.84
N GLY G 175 -51.21 21.68 -21.81
CA GLY G 175 -52.17 20.73 -22.36
C GLY G 175 -53.30 21.46 -23.07
N SER G 176 -54.41 20.77 -23.29
CA SER G 176 -55.59 21.37 -23.92
C SER G 176 -56.72 21.62 -22.91
N VAL G 177 -56.52 21.22 -21.66
CA VAL G 177 -57.54 21.43 -20.61
C VAL G 177 -58.04 22.87 -20.48
N ARG G 178 -59.35 23.04 -20.42
CA ARG G 178 -59.93 24.38 -20.32
C ARG G 178 -61.04 24.45 -19.29
N LEU G 179 -61.21 25.60 -18.65
CA LEU G 179 -62.35 25.77 -17.77
C LEU G 179 -63.56 26.07 -18.66
N GLY G 180 -64.61 25.25 -18.52
CA GLY G 180 -65.83 25.35 -19.29
C GLY G 180 -66.88 26.21 -18.63
N GLY G 181 -66.93 26.15 -17.32
CA GLY G 181 -67.88 26.93 -16.57
C GLY G 181 -68.16 26.53 -15.14
N LEU G 182 -69.03 27.34 -14.51
CA LEU G 182 -69.48 27.11 -13.16
C LEU G 182 -70.93 26.57 -13.16
N ILE G 183 -71.18 25.58 -12.32
CA ILE G 183 -72.53 25.10 -12.06
C ILE G 183 -72.88 25.55 -10.64
N CYS G 184 -73.90 26.39 -10.51
CA CYS G 184 -74.22 26.92 -9.19
C CYS G 184 -75.20 26.02 -8.51
N ASN G 185 -74.73 25.34 -7.47
CA ASN G 185 -75.61 24.51 -6.66
C ASN G 185 -76.09 25.35 -5.47
N SER G 186 -77.34 25.81 -5.55
CA SER G 186 -77.84 26.80 -4.60
C SER G 186 -77.73 26.39 -3.13
N ARG G 187 -77.42 27.36 -2.29
CA ARG G 187 -77.50 27.25 -0.83
C ARG G 187 -78.51 28.29 -0.34
N ASN G 188 -79.29 28.83 -1.28
CA ASN G 188 -80.23 29.92 -1.01
C ASN G 188 -79.61 31.16 -0.37
N THR G 189 -78.43 31.57 -0.83
CA THR G 189 -77.86 32.81 -0.36
C THR G 189 -78.53 33.90 -1.18
N ASP G 190 -78.62 35.10 -0.63
CA ASP G 190 -79.32 36.19 -1.30
C ASP G 190 -78.57 36.68 -2.55
N ARG G 191 -79.32 36.85 -3.64
CA ARG G 191 -78.78 37.28 -4.92
C ARG G 191 -77.66 36.33 -5.34
N GLU G 192 -77.91 35.04 -5.15
CA GLU G 192 -76.92 33.99 -5.31
C GLU G 192 -76.48 33.87 -6.77
N ASP G 193 -77.46 33.88 -7.68
CA ASP G 193 -77.18 33.74 -9.10
C ASP G 193 -76.35 34.91 -9.66
N GLU G 194 -76.65 36.13 -9.23
CA GLU G 194 -75.89 37.30 -9.67
C GLU G 194 -74.43 37.20 -9.26
N LEU G 195 -74.21 36.69 -8.05
CA LEU G 195 -72.88 36.59 -7.49
C LEU G 195 -71.98 35.61 -8.28
N ILE G 196 -72.54 34.45 -8.66
CA ILE G 196 -71.78 33.46 -9.39
C ILE G 196 -71.56 33.87 -10.86
N ILE G 197 -72.55 34.55 -11.44
CA ILE G 197 -72.38 35.17 -12.75
C ILE G 197 -71.24 36.19 -12.70
N ALA G 198 -71.23 37.03 -11.67
CA ALA G 198 -70.15 38.00 -11.48
C ALA G 198 -68.79 37.31 -11.31
N LEU G 199 -68.72 36.27 -10.46
CA LEU G 199 -67.46 35.58 -10.21
C LEU G 199 -66.97 34.97 -11.50
N ALA G 200 -67.90 34.36 -12.24
CA ALA G 200 -67.59 33.74 -13.51
C ALA G 200 -66.93 34.74 -14.47
N ASN G 201 -67.44 35.98 -14.49
CA ASN G 201 -66.89 37.02 -15.35
C ASN G 201 -65.46 37.40 -15.05
N LYS G 202 -65.13 37.60 -13.77
CA LYS G 202 -63.76 38.00 -13.44
C LYS G 202 -62.75 36.91 -13.82
N LEU G 203 -63.16 35.65 -13.73
CA LEU G 203 -62.30 34.55 -14.13
C LEU G 203 -62.18 34.42 -15.64
N GLY G 204 -63.25 34.77 -16.37
CA GLY G 204 -63.29 34.62 -17.82
C GLY G 204 -64.26 33.55 -18.34
N THR G 205 -65.08 32.99 -17.45
CA THR G 205 -66.03 31.94 -17.83
C THR G 205 -67.48 32.40 -17.63
N GLN G 206 -68.42 31.49 -17.87
CA GLN G 206 -69.85 31.73 -17.64
C GLN G 206 -70.36 30.99 -16.38
N MET G 207 -71.61 31.27 -15.98
CA MET G 207 -72.31 30.39 -15.05
C MET G 207 -73.22 29.54 -15.92
N ILE G 208 -72.86 28.27 -16.07
CA ILE G 208 -73.54 27.34 -16.99
C ILE G 208 -75.01 27.09 -16.66
N HIS G 209 -75.30 26.90 -15.38
CA HIS G 209 -76.65 26.69 -14.92
C HIS G 209 -76.78 26.83 -13.40
N PHE G 210 -77.97 27.24 -13.00
CA PHE G 210 -78.34 27.37 -11.61
C PHE G 210 -79.20 26.16 -11.21
N VAL G 211 -78.65 25.33 -10.33
CA VAL G 211 -79.39 24.18 -9.81
C VAL G 211 -79.97 24.56 -8.46
N PRO G 212 -81.29 24.64 -8.38
CA PRO G 212 -81.95 25.02 -7.12
C PRO G 212 -81.74 23.97 -6.04
N ARG G 213 -81.85 24.35 -4.77
CA ARG G 213 -81.86 23.35 -3.71
C ARG G 213 -83.29 22.83 -3.64
N ASP G 214 -83.44 21.52 -3.82
CA ASP G 214 -84.75 20.86 -3.89
C ASP G 214 -84.70 19.56 -3.09
N ASN G 215 -85.53 19.43 -2.07
CA ASN G 215 -85.43 18.28 -1.18
C ASN G 215 -85.82 16.96 -1.85
N VAL G 216 -86.33 17.03 -3.07
CA VAL G 216 -86.58 15.83 -3.88
C VAL G 216 -85.27 15.09 -4.18
N VAL G 217 -84.18 15.84 -4.33
CA VAL G 217 -82.86 15.24 -4.62
C VAL G 217 -82.46 14.27 -3.51
N GLN G 218 -82.67 14.70 -2.27
CA GLN G 218 -82.34 13.92 -1.08
C GLN G 218 -83.30 12.72 -0.91
N ARG G 219 -84.56 12.87 -1.35
CA ARG G 219 -85.49 11.73 -1.34
C ARG G 219 -85.05 10.65 -2.33
N ALA G 220 -84.63 11.08 -3.52
CA ALA G 220 -84.11 10.15 -4.51
C ALA G 220 -82.82 9.50 -4.03
N GLU G 221 -81.98 10.30 -3.37
CA GLU G 221 -80.71 9.83 -2.83
C GLU G 221 -80.92 8.70 -1.83
N ILE G 222 -81.95 8.82 -1.01
CA ILE G 222 -82.29 7.78 -0.04
C ILE G 222 -82.76 6.52 -0.78
N ARG G 223 -83.38 6.71 -1.94
CA ARG G 223 -83.77 5.59 -2.82
C ARG G 223 -82.62 5.09 -3.71
N ARG G 224 -81.42 5.62 -3.50
CA ARG G 224 -80.20 5.22 -4.22
C ARG G 224 -80.30 5.38 -5.72
N MET G 225 -81.02 6.40 -6.17
CA MET G 225 -81.12 6.67 -7.60
C MET G 225 -81.14 8.17 -7.89
N THR G 226 -80.92 8.53 -9.15
CA THR G 226 -80.99 9.91 -9.59
C THR G 226 -82.44 10.39 -9.66
N VAL G 227 -82.64 11.70 -9.61
CA VAL G 227 -83.95 12.31 -9.75
C VAL G 227 -84.59 12.04 -11.12
N ILE G 228 -83.74 11.96 -12.14
CA ILE G 228 -84.18 11.71 -13.51
C ILE G 228 -84.97 10.39 -13.52
N GLU G 229 -84.46 9.40 -12.79
CA GLU G 229 -85.06 8.09 -12.60
C GLU G 229 -86.10 8.04 -11.48
N TYR G 230 -85.84 8.73 -10.37
CA TYR G 230 -86.74 8.76 -9.22
C TYR G 230 -88.07 9.42 -9.54
N ASP G 231 -88.01 10.51 -10.29
CA ASP G 231 -89.21 11.26 -10.66
C ASP G 231 -89.02 12.01 -11.98
N PRO G 232 -89.21 11.32 -13.13
CA PRO G 232 -89.03 11.90 -14.47
C PRO G 232 -89.94 13.11 -14.78
N LYS G 233 -91.02 13.26 -14.02
CA LYS G 233 -91.98 14.33 -14.24
C LYS G 233 -91.62 15.55 -13.41
N ALA G 234 -90.79 15.35 -12.38
CA ALA G 234 -90.46 16.41 -11.43
C ALA G 234 -89.82 17.64 -12.09
N LYS G 235 -90.00 18.79 -11.42
CA LYS G 235 -89.47 20.06 -11.90
C LYS G 235 -87.95 20.04 -11.84
N GLN G 236 -87.41 19.39 -10.81
CA GLN G 236 -85.97 19.27 -10.67
C GLN G 236 -85.35 18.42 -11.78
N ALA G 237 -86.04 17.36 -12.18
CA ALA G 237 -85.62 16.52 -13.30
C ALA G 237 -85.42 17.36 -14.55
N ASP G 238 -86.22 18.40 -14.69
CA ASP G 238 -86.11 19.34 -15.80
C ASP G 238 -84.89 20.27 -15.67
N GLU G 239 -84.53 20.58 -14.42
CA GLU G 239 -83.37 21.43 -14.16
C GLU G 239 -82.09 20.76 -14.66
N TYR G 240 -81.99 19.43 -14.46
CA TYR G 240 -80.85 18.63 -14.91
C TYR G 240 -80.78 18.42 -16.41
N ARG G 241 -81.95 18.36 -17.05
CA ARG G 241 -82.03 18.28 -18.51
C ARG G 241 -81.49 19.56 -19.11
N ALA G 242 -81.87 20.67 -18.50
CA ALA G 242 -81.41 22.00 -18.91
C ALA G 242 -79.90 22.10 -18.82
N LEU G 243 -79.37 21.71 -17.66
CA LEU G 243 -77.92 21.72 -17.43
C LEU G 243 -77.25 20.84 -18.46
N ALA G 244 -77.83 19.68 -18.72
CA ALA G 244 -77.28 18.73 -19.69
C ALA G 244 -77.10 19.29 -21.11
N ARG G 245 -78.17 19.86 -21.66
CA ARG G 245 -78.10 20.44 -23.00
C ARG G 245 -77.12 21.60 -23.06
N LYS G 246 -77.03 22.40 -21.99
CA LYS G 246 -76.06 23.50 -21.96
C LYS G 246 -74.61 22.99 -21.97
N VAL G 247 -74.32 21.91 -21.24
CA VAL G 247 -72.96 21.36 -21.30
C VAL G 247 -72.76 20.73 -22.69
N VAL G 248 -73.80 20.03 -23.17
CA VAL G 248 -73.75 19.41 -24.49
C VAL G 248 -73.48 20.46 -25.57
N ASP G 249 -74.16 21.60 -25.47
CA ASP G 249 -74.04 22.66 -26.47
C ASP G 249 -72.95 23.68 -26.12
N ASN G 250 -72.22 23.45 -25.03
CA ASN G 250 -71.24 24.43 -24.59
C ASN G 250 -70.01 24.53 -25.51
N LYS G 251 -69.62 25.74 -25.88
CA LYS G 251 -68.39 25.92 -26.67
C LYS G 251 -67.41 26.86 -25.97
N LEU G 252 -67.82 27.44 -24.85
CA LEU G 252 -66.94 28.38 -24.14
C LEU G 252 -65.93 27.64 -23.26
N LEU G 253 -64.67 27.69 -23.70
CA LEU G 253 -63.52 27.03 -23.07
C LEU G 253 -62.39 28.00 -22.83
N VAL G 254 -62.13 28.34 -21.57
CA VAL G 254 -61.13 29.37 -21.32
C VAL G 254 -60.07 28.88 -20.34
N ILE G 255 -58.94 29.57 -20.36
CA ILE G 255 -57.97 29.42 -19.30
C ILE G 255 -58.36 30.48 -18.28
N PRO G 256 -58.66 30.07 -17.04
CA PRO G 256 -59.22 31.08 -16.12
C PRO G 256 -58.19 32.10 -15.61
N ASN G 257 -58.64 33.30 -15.23
CA ASN G 257 -57.76 34.28 -14.59
C ASN G 257 -58.07 34.36 -13.10
N PRO G 258 -57.29 33.66 -12.26
CA PRO G 258 -57.60 33.75 -10.83
C PRO G 258 -57.49 35.18 -10.26
N ILE G 259 -58.43 35.54 -9.39
CA ILE G 259 -58.45 36.86 -8.74
C ILE G 259 -57.82 36.76 -7.36
N THR G 260 -57.49 37.91 -6.77
CA THR G 260 -56.91 37.97 -5.43
C THR G 260 -57.93 37.93 -4.28
N MET G 261 -57.51 37.39 -3.14
CA MET G 261 -58.37 37.23 -1.97
C MET G 261 -59.09 38.58 -1.69
N ASP G 262 -58.42 39.71 -1.91
CA ASP G 262 -59.11 41.02 -1.85
C ASP G 262 -60.28 41.14 -2.83
N GLU G 263 -60.09 40.81 -4.09
CA GLU G 263 -61.17 41.03 -5.05
C GLU G 263 -62.35 40.18 -4.65
N LEU G 264 -62.07 38.96 -4.21
CA LEU G 264 -63.13 38.05 -3.83
C LEU G 264 -63.97 38.62 -2.68
N GLU G 265 -63.30 39.24 -1.70
CA GLU G 265 -64.03 39.87 -0.60
C GLU G 265 -64.86 41.10 -1.05
N GLU G 266 -64.27 41.97 -1.87
CA GLU G 266 -64.98 43.17 -2.30
C GLU G 266 -66.21 42.76 -3.10
N LEU G 267 -66.13 41.59 -3.75
CA LEU G 267 -67.25 41.04 -4.50
C LEU G 267 -68.40 40.58 -3.60
N LEU G 268 -68.06 39.86 -2.54
CA LEU G 268 -69.02 39.44 -1.54
C LEU G 268 -69.67 40.66 -0.89
N MET G 269 -68.87 41.68 -0.69
CA MET G 269 -69.33 42.89 -0.09
C MET G 269 -70.28 43.68 -1.02
N GLU G 270 -69.98 43.65 -2.31
CA GLU G 270 -70.79 44.32 -3.31
C GLU G 270 -72.17 43.67 -3.47
N PHE G 271 -72.32 42.41 -3.07
CA PHE G 271 -73.60 41.72 -3.24
C PHE G 271 -74.30 41.29 -1.93
N GLY G 272 -73.93 41.84 -0.78
CA GLY G 272 -74.39 41.19 0.45
C GLY G 272 -74.24 41.85 1.81
N ALA H 1 -49.82 19.67 32.05
CA ALA H 1 -49.39 21.03 31.77
C ALA H 1 -49.83 21.47 30.36
N MET H 2 -49.27 20.84 29.35
CA MET H 2 -49.65 21.13 27.97
C MET H 2 -50.71 20.21 27.33
N ARG H 3 -51.76 20.78 26.73
CA ARG H 3 -52.77 19.95 26.07
C ARG H 3 -52.76 20.15 24.55
N GLN H 4 -52.65 19.07 23.81
CA GLN H 4 -52.61 19.14 22.34
C GLN H 4 -53.90 18.59 21.78
N CYS H 5 -54.57 19.39 20.94
CA CYS H 5 -55.86 18.99 20.38
C CYS H 5 -55.85 19.09 18.86
N ALA H 6 -56.54 18.17 18.20
CA ALA H 6 -56.60 18.20 16.74
C ALA H 6 -58.04 18.26 16.32
N ILE H 7 -58.34 19.19 15.41
CA ILE H 7 -59.70 19.40 14.93
C ILE H 7 -59.90 18.75 13.54
N TYR H 8 -60.82 17.79 13.47
CA TYR H 8 -61.19 17.12 12.22
C TYR H 8 -62.67 17.37 11.90
N GLY H 9 -63.10 16.94 10.72
CA GLY H 9 -64.48 17.06 10.30
C GLY H 9 -64.61 17.11 8.79
N LYS H 10 -65.83 16.90 8.29
CA LYS H 10 -66.14 16.92 6.86
C LYS H 10 -65.60 18.19 6.19
N GLY H 11 -65.20 18.08 4.94
CA GLY H 11 -64.78 19.24 4.17
C GLY H 11 -65.91 20.26 4.10
N GLY H 12 -65.59 21.52 4.40
CA GLY H 12 -66.55 22.61 4.36
C GLY H 12 -67.43 22.79 5.60
N ILE H 13 -67.12 22.07 6.70
CA ILE H 13 -68.00 22.06 7.88
C ILE H 13 -67.82 23.26 8.85
N GLY H 14 -66.68 23.93 8.80
CA GLY H 14 -66.40 25.05 9.69
C GLY H 14 -65.27 24.87 10.73
N LYS H 15 -64.36 23.92 10.45
CA LYS H 15 -63.24 23.58 11.31
C LYS H 15 -62.34 24.79 11.58
N SER H 16 -61.90 25.43 10.52
CA SER H 16 -60.92 26.48 10.69
C SER H 16 -61.58 27.68 11.42
N THR H 17 -62.82 27.97 11.07
CA THR H 17 -63.63 29.00 11.76
C THR H 17 -63.90 28.70 13.23
N THR H 18 -64.44 27.52 13.47
CA THR H 18 -64.71 27.08 14.83
C THR H 18 -63.44 27.04 15.66
N THR H 19 -62.35 26.55 15.07
CA THR H 19 -61.08 26.40 15.78
C THR H 19 -60.54 27.75 16.18
N GLN H 20 -60.51 28.68 15.24
CA GLN H 20 -60.01 30.02 15.50
C GLN H 20 -60.91 30.80 16.48
N ASN H 21 -62.23 30.71 16.34
CA ASN H 21 -63.10 31.39 17.29
C ASN H 21 -62.92 30.83 18.72
N LEU H 22 -62.76 29.52 18.83
CA LEU H 22 -62.50 28.92 20.14
C LEU H 22 -61.22 29.43 20.77
N VAL H 23 -60.17 29.46 19.97
CA VAL H 23 -58.86 29.85 20.46
C VAL H 23 -58.88 31.32 20.90
N ALA H 24 -59.60 32.14 20.15
CA ALA H 24 -59.80 33.53 20.52
C ALA H 24 -60.40 33.65 21.93
N ALA H 25 -61.44 32.89 22.19
CA ALA H 25 -62.06 32.91 23.50
C ALA H 25 -61.13 32.36 24.58
N LEU H 26 -60.37 31.33 24.20
CA LEU H 26 -59.43 30.67 25.07
C LEU H 26 -58.33 31.63 25.51
N ALA H 27 -57.80 32.39 24.55
CA ALA H 27 -56.81 33.42 24.82
C ALA H 27 -57.41 34.53 25.68
N GLU H 28 -58.64 34.96 25.34
CA GLU H 28 -59.39 35.94 26.13
C GLU H 28 -59.62 35.49 27.57
N MET H 29 -59.65 34.17 27.79
CA MET H 29 -59.71 33.59 29.15
C MET H 29 -58.35 33.56 29.84
N GLY H 30 -57.29 33.90 29.11
CA GLY H 30 -55.96 33.91 29.70
C GLY H 30 -55.13 32.68 29.46
N LYS H 31 -55.49 31.88 28.48
CA LYS H 31 -54.71 30.70 28.12
C LYS H 31 -53.61 31.06 27.10
N LYS H 32 -52.49 30.33 27.14
CA LYS H 32 -51.43 30.45 26.13
C LYS H 32 -51.68 29.39 25.08
N VAL H 33 -51.96 29.81 23.84
CA VAL H 33 -52.36 28.87 22.81
C VAL H 33 -51.54 29.00 21.52
N MET H 34 -51.19 27.85 20.96
CA MET H 34 -50.61 27.82 19.61
C MET H 34 -51.58 27.12 18.67
N ILE H 35 -51.73 27.71 17.48
CA ILE H 35 -52.48 27.11 16.41
C ILE H 35 -51.50 26.64 15.34
N VAL H 36 -51.61 25.36 14.96
CA VAL H 36 -50.81 24.80 13.88
C VAL H 36 -51.72 24.44 12.70
N GLY H 37 -51.67 25.22 11.61
CA GLY H 37 -52.46 24.92 10.43
C GLY H 37 -51.89 23.81 9.56
N CYS H 38 -52.69 22.78 9.27
CA CYS H 38 -52.23 21.60 8.51
C CYS H 38 -53.01 21.37 7.21
N ASP H 39 -53.09 22.44 6.43
CA ASP H 39 -53.86 22.55 5.19
C ASP H 39 -52.98 23.29 4.22
N PRO H 40 -52.81 22.76 3.00
CA PRO H 40 -52.02 23.49 2.00
C PRO H 40 -52.57 24.90 1.71
N LYS H 41 -53.88 25.14 1.77
CA LYS H 41 -54.27 26.54 1.53
C LYS H 41 -53.87 27.52 2.66
N ALA H 42 -53.36 27.00 3.78
CA ALA H 42 -52.85 27.85 4.86
C ALA H 42 -53.77 28.99 5.34
N ASP H 43 -55.04 28.67 5.61
CA ASP H 43 -56.03 29.66 6.06
C ASP H 43 -56.36 29.58 7.58
N SER H 44 -55.69 28.66 8.28
CA SER H 44 -56.04 28.29 9.64
C SER H 44 -55.78 29.32 10.70
N THR H 45 -54.97 30.32 10.39
CA THR H 45 -54.58 31.32 11.37
C THR H 45 -54.91 32.71 10.83
N ARG H 46 -55.62 32.70 9.70
CA ARG H 46 -55.92 33.91 8.95
C ARG H 46 -56.81 34.86 9.74
N LEU H 47 -57.63 34.36 10.66
CA LEU H 47 -58.49 35.23 11.46
C LEU H 47 -57.84 35.70 12.78
N ILE H 48 -56.79 34.99 13.23
CA ILE H 48 -56.10 35.41 14.47
C ILE H 48 -55.10 36.49 14.17
N LEU H 49 -54.53 36.40 12.98
CA LEU H 49 -53.65 37.41 12.40
C LEU H 49 -54.47 38.20 11.40
N HIS H 50 -54.63 39.50 11.57
CA HIS H 50 -55.42 40.22 10.59
C HIS H 50 -54.61 40.26 9.28
N SER H 51 -55.32 40.23 8.13
CA SER H 51 -54.76 40.37 6.77
C SER H 51 -53.67 39.38 6.32
N LYS H 52 -52.54 39.34 7.01
CA LYS H 52 -51.46 38.45 6.59
C LYS H 52 -50.63 37.82 7.71
N ALA H 53 -49.95 36.75 7.31
CA ALA H 53 -49.04 35.91 8.11
C ALA H 53 -48.22 35.21 7.06
N GLN H 54 -47.83 36.02 6.08
CA GLN H 54 -47.25 35.62 4.81
C GLN H 54 -46.52 34.28 4.72
N ASN H 55 -45.84 33.93 5.80
CA ASN H 55 -44.79 32.91 5.79
C ASN H 55 -45.13 31.49 6.22
N THR H 56 -45.50 30.60 5.28
CA THR H 56 -45.72 29.21 5.65
C THR H 56 -44.39 28.48 5.77
N ILE H 57 -44.41 27.36 6.49
CA ILE H 57 -43.18 26.61 6.75
C ILE H 57 -42.54 26.09 5.46
N MET H 58 -43.35 25.49 4.59
CA MET H 58 -42.84 24.89 3.36
C MET H 58 -42.31 25.97 2.41
N GLU H 59 -42.99 27.11 2.40
CA GLU H 59 -42.61 28.25 1.58
C GLU H 59 -41.23 28.72 1.95
N MET H 60 -41.02 28.97 3.23
CA MET H 60 -39.76 29.45 3.77
C MET H 60 -38.63 28.41 3.53
N ALA H 61 -38.95 27.13 3.65
CA ALA H 61 -37.97 26.05 3.39
C ALA H 61 -37.59 26.01 1.91
N ALA H 62 -38.58 26.20 1.03
CA ALA H 62 -38.33 26.14 -0.41
C ALA H 62 -37.41 27.28 -0.85
N GLU H 63 -37.68 28.46 -0.30
CA GLU H 63 -36.89 29.68 -0.47
C GLU H 63 -35.51 29.62 0.20
N ALA H 64 -35.47 29.08 1.41
CA ALA H 64 -34.23 29.01 2.17
C ALA H 64 -33.34 27.85 1.72
N GLY H 65 -33.92 26.92 0.96
CA GLY H 65 -33.19 25.79 0.41
C GLY H 65 -33.62 24.46 1.02
N THR H 66 -33.46 24.36 2.33
CA THR H 66 -33.89 23.19 3.08
C THR H 66 -34.50 23.58 4.44
N VAL H 67 -35.38 22.71 4.94
CA VAL H 67 -36.03 22.92 6.23
C VAL H 67 -35.03 23.06 7.37
N GLU H 68 -33.91 22.40 7.23
CA GLU H 68 -32.86 22.44 8.25
C GLU H 68 -32.20 23.81 8.42
N ASP H 69 -32.20 24.61 7.35
CA ASP H 69 -31.62 25.94 7.37
C ASP H 69 -32.58 26.96 8.01
N LEU H 70 -33.85 26.56 8.14
CA LEU H 70 -34.93 27.44 8.58
C LEU H 70 -35.01 27.58 10.09
N GLU H 71 -35.06 28.81 10.59
CA GLU H 71 -35.16 29.03 12.02
C GLU H 71 -36.60 29.29 12.51
N LEU H 72 -36.89 28.93 13.76
CA LEU H 72 -38.23 29.03 14.34
C LEU H 72 -38.82 30.44 14.23
N GLU H 73 -37.94 31.43 14.30
CA GLU H 73 -38.28 32.85 14.23
C GLU H 73 -38.99 33.28 12.96
N ASP H 74 -38.76 32.54 11.89
CA ASP H 74 -39.25 32.88 10.56
C ASP H 74 -40.72 32.53 10.27
N VAL H 75 -41.22 31.51 10.96
CA VAL H 75 -42.55 31.00 10.62
C VAL H 75 -43.57 31.13 11.73
N LEU H 76 -43.13 31.39 12.95
CA LEU H 76 -44.09 31.48 14.04
C LEU H 76 -44.37 32.92 14.46
N LYS H 77 -45.60 33.38 14.26
CA LYS H 77 -46.03 34.74 14.60
C LYS H 77 -47.19 34.76 15.60
N ALA H 78 -47.35 35.89 16.29
CA ALA H 78 -48.45 36.06 17.24
C ALA H 78 -49.52 37.05 16.77
N GLY H 79 -50.77 36.71 17.01
CA GLY H 79 -51.85 37.60 16.62
C GLY H 79 -52.72 38.01 17.78
N TYR H 80 -54.02 38.11 17.55
CA TYR H 80 -54.96 38.51 18.57
C TYR H 80 -54.75 37.71 19.84
N GLY H 81 -54.58 38.41 20.96
CA GLY H 81 -54.48 37.75 22.26
C GLY H 81 -53.20 37.02 22.55
N GLY H 82 -52.18 37.22 21.73
CA GLY H 82 -50.90 36.59 21.95
C GLY H 82 -50.87 35.17 21.44
N VAL H 83 -51.94 34.81 20.74
CA VAL H 83 -52.06 33.47 20.15
C VAL H 83 -50.95 33.28 19.12
N LYS H 84 -50.20 32.19 19.27
CA LYS H 84 -49.11 31.88 18.36
C LYS H 84 -49.62 31.11 17.15
N CYS H 85 -49.17 31.53 15.98
CA CYS H 85 -49.60 30.96 14.72
C CYS H 85 -48.43 30.46 13.85
N VAL H 86 -48.59 29.25 13.33
CA VAL H 86 -47.66 28.75 12.34
C VAL H 86 -48.47 27.98 11.31
N GLU H 87 -48.04 28.04 10.05
CA GLU H 87 -48.74 27.36 8.96
C GLU H 87 -47.80 26.38 8.27
N SER H 88 -48.29 25.16 8.01
CA SER H 88 -47.50 24.18 7.23
C SER H 88 -47.19 24.66 5.83
N GLY H 89 -48.22 25.12 5.13
CA GLY H 89 -48.05 25.47 3.73
C GLY H 89 -48.08 24.22 2.89
N GLY H 90 -47.71 24.37 1.63
CA GLY H 90 -47.74 23.25 0.71
C GLY H 90 -48.00 23.77 -0.69
N PRO H 91 -48.15 22.87 -1.66
CA PRO H 91 -48.39 23.28 -3.04
C PRO H 91 -49.79 23.80 -3.31
N GLU H 92 -49.89 24.47 -4.44
CA GLU H 92 -51.14 24.86 -5.05
C GLU H 92 -51.82 23.60 -5.50
N PRO H 93 -53.14 23.66 -5.76
CA PRO H 93 -53.89 22.46 -6.10
C PRO H 93 -53.31 21.74 -7.31
N GLY H 94 -53.25 20.41 -7.28
CA GLY H 94 -52.94 19.59 -8.44
C GLY H 94 -51.49 19.28 -8.73
N VAL H 95 -50.59 19.61 -7.80
CA VAL H 95 -49.19 19.30 -8.00
C VAL H 95 -48.43 19.03 -6.67
N GLY H 96 -47.35 18.25 -6.70
CA GLY H 96 -46.57 18.03 -5.47
C GLY H 96 -47.32 17.16 -4.49
N CYS H 97 -47.09 17.34 -3.19
CA CYS H 97 -47.62 16.41 -2.20
C CYS H 97 -47.89 17.12 -0.89
N ALA H 98 -49.12 17.56 -0.66
CA ALA H 98 -49.41 18.34 0.56
C ALA H 98 -49.22 17.54 1.86
N GLY H 99 -49.47 16.23 1.81
CA GLY H 99 -49.25 15.37 2.96
C GLY H 99 -47.85 15.41 3.55
N ARG H 100 -46.83 15.27 2.69
CA ARG H 100 -45.45 15.31 3.13
C ARG H 100 -45.09 16.69 3.72
N GLY H 101 -45.73 17.73 3.21
CA GLY H 101 -45.54 19.06 3.73
C GLY H 101 -45.97 19.15 5.18
N VAL H 102 -47.07 18.49 5.51
CA VAL H 102 -47.50 18.47 6.90
C VAL H 102 -46.51 17.71 7.80
N ILE H 103 -46.03 16.55 7.32
CA ILE H 103 -45.08 15.73 8.07
C ILE H 103 -43.86 16.57 8.37
N THR H 104 -43.34 17.24 7.33
CA THR H 104 -42.13 18.04 7.48
C THR H 104 -42.27 19.19 8.47
N ALA H 105 -43.38 19.93 8.36
CA ALA H 105 -43.65 21.06 9.28
C ALA H 105 -43.80 20.64 10.74
N ILE H 106 -44.59 19.60 11.00
CA ILE H 106 -44.78 19.08 12.35
C ILE H 106 -43.43 18.57 12.91
N ASN H 107 -42.66 17.88 12.07
CA ASN H 107 -41.32 17.43 12.42
C ASN H 107 -40.38 18.62 12.70
N PHE H 108 -40.51 19.69 11.93
CA PHE H 108 -39.74 20.91 12.17
C PHE H 108 -40.03 21.50 13.55
N LEU H 109 -41.31 21.69 13.85
CA LEU H 109 -41.74 22.27 15.13
C LEU H 109 -41.19 21.44 16.31
N GLU H 110 -41.22 20.11 16.17
CA GLU H 110 -40.70 19.25 17.21
C GLU H 110 -39.20 19.43 17.39
N GLU H 111 -38.47 19.36 16.29
CA GLU H 111 -37.01 19.44 16.34
C GLU H 111 -36.54 20.80 16.91
N GLU H 112 -37.27 21.87 16.62
CA GLU H 112 -36.93 23.21 17.10
C GLU H 112 -37.50 23.58 18.48
N GLY H 113 -38.26 22.67 19.10
CA GLY H 113 -38.75 22.86 20.45
C GLY H 113 -39.92 23.83 20.60
N ALA H 114 -40.71 23.99 19.54
CA ALA H 114 -41.86 24.90 19.49
C ALA H 114 -42.94 24.66 20.56
N TYR H 115 -42.97 23.45 21.09
CA TYR H 115 -43.97 23.05 22.07
C TYR H 115 -43.66 23.42 23.52
N GLU H 116 -42.41 23.80 23.78
CA GLU H 116 -41.95 24.06 25.14
C GLU H 116 -41.65 25.53 25.51
N ASP H 117 -42.64 26.42 25.38
CA ASP H 117 -42.52 27.78 25.94
C ASP H 117 -43.07 27.79 27.35
N ASP H 118 -44.38 27.98 27.37
CA ASP H 118 -45.24 27.86 28.53
C ASP H 118 -46.60 27.87 27.86
N LEU H 119 -46.94 26.78 27.19
CA LEU H 119 -48.16 26.73 26.41
C LEU H 119 -49.17 25.85 27.14
N ASP H 120 -50.43 26.27 27.11
CA ASP H 120 -51.55 25.56 27.72
C ASP H 120 -52.18 24.60 26.72
N PHE H 121 -52.34 25.10 25.49
CA PHE H 121 -52.98 24.37 24.40
C PHE H 121 -52.23 24.48 23.09
N VAL H 122 -52.19 23.37 22.35
CA VAL H 122 -51.82 23.38 20.93
C VAL H 122 -52.99 22.89 20.10
N PHE H 123 -53.38 23.65 19.09
CA PHE H 123 -54.43 23.23 18.19
C PHE H 123 -53.94 23.00 16.75
N TYR H 124 -54.22 21.79 16.24
CA TYR H 124 -53.92 21.42 14.85
C TYR H 124 -55.21 21.51 14.10
N ASP H 125 -55.25 22.35 13.08
CA ASP H 125 -56.41 22.48 12.18
C ASP H 125 -56.13 21.66 10.89
N VAL H 126 -56.91 20.60 10.67
CA VAL H 126 -56.61 19.69 9.56
C VAL H 126 -57.68 19.88 8.49
N LEU H 127 -57.36 19.61 7.24
CA LEU H 127 -58.33 19.75 6.16
C LEU H 127 -59.36 18.61 6.18
N GLY H 128 -60.45 18.77 5.43
CA GLY H 128 -61.56 17.83 5.41
C GLY H 128 -61.36 16.39 4.98
N ASP H 129 -60.89 16.14 3.76
CA ASP H 129 -60.70 14.75 3.36
C ASP H 129 -59.26 14.34 3.74
N VAL H 130 -59.14 13.33 4.61
CA VAL H 130 -57.85 12.95 5.14
C VAL H 130 -57.29 11.83 4.31
N VAL H 131 -56.67 12.20 3.19
CA VAL H 131 -56.37 11.24 2.13
C VAL H 131 -55.11 10.39 2.31
N CYS H 132 -54.32 10.67 3.34
CA CYS H 132 -53.03 9.98 3.49
C CYS H 132 -52.36 10.16 4.88
N GLY H 133 -51.33 9.37 5.14
CA GLY H 133 -50.67 9.38 6.42
C GLY H 133 -50.18 10.75 6.84
N GLY H 134 -49.75 11.57 5.89
CA GLY H 134 -49.28 12.90 6.19
C GLY H 134 -50.26 13.71 7.02
N PHE H 135 -51.53 13.59 6.69
CA PHE H 135 -52.55 14.39 7.35
C PHE H 135 -53.03 13.79 8.66
N ALA H 136 -52.43 12.69 9.08
CA ALA H 136 -52.69 12.17 10.43
C ALA H 136 -51.46 12.41 11.29
N MET H 137 -50.50 13.14 10.74
CA MET H 137 -49.35 13.53 11.55
C MET H 137 -49.71 14.18 12.92
N PRO H 138 -50.69 15.13 12.97
CA PRO H 138 -51.09 15.69 14.29
C PRO H 138 -51.64 14.69 15.32
N ILE H 139 -52.04 13.48 14.92
CA ILE H 139 -52.59 12.54 15.91
C ILE H 139 -51.71 11.31 16.14
N ARG H 140 -50.42 11.41 15.81
CA ARG H 140 -49.46 10.39 16.17
C ARG H 140 -49.12 10.51 17.65
N GLU H 141 -48.44 9.52 18.22
CA GLU H 141 -47.97 9.62 19.61
C GLU H 141 -47.13 10.87 19.82
N ASN H 142 -47.28 11.49 20.99
CA ASN H 142 -46.60 12.75 21.37
C ASN H 142 -47.04 13.99 20.57
N LYS H 143 -48.13 13.83 19.81
CA LYS H 143 -48.77 14.96 19.16
C LYS H 143 -50.12 15.20 19.84
N ALA H 144 -51.18 15.42 19.09
CA ALA H 144 -52.47 15.64 19.74
C ALA H 144 -52.90 14.39 20.52
N GLN H 145 -53.49 14.60 21.69
CA GLN H 145 -54.07 13.52 22.48
C GLN H 145 -55.59 13.61 22.50
N GLU H 146 -56.14 14.79 22.17
CA GLU H 146 -57.59 15.01 22.12
C GLU H 146 -58.00 15.38 20.71
N ILE H 147 -59.05 14.74 20.21
CA ILE H 147 -59.61 15.06 18.91
C ILE H 147 -61.06 15.47 19.09
N TYR H 148 -61.47 16.57 18.44
CA TYR H 148 -62.88 16.98 18.44
C TYR H 148 -63.34 16.94 16.99
N ILE H 149 -64.48 16.35 16.72
CA ILE H 149 -64.93 16.23 15.34
C ILE H 149 -66.13 17.13 15.09
N VAL H 150 -65.94 18.09 14.18
CA VAL H 150 -66.99 19.03 13.80
C VAL H 150 -67.96 18.39 12.84
N CYS H 151 -69.25 18.45 13.16
CA CYS H 151 -70.29 17.86 12.29
C CYS H 151 -71.54 18.74 12.29
N SER H 152 -72.59 18.24 11.66
CA SER H 152 -73.88 18.92 11.71
C SER H 152 -74.96 17.87 11.51
N GLY H 153 -76.23 18.29 11.51
CA GLY H 153 -77.33 17.36 11.30
C GLY H 153 -77.54 16.70 9.95
N GLU H 154 -76.88 17.16 8.89
CA GLU H 154 -77.10 16.55 7.57
C GLU H 154 -76.34 15.23 7.44
N MET H 155 -76.88 14.35 6.58
CA MET H 155 -76.36 13.00 6.39
C MET H 155 -74.89 12.94 6.12
N MET H 156 -74.41 13.78 5.22
CA MET H 156 -73.01 13.69 4.82
C MET H 156 -72.01 14.01 5.95
N ALA H 157 -72.35 14.98 6.81
CA ALA H 157 -71.43 15.45 7.86
C ALA H 157 -71.16 14.39 8.91
N MET H 158 -72.21 13.64 9.24
CA MET H 158 -72.19 12.59 10.24
C MET H 158 -71.46 11.34 9.74
N TYR H 159 -71.74 11.01 8.48
CA TYR H 159 -71.08 9.94 7.77
C TYR H 159 -69.56 10.16 7.85
N ALA H 160 -69.14 11.42 7.70
CA ALA H 160 -67.71 11.80 7.76
C ALA H 160 -67.11 11.68 9.17
N ALA H 161 -67.90 12.06 10.17
CA ALA H 161 -67.45 11.96 11.55
C ALA H 161 -67.11 10.51 11.85
N ASN H 162 -67.95 9.60 11.37
CA ASN H 162 -67.78 8.16 11.56
C ASN H 162 -66.54 7.58 10.86
N ASN H 163 -66.30 8.01 9.63
CA ASN H 163 -65.11 7.58 8.87
C ASN H 163 -63.80 8.16 9.40
N ILE H 164 -63.85 9.38 9.93
CA ILE H 164 -62.70 9.94 10.60
C ILE H 164 -62.47 9.14 11.91
N SER H 165 -63.54 8.71 12.58
CA SER H 165 -63.38 7.95 13.81
C SER H 165 -62.73 6.58 13.56
N LYS H 166 -63.05 5.93 12.44
CA LYS H 166 -62.36 4.70 12.07
C LYS H 166 -60.87 4.94 11.82
N GLY H 167 -60.53 6.04 11.15
CA GLY H 167 -59.14 6.36 10.88
C GLY H 167 -58.38 6.63 12.17
N ILE H 168 -59.09 7.13 13.18
CA ILE H 168 -58.52 7.40 14.50
C ILE H 168 -58.15 6.11 15.24
N VAL H 169 -58.95 5.05 15.07
CA VAL H 169 -58.82 3.85 15.91
C VAL H 169 -57.43 3.23 15.94
N LYS H 170 -56.80 3.14 14.78
CA LYS H 170 -55.44 2.59 14.68
C LYS H 170 -54.40 3.45 15.42
N TYR H 171 -54.68 4.76 15.51
CA TYR H 171 -53.83 5.70 16.23
C TYR H 171 -54.21 5.70 17.73
N ALA H 172 -55.49 5.44 18.00
CA ALA H 172 -56.01 5.36 19.36
C ALA H 172 -55.61 4.06 20.09
N ASN H 173 -55.63 2.93 19.36
CA ASN H 173 -55.33 1.63 19.99
C ASN H 173 -53.88 1.55 20.38
N SER H 174 -53.03 1.98 19.47
CA SER H 174 -51.60 1.82 19.60
C SER H 174 -50.97 3.00 20.34
N GLY H 175 -51.81 3.97 20.72
CA GLY H 175 -51.34 5.18 21.37
C GLY H 175 -52.28 5.75 22.41
N SER H 176 -52.04 7.00 22.80
CA SER H 176 -52.84 7.62 23.84
C SER H 176 -53.89 8.59 23.29
N VAL H 177 -53.83 8.84 21.98
CA VAL H 177 -54.76 9.72 21.27
C VAL H 177 -56.21 9.31 21.50
N ARG H 178 -57.05 10.25 21.92
CA ARG H 178 -58.45 9.96 22.26
C ARG H 178 -59.42 10.98 21.64
N LEU H 179 -60.63 10.52 21.34
CA LEU H 179 -61.68 11.42 20.87
C LEU H 179 -62.28 12.19 22.06
N GLY H 180 -62.32 13.52 21.96
CA GLY H 180 -62.85 14.37 23.02
C GLY H 180 -64.36 14.64 22.91
N GLY H 181 -64.82 14.75 21.67
CA GLY H 181 -66.23 14.97 21.44
C GLY H 181 -66.55 15.50 20.06
N LEU H 182 -67.86 15.64 19.81
CA LEU H 182 -68.36 16.18 18.57
C LEU H 182 -68.83 17.59 18.85
N ILE H 183 -68.44 18.52 17.98
CA ILE H 183 -68.94 19.88 18.06
C ILE H 183 -69.90 20.12 16.94
N CYS H 184 -71.14 20.44 17.29
CA CYS H 184 -72.16 20.62 16.28
C CYS H 184 -72.19 22.08 15.81
N ASN H 185 -71.78 22.30 14.57
CA ASN H 185 -71.87 23.59 13.90
C ASN H 185 -73.13 23.54 13.07
N SER H 186 -74.18 24.17 13.60
CA SER H 186 -75.52 24.01 13.08
C SER H 186 -75.66 24.39 11.61
N ARG H 187 -76.55 23.69 10.93
CA ARG H 187 -77.00 24.01 9.59
C ARG H 187 -78.52 24.30 9.64
N ASN H 188 -79.03 24.55 10.86
CA ASN H 188 -80.47 24.76 11.13
C ASN H 188 -81.42 23.63 10.66
N THR H 189 -81.01 22.38 10.87
CA THR H 189 -81.85 21.22 10.59
C THR H 189 -82.77 20.87 11.79
N ASP H 190 -83.85 20.14 11.54
CA ASP H 190 -84.82 19.82 12.60
C ASP H 190 -84.31 18.92 13.70
N ARG H 191 -84.54 19.34 14.95
CA ARG H 191 -84.17 18.57 16.14
C ARG H 191 -82.71 18.13 16.06
N GLU H 192 -81.87 19.05 15.60
CA GLU H 192 -80.47 18.79 15.25
C GLU H 192 -79.57 18.46 16.43
N ASP H 193 -79.73 19.18 17.54
CA ASP H 193 -78.90 18.94 18.71
C ASP H 193 -79.14 17.51 19.26
N GLU H 194 -80.39 17.08 19.32
CA GLU H 194 -80.73 15.73 19.79
C GLU H 194 -80.11 14.66 18.91
N LEU H 195 -80.13 14.94 17.62
CA LEU H 195 -79.66 14.05 16.60
C LEU H 195 -78.15 13.81 16.74
N ILE H 196 -77.39 14.88 17.00
CA ILE H 196 -75.93 14.79 17.17
C ILE H 196 -75.55 14.14 18.51
N ILE H 197 -76.37 14.39 19.54
CA ILE H 197 -76.22 13.71 20.82
C ILE H 197 -76.34 12.18 20.66
N ALA H 198 -77.34 11.76 19.88
CA ALA H 198 -77.55 10.34 19.58
C ALA H 198 -76.33 9.74 18.88
N LEU H 199 -75.81 10.45 17.87
CA LEU H 199 -74.64 9.96 17.14
C LEU H 199 -73.46 9.85 18.08
N ALA H 200 -73.28 10.86 18.93
CA ALA H 200 -72.18 10.89 19.89
C ALA H 200 -72.24 9.68 20.80
N ASN H 201 -73.45 9.33 21.25
CA ASN H 201 -73.68 8.19 22.14
C ASN H 201 -73.26 6.90 21.48
N LYS H 202 -73.67 6.70 20.23
CA LYS H 202 -73.32 5.47 19.55
C LYS H 202 -71.82 5.30 19.34
N LEU H 203 -71.11 6.41 19.18
CA LEU H 203 -69.64 6.41 19.05
C LEU H 203 -68.92 6.11 20.36
N GLY H 204 -69.52 6.54 21.48
CA GLY H 204 -68.91 6.38 22.79
C GLY H 204 -68.43 7.71 23.35
N THR H 205 -68.78 8.80 22.66
CA THR H 205 -68.39 10.15 23.05
C THR H 205 -69.62 11.02 23.37
N GLN H 206 -69.37 12.29 23.68
CA GLN H 206 -70.41 13.31 23.86
C GLN H 206 -70.48 14.37 22.73
N MET H 207 -71.54 15.18 22.74
CA MET H 207 -71.54 16.45 22.02
C MET H 207 -71.22 17.57 23.00
N ILE H 208 -70.02 18.10 22.90
CA ILE H 208 -69.55 19.11 23.83
C ILE H 208 -70.39 20.42 23.71
N HIS H 209 -70.76 20.81 22.49
CA HIS H 209 -71.54 22.03 22.33
C HIS H 209 -72.29 22.12 20.99
N PHE H 210 -73.44 22.79 21.02
CA PHE H 210 -74.21 23.10 19.83
C PHE H 210 -73.96 24.55 19.44
N VAL H 211 -73.28 24.74 18.30
CA VAL H 211 -72.98 26.10 17.82
C VAL H 211 -73.97 26.50 16.73
N PRO H 212 -74.81 27.50 17.01
CA PRO H 212 -75.86 28.00 16.11
C PRO H 212 -75.32 28.56 14.79
N ARG H 213 -76.14 28.56 13.74
CA ARG H 213 -75.72 29.22 12.52
C ARG H 213 -76.04 30.69 12.59
N ASP H 214 -75.01 31.51 12.54
CA ASP H 214 -75.15 32.96 12.70
C ASP H 214 -74.20 33.71 11.77
N ASN H 215 -74.77 34.51 10.87
CA ASN H 215 -73.97 35.13 9.83
C ASN H 215 -72.96 36.15 10.29
N VAL H 216 -72.94 36.47 11.58
CA VAL H 216 -71.86 37.30 12.11
C VAL H 216 -70.51 36.61 11.86
N VAL H 217 -70.53 35.28 11.89
CA VAL H 217 -69.33 34.46 11.71
C VAL H 217 -68.68 34.74 10.36
N GLN H 218 -69.50 34.75 9.32
CA GLN H 218 -69.06 35.02 7.97
C GLN H 218 -68.72 36.50 7.77
N ARG H 219 -69.47 37.38 8.44
CA ARG H 219 -69.23 38.81 8.39
C ARG H 219 -67.91 39.17 9.06
N ALA H 220 -67.61 38.50 10.18
CA ALA H 220 -66.31 38.68 10.82
C ALA H 220 -65.18 38.09 9.93
N GLU H 221 -65.46 36.95 9.31
CA GLU H 221 -64.50 36.30 8.43
C GLU H 221 -64.07 37.22 7.27
N ILE H 222 -65.06 37.91 6.69
CA ILE H 222 -64.80 38.86 5.63
C ILE H 222 -63.89 39.99 6.13
N ARG H 223 -63.98 40.32 7.41
CA ARG H 223 -63.08 41.30 8.02
C ARG H 223 -61.69 40.73 8.50
N ARG H 224 -61.44 39.44 8.26
CA ARG H 224 -60.19 38.79 8.69
C ARG H 224 -60.08 38.78 10.21
N MET H 225 -61.22 38.53 10.85
CA MET H 225 -61.32 38.49 12.31
C MET H 225 -62.19 37.36 12.85
N THR H 226 -61.96 37.03 14.12
CA THR H 226 -62.87 36.17 14.88
C THR H 226 -64.06 36.98 15.35
N VAL H 227 -65.16 36.31 15.66
CA VAL H 227 -66.31 37.01 16.20
C VAL H 227 -65.93 37.62 17.55
N ILE H 228 -65.08 36.94 18.29
CA ILE H 228 -64.66 37.43 19.59
C ILE H 228 -64.02 38.81 19.44
N GLU H 229 -63.19 38.98 18.41
CA GLU H 229 -62.51 40.26 18.14
C GLU H 229 -63.39 41.26 17.37
N TYR H 230 -64.18 40.76 16.44
CA TYR H 230 -65.06 41.60 15.65
C TYR H 230 -66.23 42.20 16.44
N ASP H 231 -66.87 41.39 17.28
CA ASP H 231 -68.01 41.86 18.10
C ASP H 231 -68.15 41.08 19.41
N PRO H 232 -67.39 41.46 20.44
CA PRO H 232 -67.35 40.75 21.72
C PRO H 232 -68.70 40.59 22.46
N LYS H 233 -69.69 41.41 22.13
CA LYS H 233 -70.95 41.39 22.86
C LYS H 233 -72.04 40.51 22.22
N ALA H 234 -71.82 40.14 20.95
CA ALA H 234 -72.78 39.35 20.18
C ALA H 234 -73.12 38.00 20.81
N LYS H 235 -74.28 37.47 20.45
CA LYS H 235 -74.67 36.16 20.96
C LYS H 235 -73.72 35.04 20.54
N GLN H 236 -73.23 35.10 19.32
CA GLN H 236 -72.32 34.08 18.83
C GLN H 236 -71.00 34.14 19.62
N ALA H 237 -70.56 35.34 19.95
CA ALA H 237 -69.35 35.53 20.77
C ALA H 237 -69.43 34.84 22.12
N ASP H 238 -70.61 34.87 22.73
CA ASP H 238 -70.80 34.14 23.98
C ASP H 238 -70.85 32.65 23.74
N GLU H 239 -71.31 32.24 22.56
CA GLU H 239 -71.31 30.82 22.25
C GLU H 239 -69.89 30.25 22.28
N TYR H 240 -68.92 30.96 21.70
CA TYR H 240 -67.55 30.41 21.61
C TYR H 240 -66.90 30.39 22.99
N ARG H 241 -67.28 31.34 23.84
CA ARG H 241 -66.81 31.32 25.23
C ARG H 241 -67.34 30.09 25.96
N ALA H 242 -68.61 29.77 25.75
CA ALA H 242 -69.20 28.56 26.35
C ALA H 242 -68.47 27.31 25.85
N LEU H 243 -68.25 27.22 24.53
CA LEU H 243 -67.50 26.12 23.93
C LEU H 243 -66.09 26.10 24.52
N ALA H 244 -65.51 27.28 24.64
CA ALA H 244 -64.18 27.43 25.21
C ALA H 244 -64.12 26.92 26.64
N ARG H 245 -65.08 27.34 27.49
CA ARG H 245 -65.08 26.90 28.89
C ARG H 245 -65.20 25.39 29.01
N LYS H 246 -66.02 24.78 28.17
CA LYS H 246 -66.24 23.34 28.17
C LYS H 246 -65.02 22.54 27.75
N VAL H 247 -64.28 23.03 26.77
CA VAL H 247 -63.07 22.31 26.32
C VAL H 247 -62.02 22.32 27.46
N VAL H 248 -61.92 23.44 28.17
CA VAL H 248 -61.03 23.52 29.34
C VAL H 248 -61.45 22.46 30.38
N ASP H 249 -62.76 22.32 30.61
CA ASP H 249 -63.24 21.38 31.63
C ASP H 249 -63.52 19.97 31.15
N ASN H 250 -63.24 19.66 29.89
CA ASN H 250 -63.55 18.32 29.41
C ASN H 250 -62.63 17.26 30.03
N LYS H 251 -63.22 16.14 30.44
CA LYS H 251 -62.43 15.03 30.97
C LYS H 251 -62.67 13.78 30.14
N LEU H 252 -63.68 13.85 29.25
CA LEU H 252 -64.12 12.69 28.46
C LEU H 252 -63.30 12.42 27.21
N LEU H 253 -62.45 11.40 27.30
CA LEU H 253 -61.55 11.05 26.22
C LEU H 253 -61.70 9.57 25.94
N VAL H 254 -62.31 9.21 24.81
CA VAL H 254 -62.63 7.81 24.55
C VAL H 254 -61.98 7.30 23.29
N ILE H 255 -62.00 5.98 23.13
CA ILE H 255 -61.74 5.33 21.86
C ILE H 255 -63.14 5.14 21.28
N PRO H 256 -63.40 5.68 20.07
CA PRO H 256 -64.77 5.66 19.56
C PRO H 256 -65.11 4.29 18.97
N ASN H 257 -66.39 3.92 18.98
CA ASN H 257 -66.86 2.69 18.34
C ASN H 257 -67.61 2.97 17.04
N PRO H 258 -66.94 2.82 15.88
CA PRO H 258 -67.59 3.12 14.59
C PRO H 258 -68.79 2.20 14.31
N ILE H 259 -69.89 2.76 13.78
CA ILE H 259 -71.09 1.97 13.51
C ILE H 259 -71.25 1.51 12.06
N THR H 260 -72.04 0.46 11.83
CA THR H 260 -72.38 0.06 10.47
C THR H 260 -73.66 0.81 10.11
N MET H 261 -73.68 1.30 8.88
CA MET H 261 -74.63 2.31 8.42
C MET H 261 -76.13 2.06 8.77
N ASP H 262 -76.56 0.81 8.77
CA ASP H 262 -77.91 0.46 9.21
C ASP H 262 -78.17 0.93 10.65
C1 HCA I . 30.99 8.50 1.02
C2 HCA I . 29.89 9.09 0.15
C3 HCA I . 29.13 10.13 0.96
C4 HCA I . 28.22 9.54 2.06
C5 HCA I . 26.85 10.20 2.21
C6 HCA I . 26.29 10.32 3.63
C7 HCA I . 28.30 10.98 0.01
O1 HCA I . 31.27 7.27 0.99
O2 HCA I . 31.65 9.22 1.80
O3 HCA I . 25.19 10.93 3.84
O4 HCA I . 26.88 9.80 4.61
O5 HCA I . 28.57 12.22 -0.15
O6 HCA I . 27.36 10.43 -0.61
O7 HCA I . 30.15 10.91 1.60
FE1 ICS J . 34.79 17.06 -2.88
MO1 ICS J . 30.05 13.19 0.56
FE2 ICS J . 34.37 14.79 -1.54
FE3 ICS J . 32.43 15.85 -3.06
FE4 ICS J . 33.13 17.00 -0.80
FE5 ICS J . 31.34 15.58 0.43
FE6 ICS J . 32.57 13.38 -0.33
FE7 ICS J . 30.67 14.40 -1.79
CX ICS J . 32.43 15.23 -1.18
S1A ICS J . 35.38 16.63 -0.73
S1B ICS J . 31.92 13.83 1.76
S2A ICS J . 34.41 15.02 -3.76
S2B ICS J . 34.58 12.74 -0.77
S3A ICS J . 32.00 17.62 1.06
S3B ICS J . 30.97 12.19 -1.37
S4A ICS J . 32.77 18.09 -2.81
S4B ICS J . 29.26 15.23 -0.32
S5A ICS J . 30.53 15.00 -3.89
FE1 CLF K . 35.74 -1.66 4.57
FE2 CLF K . 37.73 -2.30 3.44
FE3 CLF K . 36.47 0.03 2.72
FE4 CLF K . 35.64 -2.30 2.00
S1 CLF K . 35.96 -3.97 3.73
S2A CLF K . 37.61 -0.35 4.70
S4A CLF K . 37.60 -1.40 1.35
S3A CLF K . 34.34 -0.77 3.05
FE5 CLF K . 33.88 -4.57 2.68
FE6 CLF K . 35.16 -6.31 4.05
FE7 CLF K . 32.21 -6.17 4.35
FE8 CLF K . 34.13 -4.22 5.28
S2B CLF K . 33.53 -6.84 2.51
S3B CLF K . 33.84 -6.45 5.98
S4B CLF K . 32.27 -3.83 4.07
FE FE2 L . -14.84 -11.69 3.23
C1 HCA M . -30.12 -6.19 -10.68
C2 HCA M . -28.75 -6.22 -11.34
C3 HCA M . -28.08 -7.54 -11.03
C4 HCA M . -27.40 -7.67 -9.66
C5 HCA M . -26.63 -9.00 -9.60
C6 HCA M . -26.14 -9.38 -8.22
C7 HCA M . -27.03 -7.80 -12.06
O1 HCA M . -30.60 -5.14 -10.24
O2 HCA M . -30.84 -7.21 -10.56
O3 HCA M . -24.94 -9.67 -8.01
O4 HCA M . -26.90 -9.41 -7.23
O5 HCA M . -27.20 -8.75 -12.88
O6 HCA M . -26.01 -7.06 -12.06
O7 HCA M . -29.11 -8.51 -11.18
FE1 ICS N . -32.17 -11.40 -19.01
MO1 ICS N . -28.60 -10.01 -13.17
FE2 ICS N . -32.18 -10.15 -16.68
FE3 ICS N . -29.87 -10.47 -18.01
FE4 ICS N . -31.04 -12.51 -16.84
FE5 ICS N . -29.68 -11.94 -14.71
FE6 ICS N . -30.83 -9.57 -14.59
FE7 ICS N . -28.58 -9.89 -15.85
CX ICS N . -30.36 -10.81 -16.15
S1A ICS N . -33.27 -12.06 -17.12
S1B ICS N . -30.65 -11.04 -12.90
S2A ICS N . -31.63 -9.24 -18.68
S2B ICS N . -32.76 -8.72 -15.11
S3A ICS N . -30.42 -14.01 -15.30
S3B ICS N . -29.16 -8.15 -14.54
S4A ICS N . -30.14 -12.49 -18.97
S4B ICS N . -27.50 -11.37 -14.66
S5A ICS N . -27.84 -9.55 -17.91
FE1 CLF O . -35.94 1.59 -3.94
FE2 CLF O . -37.61 2.71 -5.21
FE3 CLF O . -36.08 0.92 -6.53
FE4 CLF O . -35.31 3.29 -5.83
S1 CLF O . -36.19 4.02 -3.69
S2A CLF O . -37.60 0.39 -4.90
S4A CLF O . -36.90 2.88 -7.37
S3A CLF O . -34.15 1.37 -5.30
FE5 CLF O . -33.88 4.76 -3.87
FE6 CLF O . -35.51 5.84 -2.13
FE7 CLF O . -32.86 5.26 -1.26
FE8 CLF O . -34.67 3.41 -1.88
S2B CLF O . -33.59 6.83 -2.89
S3B CLF O . -34.81 4.89 -0.08
S4B CLF O . -32.60 3.39 -2.66
FE FE2 P . 12.83 7.46 11.84
MG MG Q . 67.98 -14.60 7.12
PG ACP R . 66.22 -17.50 7.70
O1G ACP R . 66.18 -16.05 7.02
O2G ACP R . 65.73 -18.53 6.75
O3G ACP R . 65.22 -17.55 8.97
PB ACP R . 69.09 -17.61 6.92
O1B ACP R . 68.67 -18.60 5.72
O2B ACP R . 69.14 -16.20 6.47
C3B ACP R . 67.90 -17.84 8.26
PA ACP R . 71.51 -17.08 8.22
O1A ACP R . 72.33 -16.24 7.27
O2A ACP R . 70.69 -16.37 9.27
O3A ACP R . 70.54 -18.07 7.43
O5' ACP R . 72.53 -18.13 8.92
C5' ACP R . 72.22 -18.82 10.13
C4' ACP R . 73.50 -19.19 10.87
O4' ACP R . 74.37 -19.99 10.06
C3' ACP R . 74.27 -17.94 11.29
O3' ACP R . 74.60 -18.06 12.67
C2' ACP R . 75.57 -18.01 10.51
O2' ACP R . 76.66 -17.52 11.31
C1' ACP R . 75.70 -19.49 10.19
N9 ACP R . 76.48 -19.62 8.93
C8 ACP R . 76.14 -19.12 7.73
N7 ACP R . 77.08 -19.40 6.79
C5 ACP R . 78.05 -20.09 7.42
C6 ACP R . 79.33 -20.68 7.01
N6 ACP R . 79.74 -20.59 5.72
N1 ACP R . 80.04 -21.33 7.96
C2 ACP R . 79.62 -21.41 9.24
N3 ACP R . 78.47 -20.90 9.68
C4 ACP R . 77.66 -20.23 8.82
FE1 SF4 S . 49.61 -11.57 5.68
FE2 SF4 S . 51.01 -13.64 4.11
FE3 SF4 S . 48.18 -14.00 4.60
FE4 SF4 S . 50.18 -14.18 6.74
S1 SF4 S . 49.91 -15.28 4.90
S2 SF4 S . 48.30 -13.03 6.56
S3 SF4 S . 51.49 -12.67 5.99
S4 SF4 S . 49.26 -12.37 3.67
MG MG T . 58.22 -28.42 8.81
PG ACP U . 60.67 -26.09 7.97
O1G ACP U . 60.73 -25.30 6.56
O2G ACP U . 59.24 -26.82 8.12
O3G ACP U . 60.87 -25.10 9.07
PB ACP U . 61.78 -28.47 9.44
O1B ACP U . 60.44 -29.11 9.43
O2B ACP U . 62.02 -27.70 10.82
C3B ACP U . 61.97 -27.36 8.02
PA ACP U . 62.46 -31.12 8.79
O1A ACP U . 61.88 -31.01 7.40
O2A ACP U . 61.70 -31.84 9.86
O3A ACP U . 62.87 -29.64 9.27
O5' ACP U . 63.93 -31.77 8.69
C5' ACP U . 64.87 -31.28 7.73
C4' ACP U . 65.93 -32.32 7.44
O4' ACP U . 66.82 -32.46 8.56
C3' ACP U . 65.25 -33.65 7.22
O3' ACP U . 65.76 -34.27 6.04
C2' ACP U . 65.65 -34.52 8.38
O2' ACP U . 65.89 -35.85 7.95
C1' ACP U . 66.92 -33.85 8.90
N9 ACP U . 67.04 -34.10 10.36
C8 ACP U . 66.23 -33.65 11.34
N7 ACP U . 66.64 -34.09 12.56
C5 ACP U . 67.72 -34.86 12.36
C6 ACP U . 68.65 -35.65 13.20
N6 ACP U . 68.49 -35.70 14.55
N1 ACP U . 69.66 -36.30 12.57
C2 ACP U . 69.81 -36.26 11.25
N3 ACP U . 69.02 -35.56 10.42
C4 ACP U . 67.97 -34.87 10.92
MG MG V . -68.17 13.55 -3.98
FE1 SF4 W . -50.23 10.55 -1.62
FE2 SF4 W . -51.32 13.08 -2.41
FE3 SF4 W . -48.77 13.07 -1.01
FE4 SF4 W . -51.22 12.27 0.39
S1 SF4 W . -50.68 14.15 -0.66
S2 SF4 W . -49.29 11.31 0.13
S3 SF4 W . -52.23 11.45 -1.32
S4 SF4 W . -49.38 12.15 -2.87
PG ACP X . -67.78 15.20 -1.09
O1G ACP X . -67.53 14.39 -2.46
O2G ACP X . -66.80 16.31 -1.03
O3G ACP X . -67.62 14.23 0.18
PB ACP X . -70.17 16.34 -2.64
O1B ACP X . -69.44 17.73 -3.01
O2B ACP X . -69.89 15.36 -3.73
C3B ACP X . -69.51 15.76 -1.04
PA ACP X . -72.77 15.22 -2.72
O1A ACP X . -72.99 15.19 -4.21
O2A ACP X . -72.32 13.93 -2.06
O3A ACP X . -71.75 16.41 -2.34
O5' ACP X . -74.16 15.66 -2.00
C5' ACP X . -74.18 16.07 -0.63
C4' ACP X . -75.60 15.98 -0.09
O4' ACP X . -76.36 17.12 -0.45
C3' ACP X . -76.31 14.77 -0.66
O3' ACP X . -77.22 14.30 0.33
C2' ACP X . -77.17 15.33 -1.76
O2' ACP X . -78.36 14.54 -1.89
C1' ACP X . -77.49 16.70 -1.22
N9 ACP X . -77.75 17.57 -2.40
C8 ACP X . -76.90 17.79 -3.42
N7 ACP X . -77.45 18.61 -4.35
C5 ACP X . -78.69 18.91 -3.92
C6 ACP X . -79.80 19.73 -4.42
N6 ACP X . -79.71 20.39 -5.57
N1 ACP X . -80.91 19.78 -3.66
C2 ACP X . -81.02 19.13 -2.49
N3 ACP X . -80.05 18.36 -1.97
C4 ACP X . -78.88 18.22 -2.63
MG MG Y . -60.08 24.43 7.02
PG ACP Z . -61.98 22.83 4.82
O1G ACP Z . -61.72 22.95 3.25
O2G ACP Z . -60.72 23.36 5.65
O3G ACP Z . -62.26 21.44 5.20
PB ACP Z . -63.61 24.18 7.00
O1B ACP Z . -62.33 24.56 7.65
O2B ACP Z . -64.25 22.84 7.61
C3B ACP Z . -63.39 23.93 5.22
PA ACP Z . -64.35 26.93 7.54
O1A ACP Z . -63.50 27.46 6.42
O2A ACP Z . -63.87 27.14 8.96
O3A ACP Z . -64.69 25.39 7.17
O5' ACP Z . -65.84 27.56 7.41
C5' ACP Z . -66.60 27.30 6.21
C4' ACP Z . -67.57 28.43 5.83
O4' ACP Z . -68.78 28.34 6.56
C3' ACP Z . -66.97 29.78 6.14
O3' ACP Z . -67.40 30.71 5.15
C2' ACP Z . -67.58 30.13 7.47
O2' ACP Z . -67.67 31.55 7.67
C1' ACP Z . -68.94 29.48 7.39
N9 ACP Z . -69.33 29.13 8.76
C8 ACP Z . -68.60 28.42 9.65
N7 ACP Z . -69.25 28.32 10.84
C5 ACP Z . -70.43 28.98 10.71
C6 ACP Z . -71.58 29.26 11.57
N6 ACP Z . -71.62 28.79 12.85
N1 ACP Z . -72.60 29.98 11.05
C2 ACP Z . -72.57 30.45 9.80
N3 ACP Z . -71.54 30.22 8.95
C4 ACP Z . -70.47 29.52 9.35
#